data_7JK2
#
_entry.id   7JK2
#
_cell.length_a   1.00
_cell.length_b   1.00
_cell.length_c   1.00
_cell.angle_alpha   90.00
_cell.angle_beta   90.00
_cell.angle_gamma   90.00
#
_symmetry.space_group_name_H-M   'P 1'
#
loop_
_entity.id
_entity.type
_entity.pdbx_description
1 polymer 'Origin recognition complex subunit 2'
2 polymer 'Origin recognition complex subunit 3'
3 polymer 'Origin recognition complex subunit 4'
4 polymer 'Origin recognition complex subunit 5'
5 polymer 'Origin recognition complex subunit 6'
6 polymer 'Origin recognition complex subunit 1'
7 polymer 'Cell division control protein'
8 polymer 'DNA (33-MER)'
9 polymer 'DNA (33-MER)'
10 non-polymer "ADENOSINE-5'-TRIPHOSPHATE"
11 non-polymer 'MAGNESIUM ION'
#
loop_
_entity_poly.entity_id
_entity_poly.type
_entity_poly.pdbx_seq_one_letter_code
_entity_poly.pdbx_strand_id
1 'polypeptide(L)'
;MSASNKGGYKTPRKENLMSIENLTNSEEESEDLNTAMVGNAVESQPKVTSRRSTRRPSPTKKYQAYQKESNGKGQEERIV
VNYVEMSDERSSDAEDQEEEESIEESENAARPAAKDLHLIQSEYNVAGTSMFGFNTPKKRDAMALAALNATPCTPKTPKT
PRLGVKTPDTKRKKSMDQPKTPAHVRTRVKKQIAKIVADSDEDFSGDESDFRPSDEESSSSSSSSDAGNSSDNDAADDEP
KTPSRARRAIVVPVLPKTPSAARLRQSARAKKSNEFVPESDGYFHSHASSKILTSDHTLDRLKNPRLAADRVFSLLSEIK
TSAEHEGSINAIMEEYRSYFPKWMCILNEGFNILLYGLGSKHQLLQSFHREVLHKQTVLVVNGFFPSLTIKDMLDSITSD
ILDAGISPANPHEAVDMIEEEFALIPETHLFLIVHNLDGAMLRNVKAQAILSRLARIPNIHLLASIDHINTPLLWDQGKL
CSFNFSWWDCTTMLPYTNETAFENSLLVQNSGELALSSMRSVFSSLTTNSRGIYMLIVKYQLKNKGNATYQGMPFRDLYS
SCREAFLVSSDLALRAQLTEFLDHKLVKSKRSVDGSEQLTIPIDGALLQQFLEEQEKK
;
B
2 'polypeptide(L)'
;MDPTISVSKGCFVYKNGATRAGKKAASKRKRPAAESSSLLGKEVVQQPFYEEYRKAWNQINDHIADLQHRSYARTLEQLV
DFVVGQAERDTPDEVLPTAALLTGINQPDHLSQFTALTQRLHAQRAAMVCVLQSRDCATLKAAVETLVFGLVEDNAEVEQ
MEDEDEDEDGAERDRKRLRRSQCTMKQLKSWYTNNFDSEQKRRQLVVILPDFECFNASVLQDLILILSAHCGSLPFVLVL
GVATAMTAVHGTLPYHVSSKIRLRVFQTQAAPTGLNEVLDKVLLSPKYAFHLSGKTFKFLTHIFLYYDFSIHGFIQGFKY
CLMEHFFGGNAFALCTDYSKALGRIKQLTHEDMETIRRLPSFRPYVEQINDCKRIIAVLTDDDYLKKKLPQLLRDCLLHF
LLFRCSLEFLTELVGDLPRCPLGKLRRELYVNCLNRAIISTPEYKECLQMLSFLSKDEFVAKVNRALERTEQFLVEEIAP
LELGEACTAVLRPKLEAIRLAVDEVVKATMATITTTSPNETRQATDHLTPVASRQELKDQLLQRSKEDKMRHQLNTPTTQ
FGRALQKTLQLIETQIVQDHLRALQDAPPIHELFVFSDIATVRRNIIGAPRAALHTALNNPHFYMQCKCCELQDQSLLVG
TLPDLSVVYKLHLECGRMINLFDWLQAFRSVVSDSDHEEVAQEQIDPQIQARFTRAVAELQFLGYIKMSKRKTDHATRLT
W
;
C
3 'polypeptide(L)'
;SNAMPEADRELVSIRRFLKERLQRDYTTLRGYAKERSNVRLLLQRTAEMGESNSLLLLGPRGSGKTTLINSVLADLLPNK
SFGENTLIVHLDGNLHTDDRVALKSITVQMQLENAADGKVFGSFAENLAFLLQCLKAGGKHSKSVIFILEEFDLFCAHHN
QTLLYNLFDVSQSAQAPICVLGVTCRLDVIELLEKRVKSRFSHRQVFLFPSLRRFEDYVDLCRDLLSLPTGNSLLLAAEK
IYNLQNIQSGALYFSRNHFDPGEYGFSPRLRDAWNKQICKVLATQQARSTLQALHDFDISEAYLKNFLFRLVAHLRPQSP
HITAEKMAAVGSQFEGDDKIELLCGLSVLELCLIIAIKHHSQIYDRDSFNFEIIYARFSKFAKVSTTMQAVERSIVLKAF
EHLRIAELIMPLTGGAGGGVGKVQKEFEMHKLALTYSQIHHCMQRYQALPTEVAQWAQSSLI
;
D
4 'polypeptide(L)'
;MEAICSSLEPLFPCREAAIETLGELIGDSSETYPSAIYLFGHSGTGKTALTRAFLKECGKRQNVRTAHLNAIECYTTKIM
LEILLDSLAPDQGDALKVDNMLDFVEQLRRQAATRVEDQGFLIAVDNAERLRDMDANVLPVLLRLQELTNLNLCVILLSQ
LPFEKFYNKTGLSEIVCLHLAQYNKAETQRILGSDFQQVRNQLLEQFAQDKKRLEICQEAVTEDFYNNYLNLFLSVFYKA
CRDVPELQLTARKCLSTYLEPVLDGTVDATDISRLWRHIAGPLRSALTQIYMRIEKPAEEVEDFTAIEDQSVRKLAQSLE
LPYYAKFLLIAAFLASHNAAKQDKRLFVKHHGKQRKRMQTVNARAKTTEKMSTTLGPKSFSIDRLLAIFYAILEEKVGLT
CNLLSQISTLVHLNLLSFVSGEQNIMEGSARLQCTIGLEFVLQIGKVVGFNVRQYLCDFM
;
E
5 'polypeptide(L)'
;MTTLIEQLITKMGLREEPNVLEKTTELVRLLELRSTNVPLQINEYGKIVLCADLASCMIGIAFDKEQALKLSGLRKSQYL
NNKRMFEKLLDLNKLASVNDICVQLGLNEVARKAEELMTLFKGVAATEDMGTDTSHPQYATMAVFQACRLLKKKVSKSKL
MPFSNLRPSQFQLLEQQWERMIAKHHKESKVPSSTDMEGKLKENQNENIKGHEAKKAHKPPPEDYEIWKARMLAKAQAKL
KELEASQSHMDSQLLEA
;
F
6 'polypeptide(L)'
;SNAPRRSIHLSNIVEQRVFEDDEIISTPKRGRSKKTVQDNDEDYSPKKSVQKTPTRTRRSSTTTKTATTPSKGITTATAT
PMTPSQKMKKIRAGELSPSMQQRTDLPAKDSSKSELQLAREQLHVSVVPKSLPCREREFENIYAFLEGKIQDQCGGCMYV
SGVPGTGKTATVTGVIRTLQRMAKQNELPAFEYLEINGMRLTEPRQAYVQIYKQLTGKTVSWEQAHALLEKRFTTPAPRR
VTTVLLVDELDILCNRRQDVVYNLLDWPTKSAAKLVVVTIANTMDLPERLLMGKVTSRLGLTRLTFQPYSHKQLQEIVTA
RLGGSETFKGEAVQLVARKVAAVSGDARRALDICRRATEIADTAAVKCVTMLHVQQALAEMIASAKVQAIRNCSRMEQIF
LQAIAAEVTRTGVEETTFMGVYQQVETIAAFMGVTFPPPGRALRLCSKLGAERLIISEHSRNDLFQKILLNVSADDIHYA
LRVEEMVN
;
A
7 'polypeptide(L)'
;SNANNLPSPSRNKYQNARRVLNSAETQNLPGRESQLQELREFFSNHLESQTSGSLYVSGQPGTGKTACLSLLLRDPDFSK
RLQRVYINCTSIASVGAVYKKLCTELQLKVSGRTERDHLEAIQRHLKTAKRMLLLVLDEIDQLCTSRQEVLYTIFEWPAL
PGSRILLVGIANSLDLTDRALMRLNARCELKPRLMHFPPYSKQQIVEIFKSRLAEAEVLDVFPPVTLQLLAAKVSAISGD
VRRALDIGRRVVEIAEQQKRDGEKEFNMKALQLEGKDAVEAKEKQDTLKPVQVTQVAAVLNKVYGASQNLEEDIEASFPL
QQKLMLCTLVLMLRNERNKDISMGRLHEVYRRVCAKRNILALDQAEFTGTVDLVETRGILRIMRKKEPRLHKVLLQWDEE
EVHAALSDKQLIASILSDTACLSK
;
G
8 'polydeoxyribonucleotide'
;(DT)(DT)(DT)(DT)(DT)(DT)(DT)(DT)(DT)(DT)(DT)(DT)(DT)(DT)(DT)(DT)(DT)(DT)(DT)(DT)
(DT)(DT)(DT)(DT)(DT)(DT)(DT)(DT)(DT)(DT)(DT)(DT)(DT)(DT)(DT)(DT)(DT)(DT)(DT)(DT)
(DT)(DT)(DT)(DT)(DT)(DT)(DT)(DT)(DT)(DT)(DT)(DT)(DT)(DT)(DT)(DT)(DT)(DT)(DT)(DT)
;
H
9 'polydeoxyribonucleotide'
;(DA)(DA)(DA)(DA)(DA)(DA)(DA)(DA)(DA)(DA)(DA)(DA)(DA)(DA)(DA)(DA)(DA)(DA)(DA)(DA)
(DA)(DA)(DA)(DA)(DA)(DA)(DA)(DA)(DA)(DA)(DA)(DA)(DA)(DA)(DA)(DA)(DA)(DA)(DA)(DA)
(DA)(DA)(DA)(DA)(DA)(DA)(DA)(DA)(DA)(DA)(DA)(DA)(DA)(DA)(DA)(DA)(DA)(DA)(DA)(DA)
;
I
#
loop_
_chem_comp.id
_chem_comp.type
_chem_comp.name
_chem_comp.formula
ATP non-polymer ADENOSINE-5'-TRIPHOSPHATE 'C10 H16 N5 O13 P3'
DA DNA linking 2'-DEOXYADENOSINE-5'-MONOPHOSPHATE 'C10 H14 N5 O6 P'
DT DNA linking THYMIDINE-5'-MONOPHOSPHATE 'C10 H15 N2 O8 P'
MG non-polymer 'MAGNESIUM ION' 'Mg 2'
#
# COMPACT_ATOMS: atom_id res chain seq x y z
N PHE A 276 40.08 -14.62 4.59
CA PHE A 276 39.84 -14.46 3.16
C PHE A 276 40.07 -13.02 2.70
N VAL A 277 40.90 -12.86 1.68
CA VAL A 277 41.19 -11.56 1.10
C VAL A 277 40.86 -11.58 -0.38
N PRO A 278 39.76 -10.99 -0.81
CA PRO A 278 39.51 -10.85 -2.25
C PRO A 278 40.26 -9.66 -2.81
N GLU A 279 40.87 -9.86 -3.98
CA GLU A 279 41.66 -8.82 -4.62
C GLU A 279 40.76 -7.97 -5.50
N SER A 280 40.84 -6.66 -5.30
CA SER A 280 39.88 -5.72 -5.87
C SER A 280 40.12 -5.45 -7.36
N ASP A 281 41.33 -5.72 -7.85
CA ASP A 281 41.70 -5.37 -9.22
C ASP A 281 40.88 -6.12 -10.26
N GLY A 282 40.46 -7.36 -9.94
CA GLY A 282 39.59 -8.11 -10.81
C GLY A 282 38.22 -7.49 -10.99
N TYR A 283 37.76 -6.69 -10.03
CA TYR A 283 36.53 -5.94 -10.24
C TYR A 283 36.76 -4.75 -11.16
N PHE A 284 37.97 -4.20 -11.16
CA PHE A 284 38.26 -3.00 -11.93
C PHE A 284 38.73 -3.29 -13.34
N HIS A 285 39.22 -4.50 -13.60
CA HIS A 285 39.58 -4.93 -14.94
C HIS A 285 38.45 -5.66 -15.66
N SER A 286 37.28 -5.78 -15.02
CA SER A 286 36.17 -6.53 -15.58
C SER A 286 35.26 -5.66 -16.44
N ALA A 323 34.60 -45.58 -2.56
CA ALA A 323 35.91 -44.96 -2.68
C ALA A 323 36.36 -44.37 -1.33
N GLU A 324 37.33 -43.45 -1.40
CA GLU A 324 37.82 -42.78 -0.21
C GLU A 324 36.95 -41.58 0.19
N HIS A 325 36.18 -41.04 -0.77
CA HIS A 325 35.30 -39.90 -0.49
C HIS A 325 34.21 -40.26 0.51
N GLU A 326 33.66 -41.47 0.40
CA GLU A 326 32.56 -41.88 1.26
C GLU A 326 33.04 -42.11 2.69
N GLY A 327 34.20 -42.75 2.86
CA GLY A 327 34.77 -42.90 4.19
C GLY A 327 35.24 -41.59 4.78
N SER A 328 35.69 -40.66 3.93
CA SER A 328 36.04 -39.33 4.41
C SER A 328 34.82 -38.58 4.92
N ILE A 329 33.70 -38.64 4.19
CA ILE A 329 32.47 -37.99 4.62
C ILE A 329 31.90 -38.67 5.88
N ASN A 330 32.10 -39.99 6.00
CA ASN A 330 31.67 -40.69 7.22
C ASN A 330 32.48 -40.27 8.44
N ALA A 331 33.79 -40.10 8.27
CA ALA A 331 34.62 -39.60 9.37
C ALA A 331 34.30 -38.15 9.71
N ILE A 332 33.99 -37.35 8.69
CA ILE A 332 33.57 -35.96 8.88
C ILE A 332 32.28 -35.89 9.68
N MET A 333 31.32 -36.76 9.35
CA MET A 333 30.04 -36.74 10.04
C MET A 333 30.14 -37.27 11.46
N GLU A 334 31.03 -38.24 11.71
CA GLU A 334 31.25 -38.68 13.08
C GLU A 334 31.94 -37.58 13.90
N GLU A 335 32.86 -36.84 13.28
CA GLU A 335 33.50 -35.71 13.96
C GLU A 335 32.49 -34.61 14.28
N TYR A 336 31.54 -34.37 13.38
CA TYR A 336 30.52 -33.36 13.65
C TYR A 336 29.46 -33.86 14.62
N ARG A 337 29.24 -35.17 14.68
CA ARG A 337 28.36 -35.74 15.69
C ARG A 337 29.00 -35.77 17.08
N SER A 338 30.33 -35.62 17.15
CA SER A 338 30.96 -35.46 18.45
C SER A 338 30.62 -34.13 19.13
N TYR A 339 30.24 -33.11 18.37
CA TYR A 339 30.03 -31.77 18.90
C TYR A 339 28.67 -31.57 19.56
N PHE A 340 27.85 -32.60 19.71
CA PHE A 340 26.46 -32.40 20.15
C PHE A 340 26.28 -32.10 21.64
N PRO A 341 26.99 -32.75 22.59
CA PRO A 341 26.87 -32.26 23.98
C PRO A 341 27.48 -30.88 24.19
N LYS A 342 28.50 -30.51 23.42
CA LYS A 342 28.99 -29.14 23.46
C LYS A 342 27.95 -28.17 22.95
N TRP A 343 27.18 -28.57 21.92
CA TRP A 343 26.10 -27.73 21.42
C TRP A 343 24.98 -27.59 22.43
N MET A 344 24.69 -28.64 23.21
CA MET A 344 23.68 -28.52 24.26
C MET A 344 24.18 -27.62 25.39
N CYS A 345 25.46 -27.70 25.73
CA CYS A 345 26.03 -26.83 26.74
C CYS A 345 26.06 -25.38 26.29
N ILE A 346 26.26 -25.15 24.99
CA ILE A 346 26.29 -23.79 24.46
C ILE A 346 24.87 -23.22 24.39
N LEU A 347 23.91 -24.02 23.93
CA LEU A 347 22.51 -23.59 23.87
C LEU A 347 21.91 -23.40 25.25
N ASN A 348 22.46 -24.05 26.28
CA ASN A 348 21.97 -23.84 27.64
C ASN A 348 22.32 -22.45 28.15
N GLU A 349 23.45 -21.90 27.74
CA GLU A 349 23.93 -20.63 28.27
C GLU A 349 23.41 -19.41 27.52
N GLY A 350 22.58 -19.60 26.49
CA GLY A 350 21.93 -18.49 25.83
C GLY A 350 22.41 -18.20 24.43
N PHE A 351 23.42 -18.91 23.94
CA PHE A 351 23.87 -18.68 22.58
C PHE A 351 22.99 -19.43 21.59
N ASN A 352 23.15 -19.08 20.32
CA ASN A 352 22.49 -19.78 19.22
C ASN A 352 23.54 -20.39 18.31
N ILE A 353 23.16 -21.39 17.55
CA ILE A 353 24.11 -22.13 16.72
C ILE A 353 23.91 -21.75 15.26
N LEU A 354 25.00 -21.42 14.59
CA LEU A 354 24.99 -21.11 13.16
C LEU A 354 26.05 -21.93 12.47
N LEU A 355 25.67 -22.66 11.43
CA LEU A 355 26.60 -23.48 10.67
C LEU A 355 26.80 -22.90 9.28
N TYR A 356 28.04 -22.90 8.79
CA TYR A 356 28.33 -22.15 7.56
C TYR A 356 29.22 -22.92 6.59
N GLY A 357 29.20 -24.25 6.62
CA GLY A 357 30.07 -25.03 5.78
C GLY A 357 29.70 -25.01 4.30
N LEU A 358 30.43 -25.79 3.52
CA LEU A 358 30.20 -25.86 2.09
C LEU A 358 29.03 -26.77 1.74
N GLY A 359 29.08 -28.02 2.20
CA GLY A 359 28.11 -29.01 1.81
C GLY A 359 26.77 -28.84 2.51
N SER A 360 25.88 -29.78 2.21
CA SER A 360 24.53 -29.75 2.79
C SER A 360 24.58 -30.13 4.25
N LYS A 361 24.11 -29.21 5.11
CA LYS A 361 24.00 -29.45 6.53
C LYS A 361 22.59 -29.84 6.94
N HIS A 362 21.81 -30.36 5.99
CA HIS A 362 20.45 -30.81 6.29
C HIS A 362 20.48 -32.05 7.17
N GLN A 363 21.25 -33.06 6.76
CA GLN A 363 21.27 -34.34 7.47
C GLN A 363 21.91 -34.21 8.85
N LEU A 364 22.87 -33.29 9.00
CA LEU A 364 23.50 -33.08 10.29
C LEU A 364 22.52 -32.48 11.30
N LEU A 365 21.74 -31.48 10.87
CA LEU A 365 20.73 -30.90 11.75
C LEU A 365 19.57 -31.86 12.01
N GLN A 366 19.22 -32.69 11.03
CA GLN A 366 18.18 -33.68 11.25
C GLN A 366 18.63 -34.76 12.22
N SER A 367 19.91 -35.17 12.15
CA SER A 367 20.43 -36.13 13.12
C SER A 367 20.60 -35.51 14.49
N PHE A 368 20.83 -34.19 14.56
CA PHE A 368 20.82 -33.51 15.85
C PHE A 368 19.42 -33.49 16.45
N HIS A 369 18.40 -33.33 15.60
CA HIS A 369 17.03 -33.33 16.08
C HIS A 369 16.60 -34.72 16.54
N ARG A 370 17.07 -35.76 15.84
CA ARG A 370 16.69 -37.12 16.21
C ARG A 370 17.45 -37.60 17.44
N GLU A 371 18.75 -37.40 17.48
CA GLU A 371 19.57 -37.99 18.53
C GLU A 371 19.58 -37.19 19.82
N VAL A 372 19.29 -35.90 19.78
CA VAL A 372 19.41 -35.07 20.98
C VAL A 372 18.07 -34.48 21.39
N LEU A 373 17.43 -33.74 20.48
CA LEU A 373 16.16 -33.08 20.79
C LEU A 373 14.98 -33.96 20.40
N HIS A 374 14.92 -35.14 21.02
CA HIS A 374 13.87 -36.11 20.68
C HIS A 374 12.57 -35.87 21.45
N LYS A 375 12.64 -35.30 22.66
CA LYS A 375 11.46 -35.06 23.46
C LYS A 375 11.09 -33.59 23.61
N GLN A 376 11.81 -32.68 22.94
CA GLN A 376 11.57 -31.26 23.10
C GLN A 376 10.62 -30.73 22.03
N THR A 377 10.09 -29.55 22.29
CA THR A 377 9.20 -28.87 21.34
C THR A 377 10.05 -28.26 20.23
N VAL A 378 10.10 -28.92 19.08
CA VAL A 378 11.01 -28.53 18.00
C VAL A 378 10.18 -28.12 16.79
N LEU A 379 10.35 -26.89 16.35
CA LEU A 379 9.74 -26.39 15.12
C LEU A 379 10.83 -26.41 14.04
N VAL A 380 10.77 -27.38 13.14
CA VAL A 380 11.72 -27.46 12.04
C VAL A 380 11.19 -26.63 10.88
N VAL A 381 11.98 -25.65 10.45
CA VAL A 381 11.59 -24.74 9.37
C VAL A 381 12.54 -24.96 8.20
N ASN A 382 11.97 -25.29 7.04
CA ASN A 382 12.74 -25.45 5.81
C ASN A 382 12.80 -24.11 5.10
N GLY A 383 13.93 -23.42 5.23
CA GLY A 383 14.06 -22.11 4.61
C GLY A 383 14.20 -22.16 3.11
N PHE A 384 14.64 -23.28 2.56
CA PHE A 384 14.77 -23.47 1.12
C PHE A 384 13.43 -23.71 0.43
N PHE A 385 12.34 -23.82 1.19
CA PHE A 385 11.02 -24.01 0.64
C PHE A 385 10.54 -22.73 -0.02
N PRO A 386 10.19 -22.75 -1.31
CA PRO A 386 9.91 -21.49 -2.01
C PRO A 386 8.53 -20.91 -1.71
N SER A 387 7.64 -21.65 -1.07
CA SER A 387 6.32 -21.17 -0.68
C SER A 387 6.21 -20.98 0.83
N LEU A 388 7.34 -20.79 1.49
CA LEU A 388 7.35 -20.48 2.91
C LEU A 388 7.10 -18.99 3.11
N THR A 389 6.37 -18.65 4.16
CA THR A 389 6.21 -17.27 4.58
C THR A 389 6.34 -17.18 6.09
N ILE A 390 6.54 -15.95 6.57
CA ILE A 390 6.62 -15.69 8.01
C ILE A 390 5.25 -15.90 8.65
N LYS A 391 4.18 -15.74 7.87
CA LYS A 391 2.84 -16.02 8.37
C LYS A 391 2.67 -17.48 8.74
N ASP A 392 3.30 -18.39 7.97
CA ASP A 392 3.23 -19.81 8.27
C ASP A 392 3.95 -20.15 9.57
N MET A 393 5.15 -19.59 9.76
CA MET A 393 5.93 -19.87 10.97
C MET A 393 5.27 -19.26 12.21
N LEU A 394 4.73 -18.04 12.08
CA LEU A 394 4.12 -17.39 13.24
C LEU A 394 2.77 -18.01 13.57
N ASP A 395 1.98 -18.37 12.56
CA ASP A 395 0.76 -19.14 12.77
C ASP A 395 1.06 -20.48 13.41
N SER A 396 2.17 -21.10 13.02
CA SER A 396 2.59 -22.37 13.58
C SER A 396 2.96 -22.25 15.05
N ILE A 397 3.69 -21.20 15.42
CA ILE A 397 4.08 -21.03 16.83
C ILE A 397 2.87 -20.66 17.68
N THR A 398 2.05 -19.72 17.22
CA THR A 398 0.91 -19.29 18.03
C THR A 398 -0.18 -20.34 18.12
N SER A 399 -0.38 -21.15 17.07
CA SER A 399 -1.48 -22.10 17.03
C SER A 399 -1.10 -23.49 17.49
N ASP A 400 0.02 -24.04 17.03
CA ASP A 400 0.29 -25.45 17.27
C ASP A 400 1.07 -25.69 18.56
N ILE A 401 1.92 -24.75 18.96
CA ILE A 401 2.67 -24.90 20.21
C ILE A 401 1.93 -24.25 21.37
N LEU A 402 1.46 -23.02 21.18
CA LEU A 402 0.89 -22.22 22.26
C LEU A 402 -0.62 -22.29 22.34
N ASP A 403 -1.29 -22.87 21.32
CA ASP A 403 -2.74 -23.07 21.26
C ASP A 403 -3.52 -21.76 21.35
N ALA A 404 -2.98 -20.70 20.73
CA ALA A 404 -3.56 -19.37 20.83
C ALA A 404 -4.17 -18.88 19.53
N GLY A 405 -4.53 -19.77 18.62
CA GLY A 405 -5.19 -19.38 17.40
C GLY A 405 -4.24 -18.74 16.39
N ILE A 406 -4.85 -18.07 15.42
CA ILE A 406 -4.11 -17.44 14.34
C ILE A 406 -3.37 -16.21 14.86
N SER A 407 -2.12 -16.05 14.42
CA SER A 407 -1.35 -14.87 14.78
C SER A 407 -1.93 -13.63 14.08
N PRO A 408 -1.77 -12.45 14.66
CA PRO A 408 -2.23 -11.22 14.00
C PRO A 408 -1.46 -10.95 12.72
N ALA A 409 -2.08 -10.14 11.84
CA ALA A 409 -1.53 -9.90 10.51
C ALA A 409 -0.27 -9.04 10.56
N ASN A 410 -0.14 -8.20 11.57
CA ASN A 410 1.13 -7.54 11.83
C ASN A 410 2.08 -8.57 12.42
N PRO A 411 3.21 -8.88 11.75
CA PRO A 411 4.07 -9.95 12.26
C PRO A 411 4.87 -9.56 13.49
N HIS A 412 5.26 -8.29 13.61
CA HIS A 412 5.94 -7.85 14.82
C HIS A 412 5.01 -7.84 16.02
N GLU A 413 3.72 -7.58 15.81
CA GLU A 413 2.74 -7.75 16.88
C GLU A 413 2.59 -9.22 17.26
N ALA A 414 2.74 -10.12 16.29
CA ALA A 414 2.71 -11.55 16.60
C ALA A 414 3.94 -11.97 17.40
N VAL A 415 5.10 -11.36 17.12
CA VAL A 415 6.28 -11.67 17.92
C VAL A 415 6.16 -11.06 19.32
N ASP A 416 5.51 -9.90 19.45
CA ASP A 416 5.19 -9.34 20.77
C ASP A 416 4.29 -10.27 21.56
N MET A 417 3.28 -10.83 20.89
CA MET A 417 2.40 -11.82 21.52
C MET A 417 3.15 -13.07 21.94
N ILE A 418 4.11 -13.52 21.11
CA ILE A 418 4.87 -14.72 21.41
C ILE A 418 5.81 -14.49 22.60
N GLU A 419 6.42 -13.30 22.69
CA GLU A 419 7.24 -12.97 23.86
C GLU A 419 6.39 -12.88 25.13
N GLU A 420 5.21 -12.27 25.03
CA GLU A 420 4.33 -12.14 26.21
C GLU A 420 3.78 -13.50 26.64
N GLU A 421 3.63 -14.44 25.70
CA GLU A 421 3.14 -15.77 26.06
C GLU A 421 4.24 -16.70 26.54
N PHE A 422 5.46 -16.57 26.01
CA PHE A 422 6.58 -17.35 26.50
C PHE A 422 7.16 -16.80 27.80
N ALA A 423 6.83 -15.56 28.17
CA ALA A 423 7.21 -15.06 29.48
C ALA A 423 6.41 -15.75 30.58
N LEU A 424 5.21 -16.23 30.28
CA LEU A 424 4.36 -16.87 31.29
C LEU A 424 4.68 -18.33 31.50
N ILE A 425 5.44 -18.96 30.60
CA ILE A 425 5.80 -20.36 30.74
C ILE A 425 7.31 -20.57 30.77
N PRO A 426 7.97 -20.35 31.91
CA PRO A 426 9.36 -20.75 32.04
C PRO A 426 9.47 -22.26 32.18
N GLU A 427 10.68 -22.77 31.94
CA GLU A 427 10.97 -24.20 31.77
C GLU A 427 10.05 -24.83 30.72
N THR A 428 9.83 -24.10 29.64
CA THR A 428 9.13 -24.59 28.45
C THR A 428 9.91 -23.99 27.28
N HIS A 429 10.83 -24.77 26.74
CA HIS A 429 11.76 -24.28 25.73
C HIS A 429 11.34 -24.75 24.34
N LEU A 430 11.21 -23.80 23.43
CA LEU A 430 10.96 -24.04 22.03
C LEU A 430 12.29 -24.00 21.29
N PHE A 431 12.68 -25.12 20.71
CA PHE A 431 13.83 -25.16 19.81
C PHE A 431 13.34 -24.96 18.40
N LEU A 432 14.08 -24.20 17.60
CA LEU A 432 13.74 -24.17 16.19
C LEU A 432 15.01 -24.31 15.35
N ILE A 433 14.89 -25.17 14.35
CA ILE A 433 16.00 -25.58 13.50
C ILE A 433 15.67 -25.09 12.10
N VAL A 434 16.38 -24.08 11.63
CA VAL A 434 16.11 -23.45 10.35
C VAL A 434 17.22 -23.86 9.38
N HIS A 435 16.91 -24.82 8.51
CA HIS A 435 17.80 -25.11 7.39
C HIS A 435 17.75 -23.96 6.41
N ASN A 436 18.93 -23.42 6.09
CA ASN A 436 19.10 -22.31 5.14
C ASN A 436 18.32 -21.07 5.57
N LEU A 437 18.82 -20.48 6.66
CA LEU A 437 18.34 -19.20 7.17
C LEU A 437 18.36 -18.09 6.13
N ASP A 438 19.23 -18.19 5.12
CA ASP A 438 19.24 -17.29 3.97
C ASP A 438 18.38 -17.79 2.82
N GLY A 439 17.32 -18.53 3.12
CA GLY A 439 16.50 -19.14 2.08
C GLY A 439 15.76 -18.12 1.24
N ALA A 440 15.08 -18.65 0.20
CA ALA A 440 14.56 -17.81 -0.88
C ALA A 440 13.47 -16.86 -0.41
N MET A 441 12.80 -17.18 0.70
CA MET A 441 11.76 -16.33 1.24
C MET A 441 12.14 -15.71 2.58
N LEU A 442 13.41 -15.81 2.98
CA LEU A 442 13.92 -15.17 4.18
C LEU A 442 15.03 -14.18 3.88
N ARG A 443 15.20 -13.78 2.62
CA ARG A 443 16.27 -12.88 2.23
C ARG A 443 15.88 -11.42 2.30
N ASN A 444 14.68 -11.11 2.77
CA ASN A 444 14.31 -9.74 3.06
C ASN A 444 14.68 -9.40 4.50
N VAL A 445 14.67 -8.10 4.80
CA VAL A 445 15.10 -7.61 6.10
C VAL A 445 14.04 -7.82 7.17
N LYS A 446 12.77 -7.85 6.80
CA LYS A 446 11.69 -8.01 7.77
C LYS A 446 11.68 -9.41 8.38
N ALA A 447 11.90 -10.45 7.56
CA ALA A 447 11.93 -11.81 8.08
C ALA A 447 13.11 -12.05 8.99
N GLN A 448 14.25 -11.43 8.68
CA GLN A 448 15.40 -11.54 9.56
C GLN A 448 15.20 -10.75 10.84
N ALA A 449 14.46 -9.64 10.78
CA ALA A 449 14.11 -8.90 11.99
C ALA A 449 13.20 -9.73 12.89
N ILE A 450 12.24 -10.44 12.28
CA ILE A 450 11.35 -11.31 13.04
C ILE A 450 12.10 -12.49 13.66
N LEU A 451 13.03 -13.08 12.90
CA LEU A 451 13.79 -14.22 13.42
C LEU A 451 14.77 -13.80 14.51
N SER A 452 15.36 -12.60 14.37
CA SER A 452 16.26 -12.13 15.42
C SER A 452 15.50 -11.71 16.66
N ARG A 453 14.26 -11.22 16.50
CA ARG A 453 13.44 -10.93 17.66
C ARG A 453 12.97 -12.20 18.35
N LEU A 454 12.77 -13.28 17.59
CA LEU A 454 12.42 -14.56 18.19
C LEU A 454 13.61 -15.17 18.92
N ALA A 455 14.82 -14.99 18.38
CA ALA A 455 16.01 -15.59 18.97
C ALA A 455 16.43 -14.93 20.28
N ARG A 456 15.94 -13.73 20.57
CA ARG A 456 16.30 -13.02 21.79
C ARG A 456 15.58 -13.55 23.03
N ILE A 457 14.48 -14.28 22.84
CA ILE A 457 13.67 -14.80 23.95
C ILE A 457 14.47 -15.87 24.68
N PRO A 458 14.51 -15.85 26.03
CA PRO A 458 15.31 -16.85 26.75
C PRO A 458 14.76 -18.25 26.71
N ASN A 459 13.50 -18.44 26.30
CA ASN A 459 12.95 -19.79 26.19
C ASN A 459 13.22 -20.38 24.81
N ILE A 460 13.20 -19.56 23.77
CA ILE A 460 13.38 -20.03 22.40
C ILE A 460 14.87 -20.11 22.07
N HIS A 461 15.30 -21.28 21.60
CA HIS A 461 16.67 -21.52 21.17
C HIS A 461 16.69 -21.81 19.68
N LEU A 462 17.79 -21.44 19.03
CA LEU A 462 17.86 -21.44 17.57
C LEU A 462 19.10 -22.18 17.07
N LEU A 463 18.90 -23.07 16.11
CA LEU A 463 19.97 -23.60 15.28
C LEU A 463 19.66 -23.24 13.84
N ALA A 464 20.68 -22.86 13.08
CA ALA A 464 20.40 -22.43 11.71
C ALA A 464 21.57 -22.76 10.79
N SER A 465 21.26 -22.89 9.52
CA SER A 465 22.24 -23.14 8.48
C SER A 465 22.41 -21.89 7.60
N ILE A 466 23.62 -21.74 7.07
CA ILE A 466 23.98 -20.63 6.20
C ILE A 466 24.73 -21.21 5.01
N ASP A 467 24.26 -20.90 3.80
CA ASP A 467 24.88 -21.42 2.59
C ASP A 467 25.32 -20.36 1.61
N HIS A 468 24.65 -19.22 1.54
CA HIS A 468 24.97 -18.19 0.57
C HIS A 468 26.24 -17.45 1.02
N ILE A 469 26.87 -16.75 0.07
CA ILE A 469 28.12 -16.05 0.39
C ILE A 469 27.87 -14.64 0.89
N ASN A 470 26.69 -14.07 0.63
CA ASN A 470 26.37 -12.70 1.01
C ASN A 470 25.37 -12.63 2.16
N THR A 471 25.49 -13.56 3.12
CA THR A 471 24.48 -13.64 4.18
C THR A 471 24.49 -12.49 5.19
N PRO A 472 25.62 -12.03 5.75
CA PRO A 472 25.51 -10.94 6.72
C PRO A 472 25.31 -9.55 6.12
N LEU A 473 24.93 -9.44 4.84
CA LEU A 473 24.58 -8.14 4.28
C LEU A 473 23.24 -7.64 4.81
N LEU A 474 22.41 -8.52 5.33
CA LEU A 474 21.12 -8.17 5.89
C LEU A 474 21.05 -8.27 7.41
N TRP A 475 22.16 -8.59 8.07
CA TRP A 475 22.25 -8.57 9.52
C TRP A 475 23.05 -7.34 9.92
N ASP A 476 22.39 -6.34 10.48
CA ASP A 476 23.10 -5.22 11.07
C ASP A 476 23.54 -5.61 12.48
N GLN A 477 24.11 -4.67 13.22
CA GLN A 477 24.66 -5.03 14.53
C GLN A 477 23.58 -5.26 15.57
N GLY A 478 22.40 -4.66 15.39
CA GLY A 478 21.29 -4.96 16.29
C GLY A 478 20.75 -6.36 16.10
N LYS A 479 20.62 -6.79 14.83
CA LYS A 479 20.22 -8.16 14.55
C LYS A 479 21.29 -9.15 14.97
N LEU A 480 22.57 -8.74 14.88
CA LEU A 480 23.65 -9.65 15.21
C LEU A 480 23.89 -9.72 16.72
N CYS A 481 23.40 -8.74 17.49
CA CYS A 481 23.37 -8.88 18.94
C CYS A 481 22.10 -9.57 19.43
N SER A 482 21.00 -9.49 18.68
CA SER A 482 19.85 -10.31 18.98
C SER A 482 20.14 -11.78 18.68
N PHE A 483 20.65 -12.07 17.49
CA PHE A 483 21.15 -13.38 17.13
C PHE A 483 22.46 -13.62 17.87
N ASN A 484 22.42 -14.12 19.11
CA ASN A 484 23.65 -14.29 19.89
C ASN A 484 24.38 -15.55 19.40
N PHE A 485 24.92 -15.47 18.19
CA PHE A 485 25.37 -16.65 17.47
C PHE A 485 26.67 -17.20 18.03
N SER A 486 26.81 -18.52 17.92
CA SER A 486 28.08 -19.23 18.09
C SER A 486 28.36 -19.88 16.75
N TRP A 487 29.34 -19.33 16.02
CA TRP A 487 29.58 -19.76 14.65
C TRP A 487 30.38 -21.06 14.62
N TRP A 488 29.91 -22.01 13.83
CA TRP A 488 30.53 -23.33 13.78
C TRP A 488 30.79 -23.72 12.33
N ASP A 489 31.99 -24.20 12.06
CA ASP A 489 32.40 -24.58 10.70
C ASP A 489 32.06 -26.05 10.51
N CYS A 490 30.81 -26.32 10.14
CA CYS A 490 30.34 -27.66 9.86
C CYS A 490 30.37 -27.88 8.36
N THR A 491 31.57 -28.12 7.84
CA THR A 491 31.78 -28.28 6.40
C THR A 491 31.77 -29.78 6.08
N THR A 492 30.57 -30.30 5.83
CA THR A 492 30.43 -31.58 5.16
C THR A 492 30.65 -31.39 3.66
N MET A 493 30.72 -32.50 2.93
CA MET A 493 30.89 -32.44 1.50
C MET A 493 29.68 -32.99 0.75
N LEU A 494 28.51 -32.97 1.37
CA LEU A 494 27.34 -33.57 0.78
C LEU A 494 26.76 -32.64 -0.29
N PRO A 495 26.24 -33.20 -1.39
CA PRO A 495 25.66 -32.36 -2.44
C PRO A 495 24.30 -31.82 -2.03
N TYR A 496 23.90 -30.74 -2.71
CA TYR A 496 22.65 -30.04 -2.41
C TYR A 496 21.52 -30.68 -3.21
N THR A 497 21.04 -31.83 -2.72
CA THR A 497 19.91 -32.48 -3.37
C THR A 497 18.59 -31.92 -2.86
N ASN A 498 18.41 -31.88 -1.54
CA ASN A 498 17.14 -31.45 -0.97
C ASN A 498 16.94 -29.95 -1.06
N GLU A 499 18.03 -29.17 -1.14
CA GLU A 499 17.89 -27.72 -1.14
C GLU A 499 17.58 -27.16 -2.52
N THR A 500 18.09 -27.79 -3.58
CA THR A 500 18.02 -27.22 -4.91
C THR A 500 16.94 -27.89 -5.77
N ALA A 501 16.15 -28.79 -5.19
CA ALA A 501 15.19 -29.55 -5.97
C ALA A 501 13.93 -28.77 -6.30
N PHE A 502 13.62 -27.72 -5.55
CA PHE A 502 12.31 -27.08 -5.63
C PHE A 502 12.20 -26.15 -6.83
N GLU A 503 11.10 -25.38 -6.87
CA GLU A 503 10.67 -24.75 -8.12
C GLU A 503 11.55 -23.58 -8.53
N ASN A 504 12.30 -22.99 -7.60
CA ASN A 504 13.08 -21.80 -7.91
C ASN A 504 14.39 -22.11 -8.65
N SER A 505 14.77 -23.38 -8.76
CA SER A 505 15.99 -23.75 -9.45
C SER A 505 15.79 -24.99 -10.33
N ALA A 515 11.29 -27.12 -25.91
CA ALA A 515 12.09 -28.11 -26.61
C ALA A 515 11.37 -28.58 -27.88
N LEU A 516 12.14 -29.14 -28.82
CA LEU A 516 11.54 -29.64 -30.06
C LEU A 516 10.70 -30.88 -29.80
N SER A 517 11.11 -31.72 -28.84
CA SER A 517 10.30 -32.86 -28.44
C SER A 517 9.02 -32.41 -27.75
N SER A 518 9.10 -31.35 -26.93
CA SER A 518 7.90 -30.79 -26.31
C SER A 518 6.98 -30.16 -27.35
N MET A 519 7.57 -29.53 -28.37
CA MET A 519 6.77 -28.96 -29.46
C MET A 519 6.08 -30.04 -30.26
N ARG A 520 6.74 -31.17 -30.49
CA ARG A 520 6.11 -32.26 -31.23
C ARG A 520 5.04 -32.96 -30.38
N SER A 521 5.26 -33.05 -29.06
CA SER A 521 4.25 -33.65 -28.19
C SER A 521 3.04 -32.75 -28.03
N VAL A 522 3.21 -31.43 -28.09
CA VAL A 522 2.07 -30.54 -28.09
C VAL A 522 1.36 -30.56 -29.45
N PHE A 523 2.12 -30.59 -30.55
CA PHE A 523 1.56 -30.67 -31.90
C PHE A 523 0.86 -32.00 -32.17
N SER A 524 1.15 -33.03 -31.37
CA SER A 524 0.42 -34.29 -31.47
C SER A 524 -1.05 -34.13 -31.09
N SER A 525 -1.34 -33.26 -30.12
CA SER A 525 -2.70 -33.10 -29.61
C SER A 525 -3.51 -32.04 -30.34
N LEU A 526 -3.03 -31.53 -31.47
CA LEU A 526 -3.77 -30.55 -32.23
C LEU A 526 -4.79 -31.23 -33.14
N THR A 527 -5.79 -30.46 -33.55
CA THR A 527 -6.77 -30.90 -34.52
C THR A 527 -6.29 -30.53 -35.92
N THR A 528 -7.15 -30.70 -36.93
CA THR A 528 -6.72 -30.50 -38.31
C THR A 528 -6.58 -29.02 -38.64
N ASN A 529 -7.54 -28.19 -38.20
CA ASN A 529 -7.50 -26.76 -38.51
C ASN A 529 -6.36 -26.05 -37.79
N SER A 530 -6.10 -26.41 -36.53
CA SER A 530 -4.96 -25.85 -35.82
C SER A 530 -3.65 -26.31 -36.43
N ARG A 531 -3.62 -27.54 -36.96
CA ARG A 531 -2.44 -28.01 -37.68
C ARG A 531 -2.19 -27.19 -38.94
N GLY A 532 -3.25 -26.89 -39.69
CA GLY A 532 -3.10 -26.04 -40.86
C GLY A 532 -2.69 -24.61 -40.52
N ILE A 533 -3.18 -24.09 -39.39
CA ILE A 533 -2.84 -22.74 -38.97
C ILE A 533 -1.37 -22.64 -38.59
N TYR A 534 -0.90 -23.59 -37.76
CA TYR A 534 0.52 -23.59 -37.40
C TYR A 534 1.41 -23.94 -38.59
N MET A 535 0.90 -24.74 -39.53
CA MET A 535 1.61 -25.01 -40.78
C MET A 535 1.80 -23.74 -41.58
N LEU A 536 0.76 -22.90 -41.67
CA LEU A 536 0.87 -21.63 -42.37
C LEU A 536 1.88 -20.69 -41.68
N ILE A 537 1.86 -20.67 -40.35
CA ILE A 537 2.78 -19.80 -39.60
C ILE A 537 4.23 -20.24 -39.81
N VAL A 538 4.52 -21.55 -39.70
CA VAL A 538 5.90 -22.01 -39.86
C VAL A 538 6.34 -21.90 -41.31
N LYS A 539 5.42 -22.10 -42.26
CA LYS A 539 5.78 -22.01 -43.67
C LYS A 539 6.13 -20.58 -44.06
N TYR A 540 5.38 -19.60 -43.55
CA TYR A 540 5.71 -18.20 -43.80
C TYR A 540 7.01 -17.80 -43.10
N GLN A 541 7.21 -18.29 -41.87
CA GLN A 541 8.41 -17.96 -41.10
C GLN A 541 9.67 -18.52 -41.77
N LEU A 542 9.56 -19.71 -42.37
CA LEU A 542 10.72 -20.31 -43.03
C LEU A 542 10.90 -19.82 -44.46
N LYS A 543 9.81 -19.39 -45.11
CA LYS A 543 9.95 -18.78 -46.42
C LYS A 543 10.65 -17.43 -46.34
N ASN A 544 10.24 -16.60 -45.38
CA ASN A 544 10.86 -15.29 -45.21
C ASN A 544 12.02 -15.32 -44.21
N LYS A 545 12.50 -16.51 -43.83
CA LYS A 545 13.68 -16.73 -42.99
C LYS A 545 13.65 -16.01 -41.64
N GLY A 552 8.06 -10.72 -36.29
CA GLY A 552 7.41 -11.90 -36.84
C GLY A 552 6.41 -11.57 -37.91
N MET A 553 5.59 -12.55 -38.29
CA MET A 553 4.60 -12.35 -39.33
C MET A 553 3.46 -11.47 -38.83
N PRO A 554 2.79 -10.75 -39.73
CA PRO A 554 1.66 -9.92 -39.31
C PRO A 554 0.38 -10.72 -39.12
N PHE A 555 -0.59 -10.07 -38.50
CA PHE A 555 -1.88 -10.72 -38.21
C PHE A 555 -2.78 -10.73 -39.44
N ARG A 556 -2.71 -9.68 -40.27
CA ARG A 556 -3.64 -9.54 -41.38
C ARG A 556 -3.37 -10.55 -42.48
N ASP A 557 -2.10 -10.74 -42.84
CA ASP A 557 -1.76 -11.72 -43.87
C ASP A 557 -2.01 -13.14 -43.39
N LEU A 558 -1.83 -13.38 -42.09
CA LEU A 558 -2.19 -14.68 -41.52
C LEU A 558 -3.69 -14.92 -41.57
N TYR A 559 -4.48 -13.90 -41.27
CA TYR A 559 -5.94 -14.05 -41.34
C TYR A 559 -6.41 -14.26 -42.76
N SER A 560 -5.76 -13.61 -43.73
CA SER A 560 -6.11 -13.84 -45.13
C SER A 560 -5.69 -15.22 -45.59
N SER A 561 -4.57 -15.73 -45.06
CA SER A 561 -4.12 -17.08 -45.42
C SER A 561 -5.02 -18.15 -44.80
N CYS A 562 -5.53 -17.92 -43.59
CA CYS A 562 -6.47 -18.87 -43.02
C CYS A 562 -7.84 -18.75 -43.66
N ARG A 563 -8.22 -17.56 -44.15
CA ARG A 563 -9.52 -17.41 -44.79
C ARG A 563 -9.54 -17.93 -46.22
N GLU A 564 -8.39 -17.92 -46.90
CA GLU A 564 -8.38 -18.40 -48.28
C GLU A 564 -8.41 -19.93 -48.35
N ALA A 565 -7.96 -20.60 -47.28
CA ALA A 565 -7.95 -22.06 -47.22
C ALA A 565 -9.14 -22.62 -46.46
N PHE A 566 -10.08 -21.75 -46.06
CA PHE A 566 -11.30 -22.10 -45.30
C PHE A 566 -10.95 -22.78 -43.98
N LEU A 567 -9.91 -22.28 -43.31
CA LEU A 567 -9.48 -22.84 -42.03
C LEU A 567 -10.16 -22.19 -40.83
N VAL A 568 -10.87 -21.08 -41.02
CA VAL A 568 -11.42 -20.34 -39.89
C VAL A 568 -12.71 -19.66 -40.33
N SER A 569 -13.59 -19.39 -39.36
CA SER A 569 -14.88 -18.77 -39.58
C SER A 569 -14.86 -17.26 -39.38
N SER A 570 -14.08 -16.78 -38.42
CA SER A 570 -13.98 -15.35 -38.13
C SER A 570 -12.58 -15.06 -37.64
N ASP A 571 -12.36 -13.84 -37.15
CA ASP A 571 -11.04 -13.46 -36.67
C ASP A 571 -10.85 -13.85 -35.22
N LEU A 572 -11.93 -13.89 -34.45
CA LEU A 572 -11.83 -14.19 -33.02
C LEU A 572 -11.50 -15.65 -32.78
N ALA A 573 -11.88 -16.54 -33.72
CA ALA A 573 -11.44 -17.93 -33.61
C ALA A 573 -9.95 -18.07 -33.86
N LEU A 574 -9.39 -17.23 -34.75
CA LEU A 574 -7.93 -17.17 -34.89
C LEU A 574 -7.26 -16.61 -33.64
N ARG A 575 -7.88 -15.62 -33.00
CA ARG A 575 -7.32 -15.12 -31.75
C ARG A 575 -7.40 -16.17 -30.64
N ALA A 576 -8.44 -17.01 -30.66
CA ALA A 576 -8.55 -18.11 -29.71
C ALA A 576 -7.50 -19.19 -29.97
N GLN A 577 -7.27 -19.52 -31.24
CA GLN A 577 -6.26 -20.53 -31.57
C GLN A 577 -4.84 -20.01 -31.30
N LEU A 578 -4.61 -18.72 -31.51
CA LEU A 578 -3.29 -18.16 -31.19
C LEU A 578 -3.09 -18.02 -29.68
N THR A 579 -4.16 -17.78 -28.92
CA THR A 579 -4.05 -17.83 -27.47
C THR A 579 -3.81 -19.25 -26.98
N GLU A 580 -4.39 -20.24 -27.66
CA GLU A 580 -4.09 -21.63 -27.35
C GLU A 580 -2.64 -21.98 -27.68
N PHE A 581 -2.10 -21.38 -28.74
CA PHE A 581 -0.69 -21.59 -29.08
C PHE A 581 0.23 -20.93 -28.04
N LEU A 582 -0.13 -19.72 -27.58
CA LEU A 582 0.66 -19.06 -26.54
C LEU A 582 0.51 -19.75 -25.19
N ASP A 583 -0.58 -20.49 -25.00
CA ASP A 583 -0.77 -21.29 -23.78
C ASP A 583 0.30 -22.37 -23.68
N HIS A 584 0.69 -22.95 -24.82
CA HIS A 584 1.62 -24.07 -24.86
C HIS A 584 3.05 -23.66 -25.21
N LYS A 585 3.31 -22.35 -25.32
CA LYS A 585 4.62 -21.76 -25.64
C LYS A 585 5.16 -22.28 -26.99
N LEU A 586 4.35 -22.07 -28.02
CA LEU A 586 4.70 -22.48 -29.38
C LEU A 586 5.01 -21.30 -30.30
N VAL A 587 4.21 -20.25 -30.26
CA VAL A 587 4.50 -19.01 -30.97
C VAL A 587 4.45 -17.89 -29.93
N LYS A 588 5.19 -16.82 -30.18
CA LYS A 588 5.26 -15.69 -29.27
C LYS A 588 4.65 -14.46 -29.92
N SER A 589 3.73 -13.82 -29.18
CA SER A 589 3.11 -12.58 -29.62
C SER A 589 3.94 -11.38 -29.20
N LYS A 590 3.91 -10.34 -30.02
CA LYS A 590 4.74 -9.16 -29.81
C LYS A 590 4.01 -7.94 -30.34
N ARG A 591 4.32 -6.77 -29.78
CA ARG A 591 3.78 -5.52 -30.26
C ARG A 591 4.75 -4.37 -30.01
N GLU A 597 0.05 -7.30 -34.61
CA GLU A 597 0.61 -8.31 -33.72
C GLU A 597 1.67 -9.14 -34.43
N GLN A 598 2.90 -9.08 -33.93
CA GLN A 598 4.00 -9.86 -34.48
C GLN A 598 3.98 -11.26 -33.88
N LEU A 599 4.22 -12.26 -34.73
CA LEU A 599 4.17 -13.67 -34.31
C LEU A 599 5.52 -14.30 -34.62
N THR A 600 6.37 -14.39 -33.60
CA THR A 600 7.72 -14.93 -33.75
C THR A 600 7.83 -16.24 -32.98
N ILE A 601 8.27 -17.30 -33.67
CA ILE A 601 8.42 -18.62 -33.07
C ILE A 601 9.80 -18.67 -32.40
N PRO A 602 9.87 -18.85 -31.07
CA PRO A 602 11.15 -18.66 -30.37
C PRO A 602 12.08 -19.87 -30.39
N ILE A 603 12.23 -20.49 -31.55
CA ILE A 603 13.18 -21.59 -31.78
C ILE A 603 13.85 -21.28 -33.12
N ASP A 604 15.15 -21.58 -33.22
CA ASP A 604 15.97 -21.25 -34.39
C ASP A 604 15.42 -21.88 -35.68
N GLY A 605 15.85 -21.32 -36.81
CA GLY A 605 15.28 -21.69 -38.09
C GLY A 605 15.63 -23.08 -38.55
N ALA A 606 16.75 -23.63 -38.08
CA ALA A 606 17.19 -24.95 -38.54
C ALA A 606 16.29 -26.06 -38.00
N LEU A 607 15.93 -25.98 -36.71
CA LEU A 607 15.05 -27.00 -36.15
C LEU A 607 13.62 -26.84 -36.66
N LEU A 608 13.21 -25.61 -37.01
CA LEU A 608 11.95 -25.44 -37.70
C LEU A 608 11.99 -26.02 -39.11
N GLN A 609 13.15 -25.97 -39.77
CA GLN A 609 13.27 -26.60 -41.09
C GLN A 609 13.21 -28.12 -40.98
N GLN A 610 13.81 -28.67 -39.93
CA GLN A 610 13.71 -30.11 -39.68
C GLN A 610 12.28 -30.53 -39.34
N PHE A 611 11.57 -29.69 -38.59
CA PHE A 611 10.18 -29.98 -38.26
C PHE A 611 9.27 -29.86 -39.48
N LEU A 612 9.56 -28.90 -40.36
CA LEU A 612 8.82 -28.78 -41.62
C LEU A 612 9.10 -29.94 -42.55
N GLU A 613 10.32 -30.49 -42.53
CA GLU A 613 10.61 -31.66 -43.33
C GLU A 613 10.12 -32.95 -42.67
N GLU A 614 9.75 -32.88 -41.37
CA GLU A 614 9.30 -34.08 -40.68
C GLU A 614 7.92 -34.52 -41.13
N GLN A 615 7.04 -33.59 -41.48
CA GLN A 615 5.68 -33.95 -41.89
C GLN A 615 5.61 -34.50 -43.31
N GLU A 616 6.64 -34.31 -44.12
CA GLU A 616 6.64 -34.83 -45.49
C GLU A 616 7.38 -36.16 -45.57
N MET B 1 12.08 -39.64 0.53
CA MET B 1 13.31 -39.20 1.16
C MET B 1 13.18 -39.14 2.69
N ASP B 2 12.87 -37.96 3.19
CA ASP B 2 12.82 -37.65 4.61
C ASP B 2 11.38 -37.39 5.05
N PRO B 3 11.08 -37.42 6.35
CA PRO B 3 9.75 -37.01 6.79
C PRO B 3 9.50 -35.51 6.69
N THR B 4 10.55 -34.70 6.69
CA THR B 4 10.42 -33.25 6.71
C THR B 4 10.74 -32.60 5.37
N ILE B 5 10.58 -33.32 4.26
CA ILE B 5 10.91 -32.78 2.95
C ILE B 5 9.61 -32.71 2.14
N SER B 6 8.51 -32.47 2.86
CA SER B 6 7.19 -32.42 2.25
C SER B 6 7.08 -31.29 1.24
N VAL B 7 6.33 -31.55 0.17
CA VAL B 7 6.18 -30.58 -0.91
C VAL B 7 5.15 -29.52 -0.57
N SER B 8 4.28 -29.78 0.41
CA SER B 8 3.20 -28.86 0.77
C SER B 8 3.61 -27.87 1.84
N LYS B 9 4.11 -28.36 2.97
CA LYS B 9 4.40 -27.52 4.12
C LYS B 9 5.83 -27.00 4.10
N GLY B 10 6.11 -26.07 5.01
CA GLY B 10 7.46 -25.62 5.26
C GLY B 10 7.87 -25.76 6.70
N CYS B 11 6.91 -25.79 7.61
CA CYS B 11 7.16 -25.86 9.04
C CYS B 11 6.59 -27.15 9.62
N PHE B 12 7.28 -27.71 10.60
CA PHE B 12 6.90 -28.98 11.21
C PHE B 12 6.98 -28.87 12.72
N VAL B 13 5.86 -29.08 13.38
CA VAL B 13 5.76 -28.94 14.83
C VAL B 13 5.97 -30.31 15.46
N TYR B 14 6.84 -30.36 16.45
CA TYR B 14 7.09 -31.59 17.20
C TYR B 14 6.75 -31.33 18.65
N LYS B 15 5.58 -30.72 18.87
CA LYS B 15 5.05 -30.41 20.19
C LYS B 15 4.98 -31.64 21.08
N ASN B 16 5.63 -31.55 22.24
CA ASN B 16 5.57 -32.61 23.26
C ASN B 16 5.23 -31.94 24.59
N GLY B 17 3.93 -31.76 24.83
CA GLY B 17 3.47 -31.21 26.10
C GLY B 17 3.57 -29.71 26.24
N ALA B 18 3.51 -28.98 25.13
CA ALA B 18 3.56 -27.52 25.20
C ALA B 18 2.20 -26.97 25.62
N THR B 19 2.22 -25.86 26.35
CA THR B 19 1.01 -25.28 26.92
C THR B 19 0.85 -23.85 26.43
N ARG B 20 -0.15 -23.16 26.98
CA ARG B 20 -0.40 -21.77 26.63
C ARG B 20 0.37 -20.86 27.59
N SER B 38 18.06 -23.87 31.97
CA SER B 38 17.76 -25.16 32.56
C SER B 38 17.55 -26.23 31.49
N LEU B 39 18.42 -26.22 30.48
CA LEU B 39 18.31 -27.19 29.39
C LEU B 39 19.02 -28.50 29.70
N LEU B 40 20.09 -28.44 30.47
CA LEU B 40 20.93 -29.61 30.67
C LEU B 40 20.32 -30.53 31.73
N GLY B 41 20.90 -31.72 31.86
CA GLY B 41 20.49 -32.66 32.88
C GLY B 41 21.06 -32.30 34.23
N LYS B 42 20.76 -33.14 35.22
CA LYS B 42 21.30 -32.93 36.55
C LYS B 42 22.75 -33.42 36.65
N GLU B 43 23.18 -34.29 35.74
CA GLU B 43 24.51 -34.87 35.83
C GLU B 43 25.57 -33.87 35.41
N VAL B 44 25.21 -32.86 34.62
CA VAL B 44 26.17 -31.83 34.24
C VAL B 44 26.16 -30.65 35.22
N VAL B 45 25.00 -30.34 35.81
CA VAL B 45 24.89 -29.17 36.67
C VAL B 45 25.58 -29.43 38.01
N GLN B 46 25.47 -30.64 38.55
CA GLN B 46 26.12 -30.97 39.82
C GLN B 46 27.63 -31.12 39.70
N GLN B 47 28.20 -31.10 38.50
CA GLN B 47 29.63 -31.01 38.33
C GLN B 47 30.12 -29.65 38.83
N PRO B 48 31.30 -29.58 39.47
CA PRO B 48 31.69 -28.35 40.14
C PRO B 48 32.09 -27.22 39.20
N PHE B 49 32.54 -27.53 37.98
CA PHE B 49 32.93 -26.45 37.08
C PHE B 49 31.73 -25.65 36.59
N TYR B 50 30.57 -26.28 36.48
CA TYR B 50 29.36 -25.55 36.08
C TYR B 50 28.93 -24.57 37.18
N GLU B 51 29.00 -25.00 38.44
CA GLU B 51 28.67 -24.12 39.55
C GLU B 51 29.67 -22.98 39.67
N GLU B 52 30.95 -23.28 39.46
CA GLU B 52 31.98 -22.25 39.54
C GLU B 52 31.85 -21.24 38.40
N TYR B 53 31.53 -21.73 37.20
CA TYR B 53 31.32 -20.84 36.06
C TYR B 53 30.09 -19.98 36.24
N ARG B 54 29.02 -20.56 36.81
CA ARG B 54 27.80 -19.78 37.06
C ARG B 54 28.05 -18.68 38.08
N LYS B 55 28.79 -19.00 39.15
CA LYS B 55 29.12 -18.00 40.17
C LYS B 55 30.01 -16.89 39.62
N ALA B 56 31.05 -17.26 38.86
CA ALA B 56 31.97 -16.27 38.31
C ALA B 56 31.29 -15.38 37.27
N TRP B 57 30.48 -15.98 36.39
CA TRP B 57 29.81 -15.20 35.37
C TRP B 57 28.74 -14.28 35.97
N ASN B 58 28.04 -14.75 37.02
CA ASN B 58 27.05 -13.89 37.66
C ASN B 58 27.70 -12.75 38.41
N GLN B 59 28.87 -13.00 39.02
CA GLN B 59 29.62 -11.94 39.68
C GLN B 59 30.07 -10.87 38.68
N ILE B 60 30.63 -11.31 37.55
CA ILE B 60 31.14 -10.37 36.55
C ILE B 60 29.99 -9.60 35.91
N ASN B 61 28.86 -10.27 35.66
CA ASN B 61 27.72 -9.59 35.03
C ASN B 61 27.07 -8.60 35.98
N ASP B 62 26.99 -8.93 37.28
CA ASP B 62 26.46 -7.97 38.25
C ASP B 62 27.39 -6.78 38.43
N HIS B 63 28.71 -7.01 38.36
CA HIS B 63 29.65 -5.89 38.47
C HIS B 63 29.57 -4.97 37.25
N ILE B 64 29.42 -5.54 36.06
CA ILE B 64 29.30 -4.72 34.85
C ILE B 64 27.99 -3.95 34.84
N ALA B 65 26.91 -4.58 35.32
CA ALA B 65 25.63 -3.90 35.44
C ALA B 65 25.69 -2.76 36.45
N ASP B 66 26.40 -2.97 37.56
CA ASP B 66 26.53 -1.92 38.57
C ASP B 66 27.37 -0.75 38.06
N LEU B 67 28.42 -1.06 37.29
CA LEU B 67 29.22 0.00 36.68
C LEU B 67 28.42 0.81 35.65
N GLN B 68 27.58 0.12 34.86
CA GLN B 68 26.77 0.84 33.88
C GLN B 68 25.69 1.69 34.55
N HIS B 69 25.14 1.21 35.67
CA HIS B 69 24.20 2.02 36.45
C HIS B 69 24.88 3.26 37.02
N ARG B 70 26.07 3.09 37.59
CA ARG B 70 26.81 4.23 38.13
C ARG B 70 27.27 5.19 37.04
N SER B 71 27.42 4.73 35.80
CA SER B 71 27.72 5.63 34.71
C SER B 71 26.49 6.41 34.27
N TYR B 72 25.34 5.75 34.18
CA TYR B 72 24.15 6.36 33.60
C TYR B 72 23.32 7.18 34.58
N ALA B 73 23.56 7.03 35.90
CA ALA B 73 22.68 7.62 36.91
C ALA B 73 22.62 9.15 36.87
N ARG B 74 23.69 9.81 36.43
CA ARG B 74 23.69 11.28 36.40
C ARG B 74 22.77 11.81 35.30
N THR B 75 22.89 11.28 34.08
CA THR B 75 22.01 11.68 33.00
C THR B 75 20.58 11.22 33.26
N LEU B 76 20.41 10.10 33.97
CA LEU B 76 19.09 9.67 34.39
C LEU B 76 18.45 10.69 35.32
N GLU B 77 19.22 11.19 36.28
CA GLU B 77 18.72 12.22 37.20
C GLU B 77 18.41 13.52 36.45
N GLN B 78 19.22 13.87 35.45
CA GLN B 78 18.93 15.06 34.65
C GLN B 78 17.63 14.92 33.86
N LEU B 79 17.38 13.74 33.28
CA LEU B 79 16.14 13.54 32.53
C LEU B 79 14.92 13.52 33.44
N VAL B 80 15.07 12.94 34.64
CA VAL B 80 13.96 12.91 35.59
C VAL B 80 13.65 14.32 36.09
N ASP B 81 14.70 15.13 36.34
CA ASP B 81 14.50 16.52 36.71
C ASP B 81 13.88 17.32 35.57
N PHE B 82 14.19 16.98 34.32
CA PHE B 82 13.56 17.64 33.18
C PHE B 82 12.07 17.34 33.11
N VAL B 83 11.69 16.07 33.31
CA VAL B 83 10.28 15.68 33.28
C VAL B 83 9.51 16.32 34.44
N VAL B 84 10.12 16.34 35.63
CA VAL B 84 9.47 16.92 36.81
C VAL B 84 9.34 18.44 36.65
N GLY B 85 10.37 19.09 36.10
CA GLY B 85 10.30 20.53 35.88
C GLY B 85 9.37 20.92 34.76
N GLN B 86 9.08 20.00 33.84
CA GLN B 86 7.97 20.23 32.92
C GLN B 86 6.63 20.04 33.61
N ALA B 87 6.56 19.14 34.59
CA ALA B 87 5.32 18.95 35.33
C ALA B 87 5.00 20.13 36.24
N GLU B 88 6.03 20.83 36.73
CA GLU B 88 5.80 21.98 37.60
C GLU B 88 5.34 23.21 36.82
N ARG B 89 5.53 23.20 35.51
CA ARG B 89 5.11 24.31 34.66
C ARG B 89 3.59 24.40 34.56
N GLU B 94 0.61 25.22 21.97
CA GLU B 94 1.84 25.35 22.72
C GLU B 94 2.89 24.36 22.20
N VAL B 95 4.17 24.69 22.39
CA VAL B 95 5.24 23.82 21.94
C VAL B 95 5.33 22.61 22.87
N LEU B 96 5.84 21.49 22.35
CA LEU B 96 5.96 20.41 23.31
C LEU B 96 7.39 20.26 23.77
N PRO B 97 7.60 19.99 25.06
CA PRO B 97 8.96 19.82 25.56
C PRO B 97 9.55 18.48 25.14
N THR B 98 10.67 18.54 24.43
CA THR B 98 11.36 17.36 23.96
C THR B 98 12.79 17.38 24.44
N ALA B 99 13.44 16.21 24.39
CA ALA B 99 14.75 16.03 25.01
C ALA B 99 15.54 15.04 24.18
N ALA B 100 16.40 15.55 23.31
CA ALA B 100 17.28 14.69 22.52
C ALA B 100 18.37 14.12 23.40
N LEU B 101 18.42 12.80 23.50
CA LEU B 101 19.39 12.09 24.32
C LEU B 101 20.46 11.53 23.39
N LEU B 102 21.62 12.19 23.35
CA LEU B 102 22.70 11.83 22.43
C LEU B 102 23.39 10.58 22.93
N THR B 103 22.87 9.43 22.49
CA THR B 103 23.48 8.15 22.80
C THR B 103 24.49 7.78 21.72
N GLY B 104 25.10 6.60 21.86
CA GLY B 104 26.08 6.13 20.91
C GLY B 104 25.48 5.38 19.75
N ILE B 105 26.35 4.88 18.87
CA ILE B 105 25.90 4.16 17.69
C ILE B 105 25.45 2.75 18.02
N ASN B 106 25.80 2.22 19.19
CA ASN B 106 25.43 0.88 19.61
C ASN B 106 24.01 0.89 20.17
N GLN B 107 23.03 0.63 19.30
CA GLN B 107 21.62 0.71 19.70
C GLN B 107 21.17 -0.31 20.74
N PRO B 108 21.53 -1.62 20.69
CA PRO B 108 21.01 -2.54 21.72
C PRO B 108 21.53 -2.30 23.14
N ASP B 109 22.54 -1.46 23.31
CA ASP B 109 22.95 -1.08 24.66
C ASP B 109 22.04 -0.01 25.25
N HIS B 110 21.25 0.68 24.41
CA HIS B 110 20.59 1.90 24.85
C HIS B 110 19.21 1.69 25.46
N LEU B 111 18.42 0.74 24.93
CA LEU B 111 17.02 0.61 25.32
C LEU B 111 16.86 0.26 26.79
N SER B 112 17.77 -0.58 27.31
CA SER B 112 17.78 -0.93 28.73
C SER B 112 17.95 0.31 29.60
N GLN B 113 18.78 1.27 29.13
CA GLN B 113 18.93 2.56 29.80
C GLN B 113 17.59 3.26 29.93
N PHE B 114 16.81 3.28 28.84
CA PHE B 114 15.48 3.90 28.86
C PHE B 114 14.56 3.20 29.84
N THR B 115 14.71 1.87 29.98
CA THR B 115 13.88 1.12 30.92
C THR B 115 14.13 1.59 32.34
N ALA B 116 15.40 1.89 32.66
CA ALA B 116 15.74 2.40 33.98
C ALA B 116 15.07 3.74 34.23
N LEU B 117 15.04 4.60 33.20
CA LEU B 117 14.36 5.89 33.31
C LEU B 117 12.89 5.70 33.58
N THR B 118 12.28 4.71 32.92
CA THR B 118 10.86 4.42 33.10
C THR B 118 10.59 4.02 34.54
N GLN B 119 11.49 3.23 35.14
CA GLN B 119 11.32 2.81 36.52
C GLN B 119 11.38 4.00 37.45
N ARG B 120 12.28 4.95 37.18
CA ARG B 120 12.34 6.13 38.03
C ARG B 120 11.13 7.01 37.79
N LEU B 121 10.61 7.02 36.55
CA LEU B 121 9.39 7.77 36.30
C LEU B 121 8.17 7.07 36.85
N HIS B 122 8.28 5.78 37.19
CA HIS B 122 7.22 5.13 37.93
C HIS B 122 7.48 5.16 39.44
N ALA B 123 8.60 5.74 39.86
CA ALA B 123 8.86 5.86 41.30
C ALA B 123 8.15 7.07 41.88
N GLN B 124 8.43 8.26 41.35
CA GLN B 124 7.86 9.51 41.85
C GLN B 124 6.45 9.78 41.34
N ARG B 125 5.89 8.88 40.54
CA ARG B 125 4.57 9.03 39.88
C ARG B 125 4.51 10.33 39.07
N ALA B 126 5.60 10.62 38.37
CA ALA B 126 5.71 11.87 37.63
C ALA B 126 5.11 11.77 36.24
N ALA B 127 5.06 10.58 35.64
CA ALA B 127 4.57 10.41 34.29
C ALA B 127 4.25 8.94 34.08
N MET B 128 3.79 8.62 32.87
CA MET B 128 3.69 7.25 32.40
C MET B 128 4.18 7.20 30.96
N VAL B 129 4.93 6.15 30.64
CA VAL B 129 5.89 6.15 29.54
C VAL B 129 5.44 5.16 28.47
N CYS B 130 5.35 5.64 27.24
CA CYS B 130 5.15 4.80 26.06
C CYS B 130 6.42 4.80 25.22
N VAL B 131 6.75 3.64 24.66
CA VAL B 131 7.95 3.46 23.85
C VAL B 131 7.51 3.12 22.43
N LEU B 132 7.95 3.93 21.47
CA LEU B 132 7.55 3.78 20.07
C LEU B 132 8.75 3.30 19.27
N GLN B 133 8.77 2.01 18.96
CA GLN B 133 9.82 1.48 18.10
C GLN B 133 9.52 1.84 16.65
N SER B 134 10.58 1.88 15.84
CA SER B 134 10.44 2.22 14.43
C SER B 134 9.73 1.15 13.62
N ARG B 135 9.65 -0.08 14.14
CA ARG B 135 8.93 -1.14 13.44
C ARG B 135 7.43 -0.98 13.58
N ASP B 136 6.96 -0.31 14.62
CA ASP B 136 5.53 -0.15 14.87
C ASP B 136 4.93 1.10 14.21
N CYS B 137 5.76 1.93 13.58
CA CYS B 137 5.34 3.25 13.11
C CYS B 137 5.62 3.40 11.63
N ALA B 138 5.17 2.42 10.84
CA ALA B 138 5.28 2.52 9.39
C ALA B 138 4.38 3.61 8.83
N THR B 139 3.20 3.80 9.40
CA THR B 139 2.27 4.84 8.98
C THR B 139 1.88 5.68 10.18
N LEU B 140 1.14 6.76 9.92
CA LEU B 140 0.69 7.63 11.00
C LEU B 140 -0.39 6.95 11.84
N LYS B 141 -1.24 6.15 11.19
CA LYS B 141 -2.30 5.43 11.89
C LYS B 141 -1.72 4.42 12.88
N ALA B 142 -0.74 3.64 12.43
CA ALA B 142 -0.09 2.67 13.31
C ALA B 142 0.70 3.34 14.42
N ALA B 143 1.29 4.51 14.15
CA ALA B 143 2.04 5.22 15.18
C ALA B 143 1.13 5.76 16.27
N VAL B 144 -0.02 6.35 15.88
CA VAL B 144 -0.95 6.88 16.87
C VAL B 144 -1.61 5.74 17.66
N GLU B 145 -1.92 4.63 16.98
CA GLU B 145 -2.52 3.49 17.66
C GLU B 145 -1.54 2.86 18.66
N THR B 146 -0.27 2.72 18.26
CA THR B 146 0.76 2.21 19.16
C THR B 146 1.00 3.14 20.34
N LEU B 147 0.95 4.46 20.12
CA LEU B 147 1.12 5.44 21.20
C LEU B 147 0.00 5.34 22.23
N VAL B 148 -1.26 5.32 21.76
CA VAL B 148 -2.39 5.28 22.68
C VAL B 148 -2.45 3.94 23.41
N PHE B 149 -2.16 2.84 22.69
CA PHE B 149 -2.16 1.53 23.31
C PHE B 149 -1.04 1.38 24.33
N GLY B 150 0.12 1.96 24.05
CA GLY B 150 1.22 1.92 25.00
C GLY B 150 0.92 2.70 26.27
N LEU B 151 0.32 3.88 26.13
CA LEU B 151 0.00 4.67 27.33
C LEU B 151 -1.10 4.01 28.16
N VAL B 152 -2.12 3.45 27.51
CA VAL B 152 -3.23 2.84 28.24
C VAL B 152 -2.79 1.55 28.92
N GLU B 153 -1.99 0.72 28.23
CA GLU B 153 -1.49 -0.49 28.88
C GLU B 153 -0.41 -0.19 29.92
N ASP B 154 0.31 0.92 29.80
CA ASP B 154 1.24 1.31 30.86
C ASP B 154 0.49 1.70 32.12
N ASN B 155 -0.63 2.42 31.98
CA ASN B 155 -1.47 2.68 33.14
C ASN B 155 -2.14 1.43 33.68
N ALA B 156 -2.48 0.49 32.80
CA ALA B 156 -3.10 -0.76 33.25
C ALA B 156 -2.11 -1.65 33.99
N GLU B 157 -0.84 -1.62 33.60
CA GLU B 157 0.19 -2.42 34.24
C GLU B 157 0.73 -1.77 35.52
N VAL B 158 0.74 -0.44 35.58
CA VAL B 158 1.13 0.23 36.83
C VAL B 158 0.09 -0.02 37.91
N GLU B 159 -1.19 0.10 37.57
CA GLU B 159 -2.25 -0.14 38.54
C GLU B 159 -2.83 -1.55 38.35
N ARG B 177 -9.67 -4.28 27.73
CA ARG B 177 -8.61 -3.98 26.77
C ARG B 177 -9.19 -3.37 25.49
N LEU B 178 -8.62 -2.24 25.08
CA LEU B 178 -9.08 -1.58 23.86
C LEU B 178 -8.60 -2.34 22.62
N ARG B 179 -9.34 -2.19 21.53
CA ARG B 179 -8.99 -2.84 20.28
C ARG B 179 -7.91 -2.05 19.55
N ARG B 180 -7.53 -2.57 18.38
CA ARG B 180 -6.49 -1.91 17.60
C ARG B 180 -7.01 -0.64 16.93
N SER B 181 -8.17 -0.74 16.27
CA SER B 181 -8.73 0.43 15.60
C SER B 181 -9.45 1.36 16.55
N GLN B 182 -9.66 0.94 17.80
CA GLN B 182 -10.36 1.76 18.77
C GLN B 182 -9.45 2.79 19.43
N CYS B 183 -8.14 2.52 19.46
CA CYS B 183 -7.18 3.40 20.13
C CYS B 183 -6.98 4.67 19.33
N THR B 184 -7.56 5.76 19.80
CA THR B 184 -7.47 7.05 19.15
C THR B 184 -7.03 8.10 20.15
N MET B 185 -6.72 9.29 19.65
CA MET B 185 -6.30 10.38 20.54
C MET B 185 -7.48 10.94 21.34
N LYS B 186 -8.69 10.80 20.80
CA LYS B 186 -9.89 11.21 21.54
C LYS B 186 -10.13 10.30 22.75
N GLN B 187 -9.88 9.00 22.57
CA GLN B 187 -9.98 8.08 23.70
C GLN B 187 -8.87 8.31 24.71
N LEU B 188 -7.70 8.74 24.27
CA LEU B 188 -6.63 9.10 25.19
C LEU B 188 -6.99 10.35 26.00
N LYS B 189 -7.63 11.32 25.35
CA LYS B 189 -8.05 12.53 26.06
C LYS B 189 -9.15 12.22 27.07
N SER B 190 -10.10 11.36 26.70
CA SER B 190 -11.17 10.99 27.63
C SER B 190 -10.62 10.15 28.79
N TRP B 191 -9.67 9.26 28.52
CA TRP B 191 -9.06 8.44 29.56
C TRP B 191 -8.23 9.29 30.52
N TYR B 192 -7.53 10.30 30.00
CA TYR B 192 -6.76 11.19 30.85
C TYR B 192 -7.65 12.11 31.66
N THR B 193 -8.81 12.50 31.12
CA THR B 193 -9.75 13.28 31.90
C THR B 193 -10.37 12.44 33.01
N ASN B 194 -10.67 11.18 32.71
CA ASN B 194 -11.30 10.31 33.69
C ASN B 194 -10.34 9.91 34.80
N ASN B 195 -9.04 9.80 34.50
CA ASN B 195 -8.09 9.27 35.47
C ASN B 195 -7.29 10.37 36.19
N PHE B 196 -6.56 11.20 35.45
CA PHE B 196 -5.53 12.04 36.05
C PHE B 196 -5.79 13.54 35.91
N ASP B 197 -7.03 13.97 35.74
CA ASP B 197 -7.32 15.39 35.85
C ASP B 197 -7.63 15.81 37.27
N SER B 198 -8.06 14.86 38.12
CA SER B 198 -8.39 15.20 39.50
C SER B 198 -7.14 15.37 40.36
N GLU B 199 -6.04 14.74 39.97
CA GLU B 199 -4.79 14.83 40.73
C GLU B 199 -3.85 15.86 40.11
N ARG B 202 0.09 16.98 37.83
CA ARG B 202 -0.37 16.20 36.70
C ARG B 202 0.68 15.21 36.24
N ARG B 203 0.25 14.01 35.87
CA ARG B 203 1.14 13.07 35.23
C ARG B 203 1.48 13.56 33.82
N GLN B 204 2.77 13.62 33.50
CA GLN B 204 3.16 13.90 32.14
C GLN B 204 2.91 12.66 31.28
N LEU B 205 2.89 12.87 29.97
CA LEU B 205 2.76 11.77 29.02
C LEU B 205 4.06 11.69 28.26
N VAL B 206 5.03 10.96 28.83
CA VAL B 206 6.36 10.85 28.25
C VAL B 206 6.32 9.86 27.10
N VAL B 207 6.75 10.31 25.92
CA VAL B 207 6.79 9.49 24.72
C VAL B 207 8.25 9.30 24.35
N ILE B 208 8.75 8.08 24.52
CA ILE B 208 10.15 7.77 24.25
C ILE B 208 10.27 7.16 22.86
N LEU B 209 11.17 7.73 22.05
CA LEU B 209 11.45 7.27 20.69
C LEU B 209 12.92 6.84 20.68
N PRO B 210 13.21 5.54 20.79
CA PRO B 210 14.59 5.12 21.03
C PRO B 210 15.48 5.13 19.80
N ASP B 211 14.90 4.94 18.62
CA ASP B 211 15.66 4.89 17.37
C ASP B 211 15.16 6.02 16.47
N PHE B 212 15.72 7.21 16.69
CA PHE B 212 15.25 8.39 15.97
C PHE B 212 15.69 8.38 14.51
N GLU B 213 16.81 7.72 14.20
CA GLU B 213 17.32 7.74 12.84
C GLU B 213 16.56 6.77 11.94
N CYS B 214 16.00 5.71 12.50
CA CYS B 214 15.38 4.64 11.72
C CYS B 214 13.91 4.90 11.43
N PHE B 215 13.38 6.05 11.84
CA PHE B 215 11.98 6.37 11.60
C PHE B 215 11.74 6.78 10.15
N ASN B 216 10.52 6.53 9.69
CA ASN B 216 10.02 7.22 8.51
C ASN B 216 9.94 8.70 8.82
N ALA B 217 10.36 9.54 7.87
CA ALA B 217 10.48 10.96 8.15
C ALA B 217 9.12 11.64 8.22
N SER B 218 8.23 11.32 7.28
CA SER B 218 6.92 11.96 7.23
C SER B 218 6.04 11.52 8.39
N VAL B 219 6.16 10.25 8.79
CA VAL B 219 5.43 9.75 9.95
C VAL B 219 5.90 10.45 11.22
N LEU B 220 7.20 10.68 11.34
CA LEU B 220 7.76 11.35 12.51
C LEU B 220 7.36 12.82 12.56
N GLN B 221 7.36 13.49 11.40
CA GLN B 221 6.94 14.89 11.35
C GLN B 221 5.45 15.05 11.67
N ASP B 222 4.61 14.17 11.12
CA ASP B 222 3.18 14.24 11.42
C ASP B 222 2.89 13.83 12.85
N LEU B 223 3.71 12.96 13.44
CA LEU B 223 3.52 12.61 14.84
C LEU B 223 3.90 13.76 15.75
N ILE B 224 4.95 14.50 15.42
CA ILE B 224 5.32 15.68 16.19
C ILE B 224 4.25 16.76 16.06
N LEU B 225 3.65 16.88 14.87
CA LEU B 225 2.56 17.84 14.68
C LEU B 225 1.31 17.45 15.45
N ILE B 226 1.00 16.14 15.49
CA ILE B 226 -0.14 15.64 16.25
C ILE B 226 0.06 15.87 17.74
N LEU B 227 1.27 15.60 18.24
CA LEU B 227 1.54 15.80 19.67
C LEU B 227 1.57 17.28 20.03
N SER B 228 2.03 18.14 19.13
CA SER B 228 2.08 19.56 19.45
C SER B 228 0.70 20.20 19.35
N ALA B 229 -0.20 19.62 18.56
CA ALA B 229 -1.57 20.15 18.49
C ALA B 229 -2.33 19.92 19.78
N HIS B 230 -2.02 18.84 20.51
CA HIS B 230 -2.71 18.49 21.74
C HIS B 230 -1.99 19.00 22.98
N CYS B 231 -1.21 20.07 22.85
CA CYS B 231 -0.57 20.67 24.01
C CYS B 231 -1.55 21.58 24.72
N GLY B 232 -1.59 21.48 26.03
CA GLY B 232 -2.64 22.10 26.82
C GLY B 232 -3.76 21.14 27.13
N SER B 233 -4.13 20.30 26.17
CA SER B 233 -5.06 19.21 26.44
C SER B 233 -4.37 18.08 27.18
N LEU B 234 -3.31 17.54 26.57
CA LEU B 234 -2.56 16.41 27.12
C LEU B 234 -1.11 16.85 27.31
N PRO B 235 -0.56 16.79 28.52
CA PRO B 235 0.84 17.21 28.69
C PRO B 235 1.82 16.18 28.15
N PHE B 236 2.41 16.46 27.00
CA PHE B 236 3.29 15.53 26.32
C PHE B 236 4.74 15.95 26.51
N VAL B 237 5.59 14.98 26.83
CA VAL B 237 7.04 15.14 26.82
C VAL B 237 7.60 14.13 25.82
N LEU B 238 8.48 14.58 24.95
CA LEU B 238 9.00 13.75 23.87
C LEU B 238 10.48 13.48 24.08
N VAL B 239 10.81 12.27 24.52
CA VAL B 239 12.21 11.90 24.72
C VAL B 239 12.71 11.18 23.48
N LEU B 240 13.80 11.65 22.91
CA LEU B 240 14.34 11.10 21.68
C LEU B 240 15.53 10.19 21.98
N GLY B 241 15.94 9.46 20.95
CA GLY B 241 16.99 8.48 21.08
C GLY B 241 18.03 8.63 19.99
N VAL B 242 18.38 9.89 19.69
CA VAL B 242 19.28 10.20 18.58
C VAL B 242 20.67 9.63 18.83
N ALA B 243 21.19 8.89 17.84
CA ALA B 243 22.42 8.16 18.00
C ALA B 243 23.63 8.85 17.39
N THR B 244 23.46 9.64 16.34
CA THR B 244 24.62 10.17 15.62
C THR B 244 25.05 11.55 16.13
N ALA B 245 24.19 12.55 15.95
CA ALA B 245 24.55 13.94 16.24
C ALA B 245 23.29 14.78 16.21
N MET B 246 23.43 16.05 16.60
CA MET B 246 22.32 16.98 16.54
C MET B 246 22.07 17.51 15.14
N THR B 247 23.04 17.34 14.23
CA THR B 247 22.83 17.71 12.84
C THR B 247 21.76 16.85 12.19
N ALA B 248 21.61 15.60 12.63
CA ALA B 248 20.56 14.73 12.11
C ALA B 248 19.18 15.23 12.52
N VAL B 249 19.01 15.64 13.78
CA VAL B 249 17.74 16.17 14.24
C VAL B 249 17.44 17.50 13.57
N HIS B 250 18.47 18.32 13.35
CA HIS B 250 18.26 19.58 12.66
C HIS B 250 17.98 19.39 11.18
N GLY B 251 18.42 18.31 10.58
CA GLY B 251 18.16 18.05 9.18
C GLY B 251 16.80 17.42 8.92
N THR B 252 16.41 16.44 9.73
CA THR B 252 15.16 15.73 9.48
C THR B 252 13.95 16.43 10.06
N LEU B 253 14.13 17.49 10.84
CA LEU B 253 12.99 18.27 11.31
C LEU B 253 12.94 19.57 10.53
N PRO B 254 11.93 19.79 9.70
CA PRO B 254 11.86 21.01 8.89
C PRO B 254 11.52 22.26 9.67
N TYR B 255 11.30 23.35 8.94
CA TYR B 255 11.05 24.66 9.54
C TYR B 255 9.76 24.68 10.35
N HIS B 256 8.65 24.24 9.73
CA HIS B 256 7.35 24.27 10.39
C HIS B 256 7.26 23.25 11.52
N VAL B 257 8.01 22.15 11.42
CA VAL B 257 7.97 21.15 12.49
C VAL B 257 8.81 21.61 13.68
N SER B 258 10.01 22.14 13.43
CA SER B 258 10.85 22.62 14.52
C SER B 258 10.40 23.95 15.08
N SER B 259 9.41 24.61 14.46
CA SER B 259 8.79 25.78 15.07
C SER B 259 7.99 25.43 16.32
N LYS B 260 7.68 24.15 16.56
CA LYS B 260 6.87 23.70 17.68
C LYS B 260 7.68 22.80 18.62
N ILE B 261 8.96 23.11 18.78
CA ILE B 261 9.92 22.23 19.45
C ILE B 261 10.77 23.07 20.39
N ARG B 262 10.92 22.62 21.64
CA ARG B 262 11.67 23.33 22.67
C ARG B 262 12.72 22.40 23.29
N LEU B 263 13.55 21.80 22.44
CA LEU B 263 14.41 20.70 22.85
C LEU B 263 15.57 21.17 23.73
N ARG B 264 16.04 20.23 24.55
CA ARG B 264 17.18 20.44 25.45
C ARG B 264 18.06 19.22 25.34
N VAL B 265 19.32 19.43 25.00
CA VAL B 265 20.23 18.36 24.60
C VAL B 265 20.89 17.76 25.83
N PHE B 266 20.87 16.44 25.93
CA PHE B 266 21.62 15.69 26.93
C PHE B 266 22.70 14.88 26.25
N GLN B 267 23.73 14.52 27.02
CA GLN B 267 24.88 13.82 26.49
C GLN B 267 25.16 12.59 27.33
N THR B 268 25.37 11.45 26.67
CA THR B 268 25.77 10.22 27.34
C THR B 268 27.27 10.04 27.17
N GLN B 269 27.90 9.37 28.14
CA GLN B 269 29.32 9.09 28.07
C GLN B 269 29.60 8.05 27.01
N ALA B 270 30.74 8.20 26.34
CA ALA B 270 31.03 7.48 25.11
C ALA B 270 31.30 6.00 25.37
N ALA B 271 31.12 5.20 24.34
CA ALA B 271 31.33 3.75 24.41
C ALA B 271 32.79 3.32 24.55
N PRO B 272 33.80 3.99 23.95
CA PRO B 272 35.18 3.69 24.37
C PRO B 272 35.47 4.02 25.82
N THR B 273 34.86 5.07 26.37
CA THR B 273 35.05 5.39 27.79
C THR B 273 34.43 4.32 28.67
N GLY B 274 33.25 3.83 28.29
CA GLY B 274 32.63 2.74 29.04
C GLY B 274 33.40 1.44 28.93
N LEU B 275 34.00 1.18 27.75
CA LEU B 275 34.87 0.02 27.59
C LEU B 275 36.09 0.11 28.49
N ASN B 276 36.76 1.27 28.50
CA ASN B 276 37.96 1.43 29.32
C ASN B 276 37.64 1.37 30.81
N GLU B 277 36.45 1.85 31.21
CA GLU B 277 36.04 1.74 32.61
C GLU B 277 35.77 0.30 33.00
N VAL B 278 35.11 -0.47 32.13
CA VAL B 278 34.85 -1.88 32.39
C VAL B 278 36.16 -2.67 32.44
N LEU B 279 37.10 -2.33 31.57
CA LEU B 279 38.40 -3.01 31.56
C LEU B 279 39.24 -2.64 32.77
N ASP B 280 39.14 -1.40 33.25
CA ASP B 280 39.91 -1.00 34.41
C ASP B 280 39.36 -1.60 35.71
N LYS B 281 38.04 -1.68 35.84
CA LYS B 281 37.45 -2.02 37.13
C LYS B 281 36.93 -3.45 37.23
N VAL B 282 36.81 -4.19 36.13
CA VAL B 282 36.27 -5.55 36.20
C VAL B 282 37.29 -6.57 35.68
N LEU B 283 37.75 -6.40 34.44
CA LEU B 283 38.61 -7.41 33.84
C LEU B 283 40.03 -7.38 34.40
N LEU B 284 40.45 -6.28 35.03
CA LEU B 284 41.71 -6.23 35.74
C LEU B 284 41.52 -6.18 37.24
N SER B 285 40.32 -6.49 37.72
CA SER B 285 40.08 -6.46 39.16
C SER B 285 40.70 -7.68 39.82
N PRO B 286 41.37 -7.52 40.96
CA PRO B 286 42.06 -8.66 41.57
C PRO B 286 41.13 -9.66 42.25
N LYS B 287 39.87 -9.31 42.50
CA LYS B 287 39.00 -10.20 43.26
C LYS B 287 38.38 -11.31 42.42
N TYR B 288 38.68 -11.38 41.14
CA TYR B 288 38.31 -12.52 40.32
C TYR B 288 39.56 -13.36 40.05
N ALA B 289 39.43 -14.67 40.17
CA ALA B 289 40.55 -15.56 39.91
C ALA B 289 40.73 -15.88 38.44
N PHE B 290 39.71 -15.61 37.61
CA PHE B 290 39.78 -15.90 36.19
C PHE B 290 40.46 -14.74 35.48
N HIS B 291 41.63 -15.01 34.90
CA HIS B 291 42.36 -14.02 34.13
C HIS B 291 42.28 -14.37 32.64
N LEU B 292 42.41 -13.34 31.82
CA LEU B 292 42.58 -13.56 30.39
C LEU B 292 44.06 -13.41 30.03
N SER B 293 44.44 -14.03 28.91
CA SER B 293 45.78 -13.84 28.41
C SER B 293 45.86 -12.54 27.61
N GLY B 294 47.07 -12.22 27.14
CA GLY B 294 47.24 -10.98 26.41
C GLY B 294 46.61 -11.02 25.03
N LYS B 295 46.69 -12.16 24.35
CA LYS B 295 46.18 -12.25 22.99
C LYS B 295 44.67 -12.23 22.93
N THR B 296 44.01 -12.87 23.91
CA THR B 296 42.55 -12.87 23.93
C THR B 296 42.02 -11.50 24.36
N PHE B 297 42.72 -10.84 25.28
CA PHE B 297 42.38 -9.48 25.68
C PHE B 297 42.49 -8.52 24.49
N LYS B 298 43.59 -8.63 23.74
CA LYS B 298 43.77 -7.80 22.56
C LYS B 298 42.78 -8.14 21.47
N PHE B 299 42.37 -9.42 21.37
CA PHE B 299 41.38 -9.83 20.38
C PHE B 299 40.01 -9.22 20.68
N LEU B 300 39.59 -9.28 21.95
CA LEU B 300 38.28 -8.72 22.32
C LEU B 300 38.27 -7.20 22.23
N THR B 301 39.36 -6.54 22.62
CA THR B 301 39.41 -5.09 22.49
C THR B 301 39.54 -4.66 21.02
N HIS B 302 40.14 -5.51 20.18
CA HIS B 302 40.17 -5.22 18.75
C HIS B 302 38.78 -5.35 18.14
N ILE B 303 37.99 -6.32 18.61
CA ILE B 303 36.61 -6.49 18.16
C ILE B 303 35.77 -5.29 18.55
N PHE B 304 35.97 -4.77 19.77
CA PHE B 304 35.25 -3.57 20.18
C PHE B 304 35.70 -2.34 19.39
N LEU B 305 36.98 -1.99 19.49
CA LEU B 305 37.48 -0.72 18.99
C LEU B 305 37.57 -0.66 17.47
N TYR B 306 37.59 -1.79 16.78
CA TYR B 306 37.81 -1.76 15.34
C TYR B 306 36.58 -2.08 14.53
N TYR B 307 35.64 -2.87 15.07
CA TYR B 307 34.50 -3.33 14.29
C TYR B 307 33.18 -2.72 14.78
N ASP B 308 32.83 -2.89 16.04
CA ASP B 308 31.53 -2.47 16.55
C ASP B 308 31.66 -2.02 18.00
N PHE B 309 31.07 -0.89 18.33
CA PHE B 309 31.18 -0.34 19.69
C PHE B 309 30.15 -0.96 20.64
N SER B 310 29.98 -2.27 20.60
CA SER B 310 28.92 -2.95 21.35
C SER B 310 29.50 -3.47 22.66
N ILE B 311 29.05 -2.92 23.78
CA ILE B 311 29.46 -3.44 25.08
C ILE B 311 28.87 -4.81 25.31
N HIS B 312 27.66 -5.05 24.79
CA HIS B 312 27.03 -6.35 24.93
C HIS B 312 27.76 -7.43 24.14
N GLY B 313 28.32 -7.07 22.98
CA GLY B 313 29.11 -8.03 22.23
C GLY B 313 30.41 -8.39 22.93
N PHE B 314 31.02 -7.40 23.59
CA PHE B 314 32.20 -7.66 24.43
C PHE B 314 31.85 -8.57 25.61
N ILE B 315 30.69 -8.32 26.24
CA ILE B 315 30.25 -9.11 27.38
C ILE B 315 29.99 -10.55 26.97
N GLN B 316 29.36 -10.74 25.80
CA GLN B 316 29.06 -12.09 25.35
C GLN B 316 30.30 -12.82 24.86
N GLY B 317 31.26 -12.11 24.25
CA GLY B 317 32.53 -12.73 23.90
C GLY B 317 33.34 -13.14 25.11
N PHE B 318 33.34 -12.29 26.14
CA PHE B 318 34.02 -12.63 27.39
C PHE B 318 33.32 -13.76 28.13
N LYS B 319 31.99 -13.83 28.04
CA LYS B 319 31.24 -14.94 28.62
C LYS B 319 31.55 -16.24 27.89
N TYR B 320 31.69 -16.19 26.57
CA TYR B 320 32.07 -17.38 25.81
C TYR B 320 33.49 -17.81 26.14
N CYS B 321 34.39 -16.86 26.36
CA CYS B 321 35.76 -17.19 26.76
C CYS B 321 35.80 -17.83 28.15
N LEU B 322 35.05 -17.28 29.09
CA LEU B 322 34.96 -17.85 30.44
C LEU B 322 34.33 -19.24 30.43
N MET B 323 33.31 -19.44 29.57
CA MET B 323 32.65 -20.73 29.46
C MET B 323 33.58 -21.77 28.83
N GLU B 324 34.29 -21.39 27.76
CA GLU B 324 35.22 -22.31 27.11
C GLU B 324 36.40 -22.63 28.00
N HIS B 325 36.77 -21.72 28.90
CA HIS B 325 37.83 -22.02 29.85
C HIS B 325 37.34 -23.00 30.91
N PHE B 326 36.24 -22.67 31.59
CA PHE B 326 35.78 -23.49 32.70
C PHE B 326 35.14 -24.80 32.28
N PHE B 327 34.81 -24.98 30.99
CA PHE B 327 34.22 -26.23 30.52
C PHE B 327 35.26 -27.24 30.07
N GLY B 328 36.46 -27.19 30.64
CA GLY B 328 37.46 -28.21 30.40
C GLY B 328 37.47 -29.35 31.38
N GLY B 329 36.68 -29.26 32.44
CA GLY B 329 36.61 -30.32 33.42
C GLY B 329 36.55 -29.80 34.85
N ASN B 330 36.51 -30.72 35.82
CA ASN B 330 36.48 -30.33 37.23
C ASN B 330 37.83 -29.82 37.74
N ALA B 331 38.90 -30.01 36.97
CA ALA B 331 40.20 -29.52 37.38
C ALA B 331 40.26 -28.00 37.31
N PHE B 332 39.57 -27.41 36.34
CA PHE B 332 39.52 -25.96 36.19
C PHE B 332 38.55 -25.30 37.15
N ALA B 333 37.86 -26.07 37.99
CA ALA B 333 36.98 -25.54 39.03
C ALA B 333 37.73 -25.05 40.25
N LEU B 334 39.06 -25.16 40.27
CA LEU B 334 39.87 -24.66 41.37
C LEU B 334 40.15 -23.17 41.25
N CYS B 335 39.65 -22.52 40.20
CA CYS B 335 39.94 -21.12 39.90
C CYS B 335 38.96 -20.23 40.67
N THR B 336 39.16 -20.16 41.98
CA THR B 336 38.38 -19.30 42.87
C THR B 336 39.34 -18.83 43.96
N ASP B 337 38.78 -18.36 45.09
CA ASP B 337 39.58 -17.97 46.24
C ASP B 337 40.15 -19.20 46.95
N TYR B 338 40.83 -18.94 48.07
CA TYR B 338 41.71 -19.95 48.65
C TYR B 338 40.95 -21.09 49.33
N SER B 339 39.91 -20.76 50.10
CA SER B 339 39.22 -21.79 50.88
C SER B 339 38.36 -22.69 50.00
N LYS B 340 37.68 -22.09 49.02
CA LYS B 340 36.87 -22.89 48.09
C LYS B 340 37.75 -23.77 47.20
N ALA B 341 38.92 -23.27 46.80
CA ALA B 341 39.83 -24.09 46.01
C ALA B 341 40.42 -25.22 46.84
N LEU B 342 40.68 -24.97 48.13
CA LEU B 342 41.17 -26.04 49.00
C LEU B 342 40.10 -27.11 49.21
N GLY B 343 38.84 -26.70 49.36
CA GLY B 343 37.76 -27.67 49.42
C GLY B 343 37.60 -28.48 48.14
N ARG B 344 37.73 -27.80 46.99
CA ARG B 344 37.64 -28.51 45.71
C ARG B 344 38.82 -29.43 45.47
N ILE B 345 39.98 -29.13 46.06
CA ILE B 345 41.08 -30.09 46.11
C ILE B 345 40.66 -31.31 46.93
N LYS B 346 40.06 -31.08 48.09
CA LYS B 346 39.66 -32.19 48.96
C LYS B 346 38.53 -33.04 48.40
N GLN B 347 37.77 -32.53 47.42
CA GLN B 347 36.77 -33.34 46.73
C GLN B 347 37.20 -33.82 45.35
N LEU B 348 38.46 -33.65 44.96
CA LEU B 348 38.85 -33.87 43.58
C LEU B 348 39.06 -35.35 43.27
N THR B 349 38.84 -35.71 42.00
CA THR B 349 38.97 -37.09 41.52
C THR B 349 40.32 -37.30 40.84
N HIS B 350 40.47 -38.44 40.17
CA HIS B 350 41.73 -38.87 39.57
C HIS B 350 41.98 -38.27 38.19
N GLU B 351 40.95 -38.13 37.36
CA GLU B 351 41.15 -37.65 35.99
C GLU B 351 41.47 -36.15 35.97
N ASP B 352 41.09 -35.43 37.02
CA ASP B 352 41.41 -34.00 37.09
C ASP B 352 42.89 -33.77 37.33
N MET B 353 43.52 -34.62 38.16
CA MET B 353 44.97 -34.59 38.27
C MET B 353 45.62 -35.03 36.96
N GLU B 354 44.97 -35.94 36.23
CA GLU B 354 45.50 -36.39 34.95
C GLU B 354 45.44 -35.30 33.88
N THR B 355 44.49 -34.37 33.99
CA THR B 355 44.47 -33.27 33.02
C THR B 355 45.18 -32.02 33.50
N ILE B 356 45.48 -31.90 34.81
CA ILE B 356 46.47 -30.89 35.21
C ILE B 356 47.89 -31.38 35.06
N ARG B 357 48.09 -32.68 34.83
CA ARG B 357 49.43 -33.17 34.50
C ARG B 357 49.82 -32.83 33.07
N ARG B 358 48.84 -32.72 32.17
CA ARG B 358 49.12 -32.57 30.74
C ARG B 358 49.40 -31.13 30.35
N LEU B 359 49.02 -30.16 31.17
CA LEU B 359 49.20 -28.75 30.80
C LEU B 359 50.68 -28.37 30.82
N PRO B 360 51.13 -27.54 29.86
CA PRO B 360 52.58 -27.43 29.61
C PRO B 360 53.37 -26.72 30.70
N SER B 361 52.74 -25.94 31.58
CA SER B 361 53.47 -25.30 32.65
C SER B 361 53.75 -26.25 33.82
N PHE B 362 53.22 -27.47 33.78
CA PHE B 362 53.42 -28.42 34.87
C PHE B 362 54.77 -29.13 34.77
N ARG B 363 55.23 -29.41 33.55
CA ARG B 363 56.47 -30.16 33.31
C ARG B 363 57.75 -29.45 33.76
N PRO B 364 57.95 -28.12 33.57
CA PRO B 364 59.13 -27.50 34.17
C PRO B 364 59.11 -27.44 35.69
N TYR B 365 57.94 -27.57 36.32
CA TYR B 365 57.91 -27.75 37.77
C TYR B 365 58.44 -29.12 38.16
N VAL B 366 58.28 -30.11 37.29
CA VAL B 366 58.81 -31.44 37.56
C VAL B 366 60.32 -31.48 37.29
N GLU B 367 60.76 -30.87 36.19
CA GLU B 367 62.17 -30.93 35.81
C GLU B 367 63.07 -30.10 36.73
N GLN B 368 62.51 -29.17 37.50
CA GLN B 368 63.31 -28.32 38.38
C GLN B 368 63.57 -28.93 39.75
N ILE B 369 62.89 -30.02 40.10
CA ILE B 369 63.09 -30.68 41.39
C ILE B 369 64.44 -31.38 41.45
N ILE B 375 59.61 -36.73 41.98
CA ILE B 375 59.78 -37.13 40.59
C ILE B 375 59.17 -38.51 40.36
N ILE B 376 59.48 -39.45 41.25
CA ILE B 376 58.91 -40.78 41.12
C ILE B 376 57.48 -40.80 41.68
N ALA B 377 57.11 -39.80 42.48
CA ALA B 377 55.78 -39.73 43.06
C ALA B 377 54.88 -38.72 42.37
N VAL B 378 55.44 -37.84 41.53
CA VAL B 378 54.66 -36.77 40.92
C VAL B 378 53.80 -37.33 39.77
N LEU B 379 54.42 -38.11 38.90
CA LEU B 379 53.86 -38.34 37.57
C LEU B 379 52.71 -39.33 37.53
N THR B 380 52.61 -40.25 38.50
CA THR B 380 51.55 -41.25 38.46
C THR B 380 50.82 -41.46 39.79
N ASP B 381 51.43 -41.14 40.94
CA ASP B 381 50.94 -41.66 42.21
C ASP B 381 49.71 -40.94 42.74
N ASP B 382 49.37 -39.78 42.19
CA ASP B 382 48.11 -39.05 42.32
C ASP B 382 47.88 -38.45 43.72
N ASP B 383 48.69 -38.79 44.72
CA ASP B 383 48.53 -38.25 46.06
C ASP B 383 49.63 -37.28 46.47
N TYR B 384 50.83 -37.47 45.92
CA TYR B 384 51.89 -36.48 46.08
C TYR B 384 51.48 -35.15 45.48
N LEU B 385 50.88 -35.18 44.29
CA LEU B 385 50.34 -33.96 43.70
C LEU B 385 49.13 -33.45 44.49
N LYS B 386 48.33 -34.36 45.06
CA LYS B 386 47.16 -33.94 45.82
C LYS B 386 47.55 -33.22 47.11
N LYS B 387 48.70 -33.55 47.68
CA LYS B 387 49.19 -32.78 48.82
C LYS B 387 50.08 -31.61 48.40
N LYS B 388 50.57 -31.60 47.16
CA LYS B 388 51.44 -30.51 46.73
C LYS B 388 50.69 -29.36 46.06
N LEU B 389 49.43 -29.56 45.65
CA LEU B 389 48.68 -28.51 44.95
C LEU B 389 48.44 -27.18 45.68
N PRO B 390 48.10 -27.11 46.98
CA PRO B 390 47.75 -25.79 47.56
C PRO B 390 48.89 -24.78 47.58
N GLN B 391 50.15 -25.23 47.65
CA GLN B 391 51.28 -24.32 47.52
C GLN B 391 51.34 -23.70 46.12
N LEU B 392 51.09 -24.51 45.08
CA LEU B 392 51.06 -23.99 43.72
C LEU B 392 49.88 -23.04 43.51
N LEU B 393 48.74 -23.35 44.12
CA LEU B 393 47.57 -22.47 43.97
C LEU B 393 47.78 -21.13 44.64
N ARG B 394 48.30 -21.12 45.88
CA ARG B 394 48.58 -19.85 46.54
C ARG B 394 49.72 -19.09 45.84
N ASP B 395 50.65 -19.83 45.20
CA ASP B 395 51.71 -19.18 44.44
C ASP B 395 51.16 -18.43 43.23
N CYS B 396 50.27 -19.08 42.47
CA CYS B 396 49.69 -18.40 41.31
C CYS B 396 48.79 -17.24 41.71
N LEU B 397 48.00 -17.40 42.80
CA LEU B 397 47.15 -16.31 43.26
C LEU B 397 47.96 -15.11 43.73
N LEU B 398 49.01 -15.35 44.51
CA LEU B 398 49.86 -14.26 44.98
C LEU B 398 50.63 -13.62 43.83
N HIS B 399 51.03 -14.43 42.83
CA HIS B 399 51.73 -13.89 41.68
C HIS B 399 50.83 -12.96 40.87
N PHE B 400 49.56 -13.31 40.71
CA PHE B 400 48.67 -12.42 39.97
C PHE B 400 48.31 -11.17 40.76
N LEU B 401 48.23 -11.26 42.10
CA LEU B 401 47.99 -10.06 42.91
C LEU B 401 49.17 -9.10 42.85
N LEU B 402 50.40 -9.61 42.99
CA LEU B 402 51.58 -8.78 42.82
C LEU B 402 51.72 -8.26 41.40
N PHE B 403 51.23 -9.02 40.40
CA PHE B 403 51.22 -8.54 39.03
C PHE B 403 50.33 -7.32 38.87
N ARG B 404 49.13 -7.37 39.44
CA ARG B 404 48.21 -6.23 39.35
C ARG B 404 48.77 -5.00 40.08
N CYS B 405 49.38 -5.21 41.26
CA CYS B 405 49.94 -4.07 42.00
C CYS B 405 51.15 -3.46 41.30
N SER B 406 52.04 -4.30 40.76
CA SER B 406 53.18 -3.80 39.99
C SER B 406 52.73 -3.10 38.71
N LEU B 407 51.65 -3.60 38.10
CA LEU B 407 51.11 -2.94 36.92
C LEU B 407 50.56 -1.56 37.26
N GLU B 408 49.91 -1.42 38.41
CA GLU B 408 49.42 -0.11 38.87
C GLU B 408 50.57 0.86 39.10
N PHE B 409 51.64 0.38 39.77
CA PHE B 409 52.83 1.20 40.02
C PHE B 409 53.46 1.67 38.71
N LEU B 410 53.63 0.75 37.75
CA LEU B 410 54.33 1.12 36.54
C LEU B 410 53.46 1.96 35.62
N THR B 411 52.13 1.81 35.67
CA THR B 411 51.32 2.69 34.83
C THR B 411 51.19 4.08 35.44
N GLU B 412 51.35 4.22 36.76
CA GLU B 412 51.46 5.58 37.29
C GLU B 412 52.84 6.17 36.96
N LEU B 413 53.87 5.33 36.90
CA LEU B 413 55.20 5.86 36.58
C LEU B 413 55.34 6.28 35.12
N VAL B 414 54.71 5.55 34.20
CA VAL B 414 54.91 5.81 32.77
C VAL B 414 53.69 6.54 32.20
N GLY B 415 52.61 6.64 32.97
CA GLY B 415 51.39 7.26 32.48
C GLY B 415 51.49 8.75 32.24
N ASP B 416 52.16 9.48 33.13
CA ASP B 416 52.35 10.92 32.93
C ASP B 416 53.57 11.24 32.08
N LEU B 417 54.34 10.22 31.70
CA LEU B 417 55.47 10.43 30.81
C LEU B 417 54.98 10.77 29.40
N PRO B 418 55.64 11.69 28.71
CA PRO B 418 55.29 11.94 27.31
C PRO B 418 55.71 10.80 26.39
N ARG B 419 55.12 10.81 25.20
CA ARG B 419 55.40 10.00 24.00
C ARG B 419 54.94 8.55 24.12
N CYS B 420 54.62 8.09 25.36
CA CYS B 420 54.00 6.82 25.74
C CYS B 420 54.52 5.59 24.99
N PRO B 421 55.75 5.14 25.25
CA PRO B 421 56.26 3.97 24.49
C PRO B 421 55.60 2.66 24.87
N LEU B 422 55.04 2.58 26.07
CA LEU B 422 54.37 1.37 26.53
C LEU B 422 52.85 1.50 26.55
N GLY B 423 52.33 2.71 26.41
CA GLY B 423 50.90 2.97 26.49
C GLY B 423 50.54 3.85 27.67
N LYS B 424 49.30 4.33 27.65
CA LYS B 424 48.81 5.25 28.66
C LYS B 424 48.11 4.54 29.80
N LEU B 425 47.09 3.73 29.49
CA LEU B 425 46.25 3.14 30.52
C LEU B 425 46.82 1.79 30.98
N ARG B 426 46.06 1.13 31.86
CA ARG B 426 46.48 -0.13 32.45
C ARG B 426 46.43 -1.27 31.45
N ARG B 427 45.54 -1.19 30.46
CA ARG B 427 45.23 -2.34 29.62
C ARG B 427 46.34 -2.60 28.59
N GLU B 428 46.88 -1.55 27.99
CA GLU B 428 47.95 -1.73 27.00
C GLU B 428 49.23 -2.21 27.66
N LEU B 429 49.52 -1.71 28.86
CA LEU B 429 50.63 -2.21 29.64
C LEU B 429 50.38 -3.64 30.11
N TYR B 430 49.11 -4.00 30.35
CA TYR B 430 48.77 -5.36 30.74
C TYR B 430 49.04 -6.35 29.60
N VAL B 431 48.66 -5.97 28.38
CA VAL B 431 48.97 -6.79 27.20
C VAL B 431 50.48 -6.88 26.98
N ASN B 432 51.18 -5.75 27.07
CA ASN B 432 52.61 -5.74 26.80
C ASN B 432 53.41 -6.40 27.91
N CYS B 433 52.83 -6.54 29.09
CA CYS B 433 53.53 -7.18 30.20
C CYS B 433 53.19 -8.65 30.37
N LEU B 434 52.05 -9.10 29.84
CA LEU B 434 51.78 -10.53 29.79
C LEU B 434 52.25 -11.19 28.51
N ASN B 435 52.47 -10.41 27.44
CA ASN B 435 52.83 -11.02 26.17
C ASN B 435 54.27 -11.53 26.17
N ARG B 436 55.22 -10.73 26.64
CA ARG B 436 56.62 -10.99 26.41
C ARG B 436 57.44 -10.49 27.59
N ALA B 437 58.75 -10.71 27.50
CA ALA B 437 59.67 -10.18 28.50
C ALA B 437 59.75 -8.67 28.36
N ILE B 438 59.30 -7.95 29.40
CA ILE B 438 59.15 -6.52 29.28
C ILE B 438 60.51 -5.80 29.38
N ILE B 439 61.48 -6.38 30.09
CA ILE B 439 62.78 -5.74 30.19
C ILE B 439 63.63 -6.05 28.96
N SER B 440 63.45 -7.23 28.36
CA SER B 440 64.16 -7.58 27.13
C SER B 440 63.60 -6.86 25.91
N THR B 441 62.47 -6.17 26.04
CA THR B 441 61.87 -5.42 24.95
C THR B 441 62.58 -4.07 24.81
N PRO B 442 62.87 -3.63 23.57
CA PRO B 442 63.53 -2.34 23.38
C PRO B 442 62.67 -1.13 23.77
N GLU B 443 61.35 -1.30 23.89
CA GLU B 443 60.50 -0.17 24.28
C GLU B 443 60.76 0.25 25.72
N TYR B 444 61.06 -0.71 26.61
CA TYR B 444 61.42 -0.35 27.98
C TYR B 444 62.78 0.34 28.04
N LYS B 445 63.71 -0.02 27.14
CA LYS B 445 64.98 0.67 27.10
C LYS B 445 64.82 2.09 26.57
N GLU B 446 63.94 2.28 25.58
CA GLU B 446 63.61 3.64 25.11
C GLU B 446 62.92 4.44 26.21
N CYS B 447 62.10 3.76 27.02
CA CYS B 447 61.49 4.40 28.18
C CYS B 447 62.54 4.83 29.20
N LEU B 448 63.56 4.00 29.42
CA LEU B 448 64.63 4.36 30.35
C LEU B 448 65.47 5.51 29.80
N GLN B 449 65.70 5.54 28.49
CA GLN B 449 66.41 6.65 27.86
C GLN B 449 65.64 7.96 28.01
N MET B 450 64.31 7.91 27.90
CA MET B 450 63.54 9.14 28.04
C MET B 450 63.32 9.52 29.51
N LEU B 451 63.30 8.57 30.44
CA LEU B 451 63.29 8.90 31.86
C LEU B 451 64.62 9.45 32.33
N SER B 452 65.72 9.11 31.65
CA SER B 452 67.00 9.70 32.01
C SER B 452 67.18 11.10 31.45
N PHE B 453 66.39 11.49 30.45
CA PHE B 453 66.52 12.79 29.81
C PHE B 453 65.79 13.90 30.55
N LEU B 454 65.12 13.60 31.65
CA LEU B 454 64.37 14.60 32.41
C LEU B 454 65.21 15.12 33.58
N SER B 455 64.67 16.12 34.26
CA SER B 455 65.33 16.69 35.43
C SER B 455 65.12 15.80 36.65
N LYS B 456 65.55 16.30 37.81
CA LYS B 456 65.36 15.55 39.05
C LYS B 456 64.02 15.86 39.70
N ASP B 457 63.48 17.05 39.44
CA ASP B 457 62.22 17.47 40.07
C ASP B 457 61.04 16.67 39.54
N GLU B 458 60.95 16.52 38.20
CA GLU B 458 59.86 15.77 37.61
C GLU B 458 59.96 14.28 37.94
N PHE B 459 61.17 13.74 38.01
CA PHE B 459 61.38 12.35 38.38
C PHE B 459 60.96 12.10 39.82
N VAL B 460 61.36 13.00 40.73
CA VAL B 460 61.01 12.88 42.15
C VAL B 460 59.50 12.99 42.34
N ALA B 461 58.87 13.95 41.65
CA ALA B 461 57.42 14.12 41.77
C ALA B 461 56.65 12.91 41.24
N LYS B 462 57.14 12.33 40.13
CA LYS B 462 56.48 11.17 39.55
C LYS B 462 56.63 9.93 40.43
N VAL B 463 57.81 9.73 41.03
CA VAL B 463 57.95 8.54 41.87
C VAL B 463 57.23 8.71 43.21
N ASN B 464 57.08 9.94 43.72
CA ASN B 464 56.24 10.14 44.90
C ASN B 464 54.77 9.89 44.59
N ARG B 465 54.32 10.34 43.40
CA ARG B 465 52.95 10.05 42.99
C ARG B 465 52.71 8.56 42.81
N ALA B 466 53.73 7.84 42.31
CA ALA B 466 53.63 6.39 42.15
C ALA B 466 53.57 5.68 43.50
N LEU B 467 54.37 6.13 44.48
CA LEU B 467 54.34 5.55 45.82
C LEU B 467 52.99 5.77 46.49
N GLU B 468 52.45 7.00 46.40
CA GLU B 468 51.17 7.29 47.02
C GLU B 468 50.03 6.53 46.37
N ARG B 469 50.04 6.43 45.02
CA ARG B 469 48.98 5.69 44.33
C ARG B 469 49.05 4.20 44.61
N THR B 470 50.25 3.63 44.68
CA THR B 470 50.39 2.21 44.94
C THR B 470 49.98 1.87 46.38
N GLU B 471 50.31 2.74 47.34
CA GLU B 471 49.86 2.50 48.71
C GLU B 471 48.35 2.66 48.85
N GLN B 472 47.75 3.60 48.10
CA GLN B 472 46.30 3.76 48.14
C GLN B 472 45.60 2.57 47.51
N PHE B 473 46.14 2.06 46.40
CA PHE B 473 45.59 0.88 45.75
C PHE B 473 45.77 -0.37 46.61
N LEU B 474 46.85 -0.42 47.41
CA LEU B 474 47.03 -1.55 48.31
C LEU B 474 46.11 -1.48 49.52
N VAL B 475 45.79 -0.28 50.01
CA VAL B 475 44.95 -0.21 51.21
C VAL B 475 43.47 -0.32 50.83
N GLU B 476 43.08 0.10 49.62
CA GLU B 476 41.66 0.09 49.30
C GLU B 476 41.19 -1.24 48.72
N GLU B 477 41.85 -1.75 47.69
CA GLU B 477 41.31 -2.87 46.93
C GLU B 477 42.00 -4.19 47.25
N ILE B 478 43.23 -4.17 47.74
CA ILE B 478 43.92 -5.41 48.09
C ILE B 478 43.54 -5.89 49.49
N ALA B 479 43.31 -4.97 50.43
CA ALA B 479 43.09 -5.28 51.84
C ALA B 479 41.83 -6.10 52.17
N PRO B 480 40.63 -5.88 51.60
CA PRO B 480 39.53 -6.81 51.89
C PRO B 480 39.66 -8.16 51.21
N LEU B 481 40.56 -8.29 50.25
CA LEU B 481 40.69 -9.52 49.48
C LEU B 481 41.42 -10.57 50.30
N GLU B 482 40.91 -11.81 50.25
CA GLU B 482 41.53 -12.90 51.00
C GLU B 482 42.82 -13.33 50.33
N LEU B 483 43.75 -13.83 51.16
CA LEU B 483 45.17 -14.01 50.80
C LEU B 483 45.76 -12.71 50.26
N GLY B 484 45.43 -11.60 50.93
CA GLY B 484 45.94 -10.30 50.55
C GLY B 484 46.88 -9.73 51.58
N GLU B 485 46.92 -10.35 52.77
CA GLU B 485 47.84 -9.92 53.81
C GLU B 485 49.27 -10.24 53.44
N ALA B 486 49.50 -11.44 52.88
CA ALA B 486 50.84 -11.82 52.43
C ALA B 486 51.26 -11.01 51.21
N CYS B 487 50.30 -10.57 50.40
CA CYS B 487 50.58 -9.70 49.26
C CYS B 487 51.20 -8.38 49.69
N THR B 488 50.56 -7.71 50.65
CA THR B 488 51.12 -6.47 51.19
C THR B 488 52.40 -6.71 51.96
N ALA B 489 52.48 -7.81 52.73
CA ALA B 489 53.66 -8.09 53.53
C ALA B 489 54.87 -8.46 52.66
N VAL B 490 54.64 -8.89 51.42
CA VAL B 490 55.74 -9.13 50.51
C VAL B 490 56.10 -7.88 49.70
N LEU B 491 55.10 -7.13 49.22
CA LEU B 491 55.43 -6.04 48.30
C LEU B 491 55.82 -4.75 49.03
N ARG B 492 55.39 -4.56 50.29
CA ARG B 492 55.67 -3.32 51.01
C ARG B 492 57.12 -3.04 51.39
N PRO B 493 57.96 -4.02 51.81
CA PRO B 493 59.39 -3.68 52.02
C PRO B 493 60.12 -3.30 50.74
N LYS B 494 59.70 -3.82 49.59
CA LYS B 494 60.22 -3.33 48.33
C LYS B 494 59.85 -1.87 48.10
N LEU B 495 58.62 -1.48 48.47
CA LEU B 495 58.23 -0.07 48.38
C LEU B 495 58.99 0.78 49.38
N GLU B 496 59.35 0.23 50.54
CA GLU B 496 60.19 0.96 51.48
C GLU B 496 61.59 1.17 50.90
N ALA B 497 62.09 0.19 50.15
CA ALA B 497 63.37 0.36 49.45
C ALA B 497 63.27 1.44 48.38
N ILE B 498 62.16 1.48 47.63
CA ILE B 498 61.97 2.52 46.62
C ILE B 498 61.89 3.90 47.30
N ARG B 499 61.13 4.01 48.39
CA ARG B 499 60.96 5.28 49.09
C ARG B 499 62.26 5.76 49.74
N LEU B 500 63.09 4.85 50.25
CA LEU B 500 64.38 5.28 50.77
C LEU B 500 65.31 5.70 49.65
N ALA B 501 65.20 5.09 48.46
CA ALA B 501 65.96 5.59 47.31
C ALA B 501 65.50 6.98 46.90
N VAL B 502 64.20 7.27 47.00
CA VAL B 502 63.72 8.62 46.77
C VAL B 502 64.25 9.57 47.83
N ASP B 503 64.39 9.09 49.06
CA ASP B 503 64.89 9.92 50.15
C ASP B 503 66.37 10.25 49.95
N GLU B 504 67.17 9.29 49.46
CA GLU B 504 68.57 9.61 49.19
C GLU B 504 68.74 10.42 47.89
N VAL B 505 67.80 10.36 46.95
CA VAL B 505 68.00 11.22 45.77
C VAL B 505 67.51 12.64 46.07
N VAL B 506 66.56 12.81 47.00
CA VAL B 506 66.16 14.17 47.34
C VAL B 506 67.15 14.78 48.33
N LYS B 507 67.84 13.96 49.13
CA LYS B 507 68.90 14.50 49.96
C LYS B 507 70.18 14.77 49.18
N ALA B 508 70.41 14.03 48.09
CA ALA B 508 71.61 14.22 47.29
C ALA B 508 71.36 13.90 45.81
N GLY B 562 72.95 12.60 40.53
CA GLY B 562 72.53 11.99 39.29
C GLY B 562 72.60 10.48 39.32
N ARG B 563 73.51 9.95 40.14
CA ARG B 563 73.65 8.50 40.27
C ARG B 563 72.58 7.88 41.16
N ALA B 564 72.02 8.65 42.09
CA ALA B 564 70.91 8.16 42.90
C ALA B 564 69.62 8.07 42.10
N LEU B 565 69.44 8.90 41.08
CA LEU B 565 68.33 8.75 40.15
C LEU B 565 68.43 7.43 39.38
N GLN B 566 69.63 7.09 38.92
CA GLN B 566 69.86 5.81 38.25
C GLN B 566 69.70 4.66 39.23
N LYS B 567 70.08 4.85 40.50
CA LYS B 567 69.85 3.83 41.51
C LYS B 567 68.37 3.60 41.75
N THR B 568 67.58 4.67 41.75
CA THR B 568 66.14 4.55 41.89
C THR B 568 65.52 3.84 40.68
N LEU B 569 66.01 4.16 39.47
CA LEU B 569 65.50 3.50 38.26
C LEU B 569 65.84 2.01 38.24
N GLN B 570 67.09 1.65 38.60
CA GLN B 570 67.46 0.24 38.62
C GLN B 570 66.79 -0.51 39.77
N LEU B 571 66.46 0.18 40.87
CA LEU B 571 65.78 -0.49 41.97
C LEU B 571 64.31 -0.72 41.63
N ILE B 572 63.69 0.25 40.94
CA ILE B 572 62.35 0.09 40.38
C ILE B 572 62.33 -1.06 39.38
N GLU B 573 63.39 -1.20 38.59
CA GLU B 573 63.53 -2.34 37.69
C GLU B 573 63.63 -3.65 38.47
N THR B 574 64.50 -3.70 39.48
CA THR B 574 64.87 -4.96 40.12
C THR B 574 63.81 -5.50 41.05
N GLN B 575 63.06 -4.65 41.75
CA GLN B 575 62.10 -5.14 42.74
C GLN B 575 60.65 -5.03 42.32
N ILE B 576 60.36 -4.49 41.14
CA ILE B 576 59.00 -4.39 40.62
C ILE B 576 58.90 -5.02 39.23
N VAL B 577 59.83 -4.68 38.34
CA VAL B 577 59.67 -5.04 36.93
C VAL B 577 60.20 -6.46 36.67
N GLN B 578 61.23 -6.88 37.40
CA GLN B 578 61.81 -8.22 37.17
C GLN B 578 60.87 -9.31 37.66
N ASP B 579 60.55 -9.30 38.95
CA ASP B 579 59.93 -10.47 39.57
C ASP B 579 58.40 -10.44 39.54
N HIS B 580 57.77 -9.31 39.83
CA HIS B 580 56.32 -9.22 39.93
C HIS B 580 55.68 -8.82 38.61
N LEU B 581 56.44 -8.78 37.52
CA LEU B 581 55.93 -8.35 36.23
C LEU B 581 56.42 -9.31 35.14
N ARG B 582 56.29 -10.60 35.41
CA ARG B 582 56.73 -11.61 34.47
C ARG B 582 55.77 -11.70 33.27
N ALA B 583 56.22 -12.40 32.24
CA ALA B 583 55.36 -12.71 31.12
C ALA B 583 54.53 -13.95 31.42
N LEU B 584 53.80 -14.41 30.41
CA LEU B 584 53.06 -15.67 30.57
C LEU B 584 53.91 -16.87 30.22
N GLN B 585 55.04 -16.67 29.52
CA GLN B 585 55.96 -17.77 29.29
C GLN B 585 56.90 -17.98 30.46
N ASP B 586 57.25 -16.92 31.19
CA ASP B 586 57.99 -17.02 32.44
C ASP B 586 57.07 -17.10 33.66
N ALA B 587 55.87 -17.62 33.47
CA ALA B 587 54.86 -17.68 34.52
C ALA B 587 55.24 -18.76 35.54
N PRO B 588 54.53 -18.81 36.68
CA PRO B 588 54.72 -19.93 37.63
C PRO B 588 54.24 -21.26 37.09
N PRO B 589 54.29 -22.35 37.90
CA PRO B 589 53.81 -23.66 37.50
C PRO B 589 52.28 -23.78 37.57
N ILE B 590 51.68 -24.58 36.68
CA ILE B 590 50.21 -24.87 36.63
C ILE B 590 49.39 -23.57 36.65
N HIS B 591 49.76 -22.60 35.82
CA HIS B 591 49.04 -21.29 35.74
C HIS B 591 47.90 -21.38 34.73
N GLU B 592 47.77 -22.53 34.03
CA GLU B 592 46.72 -22.72 33.00
C GLU B 592 45.32 -22.62 33.64
N LEU B 593 45.13 -23.22 34.81
CA LEU B 593 43.83 -23.20 35.49
C LEU B 593 43.25 -21.81 35.63
N PHE B 594 44.08 -20.76 35.59
CA PHE B 594 43.63 -19.41 35.91
C PHE B 594 43.62 -18.47 34.71
N VAL B 595 44.53 -18.63 33.76
CA VAL B 595 44.54 -17.80 32.57
C VAL B 595 43.93 -18.59 31.42
N PHE B 596 43.55 -17.89 30.35
CA PHE B 596 42.87 -18.49 29.21
C PHE B 596 43.58 -18.03 27.94
N SER B 597 44.34 -18.92 27.31
CA SER B 597 45.13 -18.57 26.15
C SER B 597 44.65 -19.20 24.85
N ASP B 598 43.61 -20.03 24.90
CA ASP B 598 43.08 -20.70 23.71
C ASP B 598 42.37 -19.65 22.85
N ILE B 599 43.03 -19.26 21.76
CA ILE B 599 42.56 -18.11 20.97
C ILE B 599 42.08 -18.51 19.58
N ALA B 600 42.55 -19.64 19.02
CA ALA B 600 42.12 -20.01 17.67
C ALA B 600 40.70 -20.54 17.65
N THR B 601 40.32 -21.33 18.66
CA THR B 601 38.97 -21.87 18.73
C THR B 601 37.94 -20.78 19.00
N VAL B 602 38.25 -19.90 19.96
CA VAL B 602 37.40 -18.75 20.26
C VAL B 602 37.33 -17.80 19.08
N ARG B 603 38.43 -17.64 18.35
CA ARG B 603 38.47 -16.79 17.17
C ARG B 603 37.59 -17.34 16.06
N ARG B 604 37.56 -18.67 15.92
CA ARG B 604 36.67 -19.28 14.94
C ARG B 604 35.21 -19.18 15.36
N ASN B 605 34.94 -19.33 16.66
CA ASN B 605 33.56 -19.46 17.13
C ASN B 605 32.89 -18.14 17.51
N ILE B 606 33.63 -17.04 17.56
CA ILE B 606 33.00 -15.75 17.81
C ILE B 606 32.89 -14.99 16.49
N ILE B 607 34.03 -14.70 15.89
CA ILE B 607 34.03 -14.04 14.58
C ILE B 607 33.70 -15.06 13.52
N GLY B 608 32.69 -14.78 12.71
CA GLY B 608 32.22 -15.71 11.71
C GLY B 608 32.73 -15.37 10.33
N ALA B 609 33.42 -16.34 9.73
CA ALA B 609 34.01 -16.17 8.40
C ALA B 609 33.45 -17.26 7.49
N PRO B 610 32.26 -17.06 6.92
CA PRO B 610 31.72 -18.07 5.99
C PRO B 610 32.50 -18.15 4.70
N ARG B 611 32.94 -17.02 4.16
CA ARG B 611 33.60 -17.01 2.87
C ARG B 611 34.99 -17.60 2.92
N ALA B 612 35.66 -17.53 4.07
CA ALA B 612 36.96 -18.18 4.22
C ALA B 612 36.82 -19.69 4.17
N ALA B 613 35.80 -20.24 4.84
CA ALA B 613 35.57 -21.68 4.81
C ALA B 613 35.10 -22.14 3.44
N LEU B 614 34.27 -21.34 2.77
CA LEU B 614 33.84 -21.69 1.42
C LEU B 614 34.99 -21.62 0.43
N HIS B 615 35.86 -20.61 0.57
CA HIS B 615 37.03 -20.46 -0.29
C HIS B 615 38.02 -21.60 -0.08
N THR B 616 38.20 -22.03 1.17
CA THR B 616 39.09 -23.15 1.45
C THR B 616 38.51 -24.47 0.95
N ALA B 617 37.20 -24.68 1.11
CA ALA B 617 36.61 -25.91 0.65
C ALA B 617 36.44 -25.97 -0.86
N LEU B 618 36.49 -24.82 -1.55
CA LEU B 618 36.46 -24.82 -3.01
C LEU B 618 37.84 -24.69 -3.64
N ASN B 619 38.87 -24.32 -2.87
CA ASN B 619 40.22 -24.26 -3.40
C ASN B 619 40.95 -25.58 -3.20
N ASN B 620 41.05 -26.05 -1.96
CA ASN B 620 41.59 -27.38 -1.67
C ASN B 620 40.59 -28.14 -0.81
N PRO B 621 39.85 -29.10 -1.38
CA PRO B 621 38.98 -29.95 -0.55
C PRO B 621 39.75 -30.89 0.35
N HIS B 622 41.03 -31.13 0.07
CA HIS B 622 41.91 -31.93 0.90
C HIS B 622 42.03 -31.40 2.33
N PHE B 623 41.81 -30.09 2.53
CA PHE B 623 41.80 -29.55 3.89
C PHE B 623 40.63 -30.08 4.71
N TYR B 624 39.52 -30.42 4.06
CA TYR B 624 38.35 -30.93 4.78
C TYR B 624 38.17 -32.43 4.61
N MET B 625 38.32 -32.95 3.39
CA MET B 625 38.14 -34.37 3.16
C MET B 625 39.27 -35.20 3.77
N GLN B 626 40.49 -34.65 3.78
CA GLN B 626 41.71 -35.30 4.28
C GLN B 626 41.96 -36.63 3.59
N CYS B 627 41.73 -36.67 2.29
CA CYS B 627 41.97 -37.86 1.50
C CYS B 627 43.46 -38.02 1.23
N LYS B 628 43.86 -39.25 0.92
CA LYS B 628 45.23 -39.55 0.55
C LYS B 628 45.46 -39.42 -0.96
N CYS B 629 44.51 -38.82 -1.67
CA CYS B 629 44.55 -38.69 -3.12
C CYS B 629 44.29 -37.27 -3.62
N CYS B 630 43.46 -36.48 -2.94
CA CYS B 630 43.06 -35.15 -3.39
C CYS B 630 44.05 -34.06 -2.97
N GLU B 631 45.29 -34.38 -2.65
CA GLU B 631 46.23 -33.38 -2.16
C GLU B 631 46.69 -32.46 -3.29
N LEU B 632 46.97 -31.21 -2.95
CA LEU B 632 47.43 -30.20 -3.90
C LEU B 632 48.70 -29.56 -3.37
N GLN B 633 49.71 -29.43 -4.23
CA GLN B 633 50.93 -28.73 -3.84
C GLN B 633 50.71 -27.22 -3.84
N ASP B 634 50.11 -26.70 -4.90
CA ASP B 634 49.68 -25.31 -4.96
C ASP B 634 48.18 -25.29 -5.23
N GLN B 635 47.56 -24.13 -5.04
CA GLN B 635 46.11 -24.03 -4.99
C GLN B 635 45.44 -23.98 -6.36
N SER B 636 46.15 -24.28 -7.44
CA SER B 636 45.56 -24.29 -8.77
C SER B 636 46.04 -25.47 -9.62
N LEU B 637 46.34 -26.61 -9.01
CA LEU B 637 46.86 -27.74 -9.77
C LEU B 637 45.78 -28.43 -10.59
N LEU B 638 44.58 -28.55 -10.02
CA LEU B 638 43.39 -29.17 -10.66
C LEU B 638 43.70 -30.62 -11.07
N VAL B 639 43.86 -31.45 -10.03
CA VAL B 639 44.11 -32.88 -10.23
C VAL B 639 42.78 -33.58 -10.50
N GLY B 640 42.87 -34.84 -10.94
CA GLY B 640 41.68 -35.54 -11.41
C GLY B 640 40.83 -36.16 -10.32
N THR B 641 41.38 -36.33 -9.11
CA THR B 641 40.64 -36.93 -8.02
C THR B 641 39.91 -35.88 -7.18
N LEU B 642 39.79 -34.65 -7.68
CA LEU B 642 39.04 -33.61 -7.00
C LEU B 642 37.55 -33.91 -7.07
N PRO B 643 36.77 -33.35 -6.14
CA PRO B 643 35.31 -33.37 -6.30
C PRO B 643 34.85 -32.53 -7.48
N ASP B 644 33.54 -32.65 -7.76
CA ASP B 644 32.99 -32.07 -8.97
C ASP B 644 32.88 -30.56 -8.90
N LEU B 645 32.30 -30.03 -7.80
CA LEU B 645 32.08 -28.60 -7.67
C LEU B 645 33.39 -27.83 -7.55
N SER B 646 34.42 -28.46 -6.99
CA SER B 646 35.74 -27.83 -6.95
C SER B 646 36.32 -27.65 -8.35
N VAL B 647 36.14 -28.64 -9.22
CA VAL B 647 36.63 -28.55 -10.58
C VAL B 647 35.86 -27.50 -11.38
N VAL B 648 34.53 -27.44 -11.18
CA VAL B 648 33.72 -26.44 -11.89
C VAL B 648 34.02 -25.02 -11.39
N TYR B 649 34.30 -24.87 -10.09
CA TYR B 649 34.67 -23.56 -9.56
C TYR B 649 36.04 -23.12 -10.05
N LYS B 650 37.00 -24.04 -10.12
CA LYS B 650 38.31 -23.71 -10.67
C LYS B 650 38.24 -23.43 -12.16
N LEU B 651 37.29 -24.05 -12.86
CA LEU B 651 37.18 -23.89 -14.30
C LEU B 651 36.47 -22.60 -14.68
N HIS B 652 35.52 -22.14 -13.86
CA HIS B 652 34.91 -20.84 -14.12
C HIS B 652 35.67 -19.70 -13.47
N LEU B 653 36.58 -20.00 -12.53
CA LEU B 653 37.34 -18.97 -11.84
C LEU B 653 38.33 -18.29 -12.77
N GLU B 654 38.88 -19.03 -13.72
CA GLU B 654 39.87 -18.47 -14.64
C GLU B 654 39.24 -17.81 -15.86
N CYS B 655 37.95 -18.00 -16.10
CA CYS B 655 37.29 -17.42 -17.25
C CYS B 655 36.98 -15.95 -17.00
N GLY B 656 36.42 -15.31 -18.02
CA GLY B 656 36.04 -13.91 -17.94
C GLY B 656 34.73 -13.70 -17.21
N ARG B 657 34.14 -12.53 -17.44
CA ARG B 657 32.89 -12.18 -16.77
C ARG B 657 31.72 -13.00 -17.31
N MET B 658 31.50 -12.94 -18.61
CA MET B 658 30.45 -13.75 -19.22
C MET B 658 30.92 -15.19 -19.39
N ILE B 659 30.04 -16.13 -19.06
CA ILE B 659 30.34 -17.56 -19.15
C ILE B 659 29.39 -18.19 -20.14
N ASN B 660 29.93 -18.89 -21.13
CA ASN B 660 29.14 -19.72 -22.02
C ASN B 660 28.98 -21.12 -21.43
N LEU B 661 27.84 -21.75 -21.72
CA LEU B 661 27.65 -23.14 -21.30
C LEU B 661 28.51 -24.11 -22.10
N PHE B 662 28.83 -23.76 -23.34
CA PHE B 662 29.43 -24.71 -24.27
C PHE B 662 30.90 -24.98 -23.95
N ASP B 663 31.73 -23.93 -23.93
CA ASP B 663 33.16 -24.14 -23.70
C ASP B 663 33.45 -24.55 -22.26
N TRP B 664 32.61 -24.11 -21.33
CA TRP B 664 32.73 -24.52 -19.93
C TRP B 664 32.37 -25.99 -19.76
N LEU B 665 31.31 -26.45 -20.46
CA LEU B 665 30.97 -27.87 -20.45
C LEU B 665 32.05 -28.70 -21.15
N GLN B 666 32.63 -28.18 -22.24
CA GLN B 666 33.63 -28.94 -22.97
C GLN B 666 34.94 -29.02 -22.21
N ALA B 667 35.30 -27.95 -21.49
CA ALA B 667 36.51 -27.99 -20.66
C ALA B 667 36.30 -28.88 -19.44
N PHE B 668 35.07 -28.92 -18.91
CA PHE B 668 34.75 -29.89 -17.85
C PHE B 668 34.84 -31.33 -18.36
N ARG B 669 34.43 -31.57 -19.62
CA ARG B 669 34.63 -32.89 -20.20
C ARG B 669 36.11 -33.16 -20.47
N SER B 670 36.89 -32.11 -20.71
CA SER B 670 38.32 -32.26 -20.88
C SER B 670 39.02 -32.62 -19.57
N VAL B 671 38.47 -32.20 -18.44
CA VAL B 671 39.06 -32.53 -17.15
C VAL B 671 38.65 -33.91 -16.67
N VAL B 672 37.36 -34.14 -16.48
CA VAL B 672 36.88 -35.38 -15.88
C VAL B 672 36.90 -36.51 -16.89
N PRO B 687 25.19 -37.98 -21.50
CA PRO B 687 25.42 -39.06 -20.55
C PRO B 687 25.01 -38.66 -19.13
N GLN B 688 25.67 -39.25 -18.13
CA GLN B 688 25.50 -38.77 -16.76
C GLN B 688 26.37 -37.58 -16.46
N ILE B 689 27.31 -37.24 -17.35
CA ILE B 689 28.13 -36.06 -17.19
C ILE B 689 27.30 -34.79 -17.36
N GLN B 690 26.24 -34.84 -18.17
CA GLN B 690 25.36 -33.69 -18.31
C GLN B 690 24.54 -33.49 -17.03
N ALA B 691 24.10 -34.57 -16.41
CA ALA B 691 23.40 -34.46 -15.13
C ALA B 691 24.33 -33.99 -14.02
N ARG B 692 25.60 -34.41 -14.06
CA ARG B 692 26.58 -33.93 -13.08
C ARG B 692 26.89 -32.46 -13.29
N PHE B 693 26.96 -32.00 -14.55
CA PHE B 693 27.22 -30.58 -14.78
C PHE B 693 26.02 -29.72 -14.43
N THR B 694 24.80 -30.24 -14.66
CA THR B 694 23.60 -29.53 -14.23
C THR B 694 23.56 -29.43 -12.70
N ARG B 695 23.94 -30.51 -12.01
CA ARG B 695 24.04 -30.50 -10.56
C ARG B 695 25.10 -29.51 -10.08
N ALA B 696 26.20 -29.39 -10.83
CA ALA B 696 27.27 -28.47 -10.42
C ALA B 696 26.88 -27.01 -10.62
N VAL B 697 26.25 -26.68 -11.76
CA VAL B 697 25.85 -25.29 -11.98
C VAL B 697 24.69 -24.93 -11.04
N ALA B 698 23.87 -25.90 -10.65
CA ALA B 698 22.82 -25.63 -9.67
C ALA B 698 23.40 -25.38 -8.28
N GLU B 699 24.38 -26.19 -7.86
CA GLU B 699 24.99 -25.98 -6.55
C GLU B 699 25.80 -24.69 -6.51
N LEU B 700 26.42 -24.31 -7.64
CA LEU B 700 27.27 -23.12 -7.64
C LEU B 700 26.45 -21.84 -7.81
N GLN B 701 25.26 -21.95 -8.41
CA GLN B 701 24.31 -20.84 -8.36
C GLN B 701 23.68 -20.72 -6.98
N PHE B 702 23.54 -21.85 -6.28
CA PHE B 702 22.92 -21.85 -4.95
C PHE B 702 23.77 -21.11 -3.92
N LEU B 703 25.09 -21.12 -4.07
CA LEU B 703 25.97 -20.41 -3.16
C LEU B 703 26.10 -18.94 -3.49
N GLY B 704 25.65 -18.50 -4.66
CA GLY B 704 25.76 -17.12 -5.05
C GLY B 704 26.97 -16.77 -5.89
N TYR B 705 27.66 -17.76 -6.44
CA TYR B 705 28.89 -17.49 -7.19
C TYR B 705 28.61 -17.07 -8.62
N ILE B 706 27.61 -17.68 -9.26
CA ILE B 706 27.17 -17.29 -10.59
C ILE B 706 25.65 -17.16 -10.58
N LYS B 707 25.11 -16.66 -11.67
CA LYS B 707 23.67 -16.49 -11.85
C LYS B 707 23.30 -16.68 -13.31
N MET B 708 22.27 -17.48 -13.54
CA MET B 708 21.68 -17.60 -14.87
C MET B 708 20.83 -16.36 -15.12
N SER B 709 21.21 -15.57 -16.12
CA SER B 709 20.48 -14.35 -16.43
C SER B 709 19.16 -14.67 -17.10
N LYS B 710 18.21 -13.75 -16.94
CA LYS B 710 16.83 -14.02 -17.36
C LYS B 710 16.69 -13.88 -18.86
N ARG B 711 16.38 -15.00 -19.51
CA ARG B 711 16.24 -15.14 -20.97
C ARG B 711 17.49 -14.67 -21.72
N LYS B 712 18.65 -15.05 -21.18
CA LYS B 712 19.89 -15.12 -21.93
C LYS B 712 20.12 -16.63 -22.06
N THR B 713 19.90 -17.14 -23.29
CA THR B 713 19.49 -18.52 -23.55
C THR B 713 20.38 -19.61 -22.94
N ASP B 714 21.69 -19.38 -22.87
CA ASP B 714 22.56 -20.25 -22.11
C ASP B 714 23.64 -19.53 -21.33
N HIS B 715 23.87 -18.23 -21.58
CA HIS B 715 24.98 -17.55 -20.95
C HIS B 715 24.63 -17.10 -19.54
N ALA B 716 25.55 -17.39 -18.61
CA ALA B 716 25.38 -17.08 -17.20
C ALA B 716 26.50 -16.15 -16.76
N THR B 717 26.17 -15.25 -15.84
CA THR B 717 27.09 -14.19 -15.41
C THR B 717 27.58 -14.49 -14.01
N ARG B 718 28.89 -14.40 -13.80
CA ARG B 718 29.45 -14.56 -12.47
C ARG B 718 29.27 -13.28 -11.67
N LEU B 719 28.74 -13.41 -10.46
CA LEU B 719 28.59 -12.30 -9.54
C LEU B 719 29.82 -12.06 -8.68
N THR B 720 30.75 -13.00 -8.66
CA THR B 720 32.02 -12.83 -7.96
C THR B 720 33.10 -12.45 -8.97
N TRP B 721 33.97 -11.54 -8.56
CA TRP B 721 34.92 -10.92 -9.47
C TRP B 721 36.36 -11.20 -9.08
N PRO C 5 -31.37 54.71 21.10
CA PRO C 5 -31.43 55.17 19.71
C PRO C 5 -32.16 54.18 18.80
N GLU C 6 -33.05 54.71 17.95
CA GLU C 6 -33.86 53.87 17.08
C GLU C 6 -33.21 53.65 15.72
N ALA C 7 -32.37 54.58 15.26
CA ALA C 7 -31.80 54.52 13.92
C ALA C 7 -30.79 53.39 13.75
N ASP C 8 -30.28 52.84 14.86
CA ASP C 8 -29.35 51.72 14.74
C ASP C 8 -30.06 50.38 14.69
N ARG C 9 -31.18 50.23 15.43
CA ARG C 9 -31.89 48.96 15.46
C ARG C 9 -32.54 48.63 14.13
N GLU C 10 -33.00 49.65 13.39
CA GLU C 10 -33.53 49.42 12.07
C GLU C 10 -32.45 48.98 11.09
N LEU C 11 -31.22 49.47 11.27
CA LEU C 11 -30.12 49.01 10.41
C LEU C 11 -29.69 47.60 10.77
N VAL C 12 -29.74 47.24 12.07
CA VAL C 12 -29.50 45.85 12.45
C VAL C 12 -30.55 44.93 11.84
N SER C 13 -31.81 45.37 11.81
CA SER C 13 -32.86 44.57 11.19
C SER C 13 -32.68 44.45 9.68
N ILE C 14 -32.22 45.53 9.04
CA ILE C 14 -31.98 45.50 7.60
C ILE C 14 -30.81 44.59 7.25
N ARG C 15 -29.74 44.64 8.04
CA ARG C 15 -28.58 43.79 7.81
C ARG C 15 -28.92 42.32 8.05
N ARG C 16 -29.70 42.03 9.10
CA ARG C 16 -30.12 40.66 9.37
C ARG C 16 -31.05 40.12 8.29
N PHE C 17 -31.98 40.96 7.82
CA PHE C 17 -32.89 40.57 6.74
C PHE C 17 -32.12 40.25 5.47
N LEU C 18 -31.18 41.12 5.09
CA LEU C 18 -30.45 40.93 3.84
C LEU C 18 -29.52 39.72 3.91
N LYS C 19 -28.86 39.51 5.07
CA LYS C 19 -27.99 38.36 5.21
C LYS C 19 -28.78 37.05 5.22
N GLU C 20 -29.95 37.04 5.88
CA GLU C 20 -30.75 35.82 5.90
C GLU C 20 -31.41 35.55 4.56
N ARG C 21 -31.72 36.59 3.80
CA ARG C 21 -32.26 36.37 2.46
C ARG C 21 -31.17 35.89 1.50
N LEU C 22 -29.93 36.33 1.71
CA LEU C 22 -28.84 35.89 0.84
C LEU C 22 -28.44 34.45 1.13
N GLN C 23 -28.24 34.09 2.40
CA GLN C 23 -27.75 32.75 2.72
C GLN C 23 -28.86 31.71 2.62
N ARG C 24 -29.94 31.91 3.38
CA ARG C 24 -31.12 31.05 3.37
C ARG C 24 -32.02 31.39 2.19
N ASP C 25 -33.33 31.10 2.32
CA ASP C 25 -34.35 31.25 1.28
C ASP C 25 -34.09 30.29 0.11
N TYR C 26 -34.18 29.01 0.45
CA TYR C 26 -33.90 27.91 -0.45
C TYR C 26 -35.00 27.64 -1.47
N THR C 27 -36.15 28.31 -1.39
CA THR C 27 -37.25 28.00 -2.29
C THR C 27 -37.55 29.07 -3.31
N THR C 28 -37.11 30.32 -3.10
CA THR C 28 -37.38 31.37 -4.06
C THR C 28 -36.49 31.23 -5.28
N LEU C 29 -37.10 31.09 -6.45
CA LEU C 29 -36.39 30.92 -7.70
C LEU C 29 -36.67 32.11 -8.61
N ARG C 30 -35.65 32.58 -9.30
CA ARG C 30 -35.77 33.68 -10.25
C ARG C 30 -35.54 33.13 -11.65
N GLY C 31 -36.50 33.40 -12.54
CA GLY C 31 -36.38 32.92 -13.90
C GLY C 31 -36.87 31.50 -14.04
N TYR C 32 -36.45 30.88 -15.15
CA TYR C 32 -36.74 29.49 -15.53
C TYR C 32 -38.25 29.24 -15.61
N ALA C 33 -38.86 29.91 -16.58
CA ALA C 33 -40.31 29.81 -16.71
C ALA C 33 -40.73 28.50 -17.37
N LYS C 34 -39.91 27.97 -18.28
CA LYS C 34 -40.26 26.75 -19.00
C LYS C 34 -39.72 25.50 -18.32
N GLU C 35 -38.52 25.60 -17.74
CA GLU C 35 -37.88 24.44 -17.14
C GLU C 35 -38.56 24.03 -15.84
N ARG C 36 -38.93 25.03 -15.02
CA ARG C 36 -39.67 24.75 -13.80
C ARG C 36 -41.05 24.18 -14.10
N SER C 37 -41.69 24.65 -15.17
CA SER C 37 -42.99 24.12 -15.55
C SER C 37 -42.87 22.69 -16.05
N ASN C 38 -41.79 22.37 -16.77
CA ASN C 38 -41.56 21.00 -17.23
C ASN C 38 -41.37 20.04 -16.06
N VAL C 39 -40.50 20.42 -15.10
CA VAL C 39 -40.25 19.57 -13.93
C VAL C 39 -41.51 19.43 -13.07
N ARG C 40 -42.27 20.52 -12.92
CA ARG C 40 -43.47 20.48 -12.10
C ARG C 40 -44.56 19.61 -12.72
N LEU C 41 -44.80 19.75 -14.03
CA LEU C 41 -45.80 18.92 -14.69
C LEU C 41 -45.38 17.46 -14.76
N LEU C 42 -44.07 17.19 -14.82
CA LEU C 42 -43.61 15.80 -14.80
C LEU C 42 -43.89 15.14 -13.45
N LEU C 43 -43.55 15.84 -12.35
CA LEU C 43 -43.83 15.29 -11.02
C LEU C 43 -45.31 15.16 -10.74
N GLN C 44 -46.12 16.11 -11.24
CA GLN C 44 -47.55 16.03 -11.01
C GLN C 44 -48.20 14.93 -11.84
N ARG C 45 -47.70 14.67 -13.05
CA ARG C 45 -48.21 13.54 -13.82
C ARG C 45 -47.77 12.21 -13.23
N THR C 46 -46.63 12.19 -12.53
CA THR C 46 -46.24 10.97 -11.83
C THR C 46 -47.15 10.72 -10.63
N ALA C 47 -47.41 11.76 -9.83
CA ALA C 47 -48.19 11.56 -8.61
C ALA C 47 -49.68 11.33 -8.90
N GLU C 48 -50.27 12.13 -9.79
CA GLU C 48 -51.70 12.02 -10.06
C GLU C 48 -52.03 10.86 -10.98
N MET C 49 -51.50 10.87 -12.20
CA MET C 49 -51.87 9.87 -13.20
C MET C 49 -51.08 8.58 -13.09
N GLY C 50 -50.14 8.48 -12.16
CA GLY C 50 -49.43 7.24 -11.93
C GLY C 50 -48.42 6.87 -12.99
N GLU C 51 -47.87 7.83 -13.72
CA GLU C 51 -46.85 7.52 -14.72
C GLU C 51 -45.49 7.39 -14.07
N SER C 52 -44.62 6.63 -14.72
CA SER C 52 -43.24 6.46 -14.29
C SER C 52 -42.33 7.23 -15.24
N ASN C 53 -41.55 8.15 -14.71
CA ASN C 53 -40.70 8.99 -15.52
C ASN C 53 -39.28 9.06 -14.96
N SER C 54 -38.38 9.55 -15.78
CA SER C 54 -37.02 9.85 -15.38
C SER C 54 -36.59 11.13 -16.07
N LEU C 55 -35.77 11.92 -15.39
CA LEU C 55 -35.43 13.26 -15.82
C LEU C 55 -34.02 13.55 -15.36
N LEU C 56 -33.36 14.49 -16.04
CA LEU C 56 -31.97 14.82 -15.75
C LEU C 56 -31.80 16.33 -15.84
N LEU C 57 -31.73 16.99 -14.68
CA LEU C 57 -31.38 18.40 -14.63
C LEU C 57 -29.89 18.57 -14.84
N LEU C 58 -29.51 19.32 -15.88
CA LEU C 58 -28.13 19.59 -16.18
C LEU C 58 -27.90 21.09 -16.17
N GLY C 59 -26.64 21.48 -16.01
CA GLY C 59 -26.30 22.89 -15.97
C GLY C 59 -25.04 23.12 -15.17
N PRO C 60 -24.47 24.31 -15.25
CA PRO C 60 -23.23 24.60 -14.52
C PRO C 60 -23.47 24.68 -13.02
N ARG C 61 -22.36 24.58 -12.28
CA ARG C 61 -22.42 24.67 -10.83
C ARG C 61 -22.63 26.11 -10.41
N GLY C 62 -23.71 26.36 -9.68
CA GLY C 62 -24.08 27.69 -9.26
C GLY C 62 -25.39 28.17 -9.83
N SER C 63 -25.87 27.56 -10.90
CA SER C 63 -27.21 27.85 -11.38
C SER C 63 -28.24 27.18 -10.48
N GLY C 64 -29.49 27.62 -10.60
CA GLY C 64 -30.51 27.16 -9.69
C GLY C 64 -31.01 25.76 -9.97
N LYS C 65 -30.17 24.76 -9.69
CA LYS C 65 -30.57 23.37 -9.85
C LYS C 65 -31.30 22.84 -8.62
N THR C 66 -30.70 22.96 -7.44
CA THR C 66 -31.35 22.56 -6.21
C THR C 66 -32.50 23.49 -5.86
N THR C 67 -32.38 24.78 -6.20
CA THR C 67 -33.44 25.74 -5.92
C THR C 67 -34.67 25.48 -6.77
N LEU C 68 -34.50 25.01 -8.00
CA LEU C 68 -35.65 24.65 -8.83
C LEU C 68 -36.39 23.45 -8.28
N ILE C 69 -35.66 22.44 -7.80
CA ILE C 69 -36.27 21.27 -7.20
C ILE C 69 -36.98 21.64 -5.91
N ASN C 70 -36.36 22.51 -5.10
CA ASN C 70 -36.97 22.94 -3.85
C ASN C 70 -38.22 23.79 -4.10
N SER C 71 -38.21 24.61 -5.15
CA SER C 71 -39.38 25.43 -5.48
C SER C 71 -40.53 24.56 -5.98
N VAL C 72 -40.23 23.59 -6.85
CA VAL C 72 -41.24 22.68 -7.37
C VAL C 72 -41.83 21.84 -6.24
N LEU C 73 -40.98 21.32 -5.34
CA LEU C 73 -41.47 20.48 -4.26
C LEU C 73 -42.25 21.29 -3.23
N ALA C 74 -41.81 22.51 -2.92
CA ALA C 74 -42.54 23.33 -1.97
C ALA C 74 -43.83 23.89 -2.54
N ASP C 75 -43.98 23.92 -3.87
CA ASP C 75 -45.25 24.31 -4.43
C ASP C 75 -46.18 23.13 -4.66
N LEU C 76 -45.64 21.91 -4.76
CA LEU C 76 -46.47 20.73 -4.98
C LEU C 76 -46.90 20.03 -3.70
N LEU C 77 -46.04 19.98 -2.68
CA LEU C 77 -46.29 19.21 -1.46
C LEU C 77 -47.45 19.65 -0.56
N PRO C 78 -47.86 20.94 -0.48
CA PRO C 78 -49.09 21.23 0.28
C PRO C 78 -50.39 21.05 -0.49
N ASN C 79 -50.39 20.33 -1.61
CA ASN C 79 -51.62 20.13 -2.36
C ASN C 79 -52.57 19.14 -1.70
N LYS C 80 -52.04 18.23 -0.88
CA LYS C 80 -52.75 17.09 -0.26
C LYS C 80 -53.39 16.15 -1.30
N SER C 81 -52.90 16.19 -2.53
CA SER C 81 -53.04 15.15 -3.54
C SER C 81 -51.68 14.70 -4.03
N PHE C 82 -50.70 15.62 -4.04
CA PHE C 82 -49.30 15.27 -4.15
C PHE C 82 -48.74 14.88 -2.78
N GLY C 83 -49.23 15.50 -1.71
CA GLY C 83 -48.63 15.27 -0.40
C GLY C 83 -49.01 13.96 0.24
N GLU C 84 -50.16 13.37 -0.14
CA GLU C 84 -50.67 12.19 0.52
C GLU C 84 -50.47 10.90 -0.27
N ASN C 85 -50.29 10.98 -1.58
CA ASN C 85 -50.12 9.82 -2.43
C ASN C 85 -48.70 9.70 -2.97
N THR C 86 -47.72 10.26 -2.30
CA THR C 86 -46.35 10.31 -2.81
C THR C 86 -45.38 10.44 -1.65
N LEU C 87 -44.37 9.57 -1.62
CA LEU C 87 -43.26 9.70 -0.69
C LEU C 87 -41.98 9.99 -1.47
N ILE C 88 -41.10 10.79 -0.87
CA ILE C 88 -39.97 11.40 -1.56
C ILE C 88 -38.68 10.89 -0.91
N VAL C 89 -37.74 10.44 -1.74
CA VAL C 89 -36.48 9.86 -1.30
C VAL C 89 -35.36 10.72 -1.86
N HIS C 90 -34.72 11.50 -1.00
CA HIS C 90 -33.58 12.32 -1.39
C HIS C 90 -32.29 11.53 -1.20
N LEU C 91 -31.50 11.42 -2.26
CA LEU C 91 -30.18 10.83 -2.21
C LEU C 91 -29.16 11.84 -2.72
N ASP C 92 -27.98 11.83 -2.12
CA ASP C 92 -26.88 12.71 -2.51
C ASP C 92 -25.66 11.85 -2.78
N GLY C 93 -25.02 12.05 -3.93
CA GLY C 93 -23.86 11.24 -4.28
C GLY C 93 -22.63 11.54 -3.46
N ASN C 94 -22.58 12.70 -2.80
CA ASN C 94 -21.46 13.02 -1.93
C ASN C 94 -21.56 12.33 -0.58
N LEU C 95 -22.78 12.07 -0.11
CA LEU C 95 -23.01 11.40 1.15
C LEU C 95 -23.22 9.90 0.96
N HIS C 96 -24.05 9.53 0.00
CA HIS C 96 -24.31 8.12 -0.31
C HIS C 96 -23.27 7.63 -1.30
N THR C 97 -22.06 7.42 -0.78
CA THR C 97 -20.89 7.08 -1.57
C THR C 97 -20.80 5.61 -1.94
N ASP C 98 -21.85 4.84 -1.68
CA ASP C 98 -21.88 3.43 -2.02
C ASP C 98 -23.32 3.05 -2.31
N ASP C 99 -23.51 1.95 -3.05
CA ASP C 99 -24.87 1.46 -3.26
C ASP C 99 -25.45 0.85 -2.00
N ARG C 100 -24.60 0.39 -1.08
CA ARG C 100 -25.07 -0.12 0.19
C ARG C 100 -25.63 0.99 1.07
N VAL C 101 -24.89 2.10 1.20
CA VAL C 101 -25.34 3.25 1.99
C VAL C 101 -26.59 3.85 1.38
N ALA C 102 -26.62 3.98 0.06
CA ALA C 102 -27.80 4.48 -0.65
C ALA C 102 -28.98 3.56 -0.46
N LEU C 103 -28.75 2.26 -0.35
CA LEU C 103 -29.87 1.33 -0.21
C LEU C 103 -30.42 1.31 1.20
N LYS C 104 -29.55 1.45 2.21
CA LYS C 104 -30.04 1.63 3.58
C LYS C 104 -30.84 2.92 3.71
N SER C 105 -30.40 3.97 3.01
CA SER C 105 -31.13 5.24 3.07
C SER C 105 -32.47 5.15 2.36
N ILE C 106 -32.54 4.44 1.22
CA ILE C 106 -33.79 4.24 0.51
C ILE C 106 -34.75 3.41 1.37
N THR C 107 -34.23 2.39 2.05
CA THR C 107 -35.05 1.54 2.90
C THR C 107 -35.59 2.31 4.11
N VAL C 108 -34.79 3.21 4.68
CA VAL C 108 -35.26 4.01 5.80
C VAL C 108 -36.29 5.04 5.33
N GLN C 109 -36.02 5.72 4.22
CA GLN C 109 -36.86 6.83 3.78
C GLN C 109 -38.19 6.38 3.21
N MET C 110 -38.30 5.14 2.74
CA MET C 110 -39.57 4.61 2.28
C MET C 110 -40.38 3.98 3.40
N GLN C 111 -39.80 3.88 4.61
CA GLN C 111 -40.40 3.24 5.79
C GLN C 111 -40.81 1.80 5.50
N LEU C 112 -39.85 1.00 5.04
CA LEU C 112 -40.12 -0.38 4.67
C LEU C 112 -40.24 -1.25 5.92
N GLU C 113 -40.59 -2.52 5.69
CA GLU C 113 -40.94 -3.40 6.79
C GLU C 113 -39.73 -3.88 7.58
N ASN C 114 -38.53 -3.77 7.02
CA ASN C 114 -37.31 -4.12 7.75
C ASN C 114 -36.55 -2.89 8.25
N ALA C 115 -37.22 -1.74 8.38
CA ALA C 115 -36.52 -0.53 8.78
C ALA C 115 -36.35 -0.47 10.30
N ALA C 116 -37.47 -0.37 11.02
CA ALA C 116 -37.54 -0.38 12.50
C ALA C 116 -36.66 0.68 13.14
N ASP C 117 -37.04 1.94 12.89
CA ASP C 117 -36.44 3.15 13.47
C ASP C 117 -34.97 3.29 13.05
N GLY C 118 -34.78 3.42 11.74
CA GLY C 118 -33.51 3.84 11.20
C GLY C 118 -32.36 2.86 11.31
N LYS C 119 -32.65 1.58 11.55
CA LYS C 119 -31.60 0.56 11.68
C LYS C 119 -32.03 -0.65 10.86
N VAL C 120 -31.66 -0.64 9.58
CA VAL C 120 -32.08 -1.69 8.64
C VAL C 120 -31.39 -3.00 9.00
N PHE C 121 -32.16 -4.09 8.99
CA PHE C 121 -31.63 -5.42 9.19
C PHE C 121 -31.40 -6.09 7.84
N GLY C 122 -30.52 -7.09 7.84
CA GLY C 122 -30.19 -7.80 6.64
C GLY C 122 -29.01 -7.17 5.92
N SER C 123 -28.47 -7.94 4.98
CA SER C 123 -27.26 -7.54 4.27
C SER C 123 -27.61 -6.57 3.14
N PHE C 124 -26.63 -6.29 2.29
CA PHE C 124 -26.86 -5.46 1.11
C PHE C 124 -27.69 -6.21 0.07
N ALA C 125 -27.42 -7.50 -0.10
CA ALA C 125 -28.16 -8.29 -1.07
C ALA C 125 -29.59 -8.53 -0.61
N GLU C 126 -29.79 -8.74 0.69
CA GLU C 126 -31.14 -8.91 1.22
C GLU C 126 -31.93 -7.62 1.14
N ASN C 127 -31.27 -6.48 1.34
CA ASN C 127 -31.96 -5.19 1.22
C ASN C 127 -32.33 -4.90 -0.22
N LEU C 128 -31.47 -5.27 -1.17
CA LEU C 128 -31.82 -5.09 -2.58
C LEU C 128 -32.97 -6.00 -2.99
N ALA C 129 -32.96 -7.25 -2.52
CA ALA C 129 -34.04 -8.18 -2.81
C ALA C 129 -35.36 -7.71 -2.21
N PHE C 130 -35.31 -7.18 -0.98
CA PHE C 130 -36.53 -6.72 -0.33
C PHE C 130 -37.07 -5.44 -0.97
N LEU C 131 -36.18 -4.54 -1.42
CA LEU C 131 -36.63 -3.33 -2.09
C LEU C 131 -37.27 -3.64 -3.44
N LEU C 132 -36.64 -4.53 -4.23
CA LEU C 132 -37.23 -4.89 -5.51
C LEU C 132 -38.49 -5.73 -5.34
N GLN C 133 -38.60 -6.47 -4.23
CA GLN C 133 -39.82 -7.22 -3.96
C GLN C 133 -40.95 -6.30 -3.56
N CYS C 134 -40.65 -5.21 -2.83
CA CYS C 134 -41.68 -4.24 -2.51
C CYS C 134 -42.11 -3.44 -3.74
N LEU C 135 -41.16 -3.03 -4.57
CA LEU C 135 -41.51 -2.23 -5.73
C LEU C 135 -42.18 -3.07 -6.81
N LYS C 136 -41.88 -4.36 -6.89
CA LYS C 136 -42.53 -5.21 -7.87
C LYS C 136 -43.96 -5.52 -7.48
N ALA C 137 -44.23 -5.60 -6.18
CA ALA C 137 -45.56 -5.95 -5.70
C ALA C 137 -46.55 -4.80 -5.80
N GLY C 138 -46.07 -3.58 -6.05
CA GLY C 138 -46.94 -2.44 -6.19
C GLY C 138 -47.55 -2.34 -7.57
N GLY C 139 -48.34 -1.29 -7.76
CA GLY C 139 -48.99 -1.02 -9.02
C GLY C 139 -49.57 0.38 -9.00
N LYS C 140 -50.64 0.62 -9.77
CA LYS C 140 -51.27 1.93 -9.77
C LYS C 140 -52.03 2.21 -8.47
N HIS C 141 -52.31 1.18 -7.67
CA HIS C 141 -52.96 1.34 -6.38
C HIS C 141 -52.01 1.78 -5.28
N SER C 142 -50.71 1.88 -5.55
CA SER C 142 -49.72 2.18 -4.53
C SER C 142 -49.23 3.62 -4.64
N LYS C 143 -48.53 4.05 -3.60
CA LYS C 143 -48.00 5.41 -3.57
C LYS C 143 -46.86 5.58 -4.54
N SER C 144 -46.70 6.80 -5.03
CA SER C 144 -45.60 7.12 -5.94
C SER C 144 -44.37 7.49 -5.14
N VAL C 145 -43.24 6.87 -5.47
CA VAL C 145 -41.95 7.23 -4.88
C VAL C 145 -41.24 8.17 -5.84
N ILE C 146 -40.72 9.27 -5.33
CA ILE C 146 -39.96 10.22 -6.13
C ILE C 146 -38.53 10.17 -5.62
N PHE C 147 -37.66 9.49 -6.37
CA PHE C 147 -36.24 9.49 -6.06
C PHE C 147 -35.61 10.75 -6.66
N ILE C 148 -34.87 11.48 -5.85
CA ILE C 148 -34.16 12.68 -6.29
C ILE C 148 -32.70 12.43 -6.00
N LEU C 149 -31.90 12.15 -7.02
CA LEU C 149 -30.50 11.81 -6.88
C LEU C 149 -29.68 13.03 -7.27
N GLU C 150 -29.08 13.68 -6.29
CA GLU C 150 -28.14 14.76 -6.56
C GLU C 150 -26.72 14.20 -6.51
N GLU C 151 -25.82 14.92 -7.20
CA GLU C 151 -24.50 14.43 -7.58
C GLU C 151 -24.62 13.08 -8.31
N PHE C 152 -25.30 13.14 -9.46
CA PHE C 152 -25.72 11.94 -10.17
C PHE C 152 -24.54 11.20 -10.81
N ASP C 153 -23.48 11.91 -11.20
CA ASP C 153 -22.32 11.26 -11.79
C ASP C 153 -21.58 10.41 -10.77
N LEU C 154 -21.65 10.78 -9.49
CA LEU C 154 -21.09 9.93 -8.46
C LEU C 154 -21.91 8.66 -8.29
N PHE C 155 -23.21 8.71 -8.57
CA PHE C 155 -23.99 7.48 -8.63
C PHE C 155 -23.67 6.68 -9.89
N CYS C 156 -23.23 7.35 -10.95
CA CYS C 156 -22.75 6.65 -12.14
C CYS C 156 -21.41 5.97 -11.92
N ALA C 157 -20.64 6.42 -10.93
CA ALA C 157 -19.32 5.83 -10.68
C ALA C 157 -19.36 4.60 -9.77
N HIS C 158 -20.54 4.11 -9.38
CA HIS C 158 -20.63 2.98 -8.47
C HIS C 158 -20.35 1.66 -9.18
N HIS C 159 -20.47 0.55 -8.44
CA HIS C 159 -20.17 -0.76 -8.99
C HIS C 159 -21.32 -1.24 -9.87
N ASN C 160 -21.01 -1.57 -11.12
CA ASN C 160 -21.92 -2.05 -12.16
C ASN C 160 -23.05 -1.09 -12.48
N GLN C 161 -23.02 0.13 -11.94
CA GLN C 161 -24.13 1.08 -11.88
C GLN C 161 -25.42 0.42 -11.38
N THR C 162 -25.28 -0.50 -10.41
CA THR C 162 -26.35 -1.48 -10.18
C THR C 162 -27.61 -0.83 -9.62
N LEU C 163 -27.47 0.13 -8.69
CA LEU C 163 -28.62 0.87 -8.17
C LEU C 163 -29.29 1.66 -9.27
N LEU C 164 -28.49 2.27 -10.15
CA LEU C 164 -29.04 2.99 -11.30
C LEU C 164 -29.83 2.07 -12.19
N TYR C 165 -29.31 0.86 -12.43
CA TYR C 165 -30.00 -0.11 -13.27
C TYR C 165 -31.32 -0.51 -12.65
N ASN C 166 -31.39 -0.53 -11.32
CA ASN C 166 -32.65 -0.91 -10.73
C ASN C 166 -33.61 0.26 -10.70
N LEU C 167 -33.09 1.47 -10.51
CA LEU C 167 -33.99 2.62 -10.37
C LEU C 167 -34.58 3.01 -11.71
N PHE C 168 -33.85 2.76 -12.79
CA PHE C 168 -34.38 2.94 -14.12
C PHE C 168 -35.15 1.74 -14.62
N ASP C 169 -35.20 0.63 -13.87
CA ASP C 169 -35.93 -0.52 -14.37
C ASP C 169 -37.36 -0.56 -13.85
N VAL C 170 -37.60 0.02 -12.66
CA VAL C 170 -38.96 0.16 -12.17
C VAL C 170 -39.69 1.23 -12.97
N SER C 171 -38.96 2.17 -13.57
CA SER C 171 -39.58 3.21 -14.39
C SER C 171 -40.06 2.65 -15.72
N GLN C 172 -39.46 1.56 -16.18
CA GLN C 172 -39.75 0.94 -17.47
C GLN C 172 -40.62 -0.30 -17.33
N SER C 173 -41.18 -0.55 -16.14
CA SER C 173 -41.91 -1.78 -15.88
C SER C 173 -43.24 -1.46 -15.21
N ALA C 174 -44.16 -2.42 -15.32
CA ALA C 174 -45.51 -2.29 -14.76
C ALA C 174 -45.47 -2.59 -13.27
N GLN C 175 -44.95 -1.62 -12.52
CA GLN C 175 -44.65 -1.76 -11.10
C GLN C 175 -45.10 -0.47 -10.43
N ALA C 176 -44.60 -0.20 -9.24
CA ALA C 176 -44.95 1.01 -8.52
C ALA C 176 -44.48 2.25 -9.30
N PRO C 177 -45.31 3.29 -9.39
CA PRO C 177 -44.97 4.45 -10.21
C PRO C 177 -43.92 5.37 -9.60
N ILE C 178 -42.65 5.06 -9.80
CA ILE C 178 -41.57 5.89 -9.29
C ILE C 178 -41.16 6.92 -10.33
N CYS C 179 -40.54 8.01 -9.89
CA CYS C 179 -40.00 9.04 -10.75
C CYS C 179 -38.56 9.32 -10.34
N VAL C 180 -37.63 9.15 -11.28
CA VAL C 180 -36.21 9.34 -11.00
C VAL C 180 -35.80 10.72 -11.49
N LEU C 181 -35.20 11.51 -10.61
CA LEU C 181 -34.58 12.79 -10.93
C LEU C 181 -33.08 12.65 -10.79
N GLY C 182 -32.34 13.20 -11.74
CA GLY C 182 -30.90 13.24 -11.58
C GLY C 182 -30.37 14.64 -11.75
N VAL C 183 -29.76 15.20 -10.71
CA VAL C 183 -29.33 16.59 -10.71
C VAL C 183 -27.81 16.59 -10.62
N THR C 184 -27.13 16.85 -11.74
CA THR C 184 -25.68 16.87 -11.77
C THR C 184 -25.19 18.07 -12.56
N CYS C 185 -23.92 18.40 -12.35
CA CYS C 185 -23.31 19.58 -12.97
C CYS C 185 -22.66 19.29 -14.30
N ARG C 186 -22.32 18.03 -14.59
CA ARG C 186 -21.70 17.69 -15.85
C ARG C 186 -22.69 17.81 -17.00
N LEU C 187 -22.18 18.02 -18.20
CA LEU C 187 -23.02 18.06 -19.38
C LEU C 187 -22.98 16.78 -20.18
N ASP C 188 -21.96 15.95 -19.97
CA ASP C 188 -21.78 14.70 -20.70
C ASP C 188 -21.94 13.52 -19.76
N VAL C 189 -22.89 13.61 -18.83
CA VAL C 189 -23.07 12.54 -17.85
C VAL C 189 -23.76 11.32 -18.47
N ILE C 190 -24.40 11.49 -19.62
CA ILE C 190 -25.14 10.37 -20.22
C ILE C 190 -24.24 9.44 -21.01
N GLU C 191 -22.97 9.79 -21.21
CA GLU C 191 -22.00 8.84 -21.75
C GLU C 191 -21.25 8.11 -20.65
N LEU C 192 -21.58 8.37 -19.38
CA LEU C 192 -21.10 7.58 -18.27
C LEU C 192 -21.98 6.37 -17.99
N LEU C 193 -23.15 6.30 -18.60
CA LEU C 193 -24.07 5.19 -18.38
C LEU C 193 -23.69 4.01 -19.26
N GLU C 194 -23.97 2.81 -18.76
CA GLU C 194 -23.84 1.61 -19.57
C GLU C 194 -25.00 1.57 -20.57
N LYS C 195 -24.88 0.69 -21.57
CA LYS C 195 -25.84 0.66 -22.67
C LYS C 195 -27.24 0.23 -22.23
N ARG C 196 -27.33 -0.62 -21.20
CA ARG C 196 -28.64 -0.98 -20.67
C ARG C 196 -29.23 0.15 -19.83
N VAL C 197 -28.40 0.78 -19.00
CA VAL C 197 -28.84 1.92 -18.21
C VAL C 197 -29.16 3.10 -19.10
N LYS C 198 -28.42 3.26 -20.21
CA LYS C 198 -28.75 4.30 -21.17
C LYS C 198 -30.01 3.96 -21.94
N SER C 199 -30.27 2.68 -22.17
CA SER C 199 -31.49 2.29 -22.88
C SER C 199 -32.72 2.51 -22.00
N ARG C 200 -32.60 2.27 -20.71
CA ARG C 200 -33.74 2.40 -19.81
C ARG C 200 -33.99 3.85 -19.38
N PHE C 201 -33.05 4.74 -19.63
CA PHE C 201 -33.24 6.15 -19.29
C PHE C 201 -34.03 6.83 -20.39
N SER C 202 -35.18 7.39 -20.03
CA SER C 202 -35.90 8.27 -20.94
C SER C 202 -35.10 9.55 -21.07
N HIS C 203 -34.69 9.89 -22.28
CA HIS C 203 -33.58 10.83 -22.48
C HIS C 203 -33.98 12.28 -22.34
N ARG C 204 -35.08 12.61 -21.68
CA ARG C 204 -35.43 14.00 -21.49
C ARG C 204 -34.48 14.65 -20.48
N GLN C 205 -33.75 15.65 -20.96
CA GLN C 205 -32.76 16.37 -20.17
C GLN C 205 -33.16 17.83 -20.14
N VAL C 206 -33.12 18.43 -18.97
CA VAL C 206 -33.45 19.83 -18.79
C VAL C 206 -32.16 20.57 -18.50
N PHE C 207 -31.87 21.59 -19.30
CA PHE C 207 -30.63 22.34 -19.17
C PHE C 207 -30.91 23.68 -18.51
N LEU C 208 -30.04 24.07 -17.58
CA LEU C 208 -30.27 25.24 -16.75
C LEU C 208 -29.11 26.22 -16.83
N PHE C 209 -28.70 26.57 -18.04
CA PHE C 209 -27.74 27.65 -18.21
C PHE C 209 -28.37 28.96 -17.75
N PRO C 210 -27.65 29.75 -16.94
CA PRO C 210 -28.29 30.91 -16.29
C PRO C 210 -28.64 32.01 -17.28
N SER C 211 -29.75 32.68 -17.02
CA SER C 211 -30.31 33.67 -17.93
C SER C 211 -29.86 35.08 -17.61
N LEU C 212 -28.64 35.23 -17.10
CA LEU C 212 -28.05 36.53 -16.76
C LEU C 212 -26.68 36.66 -17.42
N ARG C 213 -26.59 36.31 -18.70
CA ARG C 213 -25.34 36.47 -19.43
C ARG C 213 -25.10 37.93 -19.81
N ARG C 214 -26.17 38.66 -20.14
CA ARG C 214 -26.02 40.07 -20.45
C ARG C 214 -26.06 40.91 -19.18
N PHE C 215 -25.42 42.07 -19.24
CA PHE C 215 -25.06 42.79 -18.02
C PHE C 215 -26.24 43.50 -17.37
N GLU C 216 -27.25 43.86 -18.15
CA GLU C 216 -28.40 44.57 -17.57
C GLU C 216 -29.22 43.65 -16.67
N ASP C 217 -29.31 42.36 -17.01
CA ASP C 217 -29.92 41.39 -16.11
C ASP C 217 -29.13 41.22 -14.83
N TYR C 218 -27.79 41.32 -14.92
CA TYR C 218 -26.94 41.25 -13.73
C TYR C 218 -27.17 42.45 -12.82
N VAL C 219 -27.32 43.65 -13.38
CA VAL C 219 -27.58 44.83 -12.57
C VAL C 219 -28.97 44.79 -11.97
N ASP C 220 -29.96 44.26 -12.71
CA ASP C 220 -31.29 44.10 -12.16
C ASP C 220 -31.32 43.07 -11.03
N LEU C 221 -30.51 42.01 -11.14
CA LEU C 221 -30.43 41.04 -10.06
C LEU C 221 -29.75 41.62 -8.83
N CYS C 222 -28.69 42.41 -9.02
CA CYS C 222 -28.02 43.06 -7.90
C CYS C 222 -28.92 44.11 -7.26
N ARG C 223 -29.87 44.67 -8.02
CA ARG C 223 -30.86 45.58 -7.43
C ARG C 223 -31.93 44.82 -6.66
N ASP C 224 -32.42 43.71 -7.19
CA ASP C 224 -33.47 42.95 -6.50
C ASP C 224 -32.94 42.18 -5.30
N LEU C 225 -31.65 41.89 -5.24
CA LEU C 225 -31.10 41.19 -4.09
C LEU C 225 -30.78 42.11 -2.92
N LEU C 226 -30.69 43.43 -3.16
CA LEU C 226 -30.40 44.39 -2.11
C LEU C 226 -31.61 45.21 -1.70
N SER C 227 -32.72 45.11 -2.41
CA SER C 227 -33.89 45.93 -2.12
C SER C 227 -34.72 45.30 -1.00
N LEU C 228 -35.41 46.16 -0.26
CA LEU C 228 -36.38 45.72 0.74
C LEU C 228 -37.75 45.61 0.10
N PRO C 229 -38.42 44.47 0.19
CA PRO C 229 -39.67 44.26 -0.55
C PRO C 229 -40.85 44.94 0.14
N THR C 230 -41.97 44.95 -0.58
CA THR C 230 -43.22 45.49 -0.06
C THR C 230 -43.74 44.60 1.06
N GLY C 231 -44.46 45.21 2.01
CA GLY C 231 -44.99 44.46 3.13
C GLY C 231 -46.05 43.45 2.75
N ASN C 232 -46.79 43.70 1.67
CA ASN C 232 -47.76 42.72 1.21
C ASN C 232 -47.07 41.52 0.57
N SER C 233 -45.97 41.76 -0.16
CA SER C 233 -45.16 40.65 -0.66
C SER C 233 -44.49 39.90 0.48
N LEU C 234 -44.10 40.62 1.54
CA LEU C 234 -43.58 39.99 2.75
C LEU C 234 -44.62 39.07 3.38
N LEU C 235 -45.88 39.52 3.42
CA LEU C 235 -46.94 38.72 4.02
C LEU C 235 -47.31 37.53 3.15
N LEU C 236 -47.28 37.69 1.83
CA LEU C 236 -47.53 36.57 0.92
C LEU C 236 -46.43 35.52 1.02
N ALA C 237 -45.17 35.96 1.12
CA ALA C 237 -44.06 35.02 1.27
C ALA C 237 -44.11 34.31 2.61
N ALA C 238 -44.47 35.03 3.67
CA ALA C 238 -44.61 34.40 4.98
C ALA C 238 -45.79 33.44 5.01
N GLU C 239 -46.86 33.75 4.28
CA GLU C 239 -48.00 32.84 4.17
C GLU C 239 -47.62 31.55 3.47
N LYS C 240 -46.90 31.65 2.35
CA LYS C 240 -46.47 30.46 1.63
C LYS C 240 -45.47 29.63 2.44
N ILE C 241 -44.60 30.30 3.20
CA ILE C 241 -43.60 29.58 3.98
C ILE C 241 -44.25 28.91 5.19
N TYR C 242 -45.20 29.58 5.84
CA TYR C 242 -45.95 28.95 6.93
C TYR C 242 -46.82 27.81 6.42
N ASN C 243 -47.35 27.91 5.20
CA ASN C 243 -48.14 26.84 4.63
C ASN C 243 -47.27 25.63 4.31
N LEU C 244 -46.07 25.85 3.78
CA LEU C 244 -45.19 24.70 3.51
C LEU C 244 -44.55 24.14 4.77
N GLN C 245 -44.47 24.93 5.84
CA GLN C 245 -44.01 24.42 7.12
C GLN C 245 -45.12 23.74 7.91
N ASN C 246 -46.38 23.95 7.53
CA ASN C 246 -47.49 23.28 8.21
C ASN C 246 -47.47 21.77 8.02
N ILE C 247 -47.06 21.31 6.84
CA ILE C 247 -47.03 19.88 6.55
C ILE C 247 -45.88 19.22 7.27
N TYR C 253 -34.57 18.40 5.56
CA TYR C 253 -35.57 19.26 4.94
C TYR C 253 -35.35 20.71 5.34
N PHE C 254 -35.51 21.60 4.36
CA PHE C 254 -35.11 22.99 4.52
C PHE C 254 -36.06 23.78 5.41
N SER C 255 -37.33 23.37 5.49
CA SER C 255 -38.39 24.12 6.15
C SER C 255 -38.20 24.27 7.65
N ARG C 256 -37.32 23.48 8.27
CA ARG C 256 -36.99 23.68 9.67
C ARG C 256 -36.24 24.99 9.88
N ASN C 257 -35.33 25.35 8.97
CA ASN C 257 -34.59 26.61 9.07
C ASN C 257 -34.65 27.29 7.71
N HIS C 258 -35.72 28.04 7.49
CA HIS C 258 -35.91 28.76 6.25
C HIS C 258 -35.70 30.25 6.51
N PHE C 259 -35.97 31.06 5.49
CA PHE C 259 -35.87 32.49 5.59
C PHE C 259 -36.95 33.05 6.51
N ASP C 260 -38.23 32.73 6.22
CA ASP C 260 -39.42 33.10 6.98
C ASP C 260 -39.53 34.60 7.22
N PRO C 261 -39.89 35.38 6.19
CA PRO C 261 -39.85 36.84 6.29
C PRO C 261 -40.99 37.48 7.06
N GLY C 262 -41.79 36.71 7.80
CA GLY C 262 -42.81 37.33 8.64
C GLY C 262 -42.28 37.95 9.91
N GLU C 263 -41.04 37.65 10.29
CA GLU C 263 -40.46 38.24 11.50
C GLU C 263 -39.99 39.66 11.27
N TYR C 264 -39.73 40.04 10.02
CA TYR C 264 -39.20 41.35 9.69
C TYR C 264 -40.29 42.25 9.17
N GLY C 265 -40.42 43.43 9.77
CA GLY C 265 -41.34 44.44 9.29
C GLY C 265 -40.67 45.79 9.18
N PHE C 266 -40.74 46.41 8.01
CA PHE C 266 -40.09 47.68 7.76
C PHE C 266 -41.13 48.77 7.52
N SER C 267 -40.88 49.94 8.09
CA SER C 267 -41.74 51.09 7.85
C SER C 267 -41.58 51.55 6.39
N PRO C 268 -42.63 52.15 5.82
CA PRO C 268 -42.53 52.59 4.41
C PRO C 268 -41.52 53.70 4.16
N ARG C 269 -41.26 54.57 5.16
CA ARG C 269 -40.26 55.62 4.94
C ARG C 269 -38.85 55.04 4.93
N LEU C 270 -38.59 54.01 5.76
CA LEU C 270 -37.28 53.39 5.80
C LEU C 270 -37.02 52.57 4.54
N ARG C 271 -38.02 51.82 4.09
CA ARG C 271 -37.91 51.10 2.82
C ARG C 271 -37.77 52.06 1.64
N ASP C 272 -38.45 53.20 1.72
CA ASP C 272 -38.36 54.22 0.67
C ASP C 272 -36.96 54.80 0.58
N ALA C 273 -36.37 55.16 1.73
CA ALA C 273 -35.02 55.71 1.76
C ALA C 273 -33.99 54.70 1.32
N TRP C 274 -34.13 53.44 1.77
CA TRP C 274 -33.18 52.39 1.41
C TRP C 274 -33.23 52.08 -0.08
N ASN C 275 -34.44 51.98 -0.65
CA ASN C 275 -34.54 51.67 -2.08
C ASN C 275 -34.07 52.83 -2.94
N LYS C 276 -34.30 54.08 -2.49
CA LYS C 276 -33.76 55.23 -3.22
C LYS C 276 -32.24 55.23 -3.20
N GLN C 277 -31.64 54.94 -2.05
CA GLN C 277 -30.18 54.88 -1.95
C GLN C 277 -29.61 53.75 -2.81
N ILE C 278 -30.29 52.60 -2.86
CA ILE C 278 -29.80 51.47 -3.63
C ILE C 278 -29.88 51.75 -5.13
N CYS C 279 -30.99 52.34 -5.59
CA CYS C 279 -31.09 52.66 -7.02
C CYS C 279 -30.13 53.78 -7.41
N LYS C 280 -29.90 54.74 -6.51
CA LYS C 280 -28.95 55.81 -6.79
C LYS C 280 -27.52 55.30 -6.85
N VAL C 281 -27.18 54.30 -6.03
CA VAL C 281 -25.84 53.74 -6.08
C VAL C 281 -25.66 52.88 -7.32
N LEU C 282 -26.63 52.04 -7.65
CA LEU C 282 -26.48 51.19 -8.82
C LEU C 282 -26.64 51.94 -10.13
N ALA C 283 -27.12 53.19 -10.10
CA ALA C 283 -27.14 54.01 -11.31
C ALA C 283 -25.78 54.61 -11.64
N THR C 284 -24.81 54.56 -10.73
CA THR C 284 -23.54 55.22 -10.93
C THR C 284 -22.66 54.45 -11.91
N GLN C 285 -21.44 54.94 -12.10
CA GLN C 285 -20.50 54.29 -13.01
C GLN C 285 -19.43 53.49 -12.28
N GLN C 286 -19.13 53.83 -11.03
CA GLN C 286 -18.15 53.08 -10.27
C GLN C 286 -18.71 51.75 -9.77
N ALA C 287 -19.96 51.77 -9.29
CA ALA C 287 -20.63 50.54 -8.89
C ALA C 287 -20.88 49.63 -10.09
N ARG C 288 -21.26 50.22 -11.23
CA ARG C 288 -21.42 49.43 -12.43
C ARG C 288 -20.09 48.95 -12.99
N SER C 289 -18.99 49.66 -12.72
CA SER C 289 -17.68 49.16 -13.13
C SER C 289 -17.25 47.97 -12.29
N THR C 290 -17.55 47.99 -10.98
CA THR C 290 -17.26 46.84 -10.14
C THR C 290 -18.12 45.64 -10.51
N LEU C 291 -19.41 45.87 -10.78
CA LEU C 291 -20.26 44.79 -11.26
C LEU C 291 -19.86 44.32 -12.64
N GLN C 292 -19.25 45.19 -13.45
CA GLN C 292 -18.74 44.76 -14.75
C GLN C 292 -17.53 43.86 -14.61
N ALA C 293 -16.65 44.16 -13.65
CA ALA C 293 -15.52 43.27 -13.39
C ALA C 293 -15.99 41.91 -12.88
N LEU C 294 -16.97 41.90 -11.98
CA LEU C 294 -17.54 40.64 -11.49
C LEU C 294 -18.26 39.87 -12.58
N HIS C 295 -18.98 40.56 -13.46
CA HIS C 295 -19.67 39.91 -14.55
C HIS C 295 -18.71 39.41 -15.62
N ASP C 296 -17.54 40.06 -15.74
CA ASP C 296 -16.51 39.56 -16.63
C ASP C 296 -15.91 38.27 -16.09
N PHE C 297 -15.75 38.16 -14.77
CA PHE C 297 -15.17 36.94 -14.24
C PHE C 297 -16.17 35.78 -14.26
N ASP C 298 -17.26 35.90 -13.51
CA ASP C 298 -18.22 34.80 -13.36
C ASP C 298 -19.63 35.35 -13.32
N ILE C 299 -20.51 34.78 -14.15
CA ILE C 299 -21.87 35.29 -14.27
C ILE C 299 -22.87 34.53 -13.42
N SER C 300 -22.43 33.63 -12.56
CA SER C 300 -23.35 32.88 -11.73
C SER C 300 -23.89 33.74 -10.59
N GLU C 301 -24.92 33.24 -9.93
CA GLU C 301 -25.54 33.97 -8.83
C GLU C 301 -24.85 33.72 -7.50
N ALA C 302 -24.10 32.62 -7.36
CA ALA C 302 -23.40 32.35 -6.11
C ALA C 302 -22.26 33.33 -5.89
N TYR C 303 -21.55 33.69 -6.97
CA TYR C 303 -20.47 34.68 -6.89
C TYR C 303 -21.00 36.05 -6.51
N LEU C 304 -22.14 36.45 -7.08
CA LEU C 304 -22.74 37.73 -6.76
C LEU C 304 -23.28 37.74 -5.34
N LYS C 305 -23.84 36.61 -4.88
CA LYS C 305 -24.32 36.54 -3.51
C LYS C 305 -23.18 36.56 -2.50
N ASN C 306 -22.02 36.01 -2.88
CA ASN C 306 -20.84 36.10 -2.01
C ASN C 306 -20.35 37.55 -1.91
N PHE C 307 -20.29 38.24 -3.04
CA PHE C 307 -19.95 39.67 -3.06
C PHE C 307 -20.92 40.49 -2.22
N LEU C 308 -22.22 40.23 -2.37
CA LEU C 308 -23.21 41.01 -1.65
C LEU C 308 -23.26 40.66 -0.18
N PHE C 309 -22.88 39.44 0.20
CA PHE C 309 -22.75 39.12 1.62
C PHE C 309 -21.60 39.88 2.25
N ARG C 310 -20.44 39.92 1.57
CA ARG C 310 -19.33 40.71 2.12
C ARG C 310 -19.63 42.20 2.10
N LEU C 311 -20.51 42.65 1.19
CA LEU C 311 -20.88 44.06 1.16
C LEU C 311 -21.89 44.40 2.26
N VAL C 312 -22.84 43.51 2.53
CA VAL C 312 -23.87 43.76 3.53
C VAL C 312 -23.31 43.57 4.95
N ALA C 313 -22.31 42.70 5.13
CA ALA C 313 -21.71 42.52 6.44
C ALA C 313 -20.92 43.75 6.93
N HIS C 314 -20.61 44.71 6.06
CA HIS C 314 -19.90 45.91 6.45
C HIS C 314 -20.82 47.01 6.99
N LEU C 315 -22.13 46.78 7.05
CA LEU C 315 -23.08 47.81 7.45
C LEU C 315 -23.05 47.97 8.96
N ARG C 316 -22.09 48.73 9.43
CA ARG C 316 -21.98 49.12 10.82
C ARG C 316 -22.85 50.35 11.07
N PRO C 317 -23.33 50.56 12.31
CA PRO C 317 -24.27 51.67 12.55
C PRO C 317 -23.65 53.06 12.45
N GLN C 318 -22.32 53.19 12.43
CA GLN C 318 -21.75 54.50 12.15
C GLN C 318 -21.82 54.84 10.66
N SER C 319 -21.84 53.83 9.79
CA SER C 319 -21.93 54.02 8.34
C SER C 319 -23.10 53.19 7.82
N PRO C 320 -24.32 53.73 7.88
CA PRO C 320 -25.50 52.91 7.57
C PRO C 320 -25.73 52.67 6.08
N HIS C 321 -25.30 53.60 5.24
CA HIS C 321 -25.64 53.53 3.83
C HIS C 321 -24.70 52.61 3.07
N ILE C 322 -25.20 52.06 1.96
CA ILE C 322 -24.35 51.42 0.97
C ILE C 322 -23.94 52.48 -0.03
N THR C 323 -22.63 52.58 -0.28
CA THR C 323 -22.08 53.54 -1.22
C THR C 323 -21.18 52.80 -2.21
N ALA C 324 -20.85 53.49 -3.30
CA ALA C 324 -20.09 52.84 -4.37
C ALA C 324 -18.63 52.62 -4.01
N GLU C 325 -18.08 53.39 -3.06
CA GLU C 325 -16.69 53.13 -2.67
C GLU C 325 -16.57 51.87 -1.82
N LYS C 326 -17.63 51.49 -1.11
CA LYS C 326 -17.64 50.21 -0.41
C LYS C 326 -17.65 49.05 -1.41
N MET C 327 -18.42 49.19 -2.49
CA MET C 327 -18.43 48.19 -3.54
C MET C 327 -17.08 48.11 -4.25
N ALA C 328 -16.41 49.26 -4.43
CA ALA C 328 -15.08 49.27 -4.99
C ALA C 328 -14.07 48.61 -4.04
N ALA C 329 -14.25 48.76 -2.73
CA ALA C 329 -13.36 48.11 -1.77
C ALA C 329 -13.53 46.59 -1.78
N VAL C 330 -14.78 46.11 -1.87
CA VAL C 330 -15.01 44.67 -1.94
C VAL C 330 -14.52 44.12 -3.28
N GLY C 331 -14.64 44.90 -4.35
CA GLY C 331 -14.07 44.47 -5.63
C GLY C 331 -12.56 44.45 -5.63
N SER C 332 -11.94 45.36 -4.88
CA SER C 332 -10.49 45.33 -4.70
C SER C 332 -10.08 44.11 -3.88
N GLN C 333 -10.92 43.69 -2.95
CA GLN C 333 -10.66 42.45 -2.22
C GLN C 333 -10.80 41.23 -3.14
N PHE C 334 -11.72 41.29 -4.09
CA PHE C 334 -11.93 40.15 -4.98
C PHE C 334 -10.82 40.03 -6.03
N GLU C 335 -10.41 41.15 -6.63
CA GLU C 335 -9.62 41.09 -7.86
C GLU C 335 -8.13 40.83 -7.65
N GLY C 336 -7.63 40.91 -6.42
CA GLY C 336 -6.20 40.83 -6.20
C GLY C 336 -5.65 39.42 -6.30
N ASP C 337 -4.33 39.34 -6.46
CA ASP C 337 -3.63 38.06 -6.46
C ASP C 337 -3.23 37.69 -5.04
N ASP C 338 -3.16 36.38 -4.78
CA ASP C 338 -2.88 35.89 -3.43
C ASP C 338 -1.47 35.36 -3.27
N LYS C 339 -0.86 34.80 -4.31
CA LYS C 339 0.53 34.37 -4.19
C LYS C 339 1.47 35.56 -4.17
N ILE C 340 1.07 36.69 -4.76
CA ILE C 340 1.84 37.92 -4.63
C ILE C 340 1.82 38.40 -3.18
N GLU C 341 0.64 38.35 -2.55
CA GLU C 341 0.53 38.73 -1.14
C GLU C 341 1.19 37.73 -0.21
N LEU C 342 1.40 36.48 -0.66
CA LEU C 342 2.29 35.60 0.09
C LEU C 342 3.76 35.95 -0.16
N LEU C 343 4.08 36.49 -1.33
CA LEU C 343 5.47 36.83 -1.63
C LEU C 343 5.91 38.08 -0.89
N CYS C 344 4.98 38.99 -0.58
CA CYS C 344 5.32 40.20 0.17
C CYS C 344 5.48 39.93 1.66
N GLY C 345 5.21 38.71 2.12
CA GLY C 345 5.39 38.34 3.50
C GLY C 345 6.63 37.54 3.80
N LEU C 346 7.42 37.18 2.78
CA LEU C 346 8.68 36.50 3.01
C LEU C 346 9.70 37.47 3.59
N SER C 347 10.75 36.92 4.18
CA SER C 347 11.89 37.73 4.59
C SER C 347 12.77 37.99 3.37
N VAL C 348 13.86 38.71 3.59
CA VAL C 348 14.73 39.07 2.47
C VAL C 348 15.55 37.88 2.01
N LEU C 349 15.79 36.90 2.89
CA LEU C 349 16.56 35.73 2.51
C LEU C 349 15.78 34.84 1.53
N GLU C 350 14.49 34.62 1.79
CA GLU C 350 13.65 33.90 0.85
C GLU C 350 13.45 34.69 -0.45
N LEU C 351 13.48 36.01 -0.37
CA LEU C 351 13.32 36.81 -1.57
C LEU C 351 14.55 36.71 -2.46
N CYS C 352 15.75 36.73 -1.87
CA CYS C 352 16.95 36.49 -2.67
C CYS C 352 17.01 35.07 -3.20
N LEU C 353 16.47 34.09 -2.45
CA LEU C 353 16.38 32.73 -2.97
C LEU C 353 15.44 32.66 -4.17
N ILE C 354 14.32 33.37 -4.13
CA ILE C 354 13.38 33.36 -5.25
C ILE C 354 13.92 34.14 -6.45
N ILE C 355 14.71 35.18 -6.21
CA ILE C 355 15.37 35.89 -7.31
C ILE C 355 16.44 35.00 -7.95
N ALA C 356 17.14 34.19 -7.14
CA ALA C 356 18.09 33.24 -7.70
C ALA C 356 17.41 32.16 -8.51
N ILE C 357 16.23 31.70 -8.06
CA ILE C 357 15.46 30.72 -8.81
C ILE C 357 14.95 31.32 -10.12
N LYS C 358 14.53 32.58 -10.08
CA LYS C 358 14.06 33.27 -11.28
C LYS C 358 15.20 33.47 -12.28
N HIS C 359 16.41 33.77 -11.78
CA HIS C 359 17.57 33.91 -12.66
C HIS C 359 17.94 32.57 -13.30
N HIS C 360 17.90 31.49 -12.52
CA HIS C 360 18.18 30.16 -13.07
C HIS C 360 17.15 29.75 -14.12
N SER C 361 15.88 30.07 -13.88
CA SER C 361 14.84 29.71 -14.84
C SER C 361 14.87 30.59 -16.08
N GLN C 362 15.27 31.86 -15.94
CA GLN C 362 15.38 32.73 -17.09
C GLN C 362 16.61 32.42 -17.93
N ILE C 363 17.67 31.90 -17.30
CA ILE C 363 18.86 31.55 -18.07
C ILE C 363 18.70 30.20 -18.75
N TYR C 364 18.28 29.18 -17.99
CA TYR C 364 18.30 27.81 -18.49
C TYR C 364 16.96 27.35 -19.07
N ASP C 365 16.00 28.27 -19.26
CA ASP C 365 14.70 28.02 -19.88
C ASP C 365 13.91 26.95 -19.12
N ARG C 366 13.60 27.28 -17.86
CA ARG C 366 12.69 26.50 -16.99
C ARG C 366 13.19 25.07 -16.76
N ASP C 367 14.50 24.91 -16.65
CA ASP C 367 15.05 23.64 -16.21
C ASP C 367 14.83 23.48 -14.71
N SER C 368 14.72 22.23 -14.28
CA SER C 368 14.55 21.92 -12.86
C SER C 368 15.81 22.29 -12.09
N PHE C 369 15.62 22.77 -10.88
CA PHE C 369 16.72 23.29 -10.08
C PHE C 369 16.90 22.43 -8.83
N ASN C 370 17.73 22.92 -7.93
CA ASN C 370 18.24 22.12 -6.82
C ASN C 370 18.53 23.09 -5.70
N PHE C 371 18.82 22.56 -4.50
CA PHE C 371 19.25 23.46 -3.44
C PHE C 371 20.67 23.94 -3.68
N GLU C 372 21.52 23.09 -4.25
CA GLU C 372 22.93 23.46 -4.41
C GLU C 372 23.14 24.49 -5.53
N ILE C 373 22.36 24.38 -6.61
CA ILE C 373 22.48 25.33 -7.71
C ILE C 373 22.02 26.71 -7.28
N ILE C 374 20.87 26.77 -6.62
CA ILE C 374 20.32 28.05 -6.16
C ILE C 374 21.16 28.61 -5.02
N TYR C 375 21.74 27.75 -4.18
CA TYR C 375 22.61 28.22 -3.11
C TYR C 375 23.93 28.76 -3.67
N ALA C 376 24.43 28.17 -4.75
CA ALA C 376 25.64 28.71 -5.38
C ALA C 376 25.36 30.06 -6.03
N ARG C 377 24.22 30.19 -6.73
CA ARG C 377 23.85 31.45 -7.35
C ARG C 377 23.55 32.53 -6.31
N PHE C 378 23.07 32.14 -5.13
CA PHE C 378 22.84 33.10 -4.07
C PHE C 378 24.14 33.47 -3.36
N SER C 379 25.04 32.52 -3.18
CA SER C 379 26.29 32.79 -2.46
C SER C 379 27.26 33.59 -3.31
N LYS C 380 27.12 33.55 -4.64
CA LYS C 380 27.90 34.47 -5.46
C LYS C 380 27.45 35.91 -5.27
N PHE C 381 26.18 36.13 -4.97
CA PHE C 381 25.69 37.48 -4.71
C PHE C 381 25.96 37.91 -3.28
N ALA C 382 25.89 36.98 -2.33
CA ALA C 382 25.99 37.32 -0.92
C ALA C 382 27.41 37.68 -0.49
N LYS C 383 28.41 37.42 -1.33
CA LYS C 383 29.78 37.78 -1.00
C LYS C 383 30.08 39.26 -1.23
N VAL C 384 29.30 39.94 -2.08
CA VAL C 384 29.53 41.34 -2.41
C VAL C 384 28.39 42.23 -1.95
N SER C 385 27.47 41.72 -1.14
CA SER C 385 26.23 42.44 -0.86
C SER C 385 26.39 43.49 0.22
N THR C 386 27.33 43.29 1.16
CA THR C 386 27.56 44.08 2.38
C THR C 386 26.33 44.12 3.31
N THR C 387 25.36 43.24 3.11
CA THR C 387 24.25 43.03 4.02
C THR C 387 24.00 41.57 4.34
N MET C 388 24.31 40.66 3.42
CA MET C 388 24.11 39.23 3.59
C MET C 388 25.43 38.47 3.68
N GLN C 389 26.41 39.05 4.36
CA GLN C 389 27.69 38.37 4.53
C GLN C 389 27.57 37.21 5.51
N ALA C 390 26.73 37.34 6.52
CA ALA C 390 26.74 36.45 7.68
C ALA C 390 25.61 35.42 7.67
N VAL C 391 25.18 34.97 6.51
CA VAL C 391 24.18 33.90 6.46
C VAL C 391 24.89 32.55 6.32
N GLU C 392 24.43 31.57 7.08
CA GLU C 392 25.02 30.24 7.01
C GLU C 392 24.41 29.44 5.86
N ARG C 393 24.80 28.15 5.80
CA ARG C 393 24.18 27.24 4.85
C ARG C 393 22.84 26.74 5.38
N SER C 394 22.75 26.53 6.69
CA SER C 394 21.54 25.96 7.27
C SER C 394 20.39 26.95 7.29
N ILE C 395 20.66 28.24 7.43
CA ILE C 395 19.59 29.23 7.40
C ILE C 395 19.01 29.38 6.01
N VAL C 396 19.85 29.31 4.98
CA VAL C 396 19.35 29.32 3.61
C VAL C 396 18.64 28.02 3.29
N LEU C 397 19.05 26.91 3.90
CA LEU C 397 18.33 25.66 3.71
C LEU C 397 16.95 25.71 4.37
N LYS C 398 16.84 26.37 5.52
CA LYS C 398 15.54 26.52 6.15
C LYS C 398 14.64 27.48 5.37
N ALA C 399 15.24 28.51 4.77
CA ALA C 399 14.48 29.40 3.90
C ALA C 399 13.99 28.68 2.65
N PHE C 400 14.82 27.78 2.11
CA PHE C 400 14.41 26.95 0.98
C PHE C 400 13.27 26.01 1.36
N GLU C 401 13.33 25.46 2.57
CA GLU C 401 12.24 24.61 3.04
C GLU C 401 10.95 25.39 3.28
N HIS C 402 11.07 26.64 3.72
CA HIS C 402 9.88 27.48 3.89
C HIS C 402 9.28 27.85 2.54
N LEU C 403 10.10 28.04 1.51
CA LEU C 403 9.56 28.24 0.18
C LEU C 403 8.94 26.96 -0.37
N ARG C 404 9.46 25.79 0.05
CA ARG C 404 8.92 24.54 -0.46
C ARG C 404 7.56 24.22 0.15
N ILE C 405 7.40 24.42 1.46
CA ILE C 405 6.12 24.06 2.09
C ILE C 405 5.02 25.08 1.83
N ALA C 406 5.34 26.27 1.34
CA ALA C 406 4.32 27.23 0.94
C ALA C 406 3.91 27.05 -0.52
N GLU C 407 4.45 26.02 -1.17
CA GLU C 407 4.22 25.68 -2.58
C GLU C 407 4.52 26.83 -3.54
N LEU C 408 5.55 27.61 -3.22
CA LEU C 408 6.21 28.43 -4.22
C LEU C 408 7.28 27.65 -4.97
N ILE C 409 7.51 26.40 -4.55
CA ILE C 409 8.45 25.47 -5.15
C ILE C 409 7.81 24.10 -5.06
N MET C 410 7.72 23.40 -6.19
CA MET C 410 7.07 22.10 -6.15
C MET C 410 8.00 21.01 -6.64
N PRO C 411 7.99 19.84 -6.01
CA PRO C 411 8.85 18.74 -6.47
C PRO C 411 8.37 18.17 -7.80
N LEU C 412 9.20 17.30 -8.37
CA LEU C 412 8.88 16.63 -9.63
C LEU C 412 8.15 15.31 -9.34
N THR C 413 7.01 15.44 -8.65
CA THR C 413 6.20 14.29 -8.28
C THR C 413 4.73 14.67 -8.27
N VAL C 423 16.00 10.65 -3.26
CA VAL C 423 17.01 11.68 -3.42
C VAL C 423 17.10 12.47 -2.11
N GLN C 424 18.30 12.96 -1.79
CA GLN C 424 18.52 13.73 -0.58
C GLN C 424 17.77 15.06 -0.63
N LYS C 425 17.54 15.63 0.56
CA LYS C 425 16.75 16.85 0.67
C LYS C 425 17.48 18.04 0.06
N GLU C 426 18.81 18.07 0.16
CA GLU C 426 19.60 19.12 -0.46
C GLU C 426 19.90 18.85 -1.93
N PHE C 427 19.34 17.80 -2.52
CA PHE C 427 19.60 17.44 -3.90
C PHE C 427 18.34 17.07 -4.67
N GLU C 428 17.16 17.24 -4.10
CA GLU C 428 15.92 16.89 -4.78
C GLU C 428 15.56 17.98 -5.77
N MET C 429 15.17 17.55 -6.97
CA MET C 429 14.88 18.51 -8.04
C MET C 429 13.50 19.14 -7.84
N HIS C 430 13.32 20.32 -8.43
CA HIS C 430 12.17 21.15 -8.12
C HIS C 430 11.71 21.92 -9.36
N LYS C 431 10.61 22.65 -9.18
CA LYS C 431 10.03 23.53 -10.20
C LYS C 431 9.54 24.80 -9.53
N LEU C 432 9.72 25.93 -10.20
CA LEU C 432 9.19 27.19 -9.70
C LEU C 432 7.70 27.28 -10.02
N ALA C 433 6.89 27.46 -8.98
CA ALA C 433 5.44 27.49 -9.12
C ALA C 433 4.88 28.89 -9.29
N LEU C 434 5.70 29.83 -9.77
CA LEU C 434 5.30 31.21 -10.00
C LEU C 434 5.53 31.57 -11.46
N THR C 435 4.98 32.69 -11.88
CA THR C 435 5.37 33.28 -13.15
C THR C 435 6.40 34.38 -12.90
N TYR C 436 6.98 34.87 -13.98
CA TYR C 436 7.96 35.95 -13.83
C TYR C 436 7.28 37.27 -13.51
N SER C 437 6.03 37.45 -13.96
CA SER C 437 5.31 38.69 -13.69
C SER C 437 4.93 38.81 -12.23
N GLN C 438 4.67 37.68 -11.56
CA GLN C 438 4.34 37.73 -10.14
C GLN C 438 5.55 38.14 -9.31
N ILE C 439 6.74 37.64 -9.67
CA ILE C 439 7.95 38.06 -8.98
C ILE C 439 8.30 39.52 -9.30
N HIS C 440 8.00 39.94 -10.53
CA HIS C 440 8.25 41.34 -10.90
C HIS C 440 7.30 42.29 -10.18
N HIS C 441 6.07 41.86 -9.89
CA HIS C 441 5.17 42.69 -9.09
C HIS C 441 5.52 42.64 -7.60
N CYS C 442 6.05 41.50 -7.14
CA CYS C 442 6.55 41.42 -5.76
C CYS C 442 7.72 42.36 -5.53
N MET C 443 8.59 42.52 -6.54
CA MET C 443 9.72 43.45 -6.41
C MET C 443 9.26 44.90 -6.32
N GLN C 444 8.08 45.22 -6.82
CA GLN C 444 7.53 46.56 -6.70
C GLN C 444 6.69 46.76 -5.44
N ARG C 445 6.08 45.69 -4.92
CA ARG C 445 5.19 45.82 -3.77
C ARG C 445 5.86 45.53 -2.44
N TYR C 446 7.10 45.08 -2.43
CA TYR C 446 7.77 44.69 -1.19
C TYR C 446 8.16 45.90 -0.37
N GLN C 447 7.93 45.83 0.94
CA GLN C 447 8.23 46.92 1.85
C GLN C 447 9.62 46.75 2.44
N ALA C 448 10.37 47.85 2.47
CA ALA C 448 11.73 47.93 3.04
C ALA C 448 12.67 46.92 2.37
N LEU C 449 12.56 46.80 1.07
CA LEU C 449 13.50 46.00 0.29
C LEU C 449 14.80 46.76 0.12
N PRO C 450 15.93 46.20 0.49
CA PRO C 450 17.21 46.90 0.31
C PRO C 450 17.57 47.03 -1.17
N THR C 451 18.40 48.03 -1.46
CA THR C 451 18.68 48.38 -2.84
C THR C 451 19.62 47.41 -3.54
N GLU C 452 20.40 46.64 -2.77
CA GLU C 452 21.27 45.63 -3.37
C GLU C 452 20.44 44.52 -4.01
N VAL C 453 19.41 44.05 -3.30
CA VAL C 453 18.53 43.03 -3.83
C VAL C 453 17.69 43.58 -4.97
N ALA C 454 17.25 44.83 -4.86
CA ALA C 454 16.44 45.45 -5.90
C ALA C 454 17.26 45.73 -7.15
N GLN C 455 18.58 45.87 -7.02
CA GLN C 455 19.44 46.00 -8.20
C GLN C 455 19.83 44.64 -8.76
N TRP C 456 19.96 43.62 -7.91
CA TRP C 456 20.26 42.28 -8.39
C TRP C 456 19.07 41.67 -9.12
N ALA C 457 17.85 42.11 -8.79
CA ALA C 457 16.67 41.59 -9.46
C ALA C 457 16.54 42.06 -10.90
N GLN C 458 17.23 43.12 -11.30
CA GLN C 458 17.07 43.65 -12.65
C GLN C 458 17.93 42.91 -13.66
N SER C 459 19.11 42.45 -13.26
CA SER C 459 20.02 41.79 -14.19
C SER C 459 20.42 40.40 -13.68
N MET D 1 -21.27 41.82 18.31
CA MET D 1 -19.98 41.49 17.74
C MET D 1 -18.89 42.39 18.28
N GLU D 2 -19.29 43.52 18.86
CA GLU D 2 -18.32 44.49 19.36
C GLU D 2 -17.66 44.00 20.65
N ALA D 3 -18.34 43.16 21.42
CA ALA D 3 -17.78 42.66 22.66
C ALA D 3 -16.65 41.67 22.39
N ILE D 4 -16.79 40.82 21.37
CA ILE D 4 -15.77 39.84 21.07
C ILE D 4 -14.53 40.50 20.45
N CYS D 5 -14.73 41.50 19.59
CA CYS D 5 -13.60 42.24 19.04
C CYS D 5 -12.90 43.07 20.10
N SER D 6 -13.68 43.72 20.97
CA SER D 6 -13.09 44.50 22.06
C SER D 6 -12.44 43.62 23.12
N SER D 7 -12.79 42.33 23.18
CA SER D 7 -12.11 41.42 24.09
C SER D 7 -10.89 40.77 23.47
N LEU D 8 -10.84 40.64 22.14
CA LEU D 8 -9.68 40.02 21.51
C LEU D 8 -8.59 41.00 21.13
N GLU D 9 -8.92 42.28 20.97
CA GLU D 9 -7.91 43.29 20.65
C GLU D 9 -6.84 43.53 21.72
N PRO D 10 -7.08 43.33 23.02
CA PRO D 10 -5.94 43.26 23.94
C PRO D 10 -4.96 42.12 23.68
N LEU D 11 -5.44 40.92 23.37
CA LEU D 11 -4.55 39.78 23.22
C LEU D 11 -3.76 39.79 21.91
N PHE D 12 -4.33 40.36 20.84
CA PHE D 12 -3.70 40.36 19.53
C PHE D 12 -3.56 41.80 19.04
N PRO D 13 -2.46 42.45 19.36
CA PRO D 13 -2.20 43.77 18.75
C PRO D 13 -1.86 43.63 17.28
N CYS D 14 -2.13 44.71 16.54
CA CYS D 14 -1.92 44.87 15.10
C CYS D 14 -2.73 43.88 14.26
N ARG D 15 -3.80 43.31 14.81
CA ARG D 15 -4.73 42.46 14.09
C ARG D 15 -6.15 43.02 14.18
N GLU D 16 -6.29 44.34 14.15
CA GLU D 16 -7.60 44.94 14.34
C GLU D 16 -8.48 44.80 13.10
N ALA D 17 -7.88 44.76 11.91
CA ALA D 17 -8.65 44.59 10.69
C ALA D 17 -9.15 43.15 10.54
N ALA D 18 -8.32 42.18 10.92
CA ALA D 18 -8.71 40.79 10.82
C ALA D 18 -9.79 40.43 11.83
N ILE D 19 -9.67 40.94 13.07
CA ILE D 19 -10.70 40.74 14.07
C ILE D 19 -11.96 41.52 13.70
N GLU D 20 -11.82 42.66 13.03
CA GLU D 20 -12.98 43.41 12.56
C GLU D 20 -13.73 42.63 11.48
N THR D 21 -13.00 42.02 10.55
CA THR D 21 -13.64 41.23 9.49
C THR D 21 -14.27 39.95 10.05
N LEU D 22 -13.59 39.28 10.98
CA LEU D 22 -14.16 38.08 11.59
C LEU D 22 -15.35 38.40 12.50
N GLY D 23 -15.39 39.60 13.07
CA GLY D 23 -16.57 40.00 13.82
C GLY D 23 -17.71 40.45 12.94
N GLU D 24 -17.39 40.97 11.75
CA GLU D 24 -18.43 41.27 10.78
C GLU D 24 -19.07 40.00 10.23
N LEU D 25 -18.26 38.96 10.03
CA LEU D 25 -18.80 37.74 9.41
C LEU D 25 -19.48 36.84 10.44
N ILE D 26 -18.71 36.34 11.41
CA ILE D 26 -19.21 35.33 12.34
C ILE D 26 -19.18 35.85 13.78
N GLY D 27 -19.37 37.14 13.96
CA GLY D 27 -19.30 37.72 15.29
C GLY D 27 -20.56 37.50 16.10
N ASP D 28 -21.70 37.90 15.54
CA ASP D 28 -22.98 37.76 16.22
C ASP D 28 -23.68 36.50 15.73
N SER D 29 -24.19 35.71 16.69
CA SER D 29 -24.91 34.48 16.35
C SER D 29 -26.38 34.75 16.02
N SER D 30 -26.88 35.94 16.32
CA SER D 30 -28.25 36.28 15.95
C SER D 30 -28.39 36.52 14.45
N GLU D 31 -27.28 36.80 13.78
CA GLU D 31 -27.26 36.91 12.32
C GLU D 31 -26.69 35.63 11.73
N THR D 32 -26.99 35.39 10.47
CA THR D 32 -26.59 34.15 9.84
C THR D 32 -25.13 34.21 9.39
N TYR D 33 -24.49 33.09 9.43
CA TYR D 33 -23.09 32.88 9.13
C TYR D 33 -22.92 32.55 7.66
N PRO D 34 -21.78 32.91 7.06
CA PRO D 34 -21.48 32.41 5.72
C PRO D 34 -21.20 30.92 5.74
N SER D 35 -21.23 30.31 4.56
CA SER D 35 -21.14 28.87 4.46
C SER D 35 -19.74 28.36 4.82
N ALA D 36 -18.70 29.11 4.44
CA ALA D 36 -17.33 28.76 4.76
C ALA D 36 -16.46 30.00 4.71
N ILE D 37 -15.57 30.13 5.69
CA ILE D 37 -14.53 31.15 5.72
C ILE D 37 -13.19 30.44 5.61
N TYR D 38 -12.27 31.02 4.85
CA TYR D 38 -10.94 30.46 4.64
C TYR D 38 -9.95 31.57 4.92
N LEU D 39 -9.32 31.58 6.10
CA LEU D 39 -8.31 32.58 6.39
C LEU D 39 -6.94 31.93 6.39
N PHE D 40 -5.99 32.58 5.74
CA PHE D 40 -4.70 31.98 5.43
C PHE D 40 -3.60 33.01 5.57
N GLY D 41 -2.39 32.53 5.80
CA GLY D 41 -1.25 33.39 6.02
C GLY D 41 0.02 32.59 6.05
N HIS D 42 1.07 33.18 6.58
CA HIS D 42 2.35 32.49 6.71
C HIS D 42 2.44 31.82 8.08
N SER D 43 3.56 31.18 8.36
CA SER D 43 3.78 30.60 9.68
C SER D 43 4.02 31.69 10.70
N GLY D 44 3.52 31.48 11.91
CA GLY D 44 3.67 32.45 12.97
C GLY D 44 2.83 33.70 12.83
N THR D 45 1.85 33.71 11.94
CA THR D 45 0.99 34.87 11.76
C THR D 45 -0.07 34.98 12.84
N GLY D 46 -0.36 33.89 13.54
CA GLY D 46 -1.39 33.93 14.56
C GLY D 46 -2.75 33.65 13.99
N LYS D 47 -2.92 32.48 13.38
CA LYS D 47 -4.23 32.06 12.89
C LYS D 47 -4.76 30.82 13.57
N THR D 48 -3.92 30.06 14.28
CA THR D 48 -4.44 29.07 15.21
C THR D 48 -4.90 29.74 16.48
N ALA D 49 -4.10 30.66 17.01
CA ALA D 49 -4.40 31.30 18.29
C ALA D 49 -5.56 32.27 18.17
N LEU D 50 -5.68 32.95 17.03
CA LEU D 50 -6.75 33.94 16.87
C LEU D 50 -8.10 33.26 16.71
N THR D 51 -8.18 32.20 15.89
CA THR D 51 -9.44 31.48 15.75
C THR D 51 -9.77 30.69 17.00
N ARG D 52 -8.76 30.22 17.73
CA ARG D 52 -9.00 29.52 18.99
C ARG D 52 -9.57 30.46 20.04
N ALA D 53 -8.98 31.65 20.19
CA ALA D 53 -9.49 32.63 21.14
C ALA D 53 -10.84 33.18 20.71
N PHE D 54 -11.06 33.34 19.40
CA PHE D 54 -12.35 33.80 18.88
C PHE D 54 -13.45 32.78 19.16
N LEU D 55 -13.17 31.50 18.95
CA LEU D 55 -14.17 30.47 19.19
C LEU D 55 -14.45 30.31 20.68
N LYS D 56 -13.42 30.44 21.52
CA LYS D 56 -13.66 30.37 22.97
C LYS D 56 -14.46 31.57 23.47
N GLU D 57 -14.18 32.77 22.95
CA GLU D 57 -14.94 33.94 23.38
C GLU D 57 -16.36 33.91 22.84
N CYS D 58 -16.58 33.35 21.64
CA CYS D 58 -17.92 33.21 21.12
C CYS D 58 -18.72 32.17 21.88
N GLY D 59 -18.06 31.09 22.33
CA GLY D 59 -18.75 30.11 23.15
C GLY D 59 -19.05 30.61 24.55
N LYS D 60 -18.19 31.46 25.10
CA LYS D 60 -18.42 32.00 26.43
C LYS D 60 -19.52 33.07 26.41
N ARG D 61 -19.42 34.03 25.49
CA ARG D 61 -20.33 35.17 25.50
C ARG D 61 -21.67 34.88 24.85
N GLN D 62 -21.78 33.85 24.02
CA GLN D 62 -22.98 33.62 23.23
C GLN D 62 -23.42 32.16 23.27
N ASN D 63 -24.35 31.79 22.40
CA ASN D 63 -24.96 30.47 22.40
C ASN D 63 -24.42 29.56 21.30
N VAL D 64 -23.14 29.69 20.96
CA VAL D 64 -22.59 28.86 19.88
C VAL D 64 -21.94 27.61 20.47
N ARG D 65 -21.79 26.60 19.61
CA ARG D 65 -21.07 25.38 19.93
C ARG D 65 -19.91 25.26 18.96
N THR D 66 -18.69 25.27 19.49
CA THR D 66 -17.49 25.34 18.68
C THR D 66 -16.80 23.99 18.60
N ALA D 67 -15.95 23.87 17.58
CA ALA D 67 -15.12 22.67 17.39
C ALA D 67 -13.84 23.10 16.70
N HIS D 68 -12.69 22.81 17.31
CA HIS D 68 -11.41 23.09 16.70
C HIS D 68 -10.70 21.78 16.38
N LEU D 69 -10.34 21.59 15.12
CA LEU D 69 -9.74 20.37 14.62
C LEU D 69 -8.29 20.60 14.22
N ASN D 70 -7.69 19.51 13.75
CA ASN D 70 -6.40 19.52 13.07
C ASN D 70 -6.44 18.38 12.08
N ALA D 71 -6.35 18.69 10.79
CA ALA D 71 -6.57 17.68 9.76
C ALA D 71 -5.41 16.71 9.60
N ILE D 72 -4.30 16.91 10.31
CA ILE D 72 -3.22 15.94 10.33
C ILE D 72 -3.60 14.71 11.14
N GLU D 73 -4.40 14.91 12.20
CA GLU D 73 -4.81 13.83 13.08
C GLU D 73 -5.74 12.84 12.40
N CYS D 74 -6.47 13.27 11.38
CA CYS D 74 -7.55 12.48 10.80
C CYS D 74 -6.98 11.60 9.69
N TYR D 75 -6.52 10.42 10.08
CA TYR D 75 -5.99 9.47 9.10
C TYR D 75 -7.12 8.75 8.38
N THR D 76 -8.29 8.64 9.01
CA THR D 76 -9.53 8.30 8.32
C THR D 76 -10.55 9.39 8.62
N THR D 77 -11.64 9.38 7.83
CA THR D 77 -12.64 10.43 8.01
C THR D 77 -13.53 10.19 9.23
N LYS D 78 -13.59 8.95 9.72
CA LYS D 78 -14.37 8.63 10.91
C LYS D 78 -13.80 9.31 12.15
N ILE D 79 -12.48 9.53 12.19
CA ILE D 79 -11.86 10.23 13.30
C ILE D 79 -12.30 11.69 13.32
N MET D 80 -12.27 12.32 12.15
CA MET D 80 -12.71 13.71 12.02
C MET D 80 -14.16 13.89 12.40
N LEU D 81 -15.02 12.97 11.95
CA LEU D 81 -16.44 13.07 12.26
C LEU D 81 -16.72 12.79 13.72
N GLU D 82 -15.95 11.89 14.34
CA GLU D 82 -16.13 11.62 15.76
C GLU D 82 -15.73 12.82 16.61
N ILE D 83 -14.62 13.48 16.27
CA ILE D 83 -14.23 14.69 17.00
C ILE D 83 -15.24 15.81 16.80
N LEU D 84 -15.72 15.97 15.56
CA LEU D 84 -16.69 17.02 15.23
C LEU D 84 -18.01 16.81 15.97
N LEU D 85 -18.52 15.59 15.98
CA LEU D 85 -19.79 15.37 16.65
C LEU D 85 -19.64 15.27 18.16
N ASP D 86 -18.42 15.00 18.66
CA ASP D 86 -18.19 15.09 20.09
C ASP D 86 -18.23 16.54 20.56
N SER D 87 -17.65 17.45 19.78
CA SER D 87 -17.63 18.85 20.21
C SER D 87 -18.93 19.59 19.88
N LEU D 88 -19.64 19.19 18.83
CA LEU D 88 -20.84 19.89 18.41
C LEU D 88 -22.11 19.36 19.06
N ALA D 89 -22.10 18.12 19.53
CA ALA D 89 -23.26 17.51 20.20
C ALA D 89 -22.76 16.95 21.53
N PRO D 90 -22.53 17.81 22.51
CA PRO D 90 -21.83 17.38 23.72
C PRO D 90 -22.74 16.61 24.67
N ASP D 91 -22.16 16.23 25.81
CA ASP D 91 -22.79 15.42 26.86
C ASP D 91 -23.33 14.10 26.30
N GLN D 92 -22.57 13.49 25.39
CA GLN D 92 -23.02 12.28 24.72
C GLN D 92 -22.33 11.04 25.25
N GLY D 93 -21.10 11.16 25.73
CA GLY D 93 -20.44 10.02 26.34
C GLY D 93 -19.95 9.02 25.32
N ASP D 94 -19.95 7.75 25.72
CA ASP D 94 -19.53 6.64 24.87
C ASP D 94 -20.65 6.16 23.96
N ALA D 95 -21.79 6.84 23.94
CA ALA D 95 -22.87 6.53 23.01
C ALA D 95 -22.63 7.11 21.62
N LEU D 96 -21.55 7.85 21.43
CA LEU D 96 -21.26 8.49 20.15
C LEU D 96 -20.85 7.46 19.10
N LYS D 97 -21.52 7.48 17.96
CA LYS D 97 -21.23 6.52 16.89
C LYS D 97 -21.54 7.17 15.55
N VAL D 98 -20.51 7.44 14.77
CA VAL D 98 -20.63 8.04 13.43
C VAL D 98 -20.04 7.08 12.43
N ASP D 99 -20.88 6.53 11.55
CA ASP D 99 -20.39 5.58 10.54
C ASP D 99 -19.69 6.29 9.40
N ASN D 100 -20.34 7.28 8.79
CA ASN D 100 -19.83 7.95 7.62
C ASN D 100 -20.34 9.38 7.61
N MET D 101 -20.19 10.06 6.46
CA MET D 101 -20.62 11.46 6.35
C MET D 101 -22.13 11.59 6.44
N LEU D 102 -22.87 10.56 6.00
CA LEU D 102 -24.32 10.60 6.01
C LEU D 102 -24.86 10.59 7.44
N ASP D 103 -24.31 9.71 8.30
CA ASP D 103 -24.73 9.66 9.70
C ASP D 103 -24.36 10.94 10.43
N PHE D 104 -23.22 11.53 10.07
CA PHE D 104 -22.81 12.82 10.64
C PHE D 104 -23.79 13.92 10.25
N VAL D 105 -24.24 13.93 8.99
CA VAL D 105 -25.16 14.96 8.52
C VAL D 105 -26.55 14.78 9.15
N GLU D 106 -27.00 13.53 9.30
CA GLU D 106 -28.30 13.29 9.96
C GLU D 106 -28.26 13.65 11.44
N GLN D 107 -27.17 13.30 12.13
CA GLN D 107 -27.08 13.62 13.55
C GLN D 107 -26.85 15.11 13.78
N LEU D 108 -26.28 15.84 12.82
CA LEU D 108 -26.28 17.30 12.94
C LEU D 108 -27.62 17.90 12.61
N ARG D 109 -28.38 17.29 11.70
CA ARG D 109 -29.73 17.76 11.39
C ARG D 109 -30.65 17.62 12.59
N ARG D 110 -30.45 16.57 13.39
CA ARG D 110 -31.25 16.42 14.60
C ARG D 110 -30.95 17.45 15.67
N GLN D 111 -29.80 18.14 15.59
CA GLN D 111 -29.42 19.13 16.59
C GLN D 111 -30.06 20.50 16.37
N ALA D 112 -30.88 20.66 15.34
CA ALA D 112 -31.55 21.94 15.12
C ALA D 112 -32.61 22.17 16.17
N ALA D 113 -32.89 23.44 16.44
CA ALA D 113 -33.84 23.83 17.47
C ALA D 113 -34.59 25.06 17.00
N THR D 114 -35.28 25.70 17.93
CA THR D 114 -36.15 26.82 17.61
C THR D 114 -35.35 28.07 17.23
N ARG D 115 -36.06 29.07 16.73
CA ARG D 115 -35.45 30.31 16.27
C ARG D 115 -35.21 31.31 17.40
N VAL D 116 -35.98 31.23 18.49
CA VAL D 116 -35.92 32.22 19.56
C VAL D 116 -34.65 32.08 20.41
N GLU D 117 -33.93 30.96 20.30
CA GLU D 117 -32.74 30.76 21.10
C GLU D 117 -31.47 31.26 20.43
N ASP D 118 -31.49 31.43 19.10
CA ASP D 118 -30.40 32.00 18.30
C ASP D 118 -29.10 31.22 18.45
N GLN D 119 -29.17 29.93 18.13
CA GLN D 119 -27.98 29.11 18.27
C GLN D 119 -27.17 29.10 16.98
N GLY D 120 -25.88 28.84 17.13
CA GLY D 120 -24.98 28.74 16.01
C GLY D 120 -23.96 27.66 16.25
N PHE D 121 -23.23 27.31 15.20
CA PHE D 121 -22.16 26.33 15.28
C PHE D 121 -20.96 26.91 14.55
N LEU D 122 -19.77 26.56 15.02
CA LEU D 122 -18.55 27.04 14.39
C LEU D 122 -17.56 25.89 14.36
N ILE D 123 -16.94 25.67 13.21
CA ILE D 123 -15.99 24.58 13.03
C ILE D 123 -14.70 25.18 12.50
N ALA D 124 -13.60 24.95 13.21
CA ALA D 124 -12.29 25.41 12.78
C ALA D 124 -11.43 24.19 12.46
N VAL D 125 -11.02 24.05 11.21
CA VAL D 125 -10.22 22.92 10.76
C VAL D 125 -8.82 23.46 10.49
N ASP D 126 -7.95 23.38 11.49
CA ASP D 126 -6.57 23.83 11.33
C ASP D 126 -5.80 22.84 10.47
N ASN D 127 -4.76 23.35 9.80
CA ASN D 127 -3.93 22.61 8.84
C ASN D 127 -4.78 21.97 7.74
N ALA D 128 -5.54 22.83 7.05
CA ALA D 128 -6.56 22.36 6.11
C ALA D 128 -5.98 21.81 4.82
N GLU D 129 -4.66 21.91 4.58
CA GLU D 129 -4.04 21.38 3.37
C GLU D 129 -4.18 19.87 3.29
N ARG D 130 -4.35 19.20 4.44
CA ARG D 130 -4.55 17.76 4.48
C ARG D 130 -5.94 17.36 4.03
N LEU D 131 -6.89 18.31 4.00
CA LEU D 131 -8.26 18.00 3.57
C LEU D 131 -8.34 17.60 2.11
N ARG D 132 -7.39 18.03 1.29
CA ARG D 132 -7.34 17.60 -0.10
C ARG D 132 -6.47 16.35 -0.28
N ASP D 133 -6.08 15.70 0.82
CA ASP D 133 -5.46 14.39 0.78
C ASP D 133 -6.39 13.30 1.30
N MET D 134 -7.59 13.67 1.75
CA MET D 134 -8.55 12.73 2.31
C MET D 134 -9.48 12.16 1.24
N ASP D 135 -10.62 11.61 1.65
CA ASP D 135 -11.33 10.63 0.84
C ASP D 135 -12.21 11.28 -0.24
N ALA D 136 -11.88 12.51 -0.65
CA ALA D 136 -12.37 13.20 -1.85
C ALA D 136 -13.83 13.61 -1.79
N ASN D 137 -14.50 13.37 -0.67
CA ASN D 137 -15.80 13.96 -0.40
C ASN D 137 -15.82 14.69 0.93
N VAL D 138 -14.67 14.86 1.58
CA VAL D 138 -14.63 15.56 2.85
C VAL D 138 -14.77 17.06 2.65
N LEU D 139 -13.91 17.64 1.80
CA LEU D 139 -13.92 19.07 1.51
C LEU D 139 -15.17 19.58 0.78
N PRO D 140 -15.75 18.90 -0.24
CA PRO D 140 -17.00 19.43 -0.82
C PRO D 140 -18.19 19.37 0.11
N VAL D 141 -18.25 18.42 1.04
CA VAL D 141 -19.35 18.38 2.01
C VAL D 141 -19.09 19.39 3.14
N LEU D 142 -17.82 19.60 3.52
CA LEU D 142 -17.50 20.59 4.52
C LEU D 142 -17.77 22.01 4.03
N LEU D 143 -17.62 22.25 2.73
CA LEU D 143 -17.90 23.59 2.20
C LEU D 143 -19.38 23.90 2.09
N ARG D 144 -20.28 22.90 2.17
CA ARG D 144 -21.70 23.15 2.08
C ARG D 144 -22.47 22.49 3.23
N LEU D 145 -21.78 22.26 4.35
CA LEU D 145 -22.42 21.71 5.54
C LEU D 145 -23.55 22.57 6.09
N GLN D 146 -23.51 23.89 5.87
CA GLN D 146 -24.61 24.74 6.32
C GLN D 146 -25.87 24.47 5.50
N GLU D 147 -25.73 24.32 4.19
CA GLU D 147 -26.87 24.00 3.34
C GLU D 147 -27.35 22.57 3.56
N LEU D 148 -26.42 21.65 3.82
CA LEU D 148 -26.79 20.25 3.97
C LEU D 148 -27.49 20.00 5.30
N THR D 149 -26.87 20.40 6.41
CA THR D 149 -27.43 20.14 7.73
C THR D 149 -28.57 21.08 8.10
N ASN D 150 -28.78 22.14 7.31
CA ASN D 150 -29.80 23.18 7.55
C ASN D 150 -29.61 23.83 8.92
N LEU D 151 -28.38 24.22 9.20
CA LEU D 151 -28.00 24.77 10.49
C LEU D 151 -27.35 26.12 10.26
N ASN D 152 -27.20 26.89 11.35
CA ASN D 152 -26.52 28.17 11.29
C ASN D 152 -25.05 27.93 11.64
N LEU D 153 -24.34 27.23 10.74
CA LEU D 153 -22.97 26.87 11.01
C LEU D 153 -22.04 27.44 9.95
N CYS D 154 -20.78 27.57 10.33
CA CYS D 154 -19.73 28.08 9.47
C CYS D 154 -18.50 27.20 9.67
N VAL D 155 -17.81 26.91 8.58
CA VAL D 155 -16.64 26.04 8.59
C VAL D 155 -15.43 26.90 8.29
N ILE D 156 -14.53 27.03 9.25
CA ILE D 156 -13.34 27.86 9.12
C ILE D 156 -12.16 26.96 8.79
N LEU D 157 -11.50 27.22 7.67
CA LEU D 157 -10.34 26.45 7.25
C LEU D 157 -9.10 27.29 7.39
N LEU D 158 -8.03 26.71 7.94
CA LEU D 158 -6.79 27.42 8.22
C LEU D 158 -5.65 26.69 7.52
N SER D 159 -4.94 27.37 6.64
CA SER D 159 -3.77 26.78 6.03
C SER D 159 -2.79 27.87 5.62
N GLN D 160 -1.62 27.45 5.18
CA GLN D 160 -0.56 28.36 4.75
C GLN D 160 -0.58 28.61 3.26
N LEU D 161 -1.58 28.12 2.55
CA LEU D 161 -1.69 28.18 1.11
C LEU D 161 -2.91 29.00 0.71
N PRO D 162 -2.93 29.59 -0.48
CA PRO D 162 -4.16 30.22 -0.97
C PRO D 162 -5.15 29.16 -1.39
N PHE D 163 -6.40 29.59 -1.62
CA PHE D 163 -7.44 28.62 -1.95
C PHE D 163 -7.32 28.07 -3.37
N GLU D 164 -6.48 28.68 -4.21
CA GLU D 164 -6.24 28.20 -5.56
C GLU D 164 -5.57 26.84 -5.61
N LYS D 165 -5.02 26.36 -4.50
CA LYS D 165 -4.48 25.01 -4.41
C LYS D 165 -5.55 23.96 -4.15
N PHE D 166 -6.77 24.36 -3.81
CA PHE D 166 -7.76 23.43 -3.29
C PHE D 166 -8.80 23.00 -4.33
N TYR D 167 -8.78 23.58 -5.53
CA TYR D 167 -9.82 23.28 -6.50
C TYR D 167 -9.63 21.90 -7.09
N ASN D 168 -10.63 21.04 -6.93
CA ASN D 168 -10.55 19.67 -7.40
C ASN D 168 -11.27 19.52 -8.73
N LYS D 169 -11.32 18.28 -9.22
CA LYS D 169 -11.81 18.00 -10.57
C LYS D 169 -13.33 18.09 -10.68
N THR D 170 -14.05 18.19 -9.56
CA THR D 170 -15.50 18.28 -9.58
C THR D 170 -16.03 19.66 -9.22
N GLY D 171 -15.20 20.54 -8.69
CA GLY D 171 -15.62 21.87 -8.31
C GLY D 171 -15.92 21.99 -6.83
N LEU D 172 -15.96 23.23 -6.37
CA LEU D 172 -16.19 23.54 -4.97
C LEU D 172 -17.24 24.64 -4.87
N SER D 173 -17.80 24.79 -3.67
CA SER D 173 -18.75 25.85 -3.40
C SER D 173 -18.02 27.17 -3.16
N GLU D 174 -18.78 28.21 -2.85
CA GLU D 174 -18.18 29.51 -2.59
C GLU D 174 -17.58 29.55 -1.19
N ILE D 175 -16.63 30.46 -1.00
CA ILE D 175 -15.89 30.58 0.25
C ILE D 175 -15.52 32.04 0.42
N VAL D 176 -15.38 32.47 1.68
CA VAL D 176 -15.00 33.83 2.00
C VAL D 176 -13.54 33.79 2.42
N CYS D 177 -12.64 34.20 1.53
CA CYS D 177 -11.23 34.17 1.82
C CYS D 177 -10.81 35.39 2.62
N LEU D 178 -9.77 35.22 3.43
CA LEU D 178 -9.30 36.27 4.33
C LEU D 178 -7.80 36.09 4.48
N HIS D 179 -7.06 37.18 4.35
CA HIS D 179 -5.60 37.13 4.36
C HIS D 179 -5.07 37.71 5.66
N LEU D 180 -4.16 36.97 6.29
CA LEU D 180 -3.41 37.44 7.44
C LEU D 180 -2.00 37.72 6.92
N ALA D 181 -1.76 38.98 6.55
CA ALA D 181 -0.46 39.36 6.04
C ALA D 181 0.53 39.44 7.19
N GLN D 182 1.77 39.04 6.94
CA GLN D 182 2.78 39.06 7.98
C GLN D 182 3.17 40.50 8.32
N TYR D 183 3.64 40.68 9.54
CA TYR D 183 3.89 42.02 10.05
C TYR D 183 5.16 42.61 9.45
N ASN D 184 5.18 43.92 9.32
CA ASN D 184 6.38 44.65 8.95
C ASN D 184 7.21 44.90 10.21
N LYS D 185 8.22 45.76 10.11
CA LYS D 185 9.17 45.93 11.21
C LYS D 185 8.56 46.67 12.39
N ALA D 186 7.70 47.65 12.11
CA ALA D 186 7.10 48.44 13.20
C ALA D 186 6.09 47.62 13.98
N GLU D 187 5.25 46.85 13.27
CA GLU D 187 4.29 45.98 13.95
C GLU D 187 4.98 44.87 14.72
N THR D 188 6.09 44.34 14.19
CA THR D 188 6.84 43.31 14.89
C THR D 188 7.50 43.88 16.14
N GLN D 189 8.00 45.12 16.07
CA GLN D 189 8.56 45.76 17.25
C GLN D 189 7.47 46.03 18.29
N ARG D 190 6.26 46.36 17.85
CA ARG D 190 5.16 46.57 18.78
C ARG D 190 4.76 45.27 19.48
N ILE D 191 4.74 44.16 18.74
CA ILE D 191 4.43 42.86 19.32
C ILE D 191 5.52 42.45 20.30
N LEU D 192 6.79 42.65 19.94
CA LEU D 192 7.88 42.29 20.84
C LEU D 192 7.96 43.19 22.05
N GLY D 193 7.46 44.43 21.96
CA GLY D 193 7.44 45.33 23.09
C GLY D 193 6.18 45.29 23.92
N SER D 194 5.18 44.52 23.48
CA SER D 194 3.96 44.35 24.26
C SER D 194 4.17 43.65 25.60
N ASP D 195 5.20 42.82 25.74
CA ASP D 195 5.43 42.08 26.98
C ASP D 195 6.43 42.76 27.90
N PHE D 196 6.46 44.09 27.88
CA PHE D 196 7.43 44.84 28.67
C PHE D 196 7.17 44.71 30.17
N GLN D 197 5.90 44.68 30.58
CA GLN D 197 5.59 44.54 31.99
C GLN D 197 5.94 43.15 32.52
N GLN D 198 5.69 42.12 31.71
CA GLN D 198 6.04 40.76 32.09
C GLN D 198 7.55 40.60 32.20
N VAL D 199 8.29 41.14 31.22
CA VAL D 199 9.74 41.08 31.25
C VAL D 199 10.30 41.87 32.44
N ARG D 200 9.72 43.03 32.75
CA ARG D 200 10.19 43.84 33.86
C ARG D 200 9.94 43.17 35.20
N ASN D 201 8.76 42.54 35.37
CA ASN D 201 8.49 41.87 36.63
C ASN D 201 9.30 40.59 36.79
N GLN D 202 9.56 39.87 35.69
CA GLN D 202 10.41 38.69 35.75
C GLN D 202 11.86 39.08 36.05
N LEU D 203 12.29 40.24 35.54
CA LEU D 203 13.64 40.73 35.82
C LEU D 203 13.77 41.21 37.26
N LEU D 204 12.73 41.86 37.79
CA LEU D 204 12.77 42.32 39.16
C LEU D 204 12.63 41.17 40.15
N GLU D 205 12.06 40.04 39.71
CA GLU D 205 12.06 38.84 40.55
C GLU D 205 13.47 38.32 40.82
N GLN D 206 14.37 38.43 39.85
CA GLN D 206 15.74 37.96 40.04
C GLN D 206 16.68 39.14 40.31
N LYS D 211 21.30 43.97 46.93
CA LYS D 211 20.11 44.30 46.15
C LYS D 211 20.26 45.64 45.44
N LYS D 212 21.50 46.08 45.23
CA LYS D 212 21.74 47.29 44.46
C LYS D 212 21.45 47.08 42.98
N ARG D 213 21.57 45.83 42.52
CA ARG D 213 21.24 45.50 41.14
C ARG D 213 19.74 45.67 40.87
N LEU D 214 18.89 45.34 41.85
CA LEU D 214 17.45 45.53 41.66
C LEU D 214 17.08 47.01 41.68
N GLU D 215 17.77 47.81 42.50
CA GLU D 215 17.51 49.24 42.55
C GLU D 215 17.99 49.94 41.28
N ILE D 216 19.14 49.52 40.74
CA ILE D 216 19.58 50.09 39.47
C ILE D 216 18.84 49.47 38.29
N CYS D 217 18.16 48.34 38.51
CA CYS D 217 17.28 47.76 37.50
C CYS D 217 16.00 48.58 37.37
N GLN D 218 15.30 48.80 38.49
CA GLN D 218 13.99 49.44 38.41
C GLN D 218 14.05 50.94 38.11
N GLU D 219 15.24 51.53 37.94
CA GLU D 219 15.28 52.94 37.55
C GLU D 219 15.36 53.13 36.05
N ALA D 220 16.01 52.22 35.30
CA ALA D 220 15.97 52.30 33.83
C ALA D 220 16.09 50.90 33.24
N VAL D 221 14.94 50.22 33.10
CA VAL D 221 14.74 49.03 32.27
C VAL D 221 13.42 49.39 31.56
N THR D 222 13.14 50.70 31.53
CA THR D 222 11.86 51.25 31.11
C THR D 222 11.57 51.02 29.62
N GLU D 223 10.41 51.50 29.17
CA GLU D 223 9.84 51.11 27.88
C GLU D 223 10.68 51.60 26.71
N ASP D 224 11.25 52.81 26.81
CA ASP D 224 12.10 53.32 25.75
C ASP D 224 13.41 52.55 25.66
N PHE D 225 13.94 52.10 26.80
CA PHE D 225 15.15 51.29 26.80
C PHE D 225 14.92 49.94 26.13
N TYR D 226 13.79 49.29 26.45
CA TYR D 226 13.43 48.04 25.82
C TYR D 226 13.15 48.22 24.33
N ASN D 227 12.60 49.37 23.93
CA ASN D 227 12.35 49.61 22.52
C ASN D 227 13.64 49.89 21.76
N ASN D 228 14.63 50.54 22.38
CA ASN D 228 15.92 50.69 21.71
C ASN D 228 16.64 49.36 21.61
N TYR D 229 16.50 48.50 22.62
CA TYR D 229 17.05 47.15 22.52
C TYR D 229 16.38 46.36 21.41
N LEU D 230 15.07 46.52 21.25
CA LEU D 230 14.37 45.82 20.18
C LEU D 230 14.73 46.39 18.80
N ASN D 231 15.04 47.68 18.73
CA ASN D 231 15.55 48.25 17.48
C ASN D 231 16.91 47.65 17.12
N LEU D 232 17.80 47.51 18.11
CA LEU D 232 19.10 46.88 17.86
C LEU D 232 18.97 45.39 17.55
N PHE D 233 17.93 44.75 18.06
CA PHE D 233 17.70 43.33 17.78
C PHE D 233 17.16 43.13 16.37
N LEU D 234 16.15 43.91 15.99
CA LEU D 234 15.55 43.80 14.67
C LEU D 234 16.39 44.44 13.57
N SER D 235 17.45 45.19 13.92
CA SER D 235 18.35 45.67 12.89
C SER D 235 19.17 44.54 12.29
N VAL D 236 19.43 43.48 13.06
CA VAL D 236 20.21 42.36 12.57
C VAL D 236 19.36 41.13 12.30
N PHE D 237 18.29 40.89 13.07
CA PHE D 237 17.57 39.63 12.96
C PHE D 237 16.45 39.65 11.92
N TYR D 238 15.98 40.82 11.48
CA TYR D 238 14.80 40.87 10.64
C TYR D 238 15.06 40.46 9.20
N LYS D 239 16.33 40.42 8.76
CA LYS D 239 16.60 40.07 7.37
C LYS D 239 16.49 38.57 7.14
N ALA D 240 16.70 37.76 8.18
CA ALA D 240 16.68 36.32 8.02
C ALA D 240 15.34 35.70 8.37
N CYS D 241 14.55 36.34 9.23
CA CYS D 241 13.25 35.80 9.59
C CYS D 241 12.32 36.94 10.01
N ARG D 242 11.03 36.75 9.71
CA ARG D 242 9.97 37.61 10.21
C ARG D 242 9.03 36.85 11.13
N ASP D 243 9.39 35.62 11.50
CA ASP D 243 8.54 34.74 12.30
C ASP D 243 8.58 35.20 13.76
N VAL D 244 7.43 35.59 14.29
CA VAL D 244 7.31 36.24 15.60
C VAL D 244 7.67 35.33 16.78
N PRO D 245 7.29 34.03 16.85
CA PRO D 245 7.79 33.20 17.96
C PRO D 245 9.30 33.03 18.04
N GLU D 246 9.98 32.89 16.89
CA GLU D 246 11.44 32.79 16.90
C GLU D 246 12.08 34.09 17.36
N LEU D 247 11.49 35.23 16.97
CA LEU D 247 12.00 36.52 17.40
C LEU D 247 11.80 36.73 18.90
N GLN D 248 10.69 36.25 19.45
CA GLN D 248 10.47 36.31 20.90
C GLN D 248 11.48 35.44 21.66
N LEU D 249 11.60 34.17 21.23
CA LEU D 249 12.47 33.23 21.92
C LEU D 249 13.95 33.57 21.81
N THR D 250 14.36 34.28 20.76
CA THR D 250 15.75 34.72 20.72
C THR D 250 15.95 36.08 21.38
N ALA D 251 14.94 36.96 21.32
CA ALA D 251 15.08 38.28 21.94
C ALA D 251 15.15 38.21 23.45
N ARG D 252 14.49 37.22 24.07
CA ARG D 252 14.61 37.07 25.52
C ARG D 252 16.03 36.69 25.94
N LYS D 253 16.66 35.76 25.21
CA LYS D 253 18.03 35.35 25.54
C LYS D 253 19.02 36.46 25.25
N CYS D 254 18.83 37.19 24.15
CA CYS D 254 19.73 38.31 23.87
C CYS D 254 19.50 39.48 24.82
N LEU D 255 18.33 39.59 25.43
CA LEU D 255 18.16 40.57 26.51
C LEU D 255 18.86 40.11 27.78
N SER D 256 18.83 38.80 28.07
CA SER D 256 19.57 38.27 29.21
C SER D 256 21.07 38.51 29.08
N THR D 257 21.59 38.45 27.85
CA THR D 257 23.00 38.80 27.64
C THR D 257 23.20 40.32 27.61
N TYR D 258 22.21 41.06 27.12
CA TYR D 258 22.33 42.50 26.85
C TYR D 258 22.43 43.34 28.12
N LEU D 259 21.88 42.87 29.23
CA LEU D 259 21.79 43.67 30.44
C LEU D 259 23.02 43.55 31.34
N GLU D 260 24.07 42.85 30.92
CA GLU D 260 25.23 42.62 31.78
C GLU D 260 26.04 43.89 32.10
N PRO D 261 26.39 44.78 31.15
CA PRO D 261 27.08 46.02 31.59
C PRO D 261 26.17 47.02 32.27
N VAL D 262 24.85 46.95 32.04
CA VAL D 262 23.94 47.88 32.69
C VAL D 262 23.78 47.51 34.16
N LEU D 263 23.66 46.22 34.47
CA LEU D 263 23.51 45.79 35.85
C LEU D 263 24.85 45.73 36.57
N ASP D 264 25.91 45.33 35.87
CA ASP D 264 27.23 45.25 36.49
C ASP D 264 27.88 46.62 36.65
N GLY D 265 27.58 47.56 35.76
CA GLY D 265 28.14 48.90 35.84
C GLY D 265 29.44 49.04 35.08
N SER D 273 24.22 55.07 22.37
CA SER D 273 25.30 54.16 22.02
C SER D 273 25.76 53.37 23.24
N ARG D 274 27.01 52.92 23.21
CA ARG D 274 27.77 52.21 24.24
C ARG D 274 27.25 50.79 24.50
N LEU D 275 26.16 50.37 23.86
CA LEU D 275 25.59 49.06 24.07
C LEU D 275 25.43 48.25 22.80
N TRP D 276 25.65 48.84 21.63
CA TRP D 276 25.51 48.09 20.40
C TRP D 276 26.70 47.16 20.16
N ARG D 277 27.85 47.44 20.77
CA ARG D 277 29.02 46.60 20.55
C ARG D 277 28.98 45.32 21.39
N HIS D 278 28.66 45.46 22.68
CA HIS D 278 28.65 44.32 23.61
C HIS D 278 27.50 43.37 23.32
N ILE D 279 26.47 43.83 22.61
CA ILE D 279 25.47 42.90 22.12
C ILE D 279 25.70 42.53 20.66
N ALA D 280 26.42 43.36 19.89
CA ALA D 280 26.66 43.08 18.48
C ALA D 280 27.63 41.93 18.30
N GLY D 281 28.42 41.63 19.32
CA GLY D 281 29.07 40.34 19.39
C GLY D 281 28.07 39.18 19.41
N PRO D 282 27.32 39.06 20.52
CA PRO D 282 26.36 37.95 20.64
C PRO D 282 25.16 38.02 19.71
N LEU D 283 24.79 39.18 19.16
CA LEU D 283 23.66 39.21 18.22
C LEU D 283 24.01 38.50 16.92
N ARG D 284 25.19 38.77 16.37
CA ARG D 284 25.65 38.02 15.21
C ARG D 284 26.25 36.68 15.59
N SER D 285 26.39 36.39 16.89
CA SER D 285 26.64 35.01 17.29
C SER D 285 25.35 34.18 17.28
N ALA D 286 24.22 34.80 17.67
CA ALA D 286 22.95 34.11 17.75
C ALA D 286 22.16 34.13 16.45
N LEU D 287 22.51 35.03 15.52
CA LEU D 287 21.90 35.01 14.21
C LEU D 287 22.27 33.76 13.43
N THR D 288 23.49 33.25 13.66
CA THR D 288 23.95 32.04 12.99
C THR D 288 23.26 30.77 13.49
N GLN D 289 22.63 30.82 14.67
CA GLN D 289 21.93 29.66 15.21
C GLN D 289 20.42 29.87 15.25
N ILE D 290 19.88 30.64 14.31
CA ILE D 290 18.44 30.72 14.16
C ILE D 290 17.94 29.39 13.59
N TYR D 291 16.69 29.05 13.90
CA TYR D 291 15.94 27.84 13.56
C TYR D 291 16.50 26.57 14.19
N MET D 292 17.56 26.66 15.00
CA MET D 292 17.93 25.59 15.91
C MET D 292 17.41 25.95 17.29
N ARG D 293 16.48 25.14 17.80
CA ARG D 293 15.77 25.45 19.03
C ARG D 293 16.49 24.91 20.27
N ILE D 294 17.81 24.73 20.21
CA ILE D 294 18.56 24.11 21.28
C ILE D 294 18.71 25.10 22.43
N GLU D 295 18.26 24.69 23.61
CA GLU D 295 18.43 25.51 24.81
C GLU D 295 19.75 25.19 25.49
N SER D 318 31.11 15.15 16.07
CA SER D 318 31.39 14.36 17.25
C SER D 318 30.74 12.98 17.14
N LEU D 319 30.71 12.44 15.92
CA LEU D 319 30.19 11.10 15.67
C LEU D 319 31.35 10.12 15.77
N GLU D 320 31.38 9.37 16.87
CA GLU D 320 32.41 8.36 17.07
C GLU D 320 32.02 7.06 16.38
N LEU D 321 32.96 6.50 15.64
CA LEU D 321 32.75 5.28 14.87
C LEU D 321 33.92 4.35 15.14
N PRO D 322 33.76 3.06 14.86
CA PRO D 322 34.90 2.15 14.84
C PRO D 322 35.83 2.44 13.67
N TYR D 323 36.98 1.78 13.70
CA TYR D 323 38.05 2.03 12.72
C TYR D 323 37.63 1.58 11.32
N TYR D 324 37.15 0.34 11.20
CA TYR D 324 36.74 -0.15 9.89
C TYR D 324 35.41 0.46 9.44
N ALA D 325 34.59 0.93 10.38
CA ALA D 325 33.40 1.69 9.99
C ALA D 325 33.78 3.04 9.42
N LYS D 326 34.83 3.67 9.97
CA LYS D 326 35.37 4.90 9.42
C LYS D 326 35.89 4.70 8.01
N PHE D 327 36.66 3.62 7.81
CA PHE D 327 37.21 3.33 6.49
C PHE D 327 36.12 2.97 5.47
N LEU D 328 35.10 2.22 5.90
CA LEU D 328 33.98 1.95 5.01
C LEU D 328 33.18 3.21 4.68
N LEU D 329 33.13 4.16 5.61
CA LEU D 329 32.37 5.38 5.34
C LEU D 329 33.11 6.28 4.35
N ILE D 330 34.43 6.41 4.49
CA ILE D 330 35.15 7.22 3.51
C ILE D 330 35.29 6.47 2.18
N ALA D 331 35.29 5.13 2.19
CA ALA D 331 35.26 4.39 0.95
C ALA D 331 33.92 4.54 0.24
N ALA D 332 32.83 4.65 1.00
CA ALA D 332 31.52 4.90 0.39
C ALA D 332 31.43 6.32 -0.14
N PHE D 333 32.06 7.28 0.54
CA PHE D 333 32.12 8.64 0.01
C PHE D 333 32.89 8.71 -1.30
N LEU D 334 34.04 8.01 -1.37
CA LEU D 334 34.80 7.95 -2.61
C LEU D 334 34.08 7.15 -3.69
N ALA D 335 33.23 6.20 -3.30
CA ALA D 335 32.46 5.45 -4.27
C ALA D 335 31.34 6.29 -4.86
N SER D 336 30.70 7.14 -4.06
CA SER D 336 29.63 7.98 -4.56
C SER D 336 30.12 9.22 -5.30
N HIS D 337 31.29 9.75 -4.93
CA HIS D 337 31.74 11.02 -5.46
C HIS D 337 32.62 10.91 -6.70
N ASN D 338 33.50 9.91 -6.78
CA ASN D 338 34.70 9.99 -7.60
C ASN D 338 34.60 9.21 -8.90
N ALA D 339 33.45 9.31 -9.61
CA ALA D 339 33.38 9.12 -11.07
C ALA D 339 33.84 7.75 -11.57
N ALA D 340 33.04 6.70 -11.35
CA ALA D 340 33.40 5.28 -11.43
C ALA D 340 34.20 4.81 -12.65
N LYS D 341 34.19 5.58 -13.74
CA LYS D 341 35.13 5.34 -14.83
C LYS D 341 36.58 5.61 -14.41
N GLN D 342 36.80 6.50 -13.44
CA GLN D 342 38.14 6.77 -12.93
C GLN D 342 38.60 5.76 -11.89
N ASP D 343 37.76 4.79 -11.53
CA ASP D 343 38.17 3.75 -10.59
C ASP D 343 39.18 2.79 -11.20
N LYS D 344 39.22 2.71 -12.54
CA LYS D 344 40.20 1.88 -13.23
C LYS D 344 41.62 2.41 -13.09
N ARG D 345 41.78 3.69 -12.75
CA ARG D 345 43.09 4.34 -12.71
C ARG D 345 43.54 4.70 -11.30
N LEU D 346 42.62 5.10 -10.43
CA LEU D 346 42.97 5.69 -9.14
C LEU D 346 43.33 4.67 -8.07
N PHE D 347 42.90 3.42 -8.21
CA PHE D 347 43.08 2.42 -7.15
C PHE D 347 43.89 1.20 -7.57
N VAL D 348 44.07 0.94 -8.88
CA VAL D 348 44.62 -0.33 -9.32
C VAL D 348 46.13 -0.44 -9.09
N LYS D 349 46.80 0.69 -8.86
CA LYS D 349 48.25 0.79 -8.60
C LYS D 349 49.12 0.10 -9.66
N LEU D 375 23.86 18.66 -9.69
CA LEU D 375 24.61 17.41 -9.65
C LEU D 375 23.92 16.39 -8.75
N GLY D 376 24.72 15.66 -7.98
CA GLY D 376 24.20 14.67 -7.06
C GLY D 376 25.20 13.57 -6.81
N PRO D 377 25.09 12.91 -5.66
CA PRO D 377 25.97 11.77 -5.38
C PRO D 377 25.59 10.54 -6.21
N LYS D 378 26.54 10.07 -7.02
CA LYS D 378 26.31 8.91 -7.90
C LYS D 378 26.13 7.65 -7.08
N SER D 379 25.37 6.69 -7.61
CA SER D 379 25.10 5.45 -6.91
C SER D 379 26.23 4.44 -7.13
N PHE D 380 26.27 3.43 -6.26
CA PHE D 380 27.28 2.39 -6.37
C PHE D 380 26.72 1.09 -5.81
N SER D 381 27.34 -0.02 -6.21
CA SER D 381 27.04 -1.32 -5.65
C SER D 381 28.02 -1.65 -4.54
N ILE D 382 27.63 -2.60 -3.68
CA ILE D 382 28.43 -2.93 -2.49
C ILE D 382 29.72 -3.65 -2.88
N ASP D 383 29.76 -4.28 -4.05
CA ASP D 383 31.01 -4.83 -4.56
C ASP D 383 32.03 -3.73 -4.83
N ARG D 384 31.57 -2.59 -5.38
CA ARG D 384 32.46 -1.47 -5.62
C ARG D 384 32.92 -0.84 -4.31
N LEU D 385 32.04 -0.80 -3.31
CA LEU D 385 32.40 -0.28 -2.00
C LEU D 385 33.46 -1.15 -1.32
N LEU D 386 33.30 -2.47 -1.37
CA LEU D 386 34.30 -3.36 -0.80
C LEU D 386 35.60 -3.33 -1.59
N ALA D 387 35.53 -3.14 -2.91
CA ALA D 387 36.74 -3.04 -3.72
C ALA D 387 37.54 -1.78 -3.38
N ILE D 388 36.87 -0.63 -3.25
CA ILE D 388 37.54 0.60 -2.87
C ILE D 388 38.04 0.52 -1.42
N PHE D 389 37.30 -0.20 -0.55
CA PHE D 389 37.71 -0.36 0.84
C PHE D 389 39.01 -1.15 0.95
N TYR D 390 39.10 -2.27 0.22
CA TYR D 390 40.33 -3.04 0.21
C TYR D 390 41.45 -2.34 -0.55
N ALA D 391 41.11 -1.46 -1.49
CA ALA D 391 42.14 -0.70 -2.20
C ALA D 391 42.76 0.38 -1.33
N ILE D 392 41.96 1.08 -0.54
CA ILE D 392 42.46 2.19 0.27
C ILE D 392 42.86 1.80 1.68
N LEU D 393 42.50 0.60 2.15
CA LEU D 393 42.89 0.22 3.50
C LEU D 393 44.37 -0.16 3.57
N GLU D 394 44.83 -0.94 2.58
CA GLU D 394 46.22 -1.43 2.48
C GLU D 394 46.63 -2.22 3.72
N GLU D 395 45.70 -3.01 4.26
CA GLU D 395 46.00 -3.95 5.34
C GLU D 395 45.48 -5.32 4.98
N LYS D 396 44.46 -5.34 4.11
CA LYS D 396 43.82 -6.54 3.57
C LYS D 396 43.29 -7.45 4.68
N VAL D 397 42.30 -6.91 5.39
CA VAL D 397 41.66 -7.65 6.47
C VAL D 397 40.74 -8.71 5.90
N GLY D 398 40.36 -9.67 6.75
CA GLY D 398 39.50 -10.73 6.30
C GLY D 398 38.05 -10.28 6.14
N LEU D 399 37.41 -10.79 5.10
CA LEU D 399 36.00 -10.51 4.84
C LEU D 399 35.17 -11.40 5.76
N THR D 400 34.97 -10.93 6.99
CA THR D 400 34.19 -11.65 7.98
C THR D 400 32.75 -11.16 7.95
N CYS D 401 31.96 -11.60 8.93
CA CYS D 401 30.57 -11.16 9.00
C CYS D 401 30.44 -9.77 9.59
N ASN D 402 31.44 -9.33 10.37
CA ASN D 402 31.37 -8.04 11.03
C ASN D 402 31.52 -6.89 10.04
N LEU D 403 32.24 -7.10 8.94
CA LEU D 403 32.39 -6.06 7.93
C LEU D 403 31.08 -5.78 7.20
N LEU D 404 30.41 -6.83 6.75
CA LEU D 404 29.13 -6.66 6.07
C LEU D 404 28.04 -6.24 7.06
N SER D 405 28.16 -6.64 8.32
CA SER D 405 27.29 -6.11 9.36
C SER D 405 27.52 -4.62 9.57
N GLN D 406 28.77 -4.16 9.42
CA GLN D 406 29.05 -2.73 9.52
C GLN D 406 28.45 -1.97 8.35
N ILE D 407 28.47 -2.58 7.16
CA ILE D 407 27.79 -1.98 6.00
C ILE D 407 26.30 -1.84 6.27
N SER D 408 25.68 -2.89 6.82
CA SER D 408 24.25 -2.85 7.09
C SER D 408 23.90 -1.86 8.20
N THR D 409 24.74 -1.74 9.23
CA THR D 409 24.40 -0.79 10.29
C THR D 409 24.84 0.63 9.98
N LEU D 410 25.66 0.85 8.95
CA LEU D 410 25.85 2.21 8.45
C LEU D 410 24.71 2.61 7.54
N VAL D 411 24.09 1.64 6.85
CA VAL D 411 22.81 1.90 6.19
C VAL D 411 21.75 2.22 7.23
N HIS D 412 21.76 1.49 8.35
CA HIS D 412 20.74 1.64 9.38
C HIS D 412 20.84 2.98 10.12
N LEU D 413 22.05 3.52 10.25
CA LEU D 413 22.28 4.78 10.96
C LEU D 413 22.09 6.01 10.07
N ASN D 414 21.56 5.83 8.85
CA ASN D 414 21.33 6.89 7.86
C ASN D 414 22.60 7.66 7.53
N LEU D 415 23.73 6.97 7.50
CA LEU D 415 24.94 7.52 6.88
C LEU D 415 25.09 7.09 5.44
N LEU D 416 24.47 5.97 5.06
CA LEU D 416 24.27 5.56 3.69
C LEU D 416 22.76 5.43 3.47
N SER D 417 22.37 4.98 2.28
CA SER D 417 20.95 4.85 1.93
C SER D 417 20.82 3.85 0.80
N PHE D 418 19.58 3.56 0.42
CA PHE D 418 19.26 2.59 -0.61
C PHE D 418 18.47 3.29 -1.71
N VAL D 419 19.17 3.74 -2.74
CA VAL D 419 18.50 4.38 -3.87
C VAL D 419 17.78 3.34 -4.73
N SER D 420 18.37 2.15 -4.91
CA SER D 420 17.76 1.10 -5.68
C SER D 420 17.95 -0.21 -4.94
N GLY D 421 17.41 -1.29 -5.52
CA GLY D 421 17.49 -2.59 -4.88
C GLY D 421 16.49 -2.79 -3.77
N GLU D 422 16.99 -3.07 -2.56
CA GLU D 422 16.25 -3.30 -1.31
C GLU D 422 15.40 -4.57 -1.31
N GLN D 423 15.41 -5.32 -2.39
CA GLN D 423 14.81 -6.64 -2.45
C GLN D 423 15.76 -7.69 -3.01
N ASN D 424 16.88 -7.27 -3.59
CA ASN D 424 17.96 -8.12 -4.06
C ASN D 424 19.28 -7.67 -3.46
N ILE D 425 19.30 -7.51 -2.13
CA ILE D 425 20.46 -6.96 -1.44
C ILE D 425 21.65 -7.93 -1.52
N MET D 426 21.38 -9.23 -1.45
CA MET D 426 22.46 -10.21 -1.60
C MET D 426 22.73 -10.58 -3.04
N GLU D 427 21.82 -10.23 -3.96
CA GLU D 427 21.90 -10.71 -5.33
C GLU D 427 22.71 -9.81 -6.25
N GLY D 428 23.24 -8.70 -5.76
CA GLY D 428 24.14 -7.88 -6.54
C GLY D 428 23.49 -6.74 -7.30
N SER D 429 22.17 -6.62 -7.25
CA SER D 429 21.46 -5.54 -7.95
C SER D 429 21.10 -4.39 -7.03
N ALA D 430 21.46 -4.45 -5.76
CA ALA D 430 21.19 -3.35 -4.85
C ALA D 430 22.21 -2.24 -5.04
N ARG D 431 21.72 -1.00 -5.04
CA ARG D 431 22.55 0.18 -5.28
C ARG D 431 22.43 1.11 -4.09
N LEU D 432 23.56 1.54 -3.57
CA LEU D 432 23.63 2.41 -2.40
C LEU D 432 24.00 3.84 -2.81
N GLN D 433 23.92 4.75 -1.84
CA GLN D 433 24.33 6.14 -2.05
C GLN D 433 24.83 6.70 -0.73
N CYS D 434 25.88 7.49 -0.79
CA CYS D 434 26.47 8.08 0.41
C CYS D 434 25.79 9.40 0.73
N THR D 435 25.53 9.63 2.02
CA THR D 435 24.68 10.75 2.45
C THR D 435 25.37 11.48 3.61
N ILE D 436 26.64 11.81 3.40
CA ILE D 436 27.38 12.73 4.27
C ILE D 436 28.17 13.70 3.39
N GLY D 437 28.78 14.69 4.04
CA GLY D 437 29.48 15.75 3.36
C GLY D 437 30.99 15.56 3.39
N LEU D 438 31.69 16.62 2.96
CA LEU D 438 33.14 16.57 2.84
C LEU D 438 33.83 16.85 4.17
N GLU D 439 33.23 17.66 5.04
CA GLU D 439 33.87 18.03 6.31
C GLU D 439 33.97 16.83 7.27
N PHE D 440 32.95 15.97 7.27
CA PHE D 440 32.99 14.79 8.13
C PHE D 440 34.01 13.78 7.62
N VAL D 441 34.12 13.65 6.30
CA VAL D 441 35.10 12.77 5.69
C VAL D 441 36.52 13.29 5.97
N LEU D 442 36.70 14.61 5.96
CA LEU D 442 38.00 15.18 6.30
C LEU D 442 38.33 14.99 7.78
N GLN D 443 37.32 15.06 8.65
CA GLN D 443 37.54 14.79 10.07
C GLN D 443 37.93 13.33 10.31
N ILE D 444 37.27 12.40 9.60
CA ILE D 444 37.61 10.98 9.70
C ILE D 444 39.02 10.72 9.19
N GLY D 445 39.37 11.33 8.05
CA GLY D 445 40.71 11.19 7.52
C GLY D 445 41.77 11.84 8.37
N LYS D 446 41.40 12.87 9.13
CA LYS D 446 42.37 13.48 10.05
C LYS D 446 42.58 12.61 11.28
N VAL D 447 41.51 12.06 11.84
CA VAL D 447 41.66 11.26 13.06
C VAL D 447 42.28 9.91 12.73
N VAL D 448 42.12 9.40 11.51
CA VAL D 448 42.82 8.20 11.08
C VAL D 448 44.25 8.52 10.65
N GLY D 449 44.42 9.52 9.80
CA GLY D 449 45.70 9.83 9.20
C GLY D 449 45.75 9.58 7.71
N PHE D 450 44.64 9.18 7.10
CA PHE D 450 44.57 8.85 5.69
C PHE D 450 44.03 10.06 4.92
N ASN D 451 44.84 10.60 4.02
CA ASN D 451 44.42 11.75 3.23
C ASN D 451 43.41 11.32 2.17
N VAL D 452 42.27 12.01 2.15
CA VAL D 452 41.21 11.69 1.20
C VAL D 452 41.37 12.54 -0.05
N ARG D 453 41.96 13.73 0.12
CA ARG D 453 42.16 14.64 -1.01
C ARG D 453 43.21 14.13 -2.00
N GLN D 454 44.09 13.22 -1.58
CA GLN D 454 44.94 12.51 -2.53
C GLN D 454 44.10 11.54 -3.36
N TYR D 455 43.16 10.85 -2.73
CA TYR D 455 42.28 9.91 -3.42
C TYR D 455 41.01 10.56 -3.93
N LEU D 456 40.90 11.89 -3.86
CA LEU D 456 39.72 12.59 -4.37
C LEU D 456 39.89 12.91 -5.85
N GLU E 223 56.10 -32.71 22.19
CA GLU E 223 56.05 -34.18 22.18
C GLU E 223 54.79 -34.68 22.85
N ASP E 224 54.57 -35.99 22.77
CA ASP E 224 53.44 -36.62 23.45
C ASP E 224 53.69 -36.64 24.95
N TYR E 225 52.61 -36.49 25.72
CA TYR E 225 52.73 -36.58 27.17
C TYR E 225 53.00 -38.02 27.61
N GLU E 226 52.50 -39.00 26.84
CA GLU E 226 52.69 -40.41 27.20
C GLU E 226 54.16 -40.82 27.10
N ILE E 227 54.82 -40.47 25.99
CA ILE E 227 56.22 -40.83 25.84
C ILE E 227 57.13 -39.99 26.75
N TRP E 228 56.72 -38.75 27.05
CA TRP E 228 57.53 -37.92 27.95
C TRP E 228 57.42 -38.42 29.39
N LYS E 229 56.21 -38.79 29.80
CA LYS E 229 56.01 -39.37 31.14
C LYS E 229 56.71 -40.72 31.26
N ALA E 230 56.71 -41.52 30.18
CA ALA E 230 57.38 -42.81 30.21
C ALA E 230 58.90 -42.64 30.26
N ARG E 231 59.44 -41.69 29.50
CA ARG E 231 60.89 -41.45 29.52
C ARG E 231 61.34 -40.85 30.85
N MET E 232 60.53 -39.97 31.44
CA MET E 232 60.89 -39.40 32.74
C MET E 232 60.80 -40.45 33.85
N LEU E 233 59.81 -41.35 33.78
CA LEU E 233 59.72 -42.41 34.77
C LEU E 233 60.85 -43.43 34.60
N ALA E 234 61.23 -43.73 33.35
CA ALA E 234 62.32 -44.67 33.11
C ALA E 234 63.66 -44.09 33.53
N LYS E 235 63.88 -42.78 33.33
CA LYS E 235 65.10 -42.16 33.81
C LYS E 235 65.07 -41.95 35.31
N ALA E 236 63.87 -41.88 35.91
CA ALA E 236 63.77 -41.83 37.37
C ALA E 236 64.08 -43.19 37.99
N GLN E 237 63.80 -44.28 37.28
CA GLN E 237 64.32 -45.58 37.70
C GLN E 237 65.81 -45.74 37.37
N ALA E 238 66.35 -44.90 36.49
CA ALA E 238 67.76 -44.92 36.14
C ALA E 238 68.61 -44.00 36.99
N LYS E 239 68.08 -43.52 38.12
CA LYS E 239 68.86 -42.70 39.04
C LYS E 239 69.50 -43.56 40.13
N THR F 83 -41.20 -7.51 18.70
CA THR F 83 -39.83 -7.30 18.26
C THR F 83 -39.71 -7.46 16.75
N PRO F 84 -38.84 -6.66 16.12
CA PRO F 84 -38.63 -6.80 14.67
C PRO F 84 -37.81 -8.02 14.28
N SER F 85 -37.23 -8.74 15.24
CA SER F 85 -36.52 -9.96 14.90
C SER F 85 -37.48 -11.07 14.48
N GLN F 86 -38.71 -11.05 15.01
CA GLN F 86 -39.75 -11.94 14.48
C GLN F 86 -40.13 -11.54 13.07
N LYS F 87 -40.12 -10.23 12.77
CA LYS F 87 -40.39 -9.75 11.42
C LYS F 87 -39.31 -10.21 10.45
N MET F 88 -38.04 -10.16 10.87
CA MET F 88 -36.97 -10.61 10.00
C MET F 88 -36.91 -12.12 9.89
N LYS F 89 -37.32 -12.81 10.95
CA LYS F 89 -37.41 -14.29 10.94
C LYS F 89 -38.48 -14.70 9.93
N LYS F 90 -39.59 -13.96 9.87
CA LYS F 90 -40.66 -14.27 8.94
C LYS F 90 -40.38 -13.75 7.53
N ILE F 91 -39.51 -12.75 7.40
CA ILE F 91 -39.09 -12.27 6.09
C ILE F 91 -38.12 -13.24 5.44
N ARG F 92 -37.14 -13.73 6.22
CA ARG F 92 -36.17 -14.69 5.69
C ARG F 92 -36.81 -16.04 5.42
N ALA F 93 -37.91 -16.36 6.10
CA ALA F 93 -38.67 -17.58 5.80
C ALA F 93 -39.78 -17.34 4.80
N GLY F 94 -40.04 -16.10 4.42
CA GLY F 94 -41.05 -15.81 3.42
C GLY F 94 -42.47 -15.87 3.93
N GLU F 95 -42.69 -15.65 5.22
CA GLU F 95 -44.04 -15.79 5.77
C GLU F 95 -44.87 -14.53 5.60
N LEU F 96 -44.26 -13.35 5.56
CA LEU F 96 -44.98 -12.10 5.37
C LEU F 96 -44.59 -11.50 4.03
N SER F 97 -45.58 -11.10 3.26
CA SER F 97 -45.32 -10.61 1.92
C SER F 97 -44.81 -9.17 1.99
N PRO F 98 -43.81 -8.82 1.18
CA PRO F 98 -43.34 -7.42 1.12
C PRO F 98 -44.30 -6.54 0.32
N SER F 99 -45.33 -6.06 1.00
CA SER F 99 -46.26 -5.15 0.37
C SER F 99 -45.77 -3.71 0.52
N MET F 100 -46.53 -2.79 -0.06
CA MET F 100 -46.16 -1.40 -0.15
C MET F 100 -47.32 -0.53 0.33
N GLN F 101 -47.02 0.73 0.65
CA GLN F 101 -48.05 1.67 1.09
C GLN F 101 -49.02 1.97 -0.05
N GLN F 102 -50.26 2.26 0.33
CA GLN F 102 -51.32 2.51 -0.64
C GLN F 102 -51.77 3.97 -0.59
N ARG F 103 -52.43 4.39 -1.65
CA ARG F 103 -52.85 5.77 -1.78
C ARG F 103 -54.07 6.03 -0.91
N THR F 104 -54.19 7.29 -0.45
CA THR F 104 -55.41 7.70 0.22
C THR F 104 -56.48 8.14 -0.75
N ASP F 105 -56.13 8.31 -2.03
CA ASP F 105 -57.07 8.67 -3.07
C ASP F 105 -57.18 7.54 -4.09
N LEU F 106 -58.39 7.30 -4.54
CA LEU F 106 -58.59 6.29 -5.59
C LEU F 106 -58.09 6.85 -6.92
N PRO F 107 -57.45 6.00 -7.75
CA PRO F 107 -56.93 6.48 -9.03
C PRO F 107 -58.03 6.82 -10.02
N ALA F 108 -57.63 7.48 -11.10
CA ALA F 108 -58.58 8.02 -12.07
C ALA F 108 -59.19 6.91 -12.93
N LYS F 109 -60.35 7.20 -13.49
CA LYS F 109 -61.05 6.30 -14.39
C LYS F 109 -60.73 6.66 -15.83
N ASP F 110 -60.89 5.67 -16.72
CA ASP F 110 -60.58 5.87 -18.13
C ASP F 110 -61.64 6.66 -18.88
N SER F 111 -62.76 6.98 -18.23
CA SER F 111 -63.77 7.83 -18.83
C SER F 111 -63.44 9.31 -18.72
N SER F 112 -62.68 9.71 -17.70
CA SER F 112 -62.34 11.11 -17.50
C SER F 112 -61.10 11.54 -18.28
N LYS F 113 -60.45 10.62 -18.99
CA LYS F 113 -59.24 10.94 -19.71
C LYS F 113 -59.55 11.39 -21.13
N SER F 114 -58.66 12.22 -21.69
CA SER F 114 -58.77 12.67 -23.06
C SER F 114 -58.19 11.63 -24.00
N GLU F 115 -58.22 11.92 -25.31
CA GLU F 115 -57.64 11.00 -26.28
C GLU F 115 -56.11 11.08 -26.27
N LEU F 116 -55.57 12.27 -26.03
CA LEU F 116 -54.12 12.42 -25.95
C LEU F 116 -53.56 11.78 -24.69
N GLN F 117 -54.32 11.81 -23.59
CA GLN F 117 -53.89 11.11 -22.37
C GLN F 117 -53.93 9.60 -22.57
N LEU F 118 -54.90 9.11 -23.32
CA LEU F 118 -54.96 7.67 -23.60
C LEU F 118 -53.84 7.23 -24.53
N ALA F 119 -53.49 8.08 -25.50
CA ALA F 119 -52.35 7.76 -26.37
C ALA F 119 -51.04 7.86 -25.60
N ARG F 120 -50.95 8.75 -24.61
CA ARG F 120 -49.77 8.82 -23.77
C ARG F 120 -49.66 7.61 -22.85
N GLU F 121 -50.80 7.07 -22.41
CA GLU F 121 -50.77 5.87 -21.58
C GLU F 121 -50.45 4.62 -22.40
N GLN F 122 -50.90 4.56 -23.66
CA GLN F 122 -50.59 3.40 -24.48
C GLN F 122 -49.17 3.42 -25.02
N LEU F 123 -48.57 4.59 -25.14
CA LEU F 123 -47.19 4.72 -25.63
C LEU F 123 -46.16 4.56 -24.54
N HIS F 124 -46.57 4.23 -23.33
CA HIS F 124 -45.60 3.94 -22.29
C HIS F 124 -44.91 2.61 -22.58
N VAL F 125 -43.60 2.58 -22.33
CA VAL F 125 -42.78 1.41 -22.58
C VAL F 125 -43.12 0.25 -21.64
N SER F 126 -43.71 0.56 -20.47
CA SER F 126 -44.07 -0.47 -19.50
C SER F 126 -45.32 -1.24 -19.89
N VAL F 127 -46.12 -0.70 -20.80
CA VAL F 127 -47.34 -1.38 -21.24
C VAL F 127 -46.91 -2.26 -22.41
N VAL F 128 -46.50 -3.47 -22.08
CA VAL F 128 -46.06 -4.42 -23.11
C VAL F 128 -47.30 -5.10 -23.70
N PRO F 129 -47.40 -5.23 -25.03
CA PRO F 129 -48.58 -5.86 -25.61
C PRO F 129 -48.53 -7.37 -25.49
N LYS F 130 -49.70 -7.99 -25.72
CA LYS F 130 -49.78 -9.45 -25.66
C LYS F 130 -49.14 -10.09 -26.86
N SER F 131 -49.35 -9.54 -28.06
CA SER F 131 -48.74 -10.04 -29.28
C SER F 131 -47.82 -8.96 -29.82
N LEU F 132 -46.52 -9.22 -29.77
CA LEU F 132 -45.52 -8.25 -30.19
C LEU F 132 -45.42 -8.21 -31.70
N PRO F 133 -45.55 -7.03 -32.32
CA PRO F 133 -45.23 -6.91 -33.74
C PRO F 133 -43.74 -7.11 -33.99
N CYS F 134 -43.43 -7.52 -35.23
CA CYS F 134 -42.09 -7.65 -35.81
C CYS F 134 -41.22 -8.72 -35.16
N ARG F 135 -41.72 -9.47 -34.19
CA ARG F 135 -40.95 -10.51 -33.51
C ARG F 135 -41.68 -11.83 -33.57
N GLU F 136 -42.18 -12.20 -34.75
CA GLU F 136 -42.93 -13.43 -34.89
C GLU F 136 -42.01 -14.62 -35.17
N ARG F 137 -40.96 -14.41 -35.95
CA ARG F 137 -40.04 -15.49 -36.27
C ARG F 137 -39.20 -15.87 -35.06
N GLU F 138 -38.80 -14.88 -34.27
CA GLU F 138 -38.09 -15.16 -33.02
C GLU F 138 -39.00 -15.85 -32.02
N PHE F 139 -40.29 -15.48 -32.01
CA PHE F 139 -41.27 -16.16 -31.17
C PHE F 139 -41.41 -17.63 -31.58
N GLU F 140 -41.45 -17.89 -32.89
CA GLU F 140 -41.53 -19.28 -33.37
C GLU F 140 -40.29 -20.07 -33.00
N ASN F 141 -39.11 -19.45 -33.10
CA ASN F 141 -37.86 -20.11 -32.75
C ASN F 141 -37.80 -20.48 -31.27
N ILE F 142 -38.07 -19.51 -30.40
CA ILE F 142 -38.00 -19.75 -28.95
C ILE F 142 -39.10 -20.70 -28.51
N TYR F 143 -40.28 -20.60 -29.13
CA TYR F 143 -41.39 -21.47 -28.75
C TYR F 143 -41.15 -22.90 -29.20
N ALA F 144 -40.55 -23.09 -30.39
CA ALA F 144 -40.21 -24.43 -30.84
C ALA F 144 -39.15 -25.07 -29.94
N PHE F 145 -38.14 -24.28 -29.55
CA PHE F 145 -37.10 -24.80 -28.66
C PHE F 145 -37.65 -25.18 -27.30
N LEU F 146 -38.45 -24.29 -26.70
CA LEU F 146 -38.94 -24.54 -25.35
C LEU F 146 -39.99 -25.63 -25.32
N GLU F 147 -40.86 -25.70 -26.34
CA GLU F 147 -41.85 -26.77 -26.41
C GLU F 147 -41.19 -28.12 -26.63
N GLY F 148 -40.13 -28.17 -27.45
CA GLY F 148 -39.40 -29.41 -27.62
C GLY F 148 -38.69 -29.85 -26.36
N LYS F 149 -38.06 -28.91 -25.64
CA LYS F 149 -37.33 -29.27 -24.43
C LYS F 149 -38.28 -29.64 -23.29
N ILE F 150 -39.50 -29.12 -23.30
CA ILE F 150 -40.47 -29.51 -22.29
C ILE F 150 -41.08 -30.87 -22.62
N GLN F 151 -41.44 -31.09 -23.89
CA GLN F 151 -42.10 -32.33 -24.27
C GLN F 151 -41.15 -33.52 -24.26
N ASP F 152 -39.87 -33.30 -24.60
CA ASP F 152 -38.90 -34.38 -24.58
C ASP F 152 -38.42 -34.74 -23.18
N GLN F 153 -38.70 -33.88 -22.19
CA GLN F 153 -38.34 -34.09 -20.79
C GLN F 153 -36.84 -34.28 -20.59
N CYS F 154 -36.05 -33.48 -21.32
CA CYS F 154 -34.59 -33.63 -21.29
C CYS F 154 -33.87 -32.44 -20.67
N GLY F 155 -34.20 -31.22 -21.08
CA GLY F 155 -33.47 -30.06 -20.63
C GLY F 155 -32.26 -29.77 -21.50
N GLY F 156 -31.87 -28.49 -21.50
CA GLY F 156 -30.82 -28.03 -22.39
C GLY F 156 -30.54 -26.56 -22.15
N CYS F 157 -30.03 -25.90 -23.17
CA CYS F 157 -29.60 -24.52 -23.01
C CYS F 157 -29.68 -23.76 -24.33
N MET F 158 -30.05 -22.48 -24.23
CA MET F 158 -30.12 -21.57 -25.36
C MET F 158 -29.52 -20.24 -24.96
N TYR F 159 -29.02 -19.48 -25.95
CA TYR F 159 -28.40 -18.19 -25.71
C TYR F 159 -28.93 -17.20 -26.75
N VAL F 160 -29.79 -16.27 -26.32
CA VAL F 160 -30.25 -15.21 -27.21
C VAL F 160 -29.51 -13.93 -26.84
N SER F 161 -29.36 -13.05 -27.83
CA SER F 161 -28.48 -11.90 -27.67
C SER F 161 -28.88 -10.81 -28.64
N GLY F 162 -28.52 -9.59 -28.29
CA GLY F 162 -28.78 -8.45 -29.14
C GLY F 162 -28.75 -7.16 -28.37
N VAL F 163 -28.65 -6.06 -29.11
CA VAL F 163 -28.50 -4.71 -28.56
C VAL F 163 -29.76 -4.34 -27.78
N PRO F 164 -29.68 -3.48 -26.76
CA PRO F 164 -30.85 -3.25 -25.90
C PRO F 164 -32.01 -2.55 -26.59
N GLY F 165 -33.21 -2.99 -26.24
CA GLY F 165 -34.42 -2.45 -26.79
C GLY F 165 -35.01 -3.22 -27.94
N THR F 166 -34.49 -4.40 -28.25
CA THR F 166 -34.92 -5.18 -29.40
C THR F 166 -35.88 -6.29 -29.06
N GLY F 167 -36.53 -6.21 -27.90
CA GLY F 167 -37.58 -7.16 -27.57
C GLY F 167 -37.11 -8.56 -27.25
N LYS F 168 -36.01 -8.70 -26.51
CA LYS F 168 -35.53 -10.02 -26.14
C LYS F 168 -36.32 -10.58 -24.95
N THR F 169 -36.29 -9.85 -23.83
CA THR F 169 -36.97 -10.30 -22.63
C THR F 169 -38.49 -10.32 -22.80
N ALA F 170 -39.03 -9.42 -23.61
CA ALA F 170 -40.47 -9.41 -23.87
C ALA F 170 -40.88 -10.63 -24.68
N THR F 171 -40.08 -11.03 -25.68
CA THR F 171 -40.39 -12.21 -26.46
C THR F 171 -40.22 -13.49 -25.66
N VAL F 172 -39.17 -13.56 -24.83
CA VAL F 172 -38.92 -14.76 -24.03
C VAL F 172 -40.02 -14.93 -22.97
N THR F 173 -40.40 -13.84 -22.30
CA THR F 173 -41.45 -13.96 -21.31
C THR F 173 -42.82 -14.13 -21.95
N GLY F 174 -43.00 -13.68 -23.20
CA GLY F 174 -44.24 -13.99 -23.89
C GLY F 174 -44.35 -15.45 -24.27
N VAL F 175 -43.22 -16.06 -24.68
CA VAL F 175 -43.18 -17.50 -24.94
C VAL F 175 -43.46 -18.28 -23.67
N ILE F 176 -42.91 -17.83 -22.55
CA ILE F 176 -43.15 -18.48 -21.26
C ILE F 176 -44.62 -18.36 -20.85
N ARG F 177 -45.24 -17.20 -21.08
CA ARG F 177 -46.65 -17.02 -20.74
C ARG F 177 -47.55 -17.85 -21.65
N THR F 178 -47.20 -17.98 -22.93
CA THR F 178 -47.98 -18.83 -23.83
C THR F 178 -47.87 -20.31 -23.46
N LEU F 179 -46.66 -20.76 -23.09
CA LEU F 179 -46.50 -22.14 -22.65
C LEU F 179 -47.20 -22.39 -21.33
N GLN F 180 -47.24 -21.41 -20.43
CA GLN F 180 -47.98 -21.60 -19.18
C GLN F 180 -49.49 -21.62 -19.42
N ARG F 181 -49.97 -20.86 -20.40
CA ARG F 181 -51.38 -20.93 -20.77
C ARG F 181 -51.71 -22.29 -21.38
N MET F 182 -50.78 -22.86 -22.16
CA MET F 182 -51.00 -24.19 -22.70
C MET F 182 -50.86 -25.27 -21.65
N ALA F 183 -50.10 -25.02 -20.58
CA ALA F 183 -49.98 -25.98 -19.50
C ALA F 183 -51.18 -25.93 -18.55
N LYS F 184 -51.83 -24.78 -18.45
CA LYS F 184 -53.04 -24.70 -17.62
C LYS F 184 -54.24 -25.37 -18.27
N GLN F 185 -54.19 -25.63 -19.57
CA GLN F 185 -55.29 -26.27 -20.30
C GLN F 185 -54.95 -27.68 -20.76
N ASN F 186 -53.94 -28.30 -20.14
CA ASN F 186 -53.59 -29.72 -20.31
C ASN F 186 -53.20 -30.08 -21.75
N GLU F 187 -52.67 -29.11 -22.49
CA GLU F 187 -52.13 -29.35 -23.82
C GLU F 187 -50.64 -29.56 -23.82
N LEU F 188 -50.02 -29.66 -22.64
CA LEU F 188 -48.58 -29.66 -22.48
C LEU F 188 -48.27 -30.23 -21.11
N PRO F 189 -47.10 -30.85 -20.93
CA PRO F 189 -46.65 -31.17 -19.57
C PRO F 189 -46.40 -29.91 -18.77
N ALA F 190 -46.64 -30.00 -17.47
CA ALA F 190 -46.46 -28.86 -16.60
C ALA F 190 -44.97 -28.58 -16.40
N PHE F 191 -44.67 -27.35 -15.97
CA PHE F 191 -43.29 -26.95 -15.72
C PHE F 191 -43.27 -25.79 -14.75
N GLU F 192 -42.13 -25.63 -14.08
CA GLU F 192 -41.90 -24.55 -13.14
C GLU F 192 -40.89 -23.57 -13.74
N TYR F 193 -41.27 -22.30 -13.79
CA TYR F 193 -40.48 -21.28 -14.47
C TYR F 193 -39.83 -20.39 -13.42
N LEU F 194 -38.51 -20.40 -13.36
CA LEU F 194 -37.75 -19.50 -12.52
C LEU F 194 -37.05 -18.45 -13.37
N GLU F 195 -36.87 -17.26 -12.81
CA GLU F 195 -36.17 -16.21 -13.52
C GLU F 195 -35.22 -15.50 -12.57
N ILE F 196 -34.01 -15.22 -13.05
CA ILE F 196 -33.07 -14.37 -12.35
C ILE F 196 -32.53 -13.34 -13.34
N ASN F 197 -32.05 -12.23 -12.80
CA ASN F 197 -31.42 -11.18 -13.56
C ASN F 197 -30.03 -10.97 -12.97
N GLY F 198 -29.01 -10.97 -13.83
CA GLY F 198 -27.65 -10.82 -13.37
C GLY F 198 -27.33 -9.45 -12.83
N MET F 199 -28.15 -8.44 -13.16
CA MET F 199 -27.93 -7.08 -12.69
C MET F 199 -28.79 -6.72 -11.50
N ARG F 200 -29.67 -7.61 -11.04
CA ARG F 200 -30.36 -7.43 -9.76
C ARG F 200 -29.66 -8.13 -8.62
N LEU F 201 -28.47 -8.69 -8.86
CA LEU F 201 -27.67 -9.32 -7.83
C LEU F 201 -26.45 -8.46 -7.56
N THR F 202 -25.96 -8.53 -6.32
CA THR F 202 -24.75 -7.79 -5.97
C THR F 202 -23.51 -8.63 -6.20
N GLU F 203 -23.62 -9.94 -6.05
CA GLU F 203 -22.58 -10.92 -6.37
C GLU F 203 -23.20 -11.99 -7.26
N PRO F 204 -22.40 -12.66 -8.08
CA PRO F 204 -22.95 -13.79 -8.86
C PRO F 204 -23.32 -14.99 -8.00
N ARG F 205 -22.65 -15.17 -6.86
CA ARG F 205 -22.97 -16.28 -5.95
C ARG F 205 -24.37 -16.13 -5.39
N GLN F 206 -24.85 -14.89 -5.24
CA GLN F 206 -26.22 -14.62 -4.80
C GLN F 206 -27.26 -15.10 -5.80
N ALA F 207 -26.87 -15.46 -7.02
CA ALA F 207 -27.75 -16.18 -7.94
C ALA F 207 -28.31 -17.43 -7.28
N TYR F 208 -27.48 -18.17 -6.54
CA TYR F 208 -27.94 -19.35 -5.81
C TYR F 208 -28.96 -18.99 -4.74
N VAL F 209 -28.86 -17.79 -4.17
CA VAL F 209 -29.84 -17.38 -3.16
C VAL F 209 -31.17 -17.06 -3.83
N GLN F 210 -31.17 -16.66 -5.09
CA GLN F 210 -32.43 -16.26 -5.69
C GLN F 210 -33.20 -17.44 -6.27
N ILE F 211 -32.47 -18.38 -6.89
CA ILE F 211 -33.09 -19.58 -7.45
C ILE F 211 -33.77 -20.39 -6.36
N TYR F 212 -33.07 -20.60 -5.24
CA TYR F 212 -33.67 -21.25 -4.09
C TYR F 212 -34.76 -20.41 -3.44
N LYS F 213 -34.76 -19.10 -3.66
CA LYS F 213 -35.88 -18.31 -3.16
C LYS F 213 -37.10 -18.41 -4.05
N GLN F 214 -36.98 -19.02 -5.23
CA GLN F 214 -38.12 -19.15 -6.11
C GLN F 214 -38.71 -20.55 -6.13
N LEU F 215 -38.06 -21.50 -5.46
CA LEU F 215 -38.63 -22.84 -5.30
C LEU F 215 -39.39 -22.95 -3.98
N THR F 216 -38.73 -22.59 -2.88
CA THR F 216 -39.32 -22.64 -1.55
C THR F 216 -39.79 -21.28 -1.06
N GLY F 217 -38.96 -20.25 -1.18
CA GLY F 217 -39.26 -18.95 -0.65
C GLY F 217 -38.41 -18.52 0.53
N LYS F 218 -37.45 -19.35 0.93
CA LYS F 218 -36.62 -19.06 2.08
C LYS F 218 -35.34 -18.36 1.64
N THR F 219 -34.90 -17.40 2.44
CA THR F 219 -33.63 -16.72 2.22
C THR F 219 -32.58 -17.38 3.10
N VAL F 220 -31.61 -18.04 2.48
CA VAL F 220 -30.54 -18.73 3.18
C VAL F 220 -29.20 -18.17 2.68
N SER F 221 -28.11 -18.70 3.23
CA SER F 221 -26.79 -18.35 2.72
C SER F 221 -26.57 -19.02 1.36
N TRP F 222 -25.57 -18.52 0.62
CA TRP F 222 -25.38 -19.02 -0.73
C TRP F 222 -24.77 -20.41 -0.76
N GLU F 223 -24.03 -20.78 0.29
CA GLU F 223 -23.48 -22.13 0.36
C GLU F 223 -24.56 -23.17 0.58
N GLN F 224 -25.48 -22.89 1.52
CA GLN F 224 -26.60 -23.80 1.77
C GLN F 224 -27.55 -23.86 0.58
N ALA F 225 -27.75 -22.72 -0.09
CA ALA F 225 -28.60 -22.69 -1.27
C ALA F 225 -27.98 -23.47 -2.42
N HIS F 226 -26.67 -23.35 -2.61
CA HIS F 226 -25.99 -24.10 -3.65
C HIS F 226 -26.00 -25.60 -3.34
N ALA F 227 -25.83 -25.97 -2.07
CA ALA F 227 -25.89 -27.38 -1.70
C ALA F 227 -27.29 -27.96 -1.92
N LEU F 228 -28.33 -27.19 -1.60
CA LEU F 228 -29.68 -27.69 -1.78
C LEU F 228 -30.07 -27.77 -3.25
N LEU F 229 -29.62 -26.81 -4.06
CA LEU F 229 -29.86 -26.88 -5.50
C LEU F 229 -29.10 -28.04 -6.14
N GLU F 230 -27.88 -28.31 -5.65
CA GLU F 230 -27.11 -29.44 -6.15
C GLU F 230 -27.76 -30.76 -5.80
N LYS F 231 -28.30 -30.89 -4.57
CA LYS F 231 -29.03 -32.09 -4.21
C LYS F 231 -30.34 -32.22 -5.00
N ARG F 232 -30.95 -31.10 -5.37
CA ARG F 232 -32.19 -31.16 -6.15
C ARG F 232 -31.92 -31.61 -7.58
N PHE F 233 -30.85 -31.10 -8.20
CA PHE F 233 -30.64 -31.35 -9.62
C PHE F 233 -29.79 -32.59 -9.91
N THR F 234 -29.02 -33.09 -8.95
CA THR F 234 -28.25 -34.30 -9.22
C THR F 234 -29.01 -35.56 -8.81
N THR F 235 -29.75 -35.52 -7.71
CA THR F 235 -30.40 -36.76 -7.26
C THR F 235 -31.71 -36.95 -8.00
N PRO F 236 -31.93 -38.11 -8.63
CA PRO F 236 -33.19 -38.36 -9.35
C PRO F 236 -34.32 -38.64 -8.37
N ALA F 237 -35.48 -38.03 -8.62
CA ALA F 237 -36.64 -38.20 -7.75
C ALA F 237 -37.91 -38.07 -8.58
N PRO F 238 -38.63 -39.18 -8.81
CA PRO F 238 -39.94 -39.07 -9.46
C PRO F 238 -41.00 -38.65 -8.45
N ARG F 239 -41.91 -37.78 -8.87
CA ARG F 239 -41.98 -37.20 -10.21
C ARG F 239 -41.41 -35.79 -10.24
N ARG F 240 -40.20 -35.65 -10.76
CA ARG F 240 -39.61 -34.33 -10.96
C ARG F 240 -40.24 -33.66 -12.18
N VAL F 241 -40.52 -32.39 -12.06
CA VAL F 241 -41.12 -31.61 -13.13
C VAL F 241 -40.02 -30.82 -13.84
N THR F 242 -40.26 -30.45 -15.09
CA THR F 242 -39.31 -29.64 -15.83
C THR F 242 -39.26 -28.24 -15.27
N THR F 243 -38.06 -27.69 -15.11
CA THR F 243 -37.88 -26.33 -14.63
C THR F 243 -37.15 -25.53 -15.71
N VAL F 244 -37.77 -24.43 -16.13
CA VAL F 244 -37.21 -23.53 -17.12
C VAL F 244 -36.61 -22.34 -16.39
N LEU F 245 -35.29 -22.18 -16.49
CA LEU F 245 -34.56 -21.15 -15.77
C LEU F 245 -34.15 -20.07 -16.76
N LEU F 246 -34.62 -18.85 -16.54
CA LEU F 246 -34.23 -17.71 -17.35
C LEU F 246 -33.12 -16.95 -16.63
N VAL F 247 -32.04 -16.64 -17.35
CA VAL F 247 -30.92 -15.89 -16.82
C VAL F 247 -30.77 -14.64 -17.67
N ASP F 248 -31.29 -13.52 -17.19
CA ASP F 248 -31.05 -12.23 -17.81
C ASP F 248 -29.68 -11.70 -17.41
N GLU F 249 -29.02 -11.02 -18.36
CA GLU F 249 -27.71 -10.39 -18.18
C GLU F 249 -26.67 -11.41 -17.70
N LEU F 250 -26.38 -12.35 -18.61
CA LEU F 250 -25.47 -13.45 -18.29
C LEU F 250 -24.05 -12.97 -18.04
N ASP F 251 -23.62 -11.90 -18.72
CA ASP F 251 -22.25 -11.41 -18.60
C ASP F 251 -21.94 -10.76 -17.26
N ILE F 252 -22.95 -10.50 -16.42
CA ILE F 252 -22.68 -10.03 -15.07
C ILE F 252 -22.42 -11.21 -14.14
N LEU F 253 -22.84 -12.41 -14.52
CA LEU F 253 -22.49 -13.61 -13.76
C LEU F 253 -21.10 -14.14 -14.11
N CYS F 254 -20.48 -13.62 -15.16
CA CYS F 254 -19.14 -14.05 -15.53
C CYS F 254 -18.11 -13.29 -14.71
N ASN F 255 -17.19 -14.04 -14.10
CA ASN F 255 -16.12 -13.47 -13.29
C ASN F 255 -14.82 -14.19 -13.65
N ARG F 256 -13.81 -14.03 -12.80
CA ARG F 256 -12.50 -14.62 -13.08
C ARG F 256 -12.53 -16.14 -13.03
N ARG F 257 -13.26 -16.71 -12.08
CA ARG F 257 -13.29 -18.15 -11.90
C ARG F 257 -14.36 -18.84 -12.73
N GLN F 258 -15.48 -18.17 -12.97
CA GLN F 258 -16.63 -18.67 -13.73
C GLN F 258 -17.16 -19.98 -13.16
N ASP F 259 -17.62 -19.90 -11.92
CA ASP F 259 -18.19 -21.06 -11.25
C ASP F 259 -19.72 -21.02 -11.19
N VAL F 260 -20.31 -19.83 -11.10
CA VAL F 260 -21.77 -19.73 -11.11
C VAL F 260 -22.31 -20.06 -12.49
N VAL F 261 -21.68 -19.52 -13.54
CA VAL F 261 -22.14 -19.80 -14.90
C VAL F 261 -21.83 -21.25 -15.29
N TYR F 262 -20.73 -21.81 -14.77
CA TYR F 262 -20.46 -23.23 -15.04
C TYR F 262 -21.45 -24.13 -14.31
N ASN F 263 -21.88 -23.74 -13.11
CA ASN F 263 -22.87 -24.53 -12.40
C ASN F 263 -24.24 -24.43 -13.06
N LEU F 264 -24.56 -23.25 -13.61
CA LEU F 264 -25.87 -23.10 -14.27
C LEU F 264 -25.89 -23.76 -15.64
N LEU F 265 -24.74 -23.90 -16.29
CA LEU F 265 -24.69 -24.58 -17.58
C LEU F 265 -24.28 -26.05 -17.48
N ASP F 266 -23.94 -26.52 -16.29
CA ASP F 266 -23.58 -27.93 -16.08
C ASP F 266 -24.73 -28.75 -15.53
N TRP F 267 -25.62 -28.14 -14.75
CA TRP F 267 -26.82 -28.82 -14.27
C TRP F 267 -27.76 -29.34 -15.37
N PRO F 268 -27.97 -28.68 -16.52
CA PRO F 268 -28.76 -29.34 -17.58
C PRO F 268 -28.10 -30.58 -18.18
N THR F 269 -26.78 -30.70 -18.10
CA THR F 269 -26.10 -31.82 -18.73
C THR F 269 -26.29 -33.12 -17.96
N LYS F 270 -26.75 -33.06 -16.72
CA LYS F 270 -27.05 -34.26 -15.96
C LYS F 270 -28.43 -34.79 -16.34
N SER F 271 -28.58 -36.11 -16.28
CA SER F 271 -29.83 -36.73 -16.72
C SER F 271 -30.95 -36.58 -15.71
N ALA F 272 -30.62 -36.47 -14.42
CA ALA F 272 -31.65 -36.39 -13.39
C ALA F 272 -32.26 -35.01 -13.26
N ALA F 273 -31.67 -33.99 -13.90
CA ALA F 273 -32.20 -32.63 -13.85
C ALA F 273 -32.93 -32.32 -15.14
N LYS F 274 -34.19 -31.90 -15.00
CA LYS F 274 -34.97 -31.46 -16.14
C LYS F 274 -34.94 -29.94 -16.21
N LEU F 275 -33.75 -29.42 -16.53
CA LEU F 275 -33.47 -28.00 -16.49
C LEU F 275 -33.25 -27.47 -17.90
N VAL F 276 -33.95 -26.40 -18.24
CA VAL F 276 -33.79 -25.70 -19.52
C VAL F 276 -33.34 -24.29 -19.19
N VAL F 277 -32.13 -23.93 -19.58
CA VAL F 277 -31.55 -22.63 -19.26
C VAL F 277 -31.54 -21.78 -20.53
N VAL F 278 -32.30 -20.69 -20.53
CA VAL F 278 -32.30 -19.72 -21.61
C VAL F 278 -31.61 -18.47 -21.10
N THR F 279 -30.50 -18.09 -21.73
CA THR F 279 -29.68 -16.99 -21.27
C THR F 279 -29.75 -15.84 -22.27
N ILE F 280 -29.97 -14.63 -21.77
CA ILE F 280 -30.16 -13.45 -22.60
C ILE F 280 -29.00 -12.49 -22.34
N ALA F 281 -28.40 -11.97 -23.41
CA ALA F 281 -27.33 -10.99 -23.26
C ALA F 281 -27.28 -10.07 -24.47
N ASN F 282 -26.34 -9.12 -24.42
CA ASN F 282 -26.23 -8.12 -25.48
C ASN F 282 -25.18 -8.46 -26.52
N THR F 283 -23.97 -8.84 -26.10
CA THR F 283 -22.90 -9.09 -27.06
C THR F 283 -23.10 -10.44 -27.73
N MET F 284 -22.89 -10.45 -29.04
CA MET F 284 -23.10 -11.67 -29.83
C MET F 284 -21.97 -12.67 -29.64
N ASP F 285 -20.74 -12.19 -29.50
CA ASP F 285 -19.57 -13.05 -29.38
C ASP F 285 -19.17 -13.32 -27.94
N LEU F 286 -20.11 -13.14 -27.00
CA LEU F 286 -19.88 -13.44 -25.59
C LEU F 286 -19.36 -14.84 -25.25
N PRO F 287 -19.85 -15.95 -25.84
CA PRO F 287 -19.30 -17.26 -25.41
C PRO F 287 -17.85 -17.47 -25.82
N GLU F 288 -17.39 -16.85 -26.90
CA GLU F 288 -16.00 -17.00 -27.29
C GLU F 288 -15.11 -15.91 -26.71
N ARG F 289 -15.67 -14.78 -26.30
CA ARG F 289 -14.86 -13.69 -25.81
C ARG F 289 -14.39 -13.93 -24.38
N LEU F 290 -15.32 -14.03 -23.43
CA LEU F 290 -14.96 -14.05 -22.02
C LEU F 290 -15.37 -15.32 -21.27
N LEU F 291 -15.90 -16.32 -21.96
CA LEU F 291 -16.20 -17.60 -21.32
C LEU F 291 -15.10 -18.60 -21.62
N MET F 292 -14.83 -19.47 -20.64
CA MET F 292 -13.81 -20.48 -20.78
C MET F 292 -14.28 -21.58 -21.74
N GLY F 293 -13.36 -22.51 -22.02
CA GLY F 293 -13.63 -23.51 -23.05
C GLY F 293 -14.70 -24.51 -22.65
N LYS F 294 -14.74 -24.90 -21.37
CA LYS F 294 -15.78 -25.79 -20.91
C LYS F 294 -17.13 -25.08 -20.79
N VAL F 295 -17.12 -23.78 -20.48
CA VAL F 295 -18.38 -23.06 -20.33
C VAL F 295 -19.01 -22.77 -21.68
N THR F 296 -18.22 -22.37 -22.68
CA THR F 296 -18.76 -22.27 -24.03
C THR F 296 -18.96 -23.63 -24.66
N SER F 297 -18.34 -24.67 -24.12
CA SER F 297 -18.61 -26.02 -24.59
C SER F 297 -19.97 -26.50 -24.11
N ARG F 298 -20.37 -26.11 -22.91
CA ARG F 298 -21.68 -26.45 -22.37
C ARG F 298 -22.78 -25.49 -22.79
N LEU F 299 -22.43 -24.29 -23.27
CA LEU F 299 -23.46 -23.31 -23.62
C LEU F 299 -24.20 -23.69 -24.89
N GLY F 300 -23.55 -24.37 -25.83
CA GLY F 300 -24.23 -24.90 -26.99
C GLY F 300 -24.06 -24.05 -28.23
N LEU F 301 -24.70 -24.51 -29.30
CA LEU F 301 -24.66 -23.81 -30.57
C LEU F 301 -26.03 -23.32 -31.03
N THR F 302 -27.09 -23.61 -30.28
CA THR F 302 -28.41 -23.07 -30.60
C THR F 302 -28.50 -21.64 -30.09
N ARG F 303 -28.26 -20.68 -30.98
CA ARG F 303 -28.26 -19.26 -30.67
C ARG F 303 -29.41 -18.58 -31.39
N LEU F 304 -29.70 -17.35 -30.97
CA LEU F 304 -30.67 -16.51 -31.64
C LEU F 304 -30.22 -15.07 -31.49
N THR F 305 -30.24 -14.31 -32.59
CA THR F 305 -29.79 -12.93 -32.57
C THR F 305 -30.97 -12.03 -32.89
N PHE F 306 -31.28 -11.13 -31.98
CA PHE F 306 -32.35 -10.16 -32.16
C PHE F 306 -31.75 -8.94 -32.84
N GLN F 307 -31.98 -8.83 -34.14
CA GLN F 307 -31.42 -7.72 -34.90
C GLN F 307 -32.15 -6.42 -34.57
N PRO F 308 -31.49 -5.27 -34.74
CA PRO F 308 -32.17 -3.99 -34.47
C PRO F 308 -33.31 -3.74 -35.44
N TYR F 309 -34.25 -2.92 -34.98
CA TYR F 309 -35.45 -2.63 -35.77
C TYR F 309 -35.15 -1.60 -36.85
N SER F 310 -35.68 -1.84 -38.04
CA SER F 310 -35.62 -0.86 -39.11
C SER F 310 -36.73 0.17 -38.92
N HIS F 311 -36.79 1.16 -39.82
CA HIS F 311 -37.75 2.24 -39.64
C HIS F 311 -39.17 1.78 -39.91
N LYS F 312 -39.35 0.80 -40.82
CA LYS F 312 -40.66 0.21 -41.02
C LYS F 312 -41.11 -0.53 -39.76
N GLN F 313 -40.17 -1.16 -39.05
CA GLN F 313 -40.52 -1.91 -37.86
C GLN F 313 -40.84 -0.99 -36.68
N LEU F 314 -40.10 0.11 -36.53
CA LEU F 314 -40.46 1.08 -35.49
C LEU F 314 -41.80 1.75 -35.79
N GLN F 315 -42.07 2.04 -37.07
CA GLN F 315 -43.35 2.60 -37.46
C GLN F 315 -44.49 1.64 -37.16
N GLU F 316 -44.27 0.34 -37.40
CA GLU F 316 -45.30 -0.66 -37.10
C GLU F 316 -45.51 -0.82 -35.59
N ILE F 317 -44.43 -0.72 -34.81
CA ILE F 317 -44.53 -0.81 -33.35
C ILE F 317 -45.34 0.36 -32.79
N VAL F 318 -45.01 1.59 -33.20
CA VAL F 318 -45.70 2.76 -32.66
C VAL F 318 -47.13 2.84 -33.17
N THR F 319 -47.36 2.45 -34.44
CA THR F 319 -48.71 2.45 -34.99
C THR F 319 -49.59 1.40 -34.33
N ALA F 320 -49.01 0.26 -33.93
CA ALA F 320 -49.77 -0.72 -33.18
C ALA F 320 -50.00 -0.28 -31.74
N ARG F 321 -49.09 0.54 -31.18
CA ARG F 321 -49.32 1.10 -29.85
C ARG F 321 -50.48 2.09 -29.86
N LEU F 322 -50.58 2.91 -30.92
CA LEU F 322 -51.63 3.92 -30.96
C LEU F 322 -53.00 3.31 -31.27
N GLY F 323 -53.04 2.29 -32.11
CA GLY F 323 -54.29 1.57 -32.32
C GLY F 323 -55.24 2.33 -33.22
N GLY F 324 -56.48 2.49 -32.75
CA GLY F 324 -57.53 3.14 -33.50
C GLY F 324 -57.67 4.63 -33.25
N SER F 325 -56.68 5.25 -32.60
CA SER F 325 -56.73 6.69 -32.37
C SER F 325 -56.17 7.43 -33.57
N GLU F 326 -56.47 8.73 -33.62
CA GLU F 326 -55.86 9.66 -34.58
C GLU F 326 -55.27 10.85 -33.83
N THR F 327 -54.47 10.55 -32.81
CA THR F 327 -53.73 11.58 -32.09
C THR F 327 -52.37 11.83 -32.72
N PHE F 328 -51.85 10.88 -33.49
CA PHE F 328 -50.58 11.04 -34.19
C PHE F 328 -50.81 11.12 -35.70
N LYS F 329 -49.97 11.89 -36.36
CA LYS F 329 -49.99 11.94 -37.82
C LYS F 329 -49.29 10.72 -38.40
N GLY F 330 -49.53 10.48 -39.69
CA GLY F 330 -48.87 9.39 -40.37
C GLY F 330 -47.42 9.65 -40.71
N GLU F 331 -47.03 10.93 -40.78
CA GLU F 331 -45.65 11.31 -41.07
C GLU F 331 -44.84 11.57 -39.81
N ALA F 332 -45.50 11.86 -38.69
CA ALA F 332 -44.81 12.07 -37.43
C ALA F 332 -44.18 10.77 -36.92
N VAL F 333 -44.94 9.68 -36.99
CA VAL F 333 -44.44 8.36 -36.62
C VAL F 333 -43.29 7.95 -37.54
N GLN F 334 -43.40 8.27 -38.82
CA GLN F 334 -42.31 7.95 -39.76
C GLN F 334 -41.06 8.77 -39.46
N LEU F 335 -41.22 10.02 -39.03
CA LEU F 335 -40.04 10.82 -38.70
C LEU F 335 -39.35 10.30 -37.44
N VAL F 336 -40.13 9.91 -36.43
CA VAL F 336 -39.55 9.29 -35.22
C VAL F 336 -38.85 7.98 -35.58
N ALA F 337 -39.45 7.18 -36.46
CA ALA F 337 -38.88 5.90 -36.85
C ALA F 337 -37.60 6.08 -37.65
N ARG F 338 -37.56 7.06 -38.54
CA ARG F 338 -36.36 7.28 -39.35
C ARG F 338 -35.23 7.85 -38.52
N LYS F 339 -35.54 8.70 -37.54
CA LYS F 339 -34.47 9.28 -36.74
C LYS F 339 -34.05 8.41 -35.56
N VAL F 340 -34.83 7.39 -35.20
CA VAL F 340 -34.44 6.46 -34.15
C VAL F 340 -33.80 5.21 -34.72
N ALA F 341 -34.31 4.70 -35.84
CA ALA F 341 -33.74 3.52 -36.48
C ALA F 341 -32.37 3.78 -37.10
N ALA F 342 -31.99 5.03 -37.27
CA ALA F 342 -30.67 5.38 -37.79
C ALA F 342 -29.61 5.52 -36.71
N VAL F 343 -30.02 5.68 -35.46
CA VAL F 343 -29.10 5.90 -34.36
C VAL F 343 -28.84 4.62 -33.58
N SER F 344 -29.89 3.97 -33.09
CA SER F 344 -29.71 2.79 -32.26
C SER F 344 -30.53 1.59 -32.71
N GLY F 345 -31.70 1.84 -33.29
CA GLY F 345 -32.64 0.76 -33.53
C GLY F 345 -33.45 0.36 -32.32
N ASP F 346 -33.43 1.19 -31.28
CA ASP F 346 -34.11 0.90 -30.02
C ASP F 346 -35.61 1.12 -30.16
N ALA F 347 -36.38 0.36 -29.40
CA ALA F 347 -37.82 0.60 -29.32
C ALA F 347 -38.20 1.52 -28.16
N ARG F 348 -37.41 1.49 -27.09
CA ARG F 348 -37.62 2.40 -25.97
C ARG F 348 -37.41 3.85 -26.38
N ARG F 349 -36.47 4.10 -27.29
CA ARG F 349 -36.21 5.45 -27.75
C ARG F 349 -37.39 6.01 -28.54
N ALA F 350 -37.98 5.19 -29.41
CA ALA F 350 -39.14 5.64 -30.18
C ALA F 350 -40.35 5.82 -29.28
N LEU F 351 -40.57 4.91 -28.33
CA LEU F 351 -41.72 5.05 -27.44
C LEU F 351 -41.56 6.18 -26.43
N ASP F 352 -40.33 6.62 -26.15
CA ASP F 352 -40.16 7.79 -25.29
C ASP F 352 -40.21 9.10 -26.05
N ILE F 353 -39.70 9.12 -27.29
CA ILE F 353 -39.77 10.33 -28.11
C ILE F 353 -41.21 10.61 -28.51
N CYS F 354 -42.00 9.57 -28.76
CA CYS F 354 -43.42 9.78 -29.06
C CYS F 354 -44.19 10.29 -27.85
N ARG F 355 -43.82 9.83 -26.64
CA ARG F 355 -44.45 10.35 -25.43
C ARG F 355 -44.09 11.80 -25.18
N ARG F 356 -42.82 12.17 -25.42
CA ARG F 356 -42.42 13.57 -25.28
C ARG F 356 -43.12 14.45 -26.31
N ALA F 357 -43.35 13.92 -27.52
CA ALA F 357 -44.11 14.65 -28.53
C ALA F 357 -45.57 14.83 -28.11
N THR F 358 -46.13 13.82 -27.45
CA THR F 358 -47.48 13.93 -26.91
C THR F 358 -47.57 14.99 -25.83
N GLU F 359 -46.58 15.04 -24.93
CA GLU F 359 -46.57 16.06 -23.88
C GLU F 359 -46.29 17.46 -24.43
N ILE F 360 -45.58 17.56 -25.55
CA ILE F 360 -45.41 18.87 -26.19
C ILE F 360 -46.72 19.31 -26.83
N ALA F 361 -47.40 18.40 -27.53
CA ALA F 361 -48.69 18.73 -28.15
C ALA F 361 -49.80 18.98 -27.14
N ASP F 362 -49.64 18.49 -25.91
CA ASP F 362 -50.64 18.76 -24.87
C ASP F 362 -50.58 20.21 -24.40
N THR F 363 -49.39 20.81 -24.43
CA THR F 363 -49.22 22.20 -24.01
C THR F 363 -49.73 23.18 -25.07
N ALA F 364 -49.53 22.89 -26.35
CA ALA F 364 -49.91 23.79 -27.42
C ALA F 364 -51.39 23.77 -27.76
N ALA F 365 -52.21 23.08 -26.95
CA ALA F 365 -53.68 23.07 -27.04
C ALA F 365 -54.18 22.56 -28.39
N VAL F 366 -53.48 21.57 -28.94
CA VAL F 366 -53.90 20.89 -30.15
C VAL F 366 -54.18 19.44 -29.79
N LYS F 367 -55.24 18.88 -30.38
CA LYS F 367 -55.65 17.51 -30.07
C LYS F 367 -54.83 16.46 -30.78
N CYS F 368 -54.05 16.85 -31.79
CA CYS F 368 -53.22 15.94 -32.56
C CYS F 368 -51.75 16.25 -32.35
N VAL F 369 -50.89 15.31 -32.72
CA VAL F 369 -49.44 15.47 -32.62
C VAL F 369 -48.92 15.67 -34.04
N THR F 370 -48.69 16.93 -34.39
CA THR F 370 -48.17 17.29 -35.70
C THR F 370 -46.67 17.03 -35.77
N MET F 371 -46.08 17.30 -36.93
CA MET F 371 -44.67 16.99 -37.13
C MET F 371 -43.74 18.01 -36.47
N LEU F 372 -44.23 19.22 -36.21
CA LEU F 372 -43.41 20.21 -35.53
C LEU F 372 -43.17 19.86 -34.07
N HIS F 373 -44.15 19.27 -33.40
CA HIS F 373 -43.97 18.80 -32.04
C HIS F 373 -42.99 17.63 -32.00
N VAL F 374 -43.02 16.80 -33.03
CA VAL F 374 -42.07 15.69 -33.16
C VAL F 374 -40.66 16.20 -33.40
N GLN F 375 -40.50 17.24 -34.22
CA GLN F 375 -39.18 17.82 -34.43
C GLN F 375 -38.66 18.51 -33.17
N GLN F 376 -39.55 19.14 -32.40
CA GLN F 376 -39.16 19.73 -31.13
C GLN F 376 -38.73 18.68 -30.12
N ALA F 377 -39.48 17.56 -30.05
CA ALA F 377 -39.10 16.47 -29.17
C ALA F 377 -37.82 15.78 -29.62
N LEU F 378 -37.58 15.69 -30.93
CA LEU F 378 -36.34 15.10 -31.41
C LEU F 378 -35.16 16.02 -31.18
N ALA F 379 -35.39 17.33 -31.14
CA ALA F 379 -34.33 18.25 -30.76
C ALA F 379 -34.05 18.19 -29.26
N GLU F 380 -35.08 17.97 -28.44
CA GLU F 380 -34.88 17.94 -27.00
C GLU F 380 -34.29 16.63 -26.51
N MET F 381 -34.78 15.50 -27.01
CA MET F 381 -34.34 14.20 -26.49
C MET F 381 -32.99 13.80 -27.08
N ILE F 382 -32.78 14.05 -28.37
CA ILE F 382 -31.44 13.88 -28.97
C ILE F 382 -30.75 15.23 -28.84
N ALA F 383 -30.17 15.46 -27.66
CA ALA F 383 -29.65 16.77 -27.31
C ALA F 383 -28.20 16.93 -27.75
N SER F 384 -27.82 18.19 -27.98
CA SER F 384 -26.42 18.57 -28.22
C SER F 384 -26.29 20.00 -27.69
N ALA F 385 -25.86 20.11 -26.44
CA ALA F 385 -25.86 21.39 -25.74
C ALA F 385 -24.47 21.80 -25.30
N LYS F 386 -23.48 21.62 -26.18
CA LYS F 386 -22.15 22.16 -25.95
C LYS F 386 -21.90 23.44 -26.74
N VAL F 387 -22.86 23.86 -27.57
CA VAL F 387 -22.76 25.18 -28.18
C VAL F 387 -23.37 26.23 -27.28
N GLN F 388 -24.52 25.90 -26.66
CA GLN F 388 -25.20 26.81 -25.75
C GLN F 388 -24.41 27.01 -24.47
N ALA F 389 -23.64 26.01 -24.05
CA ALA F 389 -22.82 26.14 -22.86
C ALA F 389 -21.66 27.10 -23.08
N ILE F 390 -21.03 27.04 -24.27
CA ILE F 390 -19.95 27.98 -24.59
C ILE F 390 -20.52 29.36 -24.85
N ARG F 391 -21.72 29.43 -25.42
CA ARG F 391 -22.38 30.72 -25.61
C ARG F 391 -22.79 31.36 -24.29
N ASN F 392 -23.02 30.56 -23.25
CA ASN F 392 -23.44 31.07 -21.95
C ASN F 392 -22.30 31.16 -20.94
N CYS F 393 -21.07 30.93 -21.35
CA CYS F 393 -19.94 31.16 -20.47
C CYS F 393 -19.68 32.65 -20.32
N SER F 394 -18.83 33.01 -19.36
CA SER F 394 -18.51 34.41 -19.15
C SER F 394 -17.48 34.88 -20.18
N ARG F 395 -16.97 36.10 -20.00
CA ARG F 395 -16.02 36.65 -20.96
C ARG F 395 -14.65 36.00 -20.81
N MET F 396 -14.17 35.91 -19.58
CA MET F 396 -12.85 35.32 -19.33
C MET F 396 -12.84 33.82 -19.59
N GLU F 397 -13.96 33.14 -19.39
CA GLU F 397 -14.03 31.71 -19.71
C GLU F 397 -14.02 31.47 -21.21
N GLN F 398 -14.65 32.36 -21.98
CA GLN F 398 -14.59 32.21 -23.44
C GLN F 398 -13.21 32.58 -23.98
N ILE F 399 -12.53 33.54 -23.34
CA ILE F 399 -11.14 33.84 -23.70
C ILE F 399 -10.23 32.66 -23.38
N PHE F 400 -10.46 32.00 -22.25
CA PHE F 400 -9.71 30.80 -21.88
C PHE F 400 -9.98 29.66 -22.87
N LEU F 401 -11.22 29.52 -23.32
CA LEU F 401 -11.55 28.49 -24.31
C LEU F 401 -10.94 28.79 -25.67
N GLN F 402 -10.81 30.08 -26.03
CA GLN F 402 -10.07 30.42 -27.25
C GLN F 402 -8.59 30.12 -27.10
N ALA F 403 -8.04 30.35 -25.91
CA ALA F 403 -6.61 30.20 -25.69
C ALA F 403 -6.17 28.74 -25.65
N ILE F 404 -7.02 27.85 -25.12
CA ILE F 404 -6.67 26.43 -25.15
C ILE F 404 -6.63 25.91 -26.59
N ALA F 405 -7.57 26.36 -27.43
CA ALA F 405 -7.58 25.95 -28.83
C ALA F 405 -6.43 26.57 -29.60
N ALA F 406 -6.06 27.81 -29.26
CA ALA F 406 -4.91 28.45 -29.91
C ALA F 406 -3.60 27.78 -29.50
N GLU F 407 -3.50 27.35 -28.25
CA GLU F 407 -2.30 26.62 -27.81
C GLU F 407 -2.23 25.25 -28.46
N VAL F 408 -3.38 24.57 -28.63
CA VAL F 408 -3.42 23.29 -29.33
C VAL F 408 -2.99 23.45 -30.78
N THR F 409 -3.43 24.54 -31.43
CA THR F 409 -2.99 24.84 -32.79
C THR F 409 -1.50 25.16 -32.84
N ARG F 410 -0.99 25.86 -31.82
CA ARG F 410 0.40 26.31 -31.85
C ARG F 410 1.39 25.18 -31.62
N THR F 411 1.20 24.38 -30.57
CA THR F 411 2.19 23.34 -30.30
C THR F 411 1.89 22.02 -30.99
N GLY F 412 0.69 21.84 -31.53
CA GLY F 412 0.33 20.63 -32.24
C GLY F 412 -0.27 19.51 -31.41
N VAL F 413 0.23 19.33 -30.19
CA VAL F 413 -0.25 18.25 -29.33
C VAL F 413 -1.55 18.67 -28.66
N GLU F 414 -2.35 17.69 -28.24
CA GLU F 414 -3.67 17.95 -27.70
C GLU F 414 -3.64 18.31 -26.22
N GLU F 415 -2.75 17.70 -25.45
CA GLU F 415 -2.70 17.92 -24.00
C GLU F 415 -1.73 19.06 -23.71
N THR F 416 -2.25 20.20 -23.26
CA THR F 416 -1.46 21.40 -23.07
C THR F 416 -1.36 21.73 -21.59
N THR F 417 -0.20 22.20 -21.16
CA THR F 417 -0.07 22.61 -19.77
C THR F 417 -0.68 23.98 -19.56
N PHE F 418 -0.85 24.34 -18.28
CA PHE F 418 -1.51 25.59 -17.92
C PHE F 418 -0.66 26.81 -18.24
N MET F 419 0.67 26.66 -18.30
CA MET F 419 1.54 27.83 -18.48
C MET F 419 1.46 28.38 -19.89
N GLY F 420 1.51 27.51 -20.90
CA GLY F 420 1.35 27.96 -22.27
C GLY F 420 -0.04 28.47 -22.56
N VAL F 421 -1.04 27.87 -21.93
CA VAL F 421 -2.42 28.35 -22.03
C VAL F 421 -2.53 29.75 -21.44
N TYR F 422 -1.84 30.01 -20.33
CA TYR F 422 -1.89 31.35 -19.72
C TYR F 422 -1.11 32.38 -20.53
N GLN F 423 -0.02 31.96 -21.20
CA GLN F 423 0.65 32.85 -22.13
C GLN F 423 -0.25 33.25 -23.30
N GLN F 424 -0.97 32.27 -23.85
CA GLN F 424 -1.92 32.59 -24.92
C GLN F 424 -3.09 33.42 -24.40
N VAL F 425 -3.46 33.24 -23.13
CA VAL F 425 -4.47 34.09 -22.49
C VAL F 425 -4.02 35.54 -22.46
N GLU F 426 -2.75 35.77 -22.07
CA GLU F 426 -2.20 37.13 -22.06
C GLU F 426 -2.16 37.73 -23.46
N THR F 427 -1.81 36.92 -24.46
CA THR F 427 -1.80 37.40 -25.85
C THR F 427 -3.19 37.78 -26.33
N ILE F 428 -4.19 36.91 -26.11
CA ILE F 428 -5.54 37.17 -26.58
C ILE F 428 -6.19 38.33 -25.83
N ALA F 429 -5.90 38.46 -24.53
CA ALA F 429 -6.45 39.57 -23.77
C ALA F 429 -5.79 40.89 -24.12
N ALA F 430 -4.49 40.88 -24.48
CA ALA F 430 -3.87 42.10 -24.94
C ALA F 430 -4.34 42.48 -26.34
N PHE F 431 -4.75 41.49 -27.15
CA PHE F 431 -5.35 41.79 -28.44
C PHE F 431 -6.74 42.37 -28.27
N MET F 432 -7.56 41.79 -27.40
CA MET F 432 -8.92 42.27 -27.16
C MET F 432 -8.96 43.55 -26.35
N GLY F 433 -7.87 43.92 -25.69
CA GLY F 433 -7.82 45.15 -24.93
C GLY F 433 -8.33 45.06 -23.52
N VAL F 434 -8.80 43.90 -23.08
CA VAL F 434 -9.29 43.72 -21.72
C VAL F 434 -8.20 43.09 -20.87
N THR F 435 -8.21 43.38 -19.59
CA THR F 435 -7.27 42.76 -18.67
C THR F 435 -7.81 41.42 -18.20
N PHE F 436 -6.89 40.55 -17.78
CA PHE F 436 -7.26 39.23 -17.31
C PHE F 436 -6.98 39.10 -15.82
N PRO F 437 -7.67 38.19 -15.14
CA PRO F 437 -7.33 37.85 -13.76
C PRO F 437 -5.92 37.29 -13.62
N PRO F 438 -5.36 37.33 -12.42
CA PRO F 438 -4.08 36.65 -12.13
C PRO F 438 -4.19 35.14 -12.26
N PRO F 439 -3.07 34.41 -12.24
CA PRO F 439 -3.15 32.94 -12.41
C PRO F 439 -3.95 32.20 -11.34
N GLY F 440 -4.04 32.76 -10.12
CA GLY F 440 -4.81 32.11 -9.08
C GLY F 440 -6.31 32.09 -9.36
N ARG F 441 -6.81 33.08 -10.09
CA ARG F 441 -8.20 33.07 -10.52
C ARG F 441 -8.39 32.42 -11.88
N ALA F 442 -7.33 32.35 -12.69
CA ALA F 442 -7.40 31.56 -13.91
C ALA F 442 -7.49 30.08 -13.59
N LEU F 443 -6.92 29.64 -12.47
CA LEU F 443 -7.16 28.28 -12.00
C LEU F 443 -8.61 28.06 -11.58
N ARG F 444 -9.27 29.11 -11.07
CA ARG F 444 -10.68 29.00 -10.72
C ARG F 444 -11.55 28.90 -11.97
N LEU F 445 -11.20 29.66 -13.00
CA LEU F 445 -11.89 29.53 -14.29
C LEU F 445 -11.68 28.15 -14.90
N CYS F 446 -10.46 27.62 -14.79
CA CYS F 446 -10.17 26.29 -15.29
C CYS F 446 -10.91 25.21 -14.51
N SER F 447 -11.07 25.41 -13.20
CA SER F 447 -11.83 24.45 -12.39
C SER F 447 -13.32 24.51 -12.70
N LYS F 448 -13.84 25.71 -12.97
CA LYS F 448 -15.25 25.84 -13.37
C LYS F 448 -15.50 25.18 -14.72
N LEU F 449 -14.58 25.35 -15.66
CA LEU F 449 -14.74 24.71 -16.96
C LEU F 449 -14.52 23.21 -16.90
N GLY F 450 -13.71 22.75 -15.94
CA GLY F 450 -13.48 21.32 -15.82
C GLY F 450 -14.56 20.60 -15.06
N ALA F 451 -15.28 21.31 -14.18
CA ALA F 451 -16.42 20.70 -13.51
C ALA F 451 -17.57 20.48 -14.47
N GLU F 452 -17.82 21.44 -15.36
CA GLU F 452 -18.84 21.36 -16.40
C GLU F 452 -18.43 20.43 -17.55
N ARG F 453 -17.19 19.95 -17.54
CA ARG F 453 -16.62 19.05 -18.56
C ARG F 453 -16.64 19.67 -19.95
N LEU F 454 -16.37 20.97 -20.03
CA LEU F 454 -16.01 21.57 -21.31
C LEU F 454 -14.55 21.36 -21.61
N ILE F 455 -13.72 21.25 -20.56
CA ILE F 455 -12.32 20.86 -20.66
C ILE F 455 -12.09 19.76 -19.65
N ILE F 456 -10.96 19.08 -19.80
CA ILE F 456 -10.53 18.04 -18.87
C ILE F 456 -9.28 18.54 -18.16
N SER F 457 -9.38 18.78 -16.86
CA SER F 457 -8.28 19.36 -16.10
C SER F 457 -7.96 18.48 -14.91
N GLU F 458 -6.78 18.70 -14.34
CA GLU F 458 -6.35 17.98 -13.16
C GLU F 458 -6.83 18.70 -11.91
N HIS F 459 -6.39 18.19 -10.76
CA HIS F 459 -6.51 18.94 -9.52
C HIS F 459 -5.65 20.20 -9.61
N SER F 460 -6.05 21.24 -8.90
CA SER F 460 -5.33 22.50 -8.99
C SER F 460 -4.16 22.59 -8.03
N ARG F 461 -3.77 21.48 -7.39
CA ARG F 461 -2.64 21.51 -6.47
C ARG F 461 -1.32 21.72 -7.21
N ASN F 462 -1.20 21.20 -8.43
CA ASN F 462 -0.05 21.46 -9.27
C ASN F 462 -0.38 22.55 -10.28
N ASP F 463 -0.40 23.78 -9.78
CA ASP F 463 -0.68 24.93 -10.63
C ASP F 463 0.48 25.19 -11.57
N LEU F 464 0.15 25.78 -12.73
CA LEU F 464 1.05 26.16 -13.83
C LEU F 464 1.67 24.96 -14.55
N PHE F 465 1.40 23.75 -14.07
CA PHE F 465 1.93 22.53 -14.67
C PHE F 465 0.85 21.47 -14.78
N GLN F 466 -0.40 21.80 -14.49
CA GLN F 466 -1.49 20.86 -14.66
C GLN F 466 -1.85 20.75 -16.14
N LYS F 467 -2.30 19.57 -16.53
CA LYS F 467 -2.54 19.26 -17.92
C LYS F 467 -4.01 19.47 -18.25
N ILE F 468 -4.26 20.12 -19.39
CA ILE F 468 -5.58 20.50 -19.84
C ILE F 468 -5.80 19.85 -21.20
N LEU F 469 -6.85 19.07 -21.31
CA LEU F 469 -7.40 18.62 -22.58
C LEU F 469 -8.60 19.47 -22.91
N LEU F 470 -8.82 19.70 -24.21
CA LEU F 470 -10.01 20.39 -24.67
C LEU F 470 -11.07 19.33 -24.97
N ASN F 471 -12.06 19.21 -24.08
CA ASN F 471 -13.10 18.20 -24.23
C ASN F 471 -14.08 18.54 -25.34
N VAL F 472 -14.27 19.82 -25.62
CA VAL F 472 -15.09 20.23 -26.75
C VAL F 472 -14.21 20.34 -27.99
N SER F 473 -14.82 20.20 -29.17
CA SER F 473 -14.06 20.32 -30.41
C SER F 473 -13.69 21.78 -30.66
N ALA F 474 -12.62 21.96 -31.45
CA ALA F 474 -12.10 23.31 -31.68
C ALA F 474 -12.99 24.10 -32.63
N ASP F 475 -13.71 23.43 -33.52
CA ASP F 475 -14.65 24.11 -34.40
C ASP F 475 -15.92 24.52 -33.67
N ASP F 476 -16.25 23.87 -32.56
CA ASP F 476 -17.43 24.24 -31.79
C ASP F 476 -17.23 25.59 -31.10
N ILE F 477 -16.02 25.88 -30.65
CA ILE F 477 -15.73 27.19 -30.05
C ILE F 477 -15.78 28.28 -31.11
N HIS F 478 -15.22 28.00 -32.29
CA HIS F 478 -15.25 28.97 -33.38
C HIS F 478 -16.63 29.11 -34.01
N TYR F 479 -17.54 28.17 -33.76
CA TYR F 479 -18.92 28.42 -34.14
C TYR F 479 -19.69 29.17 -33.05
N ALA F 480 -19.40 28.85 -31.79
CA ALA F 480 -20.15 29.43 -30.69
C ALA F 480 -19.78 30.89 -30.43
N LEU F 481 -18.57 31.30 -30.80
CA LEU F 481 -18.13 32.65 -30.50
C LEU F 481 -18.18 33.59 -31.69
N ARG F 482 -17.91 33.10 -32.90
CA ARG F 482 -18.05 33.94 -34.09
C ARG F 482 -19.52 34.20 -34.39
N VAL F 483 -20.27 33.14 -34.64
CA VAL F 483 -21.69 33.27 -35.00
C VAL F 483 -22.55 33.12 -33.76
N ARG G 11 -43.20 -38.23 -30.52
CA ARG G 11 -44.26 -38.68 -31.41
C ARG G 11 -43.67 -39.30 -32.67
N ASN G 12 -43.19 -38.44 -33.57
CA ASN G 12 -42.57 -38.90 -34.81
C ASN G 12 -41.09 -39.20 -34.60
N LYS G 13 -40.35 -39.40 -35.69
CA LYS G 13 -38.98 -39.89 -35.56
C LYS G 13 -37.97 -38.77 -35.39
N TYR G 14 -38.25 -37.57 -35.90
CA TYR G 14 -37.36 -36.44 -35.68
C TYR G 14 -37.34 -36.05 -34.21
N GLN G 15 -38.49 -36.10 -33.54
CA GLN G 15 -38.56 -35.89 -32.11
C GLN G 15 -37.86 -37.00 -31.34
N ASN G 16 -37.87 -38.24 -31.87
CA ASN G 16 -37.19 -39.33 -31.19
C ASN G 16 -35.68 -39.21 -31.29
N ALA G 17 -35.17 -38.76 -32.44
CA ALA G 17 -33.74 -38.48 -32.56
C ALA G 17 -33.34 -37.31 -31.68
N ARG G 18 -34.19 -36.27 -31.63
CA ARG G 18 -33.98 -35.14 -30.73
C ARG G 18 -33.98 -35.56 -29.26
N ARG G 19 -34.77 -36.57 -28.91
CA ARG G 19 -34.74 -37.10 -27.55
C ARG G 19 -33.45 -37.85 -27.27
N VAL G 20 -33.07 -38.76 -28.18
CA VAL G 20 -32.07 -39.78 -27.84
C VAL G 20 -30.63 -39.30 -28.09
N LEU G 21 -30.42 -38.25 -28.88
CA LEU G 21 -29.08 -37.65 -28.97
C LEU G 21 -28.66 -37.05 -27.63
N ASN G 22 -29.43 -36.08 -27.14
CA ASN G 22 -29.60 -35.72 -25.73
C ASN G 22 -28.43 -35.01 -25.06
N SER G 23 -27.22 -35.10 -25.64
CA SER G 23 -25.97 -34.57 -25.10
C SER G 23 -25.74 -34.79 -23.60
N ALA G 24 -26.19 -35.92 -23.05
CA ALA G 24 -26.15 -36.15 -21.62
C ALA G 24 -25.46 -37.48 -21.37
N GLU G 25 -25.51 -37.94 -20.11
CA GLU G 25 -24.73 -39.10 -19.70
C GLU G 25 -25.27 -40.39 -20.31
N THR G 26 -24.36 -41.21 -20.83
CA THR G 26 -24.68 -42.45 -21.51
C THR G 26 -23.95 -43.59 -20.83
N GLN G 27 -24.31 -44.82 -21.20
CA GLN G 27 -23.72 -46.03 -20.64
C GLN G 27 -22.69 -46.66 -21.57
N ASN G 28 -22.87 -46.55 -22.89
CA ASN G 28 -21.95 -47.13 -23.84
C ASN G 28 -21.09 -46.05 -24.47
N LEU G 29 -19.79 -46.27 -24.51
CA LEU G 29 -18.82 -45.29 -24.99
C LEU G 29 -18.04 -45.91 -26.13
N PRO G 30 -18.51 -45.78 -27.37
CA PRO G 30 -17.84 -46.46 -28.48
C PRO G 30 -16.51 -45.85 -28.89
N GLY G 31 -16.34 -44.54 -28.71
CA GLY G 31 -15.08 -43.93 -29.09
C GLY G 31 -13.96 -44.15 -28.10
N ARG G 32 -14.29 -44.50 -26.86
CA ARG G 32 -13.32 -44.67 -25.78
C ARG G 32 -13.30 -46.14 -25.40
N GLU G 33 -12.47 -46.91 -26.09
CA GLU G 33 -12.34 -48.34 -25.85
C GLU G 33 -10.93 -48.74 -25.44
N SER G 34 -9.92 -48.03 -25.91
CA SER G 34 -8.56 -48.23 -25.40
C SER G 34 -8.33 -47.45 -24.12
N GLN G 35 -8.99 -46.31 -23.97
CA GLN G 35 -8.78 -45.47 -22.78
C GLN G 35 -9.42 -46.09 -21.55
N LEU G 36 -10.62 -46.65 -21.69
CA LEU G 36 -11.28 -47.34 -20.58
C LEU G 36 -10.50 -48.58 -20.17
N GLN G 37 -9.94 -49.30 -21.14
CA GLN G 37 -9.14 -50.48 -20.82
C GLN G 37 -7.81 -50.09 -20.17
N GLU G 38 -7.22 -48.96 -20.57
CA GLU G 38 -6.01 -48.48 -19.93
C GLU G 38 -6.27 -48.06 -18.48
N LEU G 39 -7.40 -47.40 -18.24
CA LEU G 39 -7.77 -47.04 -16.86
C LEU G 39 -8.10 -48.28 -16.03
N ARG G 40 -8.71 -49.29 -16.66
CA ARG G 40 -8.97 -50.55 -15.97
C ARG G 40 -7.68 -51.27 -15.60
N GLU G 41 -6.69 -51.22 -16.50
CA GLU G 41 -5.39 -51.82 -16.20
C GLU G 41 -4.68 -51.06 -15.07
N PHE G 42 -4.82 -49.73 -15.04
CA PHE G 42 -4.28 -48.92 -13.95
C PHE G 42 -4.90 -49.31 -12.62
N PHE G 43 -6.23 -49.37 -12.55
CA PHE G 43 -6.92 -49.70 -11.30
C PHE G 43 -6.67 -51.15 -10.89
N SER G 44 -6.52 -52.06 -11.84
CA SER G 44 -6.24 -53.46 -11.51
C SER G 44 -4.82 -53.64 -11.01
N ASN G 45 -3.85 -52.98 -11.65
CA ASN G 45 -2.46 -53.10 -11.21
C ASN G 45 -2.24 -52.42 -9.86
N HIS G 46 -3.05 -51.42 -9.52
CA HIS G 46 -2.91 -50.83 -8.20
C HIS G 46 -3.81 -51.48 -7.14
N LEU G 47 -4.79 -52.28 -7.56
CA LEU G 47 -5.56 -53.05 -6.58
C LEU G 47 -4.87 -54.35 -6.22
N GLU G 48 -4.27 -55.03 -7.21
CA GLU G 48 -3.67 -56.33 -6.95
C GLU G 48 -2.33 -56.21 -6.24
N SER G 49 -1.51 -55.22 -6.62
CA SER G 49 -0.26 -54.98 -5.91
C SER G 49 -0.46 -54.23 -4.60
N GLN G 50 -1.65 -53.64 -4.39
CA GLN G 50 -2.03 -52.87 -3.20
C GLN G 50 -1.07 -51.71 -2.95
N THR G 51 -0.69 -51.04 -4.04
CA THR G 51 0.16 -49.86 -3.97
C THR G 51 -0.64 -48.64 -4.44
N SER G 52 -0.26 -47.49 -3.93
CA SER G 52 -0.96 -46.25 -4.26
C SER G 52 -0.44 -45.67 -5.57
N GLY G 53 -1.19 -44.71 -6.10
CA GLY G 53 -0.79 -44.09 -7.35
C GLY G 53 -1.57 -42.84 -7.73
N SER G 54 -0.91 -41.87 -8.34
CA SER G 54 -1.59 -40.70 -8.86
C SER G 54 -1.85 -40.88 -10.36
N LEU G 55 -2.83 -40.13 -10.86
CA LEU G 55 -3.17 -40.19 -12.27
C LEU G 55 -3.78 -38.86 -12.68
N TYR G 56 -3.41 -38.38 -13.85
CA TYR G 56 -3.88 -37.08 -14.35
C TYR G 56 -4.39 -37.25 -15.77
N VAL G 57 -5.72 -37.18 -15.95
CA VAL G 57 -6.32 -37.25 -17.27
C VAL G 57 -6.64 -35.85 -17.74
N SER G 58 -6.33 -35.56 -19.00
CA SER G 58 -6.56 -34.24 -19.53
C SER G 58 -7.02 -34.34 -20.98
N GLY G 59 -7.81 -33.37 -21.39
CA GLY G 59 -8.30 -33.38 -22.76
C GLY G 59 -9.16 -32.18 -23.06
N GLN G 60 -9.48 -32.06 -24.35
CA GLN G 60 -10.32 -30.97 -24.82
C GLN G 60 -11.75 -31.10 -24.28
N PRO G 61 -12.48 -29.99 -24.13
CA PRO G 61 -13.83 -30.07 -23.56
C PRO G 61 -14.80 -30.75 -24.50
N GLY G 62 -15.25 -31.94 -24.12
CA GLY G 62 -16.13 -32.73 -24.94
C GLY G 62 -15.52 -34.01 -25.49
N THR G 63 -14.43 -34.48 -24.90
CA THR G 63 -13.72 -35.64 -25.42
C THR G 63 -14.09 -36.95 -24.73
N GLY G 64 -14.76 -36.89 -23.59
CA GLY G 64 -15.26 -38.08 -22.94
C GLY G 64 -14.52 -38.53 -21.70
N LYS G 65 -13.90 -37.61 -20.96
CA LYS G 65 -13.15 -37.98 -19.77
C LYS G 65 -14.05 -38.24 -18.57
N THR G 66 -14.97 -37.30 -18.32
CA THR G 66 -15.95 -37.45 -17.25
C THR G 66 -16.86 -38.63 -17.49
N ALA G 67 -17.15 -38.94 -18.76
CA ALA G 67 -17.95 -40.11 -19.09
C ALA G 67 -17.24 -41.41 -18.75
N CYS G 68 -15.93 -41.49 -19.05
CA CYS G 68 -15.14 -42.67 -18.72
C CYS G 68 -15.04 -42.87 -17.22
N LEU G 69 -14.75 -41.81 -16.48
CA LEU G 69 -14.58 -42.00 -15.05
C LEU G 69 -15.91 -42.16 -14.31
N SER G 70 -16.99 -41.56 -14.81
CA SER G 70 -18.30 -41.85 -14.26
C SER G 70 -18.81 -43.23 -14.64
N LEU G 71 -18.29 -43.81 -15.72
CA LEU G 71 -18.63 -45.20 -16.03
C LEU G 71 -17.86 -46.16 -15.14
N LEU G 72 -16.58 -45.87 -14.88
CA LEU G 72 -15.80 -46.72 -14.00
C LEU G 72 -16.18 -46.56 -12.52
N LEU G 73 -16.81 -45.46 -12.14
CA LEU G 73 -17.25 -45.29 -10.76
C LEU G 73 -18.60 -45.93 -10.50
N ARG G 74 -19.22 -46.55 -11.51
CA ARG G 74 -20.42 -47.37 -11.33
C ARG G 74 -20.15 -48.82 -11.69
N ASP G 75 -18.90 -49.17 -11.93
CA ASP G 75 -18.55 -50.51 -12.35
C ASP G 75 -18.52 -51.43 -11.13
N PRO G 76 -19.31 -52.51 -11.11
CA PRO G 76 -19.43 -53.31 -9.87
C PRO G 76 -18.19 -54.13 -9.53
N ASP G 77 -17.26 -54.31 -10.46
CA ASP G 77 -16.07 -55.11 -10.18
C ASP G 77 -15.10 -54.37 -9.27
N PHE G 78 -15.19 -53.04 -9.22
CA PHE G 78 -14.42 -52.24 -8.28
C PHE G 78 -15.26 -51.74 -7.11
N SER G 79 -16.52 -52.18 -7.01
CA SER G 79 -17.37 -51.72 -5.92
C SER G 79 -17.03 -52.40 -4.60
N LYS G 80 -16.48 -53.61 -4.65
CA LYS G 80 -16.21 -54.36 -3.43
C LYS G 80 -14.81 -54.08 -2.89
N ARG G 81 -13.83 -53.92 -3.79
CA ARG G 81 -12.45 -53.82 -3.33
C ARG G 81 -12.09 -52.40 -2.88
N LEU G 82 -12.57 -51.38 -3.59
CA LEU G 82 -12.23 -50.01 -3.26
C LEU G 82 -13.50 -49.16 -3.10
N GLN G 83 -13.32 -48.03 -2.44
CA GLN G 83 -14.38 -47.10 -2.08
C GLN G 83 -14.21 -45.85 -2.93
N ARG G 84 -15.25 -45.50 -3.69
CA ARG G 84 -15.16 -44.46 -4.71
C ARG G 84 -15.74 -43.15 -4.21
N VAL G 85 -14.98 -42.07 -4.38
CA VAL G 85 -15.39 -40.73 -4.00
C VAL G 85 -15.17 -39.81 -5.18
N TYR G 86 -16.24 -39.17 -5.66
CA TYR G 86 -16.18 -38.23 -6.77
C TYR G 86 -16.42 -36.83 -6.23
N ILE G 87 -15.57 -35.90 -6.64
CA ILE G 87 -15.66 -34.52 -6.19
C ILE G 87 -15.50 -33.62 -7.42
N ASN G 88 -16.49 -32.79 -7.68
CA ASN G 88 -16.37 -31.73 -8.67
C ASN G 88 -15.86 -30.48 -7.97
N CYS G 89 -14.78 -29.91 -8.48
CA CYS G 89 -14.05 -28.87 -7.79
C CYS G 89 -14.59 -27.48 -8.08
N THR G 90 -15.64 -27.37 -8.90
CA THR G 90 -16.34 -26.10 -9.09
C THR G 90 -17.50 -25.93 -8.11
N SER G 91 -17.97 -27.00 -7.50
CA SER G 91 -19.04 -26.95 -6.53
C SER G 91 -18.54 -26.79 -5.11
N ILE G 92 -17.28 -26.43 -4.92
CA ILE G 92 -16.72 -26.20 -3.59
C ILE G 92 -16.64 -24.70 -3.37
N ALA G 93 -16.99 -24.28 -2.15
CA ALA G 93 -17.10 -22.85 -1.83
C ALA G 93 -15.76 -22.15 -1.79
N SER G 94 -14.66 -22.88 -1.61
CA SER G 94 -13.34 -22.29 -1.49
C SER G 94 -12.31 -23.35 -1.86
N VAL G 95 -11.06 -22.92 -1.99
CA VAL G 95 -10.00 -23.86 -2.32
C VAL G 95 -9.62 -24.67 -1.09
N GLY G 96 -9.62 -24.04 0.08
CA GLY G 96 -9.34 -24.75 1.31
C GLY G 96 -10.49 -25.51 1.92
N ALA G 97 -11.67 -25.49 1.28
CA ALA G 97 -12.86 -26.13 1.82
C ALA G 97 -13.02 -27.58 1.38
N VAL G 98 -12.22 -28.02 0.38
CA VAL G 98 -12.37 -29.34 -0.24
C VAL G 98 -12.19 -30.46 0.78
N TYR G 99 -11.28 -30.25 1.75
CA TYR G 99 -11.06 -31.20 2.83
C TYR G 99 -12.34 -31.50 3.59
N LYS G 100 -13.09 -30.43 3.92
CA LYS G 100 -14.38 -30.60 4.59
C LYS G 100 -15.34 -31.40 3.74
N LYS G 101 -15.37 -31.10 2.44
CA LYS G 101 -16.23 -31.84 1.52
C LYS G 101 -15.81 -33.29 1.44
N LEU G 102 -14.49 -33.54 1.51
CA LEU G 102 -14.01 -34.91 1.48
C LEU G 102 -14.41 -35.65 2.75
N CYS G 103 -14.41 -34.96 3.90
CA CYS G 103 -14.95 -35.55 5.11
C CYS G 103 -16.45 -35.80 4.96
N THR G 104 -17.14 -34.87 4.32
CA THR G 104 -18.56 -35.04 4.01
C THR G 104 -18.77 -36.20 3.03
N GLU G 105 -17.78 -36.46 2.17
CA GLU G 105 -17.88 -37.60 1.27
C GLU G 105 -17.41 -38.89 1.92
N LEU G 106 -16.81 -38.83 3.11
CA LEU G 106 -16.29 -40.02 3.75
C LEU G 106 -16.93 -40.32 5.11
N GLN G 107 -17.92 -39.51 5.52
CA GLN G 107 -18.64 -39.66 6.79
C GLN G 107 -17.69 -39.65 8.00
N LEU G 108 -16.67 -38.80 7.94
CA LEU G 108 -15.68 -38.75 9.00
C LEU G 108 -16.19 -37.94 10.18
N LYS G 109 -15.63 -38.24 11.35
CA LYS G 109 -16.00 -37.58 12.60
C LYS G 109 -14.88 -36.62 12.97
N VAL G 110 -15.13 -35.33 12.81
CA VAL G 110 -14.13 -34.30 13.04
C VAL G 110 -14.58 -33.44 14.22
N SER G 111 -13.59 -32.93 14.96
CA SER G 111 -13.87 -31.87 15.92
C SER G 111 -14.38 -30.63 15.19
N GLY G 112 -13.79 -30.31 14.05
CA GLY G 112 -14.43 -29.45 13.07
C GLY G 112 -14.10 -27.98 13.25
N ARG G 113 -14.76 -27.18 12.40
CA ARG G 113 -14.82 -25.72 12.42
C ARG G 113 -13.48 -25.05 12.13
N THR G 114 -12.51 -25.81 11.61
CA THR G 114 -11.30 -25.27 11.01
C THR G 114 -10.82 -26.26 9.97
N GLU G 115 -10.19 -25.75 8.91
CA GLU G 115 -9.78 -26.60 7.79
C GLU G 115 -8.65 -27.54 8.18
N ARG G 116 -7.82 -27.14 9.16
CA ARG G 116 -6.73 -27.99 9.60
C ARG G 116 -7.25 -29.22 10.34
N ASP G 117 -8.37 -29.10 11.05
CA ASP G 117 -8.96 -30.26 11.72
C ASP G 117 -9.50 -31.26 10.71
N HIS G 118 -10.12 -30.78 9.64
CA HIS G 118 -10.59 -31.67 8.58
C HIS G 118 -9.42 -32.32 7.85
N LEU G 119 -8.32 -31.58 7.68
CA LEU G 119 -7.12 -32.14 7.06
C LEU G 119 -6.50 -33.23 7.92
N GLU G 120 -6.42 -33.02 9.24
CA GLU G 120 -5.89 -34.06 10.11
C GLU G 120 -6.84 -35.24 10.25
N ALA G 121 -8.15 -35.01 10.11
CA ALA G 121 -9.09 -36.13 10.10
C ALA G 121 -8.92 -36.99 8.85
N ILE G 122 -8.69 -36.34 7.69
CA ILE G 122 -8.42 -37.08 6.45
C ILE G 122 -7.10 -37.83 6.56
N GLN G 123 -6.09 -37.21 7.16
CA GLN G 123 -4.78 -37.86 7.28
C GLN G 123 -4.81 -39.02 8.29
N ARG G 124 -5.65 -38.93 9.32
CA ARG G 124 -5.84 -40.08 10.21
C ARG G 124 -6.64 -41.18 9.54
N HIS G 125 -7.57 -40.81 8.66
CA HIS G 125 -8.36 -41.83 7.97
C HIS G 125 -7.53 -42.57 6.93
N LEU G 126 -6.61 -41.88 6.25
CA LEU G 126 -5.87 -42.50 5.15
C LEU G 126 -4.79 -43.46 5.63
N LYS G 127 -4.41 -43.41 6.90
CA LYS G 127 -3.35 -44.28 7.39
C LYS G 127 -3.86 -45.64 7.83
N THR G 128 -5.05 -45.71 8.42
CA THR G 128 -5.57 -46.96 8.97
C THR G 128 -6.88 -47.37 8.32
N ALA G 129 -7.08 -47.01 7.06
CA ALA G 129 -8.35 -47.32 6.38
C ALA G 129 -8.46 -48.80 6.11
N LYS G 130 -9.69 -49.31 6.21
CA LYS G 130 -9.95 -50.72 5.94
C LYS G 130 -10.00 -51.02 4.46
N ARG G 131 -10.30 -50.03 3.62
CA ARG G 131 -10.43 -50.23 2.19
C ARG G 131 -9.62 -49.19 1.43
N MET G 132 -9.15 -49.59 0.26
CA MET G 132 -8.48 -48.68 -0.65
C MET G 132 -9.45 -47.63 -1.16
N LEU G 133 -8.98 -46.39 -1.29
CA LEU G 133 -9.80 -45.27 -1.72
C LEU G 133 -9.47 -44.91 -3.16
N LEU G 134 -10.51 -44.65 -3.96
CA LEU G 134 -10.36 -44.07 -5.29
C LEU G 134 -11.00 -42.69 -5.25
N LEU G 135 -10.18 -41.66 -5.39
CA LEU G 135 -10.63 -40.28 -5.27
C LEU G 135 -10.51 -39.60 -6.64
N VAL G 136 -11.64 -39.25 -7.24
CA VAL G 136 -11.69 -38.58 -8.52
C VAL G 136 -12.00 -37.12 -8.29
N LEU G 137 -11.15 -36.22 -8.80
CA LEU G 137 -11.33 -34.79 -8.69
C LEU G 137 -11.51 -34.24 -10.10
N ASP G 138 -12.72 -33.82 -10.42
CA ASP G 138 -13.04 -33.32 -11.75
C ASP G 138 -12.89 -31.81 -11.77
N GLU G 139 -12.39 -31.30 -12.90
CA GLU G 139 -12.03 -29.90 -13.11
C GLU G 139 -11.10 -29.40 -12.01
N ILE G 140 -9.92 -30.01 -11.94
CA ILE G 140 -8.96 -29.76 -10.87
C ILE G 140 -8.25 -28.43 -11.00
N ASP G 141 -8.37 -27.77 -12.17
CA ASP G 141 -7.76 -26.46 -12.38
C ASP G 141 -8.38 -25.36 -11.54
N GLN G 142 -9.54 -25.60 -10.93
CA GLN G 142 -10.11 -24.67 -9.98
C GLN G 142 -9.40 -24.70 -8.63
N LEU G 143 -8.60 -25.72 -8.36
CA LEU G 143 -7.83 -25.79 -7.13
C LEU G 143 -6.47 -25.12 -7.25
N CYS G 144 -6.17 -24.52 -8.40
CA CYS G 144 -4.90 -23.81 -8.57
C CYS G 144 -4.99 -22.43 -7.95
N THR G 145 -3.98 -22.07 -7.16
CA THR G 145 -3.93 -20.78 -6.47
C THR G 145 -2.50 -20.26 -6.61
N SER G 146 -2.15 -19.26 -5.79
CA SER G 146 -0.82 -18.68 -5.84
C SER G 146 0.23 -19.65 -5.35
N ARG G 147 0.10 -20.12 -4.10
CA ARG G 147 1.08 -21.04 -3.55
C ARG G 147 0.74 -22.49 -3.83
N GLN G 148 -0.56 -22.79 -4.06
CA GLN G 148 -1.08 -24.13 -4.31
C GLN G 148 -0.75 -25.10 -3.18
N GLU G 149 -1.10 -24.70 -1.96
CA GLU G 149 -0.91 -25.60 -0.83
C GLU G 149 -1.89 -26.77 -0.87
N VAL G 150 -3.09 -26.53 -1.38
CA VAL G 150 -4.14 -27.55 -1.37
C VAL G 150 -3.83 -28.65 -2.38
N LEU G 151 -3.46 -28.27 -3.61
CA LEU G 151 -3.19 -29.25 -4.65
C LEU G 151 -1.92 -30.04 -4.35
N TYR G 152 -0.93 -29.39 -3.72
CA TYR G 152 0.29 -30.11 -3.34
C TYR G 152 0.06 -30.98 -2.11
N THR G 153 -0.90 -30.63 -1.25
CA THR G 153 -1.25 -31.51 -0.15
C THR G 153 -2.04 -32.72 -0.64
N ILE G 154 -2.90 -32.51 -1.65
CA ILE G 154 -3.72 -33.61 -2.18
C ILE G 154 -2.86 -34.57 -2.98
N PHE G 155 -1.97 -34.06 -3.83
CA PHE G 155 -1.14 -34.93 -4.66
C PHE G 155 0.04 -35.55 -3.90
N GLU G 156 0.15 -35.33 -2.59
CA GLU G 156 1.19 -35.93 -1.79
C GLU G 156 0.70 -37.12 -0.96
N TRP G 157 -0.63 -37.29 -0.86
CA TRP G 157 -1.18 -38.44 -0.15
C TRP G 157 -0.77 -39.83 -0.65
N PRO G 158 -0.37 -40.04 -1.91
CA PRO G 158 0.39 -41.28 -2.22
C PRO G 158 1.68 -41.45 -1.42
N ALA G 159 2.40 -40.37 -1.11
CA ALA G 159 3.63 -40.47 -0.34
C ALA G 159 3.39 -40.54 1.16
N LEU G 160 2.13 -40.61 1.60
CA LEU G 160 1.84 -40.73 3.02
C LEU G 160 2.22 -42.14 3.48
N PRO G 161 2.71 -42.29 4.72
CA PRO G 161 3.11 -43.62 5.20
C PRO G 161 1.92 -44.54 5.40
N GLY G 162 1.88 -45.62 4.64
CA GLY G 162 0.85 -46.62 4.76
C GLY G 162 -0.46 -46.29 4.09
N SER G 163 -0.54 -45.18 3.37
CA SER G 163 -1.78 -44.80 2.70
C SER G 163 -1.99 -45.64 1.45
N ARG G 164 -3.26 -45.89 1.16
CA ARG G 164 -3.65 -46.66 -0.03
C ARG G 164 -4.58 -45.87 -0.94
N ILE G 165 -4.59 -44.54 -0.80
CA ILE G 165 -5.39 -43.70 -1.67
C ILE G 165 -4.80 -43.68 -3.07
N LEU G 166 -5.65 -43.81 -4.08
CA LEU G 166 -5.25 -43.54 -5.46
C LEU G 166 -6.21 -42.53 -6.05
N LEU G 167 -5.66 -41.49 -6.66
CA LEU G 167 -6.43 -40.33 -7.04
C LEU G 167 -6.25 -40.01 -8.51
N VAL G 168 -7.35 -39.58 -9.13
CA VAL G 168 -7.41 -39.18 -10.53
C VAL G 168 -7.78 -37.71 -10.55
N GLY G 169 -7.07 -36.94 -11.36
CA GLY G 169 -7.39 -35.54 -11.56
C GLY G 169 -7.74 -35.26 -13.01
N ILE G 170 -8.93 -34.75 -13.27
CA ILE G 170 -9.41 -34.53 -14.63
C ILE G 170 -9.32 -33.04 -14.95
N ALA G 171 -8.74 -32.71 -16.11
CA ALA G 171 -8.58 -31.31 -16.47
C ALA G 171 -8.50 -31.14 -17.98
N ASN G 172 -8.37 -29.88 -18.39
CA ASN G 172 -8.38 -29.52 -19.80
C ASN G 172 -7.00 -29.30 -20.39
N SER G 173 -6.11 -28.61 -19.69
CA SER G 173 -4.78 -28.35 -20.21
C SER G 173 -3.92 -29.58 -20.13
N LEU G 174 -3.14 -29.82 -21.19
CA LEU G 174 -2.26 -30.99 -21.23
C LEU G 174 -1.10 -30.86 -20.25
N ASP G 175 -0.66 -29.64 -19.99
CA ASP G 175 0.53 -29.40 -19.18
C ASP G 175 0.22 -28.70 -17.87
N LEU G 176 -0.82 -29.14 -17.17
CA LEU G 176 -1.09 -28.56 -15.85
C LEU G 176 -0.13 -29.09 -14.81
N THR G 177 0.22 -30.38 -14.87
CA THR G 177 1.16 -30.94 -13.90
C THR G 177 2.60 -30.59 -14.23
N ASP G 178 2.86 -30.01 -15.40
CA ASP G 178 4.20 -29.55 -15.76
C ASP G 178 4.36 -28.05 -15.57
N ARG G 179 3.25 -27.31 -15.46
CA ARG G 179 3.33 -25.87 -15.25
C ARG G 179 3.00 -25.49 -13.80
N ALA G 180 1.95 -26.05 -13.25
CA ALA G 180 1.48 -25.69 -11.93
C ALA G 180 1.80 -26.73 -10.86
N LEU G 181 2.38 -27.86 -11.23
CA LEU G 181 2.80 -28.89 -10.29
C LEU G 181 4.21 -29.37 -10.61
N MET G 182 5.12 -28.41 -10.77
CA MET G 182 6.48 -28.73 -11.20
C MET G 182 7.26 -29.46 -10.11
N ARG G 183 7.02 -29.12 -8.84
CA ARG G 183 7.82 -29.67 -7.75
C ARG G 183 7.60 -31.16 -7.53
N LEU G 184 6.44 -31.69 -7.96
CA LEU G 184 6.22 -33.13 -7.92
C LEU G 184 7.11 -33.88 -8.89
N ASN G 185 7.66 -33.20 -9.89
CA ASN G 185 8.69 -33.80 -10.75
C ASN G 185 10.03 -33.94 -10.05
N ALA G 186 10.20 -33.37 -8.85
CA ALA G 186 11.43 -33.52 -8.11
C ALA G 186 11.62 -34.94 -7.59
N ARG G 187 10.53 -35.67 -7.38
CA ARG G 187 10.56 -37.04 -6.90
C ARG G 187 9.85 -37.94 -7.90
N CYS G 188 10.44 -39.10 -8.18
CA CYS G 188 9.86 -40.02 -9.15
C CYS G 188 8.63 -40.74 -8.62
N GLU G 189 8.48 -40.84 -7.29
CA GLU G 189 7.31 -41.49 -6.71
C GLU G 189 6.07 -40.62 -6.84
N LEU G 190 6.20 -39.32 -6.58
CA LEU G 190 5.07 -38.42 -6.55
C LEU G 190 4.65 -37.90 -7.91
N LYS G 191 5.33 -38.32 -8.98
CA LYS G 191 4.98 -37.84 -10.30
C LYS G 191 3.68 -38.52 -10.76
N PRO G 192 2.66 -37.74 -11.11
CA PRO G 192 1.41 -38.35 -11.58
C PRO G 192 1.57 -38.90 -12.99
N ARG G 193 0.98 -40.07 -13.21
CA ARG G 193 0.99 -40.66 -14.54
C ARG G 193 0.02 -39.90 -15.43
N LEU G 194 0.51 -39.44 -16.58
CA LEU G 194 -0.28 -38.63 -17.49
C LEU G 194 -1.13 -39.50 -18.39
N MET G 195 -2.29 -38.97 -18.77
CA MET G 195 -3.14 -39.64 -19.76
C MET G 195 -3.90 -38.57 -20.51
N HIS G 196 -3.67 -38.48 -21.82
CA HIS G 196 -4.35 -37.52 -22.66
C HIS G 196 -5.45 -38.20 -23.44
N PHE G 197 -6.64 -37.59 -23.45
CA PHE G 197 -7.73 -38.05 -24.28
C PHE G 197 -7.65 -37.31 -25.61
N PRO G 198 -7.39 -37.99 -26.72
CA PRO G 198 -7.32 -37.28 -27.99
C PRO G 198 -8.70 -36.88 -28.46
N PRO G 199 -8.83 -35.79 -29.20
CA PRO G 199 -10.13 -35.41 -29.77
C PRO G 199 -10.58 -36.41 -30.82
N TYR G 200 -11.90 -36.48 -31.00
CA TYR G 200 -12.49 -37.51 -31.83
C TYR G 200 -12.20 -37.28 -33.31
N SER G 201 -12.00 -38.37 -34.03
CA SER G 201 -11.77 -38.32 -35.46
C SER G 201 -13.13 -38.29 -36.18
N LYS G 202 -13.13 -38.49 -37.50
CA LYS G 202 -14.38 -38.52 -38.23
C LYS G 202 -15.14 -39.83 -37.98
N GLN G 203 -14.44 -40.96 -38.05
CA GLN G 203 -15.08 -42.26 -37.96
C GLN G 203 -15.62 -42.53 -36.55
N GLN G 204 -14.99 -41.98 -35.53
CA GLN G 204 -15.49 -42.14 -34.17
C GLN G 204 -16.80 -41.38 -33.98
N ILE G 205 -16.92 -40.21 -34.61
CA ILE G 205 -18.17 -39.45 -34.51
C ILE G 205 -19.27 -40.13 -35.32
N VAL G 206 -18.90 -40.75 -36.44
CA VAL G 206 -19.89 -41.53 -37.21
C VAL G 206 -20.38 -42.74 -36.40
N GLU G 207 -19.48 -43.39 -35.67
CA GLU G 207 -19.90 -44.53 -34.86
C GLU G 207 -20.72 -44.10 -33.64
N ILE G 208 -20.41 -42.93 -33.07
CA ILE G 208 -21.22 -42.39 -31.97
C ILE G 208 -22.63 -42.06 -32.46
N PHE G 209 -22.74 -41.42 -33.63
CA PHE G 209 -24.05 -41.12 -34.21
C PHE G 209 -24.83 -42.37 -34.55
N LYS G 210 -24.17 -43.40 -35.10
CA LYS G 210 -24.86 -44.63 -35.42
C LYS G 210 -25.30 -45.39 -34.17
N SER G 211 -24.51 -45.34 -33.10
CA SER G 211 -24.92 -45.96 -31.83
C SER G 211 -26.13 -45.26 -31.24
N ARG G 212 -26.10 -43.91 -31.21
CA ARG G 212 -27.22 -43.17 -30.63
C ARG G 212 -28.48 -43.27 -31.50
N LEU G 213 -28.32 -43.42 -32.81
CA LEU G 213 -29.50 -43.58 -33.67
C LEU G 213 -30.04 -45.00 -33.65
N ALA G 214 -29.18 -46.00 -33.43
CA ALA G 214 -29.64 -47.36 -33.27
C ALA G 214 -30.14 -47.66 -31.86
N GLU G 215 -29.91 -46.75 -30.90
CA GLU G 215 -30.42 -46.92 -29.55
C GLU G 215 -31.94 -46.84 -29.49
N ALA G 216 -32.55 -46.05 -30.38
CA ALA G 216 -34.01 -45.96 -30.45
C ALA G 216 -34.55 -46.33 -31.83
N GLU G 217 -33.73 -46.97 -32.68
CA GLU G 217 -34.09 -47.43 -34.03
C GLU G 217 -34.61 -46.28 -34.90
N VAL G 218 -33.82 -45.20 -34.95
CA VAL G 218 -34.19 -44.03 -35.75
C VAL G 218 -33.08 -43.90 -36.79
N LEU G 219 -32.50 -45.03 -37.20
CA LEU G 219 -31.40 -45.03 -38.14
C LEU G 219 -31.83 -44.67 -39.56
N ASP G 220 -33.11 -44.82 -39.88
CA ASP G 220 -33.61 -44.50 -41.21
C ASP G 220 -33.66 -42.99 -41.48
N VAL G 221 -33.68 -42.17 -40.44
CA VAL G 221 -33.80 -40.72 -40.61
C VAL G 221 -32.50 -40.15 -41.17
N PHE G 222 -31.36 -40.66 -40.73
CA PHE G 222 -30.07 -40.15 -41.18
C PHE G 222 -29.48 -41.09 -42.22
N PRO G 223 -29.33 -40.67 -43.48
CA PRO G 223 -28.49 -41.41 -44.42
C PRO G 223 -27.02 -41.30 -44.02
N PRO G 224 -26.15 -42.19 -44.52
CA PRO G 224 -24.74 -42.12 -44.09
C PRO G 224 -23.99 -40.89 -44.58
N VAL G 225 -24.43 -40.27 -45.68
CA VAL G 225 -23.63 -39.20 -46.29
C VAL G 225 -23.72 -37.91 -45.48
N THR G 226 -24.88 -37.61 -44.87
CA THR G 226 -24.96 -36.45 -43.99
C THR G 226 -24.20 -36.67 -42.70
N LEU G 227 -24.17 -37.91 -42.20
CA LEU G 227 -23.39 -38.25 -41.02
C LEU G 227 -21.90 -38.06 -41.30
N GLN G 228 -21.44 -38.52 -42.45
CA GLN G 228 -20.03 -38.36 -42.82
C GLN G 228 -19.65 -36.91 -43.05
N LEU G 229 -20.52 -36.11 -43.68
CA LEU G 229 -20.21 -34.69 -43.90
C LEU G 229 -20.18 -33.91 -42.59
N LEU G 230 -21.17 -34.13 -41.71
CA LEU G 230 -21.21 -33.45 -40.43
C LEU G 230 -20.03 -33.87 -39.56
N ALA G 231 -19.70 -35.16 -39.54
CA ALA G 231 -18.61 -35.64 -38.71
C ALA G 231 -17.25 -35.17 -39.20
N ALA G 232 -17.07 -35.10 -40.53
CA ALA G 232 -15.84 -34.54 -41.08
C ALA G 232 -15.69 -33.07 -40.75
N LYS G 233 -16.79 -32.30 -40.81
CA LYS G 233 -16.73 -30.89 -40.44
C LYS G 233 -16.41 -30.69 -38.96
N VAL G 234 -17.08 -31.45 -38.08
CA VAL G 234 -16.85 -31.30 -36.63
C VAL G 234 -15.44 -31.74 -36.25
N SER G 235 -14.96 -32.86 -36.82
CA SER G 235 -13.60 -33.31 -36.53
C SER G 235 -12.56 -32.39 -37.15
N ALA G 236 -12.91 -31.65 -38.22
CA ALA G 236 -11.98 -30.67 -38.75
C ALA G 236 -11.89 -29.45 -37.85
N ILE G 237 -13.02 -28.92 -37.38
CA ILE G 237 -12.99 -27.69 -36.59
C ILE G 237 -12.55 -27.97 -35.15
N SER G 238 -13.35 -28.74 -34.42
CA SER G 238 -13.12 -28.86 -32.99
C SER G 238 -12.88 -30.29 -32.51
N GLY G 239 -13.65 -31.25 -33.01
CA GLY G 239 -13.42 -32.64 -32.69
C GLY G 239 -14.08 -33.15 -31.43
N ASP G 240 -14.82 -32.33 -30.71
CA ASP G 240 -15.50 -32.78 -29.50
C ASP G 240 -16.93 -33.19 -29.82
N VAL G 241 -17.45 -34.11 -29.00
CA VAL G 241 -18.73 -34.74 -29.31
C VAL G 241 -19.92 -33.91 -28.85
N ARG G 242 -19.71 -32.90 -28.01
CA ARG G 242 -20.81 -32.01 -27.63
C ARG G 242 -21.27 -31.18 -28.82
N ARG G 243 -20.33 -30.65 -29.61
CA ARG G 243 -20.68 -29.93 -30.82
C ARG G 243 -21.30 -30.86 -31.85
N ALA G 244 -20.84 -32.12 -31.89
CA ALA G 244 -21.41 -33.09 -32.83
C ALA G 244 -22.87 -33.37 -32.50
N LEU G 245 -23.17 -33.63 -31.24
CA LEU G 245 -24.55 -33.87 -30.85
C LEU G 245 -25.41 -32.62 -30.95
N ASP G 246 -24.84 -31.43 -30.74
CA ASP G 246 -25.59 -30.18 -30.88
C ASP G 246 -25.97 -29.92 -32.34
N ILE G 247 -25.04 -30.12 -33.28
CA ILE G 247 -25.39 -29.95 -34.68
C ILE G 247 -26.32 -31.06 -35.16
N GLY G 248 -26.12 -32.29 -34.67
CA GLY G 248 -27.02 -33.37 -35.03
C GLY G 248 -28.43 -33.20 -34.49
N ARG G 249 -28.58 -32.45 -33.40
CA ARG G 249 -29.90 -32.11 -32.89
C ARG G 249 -30.48 -30.88 -33.57
N ARG G 250 -29.64 -29.92 -33.96
CA ARG G 250 -30.16 -28.75 -34.67
C ARG G 250 -30.61 -29.11 -36.07
N VAL G 251 -30.03 -30.15 -36.67
CA VAL G 251 -30.48 -30.65 -37.97
C VAL G 251 -31.92 -31.18 -37.88
N VAL G 252 -32.20 -32.01 -36.89
CA VAL G 252 -33.55 -32.54 -36.80
C VAL G 252 -34.53 -31.50 -36.28
N GLU G 253 -34.07 -30.52 -35.48
CA GLU G 253 -35.00 -29.50 -35.02
C GLU G 253 -35.21 -28.37 -36.01
N ILE G 254 -34.41 -28.29 -37.09
CA ILE G 254 -34.83 -27.45 -38.20
C ILE G 254 -35.64 -28.25 -39.22
N ALA G 255 -35.38 -29.56 -39.35
CA ALA G 255 -36.16 -30.37 -40.29
C ALA G 255 -37.59 -30.59 -39.79
N GLU G 256 -37.79 -30.71 -38.48
CA GLU G 256 -39.13 -30.89 -37.93
C GLU G 256 -39.95 -29.61 -38.07
N GLN G 257 -39.34 -28.45 -37.81
CA GLN G 257 -40.07 -27.20 -37.93
C GLN G 257 -40.24 -26.79 -39.39
N GLN G 258 -39.40 -27.29 -40.29
CA GLN G 258 -39.51 -26.94 -41.70
C GLN G 258 -40.54 -27.81 -42.41
N LYS G 259 -40.42 -29.14 -42.27
CA LYS G 259 -41.34 -30.05 -42.94
C LYS G 259 -42.72 -30.10 -42.31
N ARG G 260 -42.85 -29.72 -41.04
CA ARG G 260 -44.15 -29.74 -40.36
C ARG G 260 -44.49 -28.38 -39.80
N LEU G 288 -42.36 -38.99 -43.65
CA LEU G 288 -40.98 -39.18 -43.25
C LEU G 288 -40.03 -38.98 -44.43
N LYS G 289 -39.24 -37.90 -44.36
CA LYS G 289 -38.24 -37.60 -45.36
C LYS G 289 -36.87 -37.54 -44.67
N PRO G 290 -35.89 -38.30 -45.13
CA PRO G 290 -34.57 -38.26 -44.48
C PRO G 290 -33.87 -36.92 -44.69
N VAL G 291 -33.02 -36.57 -43.73
CA VAL G 291 -32.29 -35.31 -43.79
C VAL G 291 -31.22 -35.40 -44.87
N GLN G 292 -31.34 -34.54 -45.88
CA GLN G 292 -30.43 -34.56 -47.03
C GLN G 292 -29.17 -33.76 -46.72
N VAL G 293 -28.28 -33.67 -47.71
CA VAL G 293 -27.03 -32.95 -47.52
C VAL G 293 -27.19 -31.44 -47.57
N THR G 294 -28.27 -30.94 -48.17
CA THR G 294 -28.46 -29.50 -48.29
C THR G 294 -28.80 -28.88 -46.93
N GLN G 295 -29.58 -29.60 -46.12
CA GLN G 295 -30.00 -29.06 -44.83
C GLN G 295 -28.86 -29.04 -43.83
N VAL G 296 -28.06 -30.11 -43.78
CA VAL G 296 -26.89 -30.11 -42.91
C VAL G 296 -25.84 -29.13 -43.43
N ALA G 297 -25.80 -28.90 -44.75
CA ALA G 297 -24.90 -27.89 -45.30
C ALA G 297 -25.32 -26.48 -44.86
N ALA G 298 -26.62 -26.19 -44.87
CA ALA G 298 -27.10 -24.89 -44.42
C ALA G 298 -26.89 -24.71 -42.92
N VAL G 299 -27.07 -25.77 -42.14
CA VAL G 299 -26.81 -25.70 -40.70
C VAL G 299 -25.32 -25.47 -40.42
N LEU G 300 -24.45 -26.14 -41.18
CA LEU G 300 -23.01 -25.98 -40.96
C LEU G 300 -22.52 -24.61 -41.43
N ASN G 301 -23.14 -24.04 -42.47
CA ASN G 301 -22.79 -22.66 -42.84
C ASN G 301 -23.39 -21.62 -41.91
N LYS G 302 -24.46 -21.96 -41.18
CA LYS G 302 -24.91 -21.04 -40.15
C LYS G 302 -24.02 -21.11 -38.90
N VAL G 303 -23.59 -22.31 -38.53
CA VAL G 303 -22.72 -22.46 -37.36
C VAL G 303 -21.28 -22.08 -37.72
N TYR G 304 -20.68 -22.81 -38.66
CA TYR G 304 -19.29 -22.61 -38.99
C TYR G 304 -19.14 -21.66 -40.19
N PHE G 318 -28.70 -2.35 -40.93
CA PHE G 318 -27.60 -1.70 -40.22
C PHE G 318 -27.90 -0.20 -40.16
N PRO G 319 -27.81 0.39 -38.96
CA PRO G 319 -28.12 1.82 -38.80
C PRO G 319 -27.14 2.74 -39.51
N LEU G 320 -27.58 3.96 -39.83
CA LEU G 320 -26.80 4.85 -40.68
C LEU G 320 -25.63 5.48 -39.93
N GLN G 321 -25.85 5.92 -38.69
CA GLN G 321 -24.77 6.54 -37.93
C GLN G 321 -23.70 5.53 -37.55
N GLN G 322 -24.07 4.26 -37.40
CA GLN G 322 -23.07 3.23 -37.17
C GLN G 322 -22.27 2.93 -38.44
N LYS G 323 -22.91 3.03 -39.61
CA LYS G 323 -22.21 2.95 -40.89
C LYS G 323 -21.19 4.08 -41.01
N LEU G 324 -21.60 5.30 -40.67
CA LEU G 324 -20.71 6.45 -40.76
C LEU G 324 -19.61 6.42 -39.70
N MET G 325 -19.84 5.74 -38.58
CA MET G 325 -18.78 5.51 -37.60
C MET G 325 -17.74 4.52 -38.13
N LEU G 326 -18.21 3.39 -38.67
CA LEU G 326 -17.30 2.35 -39.16
C LEU G 326 -16.55 2.81 -40.40
N CYS G 327 -17.19 3.59 -41.27
CA CYS G 327 -16.52 4.13 -42.45
C CYS G 327 -15.42 5.10 -42.06
N THR G 328 -15.67 5.93 -41.05
CA THR G 328 -14.66 6.86 -40.55
C THR G 328 -13.51 6.13 -39.87
N LEU G 329 -13.80 5.04 -39.14
CA LEU G 329 -12.70 4.28 -38.53
C LEU G 329 -11.86 3.55 -39.57
N VAL G 330 -12.51 3.03 -40.62
CA VAL G 330 -11.78 2.39 -41.72
C VAL G 330 -10.93 3.41 -42.46
N LEU G 331 -11.45 4.62 -42.66
CA LEU G 331 -10.70 5.69 -43.31
C LEU G 331 -9.50 6.13 -42.46
N MET G 332 -9.68 6.26 -41.15
CA MET G 332 -8.58 6.69 -40.29
C MET G 332 -7.55 5.58 -40.07
N LEU G 333 -7.95 4.32 -40.24
CA LEU G 333 -6.98 3.24 -40.19
C LEU G 333 -6.25 3.06 -41.52
N ARG G 334 -6.91 3.42 -42.62
CA ARG G 334 -6.25 3.37 -43.92
C ARG G 334 -5.22 4.49 -44.06
N ASN G 335 -5.66 5.74 -43.85
CA ASN G 335 -4.82 6.89 -44.15
C ASN G 335 -3.88 7.28 -43.02
N GLU G 336 -3.70 6.44 -42.02
CA GLU G 336 -2.74 6.69 -40.95
C GLU G 336 -2.19 5.36 -40.45
N ARG G 337 -0.88 5.31 -40.22
CA ARG G 337 -0.25 4.10 -39.68
C ARG G 337 -0.46 3.95 -38.18
N ASN G 338 -0.99 4.97 -37.51
CA ASN G 338 -1.16 4.94 -36.06
C ASN G 338 -2.53 4.35 -35.75
N LYS G 339 -2.54 3.21 -35.06
CA LYS G 339 -3.78 2.57 -34.64
C LYS G 339 -4.29 3.09 -33.31
N ASP G 340 -3.58 4.05 -32.70
CA ASP G 340 -4.02 4.69 -31.47
C ASP G 340 -5.04 5.76 -31.85
N ILE G 341 -6.30 5.35 -31.93
CA ILE G 341 -7.41 6.24 -32.29
C ILE G 341 -8.28 6.42 -31.05
N SER G 342 -8.40 7.66 -30.60
CA SER G 342 -9.24 7.97 -29.46
C SER G 342 -10.69 8.12 -29.89
N MET G 343 -11.56 8.42 -28.94
CA MET G 343 -12.96 8.66 -29.26
C MET G 343 -13.18 10.08 -29.75
N GLY G 344 -12.48 11.06 -29.15
CA GLY G 344 -12.61 12.43 -29.61
C GLY G 344 -11.98 12.65 -30.97
N ARG G 345 -10.84 12.01 -31.22
CA ARG G 345 -10.19 12.11 -32.53
C ARG G 345 -11.01 11.43 -33.62
N LEU G 346 -11.72 10.36 -33.28
CA LEU G 346 -12.61 9.73 -34.24
C LEU G 346 -13.86 10.57 -34.47
N HIS G 347 -14.39 11.18 -33.41
CA HIS G 347 -15.59 12.00 -33.52
C HIS G 347 -15.33 13.29 -34.29
N GLU G 348 -14.12 13.84 -34.19
CA GLU G 348 -13.81 15.07 -34.92
C GLU G 348 -13.72 14.83 -36.42
N VAL G 349 -13.28 13.64 -36.84
CA VAL G 349 -13.27 13.31 -38.26
C VAL G 349 -14.67 12.91 -38.73
N TYR G 350 -15.43 12.23 -37.86
CA TYR G 350 -16.80 11.85 -38.16
C TYR G 350 -17.69 13.07 -38.36
N ARG G 351 -17.43 14.15 -37.62
CA ARG G 351 -18.20 15.38 -37.78
C ARG G 351 -17.95 16.02 -39.14
N ARG G 352 -16.70 16.02 -39.60
CA ARG G 352 -16.40 16.55 -40.93
C ARG G 352 -16.98 15.66 -42.02
N VAL G 353 -16.98 14.34 -41.79
CA VAL G 353 -17.54 13.39 -42.74
C VAL G 353 -19.04 13.61 -42.92
N CYS G 354 -19.78 13.71 -41.82
CA CYS G 354 -21.21 14.01 -41.92
C CYS G 354 -21.49 15.45 -42.31
N ALA G 355 -20.51 16.35 -42.17
CA ALA G 355 -20.68 17.68 -42.75
C ALA G 355 -20.59 17.64 -44.26
N LYS G 356 -19.74 16.77 -44.81
CA LYS G 356 -19.63 16.66 -46.26
C LYS G 356 -20.79 15.89 -46.89
N ARG G 357 -21.54 15.10 -46.13
CA ARG G 357 -22.69 14.37 -46.65
C ARG G 357 -24.01 15.09 -46.39
N ASN G 358 -23.96 16.27 -45.75
CA ASN G 358 -25.14 17.03 -45.30
C ASN G 358 -26.04 16.19 -44.38
N ILE G 359 -25.42 15.57 -43.38
CA ILE G 359 -26.11 14.78 -42.38
C ILE G 359 -25.88 15.41 -41.02
N LEU G 360 -26.96 15.60 -40.25
CA LEU G 360 -26.83 16.11 -38.90
C LEU G 360 -26.18 15.04 -38.02
N ALA G 361 -24.92 15.26 -37.68
CA ALA G 361 -24.15 14.29 -36.91
C ALA G 361 -24.51 14.37 -35.44
N LEU G 362 -24.33 13.24 -34.74
CA LEU G 362 -24.56 13.18 -33.32
C LEU G 362 -23.50 13.98 -32.57
N ASP G 363 -23.79 14.31 -31.32
CA ASP G 363 -22.78 14.90 -30.45
C ASP G 363 -21.94 13.78 -29.84
N GLN G 364 -21.06 14.15 -28.91
CA GLN G 364 -20.15 13.18 -28.32
C GLN G 364 -20.88 12.16 -27.45
N ALA G 365 -21.93 12.61 -26.77
CA ALA G 365 -22.68 11.76 -25.85
C ALA G 365 -23.43 10.64 -26.55
N GLU G 366 -23.96 10.90 -27.75
CA GLU G 366 -24.61 9.85 -28.51
C GLU G 366 -23.61 9.06 -29.34
N PHE G 367 -22.48 9.66 -29.69
CA PHE G 367 -21.46 8.97 -30.45
C PHE G 367 -20.81 7.87 -29.62
N THR G 368 -20.64 8.11 -28.31
CA THR G 368 -20.09 7.07 -27.43
C THR G 368 -21.01 5.87 -27.33
N GLY G 369 -22.32 6.10 -27.24
CA GLY G 369 -23.27 5.01 -27.24
C GLY G 369 -23.35 4.28 -28.57
N THR G 370 -23.19 5.01 -29.68
CA THR G 370 -23.11 4.38 -31.00
C THR G 370 -21.89 3.46 -31.10
N VAL G 371 -20.73 3.90 -30.62
CA VAL G 371 -19.52 3.08 -30.66
C VAL G 371 -19.67 1.85 -29.76
N ASP G 372 -20.35 2.00 -28.61
CA ASP G 372 -20.61 0.85 -27.76
C ASP G 372 -21.59 -0.15 -28.41
N LEU G 373 -22.60 0.35 -29.11
CA LEU G 373 -23.54 -0.55 -29.80
C LEU G 373 -22.90 -1.24 -30.99
N VAL G 374 -21.85 -0.67 -31.57
CA VAL G 374 -21.10 -1.41 -32.58
C VAL G 374 -20.12 -2.41 -31.93
N GLU G 375 -19.58 -2.06 -30.76
CA GLU G 375 -18.73 -2.98 -30.00
C GLU G 375 -19.49 -4.23 -29.53
N THR G 376 -20.80 -4.12 -29.31
CA THR G 376 -21.58 -5.31 -28.97
C THR G 376 -21.62 -6.34 -30.10
N ARG G 377 -21.48 -5.91 -31.36
CA ARG G 377 -21.41 -6.86 -32.46
C ARG G 377 -20.07 -7.58 -32.54
N GLY G 378 -19.05 -7.09 -31.85
CA GLY G 378 -17.72 -7.68 -31.93
C GLY G 378 -16.81 -7.05 -32.95
N ILE G 379 -17.25 -6.00 -33.64
CA ILE G 379 -16.41 -5.38 -34.66
C ILE G 379 -15.29 -4.56 -34.02
N LEU G 380 -15.55 -3.93 -32.90
CA LEU G 380 -14.59 -3.05 -32.27
C LEU G 380 -14.14 -3.63 -30.94
N ARG G 381 -13.28 -2.88 -30.26
CA ARG G 381 -12.99 -3.10 -28.85
C ARG G 381 -12.63 -1.76 -28.24
N ILE G 382 -13.26 -1.41 -27.13
CA ILE G 382 -13.09 -0.12 -26.50
C ILE G 382 -12.22 -0.30 -25.26
N MET G 383 -11.01 0.26 -25.30
CA MET G 383 -10.20 0.39 -24.10
C MET G 383 -10.71 1.55 -23.27
N ARG G 384 -11.21 1.24 -22.08
CA ARG G 384 -11.83 2.22 -21.20
C ARG G 384 -10.78 2.97 -20.40
N LYS G 385 -10.99 4.27 -20.23
CA LYS G 385 -10.07 5.14 -19.49
C LYS G 385 -10.84 5.95 -18.46
N LYS G 386 -10.17 6.94 -17.86
CA LYS G 386 -10.82 7.78 -16.85
C LYS G 386 -11.85 8.70 -17.47
N GLU G 387 -11.63 9.15 -18.70
CA GLU G 387 -12.53 10.05 -19.39
C GLU G 387 -13.03 9.41 -20.68
N PRO G 388 -14.29 9.67 -21.06
CA PRO G 388 -14.82 9.03 -22.28
C PRO G 388 -14.24 9.56 -23.58
N ARG G 389 -13.57 10.72 -23.55
CA ARG G 389 -12.90 11.21 -24.74
C ARG G 389 -11.63 10.42 -25.03
N LEU G 390 -11.06 9.79 -24.01
CA LEU G 390 -9.77 9.12 -24.14
C LEU G 390 -9.87 7.62 -24.30
N HIS G 391 -11.08 7.09 -24.48
CA HIS G 391 -11.25 5.67 -24.79
C HIS G 391 -10.61 5.34 -26.12
N LYS G 392 -10.02 4.15 -26.22
CA LYS G 392 -9.25 3.78 -27.41
C LYS G 392 -10.03 2.73 -28.20
N VAL G 393 -10.39 3.08 -29.43
CA VAL G 393 -11.14 2.18 -30.30
C VAL G 393 -10.16 1.36 -31.13
N LEU G 394 -10.26 0.03 -31.02
CA LEU G 394 -9.39 -0.89 -31.74
C LEU G 394 -10.25 -1.76 -32.64
N LEU G 395 -10.04 -1.66 -33.94
CA LEU G 395 -10.79 -2.48 -34.88
C LEU G 395 -10.28 -3.92 -34.83
N GLN G 396 -11.22 -4.87 -34.82
CA GLN G 396 -10.88 -6.28 -34.71
C GLN G 396 -11.39 -7.10 -35.89
N TRP G 397 -11.84 -6.45 -36.97
CA TRP G 397 -12.24 -7.12 -38.18
C TRP G 397 -11.35 -6.68 -39.33
N ASP G 398 -11.24 -7.52 -40.35
CA ASP G 398 -10.61 -7.07 -41.58
C ASP G 398 -11.49 -6.05 -42.28
N GLU G 399 -10.86 -5.22 -43.11
CA GLU G 399 -11.60 -4.19 -43.84
C GLU G 399 -12.52 -4.80 -44.90
N GLU G 400 -12.17 -5.96 -45.44
CA GLU G 400 -13.09 -6.69 -46.31
C GLU G 400 -14.32 -7.15 -45.55
N GLU G 401 -14.15 -7.58 -44.30
CA GLU G 401 -15.28 -7.99 -43.47
C GLU G 401 -16.20 -6.82 -43.15
N VAL G 402 -15.64 -5.64 -42.88
CA VAL G 402 -16.44 -4.45 -42.64
C VAL G 402 -17.17 -4.03 -43.91
N HIS G 403 -16.48 -4.05 -45.06
CA HIS G 403 -17.10 -3.70 -46.33
C HIS G 403 -18.20 -4.68 -46.73
N ALA G 404 -18.04 -5.95 -46.35
CA ALA G 404 -19.09 -6.94 -46.61
C ALA G 404 -20.26 -6.79 -45.65
N ALA G 405 -19.99 -6.46 -44.39
CA ALA G 405 -21.06 -6.33 -43.41
C ALA G 405 -21.88 -5.07 -43.62
N LEU G 406 -21.30 -4.02 -44.19
CA LEU G 406 -22.08 -2.81 -44.45
C LEU G 406 -23.02 -3.00 -45.63
N SER G 407 -22.53 -3.64 -46.71
CA SER G 407 -23.27 -3.89 -47.96
C SER G 407 -23.79 -2.60 -48.58
N ASP G 408 -23.00 -1.54 -48.48
CA ASP G 408 -23.40 -0.19 -48.87
C ASP G 408 -22.27 0.45 -49.67
N LYS G 409 -21.86 -0.24 -50.75
CA LYS G 409 -20.64 0.07 -51.50
C LYS G 409 -20.61 1.50 -52.04
N GLN G 410 -21.76 2.07 -52.40
CA GLN G 410 -21.79 3.44 -52.92
C GLN G 410 -21.54 4.49 -51.85
N LEU G 411 -21.62 4.12 -50.57
CA LEU G 411 -21.30 5.03 -49.49
C LEU G 411 -19.85 4.92 -49.04
N ILE G 412 -19.38 3.69 -48.79
CA ILE G 412 -18.00 3.48 -48.34
C ILE G 412 -17.01 3.78 -49.46
N ALA G 413 -17.42 3.64 -50.72
CA ALA G 413 -16.57 4.09 -51.83
C ALA G 413 -16.44 5.60 -51.84
N SER G 414 -17.44 6.32 -51.31
CA SER G 414 -17.38 7.77 -51.23
C SER G 414 -16.65 8.26 -49.99
N ILE G 415 -16.67 7.48 -48.90
CA ILE G 415 -15.96 7.90 -47.69
C ILE G 415 -14.45 7.80 -47.90
N LEU G 416 -13.98 6.70 -48.47
CA LEU G 416 -12.54 6.49 -48.65
C LEU G 416 -11.95 7.39 -49.73
N SER G 417 -12.78 7.93 -50.62
CA SER G 417 -12.34 8.96 -51.55
C SER G 417 -12.32 10.34 -50.91
N ASP G 418 -12.86 10.48 -49.70
CA ASP G 418 -12.88 11.75 -48.99
C ASP G 418 -11.73 11.77 -47.98
N THR G 419 -10.51 11.92 -48.52
CA THR G 419 -9.33 11.96 -47.68
C THR G 419 -9.12 13.35 -47.08
N ALA G 420 -9.69 14.39 -47.70
CA ALA G 420 -9.40 15.77 -47.33
C ALA G 420 -9.97 16.15 -45.97
N CYS G 421 -10.99 15.44 -45.49
CA CYS G 421 -11.58 15.74 -44.19
C CYS G 421 -10.87 15.04 -43.03
N LEU G 422 -9.62 14.61 -43.21
CA LEU G 422 -8.89 13.94 -42.16
C LEU G 422 -7.87 14.91 -41.56
PG ATP J . -24.25 22.77 -6.67
O1G ATP J . -24.33 22.17 -8.04
O2G ATP J . -22.89 23.26 -6.25
O3G ATP J . -24.96 22.01 -5.60
PB ATP J . -26.60 24.16 -7.27
O1B ATP J . -26.63 23.85 -8.75
O2B ATP J . -27.40 23.32 -6.32
O3B ATP J . -25.06 24.15 -6.83
PA ATP J . -28.06 26.25 -6.04
O1A ATP J . -29.41 26.19 -6.70
O2A ATP J . -27.86 25.62 -4.69
O3A ATP J . -26.96 25.72 -7.07
O5' ATP J . -27.69 27.80 -5.93
C5' ATP J . -26.61 28.27 -5.15
C4' ATP J . -26.92 29.73 -4.82
O4' ATP J . -27.29 30.40 -6.01
C3' ATP J . -28.10 29.82 -3.87
O3' ATP J . -27.76 30.72 -2.82
C2' ATP J . -29.22 30.41 -4.66
O2' ATP J . -29.88 31.39 -3.87
C1' ATP J . -28.55 31.06 -5.85
N9 ATP J . -29.28 30.90 -7.12
C8 ATP J . -28.72 30.41 -8.24
N7 ATP J . -29.60 30.40 -9.26
C5 ATP J . -30.76 30.88 -8.80
C6 ATP J . -32.10 31.13 -9.37
N6 ATP J . -32.38 30.85 -10.66
N1 ATP J . -33.04 31.65 -8.56
C2 ATP J . -32.77 31.94 -7.28
N3 ATP J . -31.58 31.73 -6.69
C4 ATP J . -30.55 31.22 -7.40
MG MG K . -27.19 21.86 -4.80
PG ATP L . 1.54 27.55 11.94
O1G ATP L . 1.72 26.89 13.29
O2G ATP L . 0.26 27.20 11.25
O3G ATP L . 2.77 27.47 11.06
PB ATP L . 0.22 29.68 13.21
O1B ATP L . -0.46 30.80 12.47
O2B ATP L . -0.58 28.52 13.75
O3B ATP L . 1.39 29.12 12.26
PA ATP L . 0.40 30.43 15.90
O1A ATP L . 0.69 29.12 16.58
O2A ATP L . -1.01 30.95 15.84
O3A ATP L . 1.01 30.36 14.42
O5' ATP L . 1.30 31.56 16.59
C5' ATP L . 2.18 31.23 17.65
C4' ATP L . 2.23 32.38 18.65
O4' ATP L . 2.42 33.62 17.99
C3' ATP L . 0.92 32.49 19.41
O3' ATP L . 1.09 32.00 20.74
C2' ATP L . 0.60 33.96 19.43
O2' ATP L . 0.45 34.41 20.78
C1' ATP L . 1.78 34.64 18.76
N9 ATP L . 1.27 35.74 17.91
C8 ATP L . 1.10 35.72 16.58
N7 ATP L . 0.62 36.92 16.14
C5 ATP L . 0.48 37.72 17.21
C6 ATP L . 0.02 39.10 17.46
N6 ATP L . -0.39 39.89 16.45
N1 ATP L . 0.03 39.54 18.73
C2 ATP L . 0.44 38.77 19.75
N3 ATP L . 0.87 37.51 19.60
C4 ATP L . 0.91 36.94 18.37
MG MG M . -1.19 26.53 13.42
PG ATP N . -32.11 -5.28 -22.44
O1G ATP N . -31.26 -6.14 -23.34
O2G ATP N . -31.51 -3.94 -22.12
O3G ATP N . -32.67 -5.98 -21.23
PB ATP N . -34.38 -6.00 -23.97
O1B ATP N . -33.91 -6.31 -25.37
O2B ATP N . -34.59 -7.13 -22.99
O3B ATP N . -33.38 -4.91 -23.35
PA ATP N . -37.13 -5.53 -23.44
O1A ATP N . -36.96 -5.89 -21.99
O2A ATP N . -37.82 -6.45 -24.40
O3A ATP N . -35.72 -5.13 -24.09
O5' ATP N . -37.89 -4.13 -23.47
C5' ATP N . -38.12 -3.48 -24.70
C4' ATP N . -39.32 -2.57 -24.51
O4' ATP N . -39.71 -2.09 -25.78
C3' ATP N . -40.47 -3.36 -23.92
O3' ATP N . -40.88 -2.79 -22.69
C2' ATP N . -41.59 -3.27 -24.93
O2' ATP N . -42.66 -2.54 -24.34
C1' ATP N . -41.04 -2.49 -26.10
N9 ATP N . -40.96 -3.35 -27.29
C8 ATP N . -39.85 -3.97 -27.73
N7 ATP N . -40.09 -4.68 -28.85
C5 ATP N . -41.39 -4.53 -29.14
C6 ATP N . -42.30 -5.01 -30.19
N6 ATP N . -41.85 -5.82 -31.17
N1 ATP N . -43.58 -4.63 -30.12
C2 ATP N . -44.04 -3.82 -29.15
N3 ATP N . -43.27 -3.34 -28.17
C4 ATP N . -41.96 -3.65 -28.11
MG MG O . -34.16 -7.44 -20.72
PG ATP P . -15.15 -30.76 -19.92
O1G ATP P . -13.65 -30.91 -20.08
O2G ATP P . -15.75 -29.54 -20.54
O3G ATP P . -15.67 -31.06 -18.54
PB ATP P . -15.31 -33.45 -20.63
O1B ATP P . -13.98 -33.61 -21.30
O2B ATP P . -15.50 -33.85 -19.19
O3B ATP P . -15.76 -31.93 -20.82
PA ATP P . -17.47 -35.17 -20.87
O1A ATP P . -18.26 -34.42 -19.84
O2A ATP P . -16.80 -36.46 -20.51
O3A ATP P . -16.40 -34.18 -21.54
O5' ATP P . -18.46 -35.45 -22.09
C5' ATP P . -19.60 -36.21 -21.75
C4' ATP P . -20.69 -35.97 -22.76
O4' ATP P . -20.22 -36.36 -24.06
C3' ATP P . -21.86 -36.86 -22.44
O3' ATP P . -23.04 -36.17 -22.84
C2' ATP P . -21.68 -38.07 -23.31
O2' ATP P . -22.96 -38.49 -23.78
C1' ATP P . -20.87 -37.55 -24.48
N9 ATP P . -19.79 -38.49 -24.83
C8 ATP P . -18.49 -38.32 -24.54
N7 ATP P . -17.73 -39.33 -25.02
C5 ATP P . -18.56 -40.18 -25.64
C6 ATP P . -18.41 -41.44 -26.36
N6 ATP P . -17.21 -42.02 -26.51
N1 ATP P . -19.53 -42.00 -26.87
C2 ATP P . -20.75 -41.45 -26.72
N3 ATP P . -20.95 -40.29 -26.08
C4 ATP P . -19.91 -39.62 -25.53
MG MG Q . -16.59 -33.02 -16.90
#